data_5GM1
#
_entry.id   5GM1
#
_cell.length_a   259.621
_cell.length_b   152.902
_cell.length_c   154.793
_cell.angle_alpha   90.00
_cell.angle_beta   93.33
_cell.angle_gamma   90.00
#
_symmetry.space_group_name_H-M   'C 1 2 1'
#
loop_
_entity.id
_entity.type
_entity.pdbx_description
1 polymer O-methylransferase
2 non-polymer S-ADENOSYL-L-HOMOCYSTEINE
3 water water
#
_entity_poly.entity_id   1
_entity_poly.type   'polypeptide(L)'
_entity_poly.pdbx_seq_one_letter_code
;MPQEARTPQQQVTADEVGDWYDKFGEVYHLTLGESVHCGLWFPPDAPVPQDMELVTMSSQAQDRYTDYLIETLDPKAGQH
LLDIGCGTGRTALKAARQRGIAVTGVAVSKEQIAAANRLAAGHGLTERLTFEVADAMRLPYEDESFDCAWAIESLCHMDR
AKALGEAWRVLKPGGDLLVLESVVTEELTEPETALFETLYAANVPPRLGEFFDIVSGAGFHTLSLKDLSANLAMTMNVFA
LGVYSRRAEFTERFGAEFVDGLLAGLGSAQETLIRKTRFFMATLRKPAVLEHHHHHH
;
_entity_poly.pdbx_strand_id   A,B,C,D,E,F,G,H,I,J,K,L,M,N,O,P,Q,R
#
# COMPACT_ATOMS: atom_id res chain seq x y z
N GLN A 9 51.56 -35.93 12.75
CA GLN A 9 50.24 -35.38 12.97
C GLN A 9 49.91 -34.28 11.95
N GLN A 10 48.64 -34.17 11.55
CA GLN A 10 48.17 -33.13 10.64
C GLN A 10 48.90 -33.15 9.32
N GLN A 11 48.36 -33.87 8.33
CA GLN A 11 49.03 -34.01 7.05
C GLN A 11 48.88 -32.78 6.15
N VAL A 12 47.96 -31.87 6.47
CA VAL A 12 47.66 -30.73 5.61
C VAL A 12 47.53 -29.47 6.47
N THR A 13 47.64 -28.32 5.81
CA THR A 13 47.41 -27.03 6.44
C THR A 13 46.10 -26.42 5.95
N ALA A 14 45.66 -25.39 6.66
CA ALA A 14 44.42 -24.72 6.29
C ALA A 14 44.50 -24.14 4.88
N ASP A 15 45.66 -23.60 4.52
CA ASP A 15 45.82 -23.03 3.19
C ASP A 15 45.76 -24.11 2.12
N GLU A 16 46.40 -25.25 2.35
CA GLU A 16 46.32 -26.35 1.38
C GLU A 16 44.89 -26.83 1.24
N VAL A 17 44.16 -26.90 2.36
CA VAL A 17 42.77 -27.33 2.31
C VAL A 17 41.92 -26.32 1.56
N GLY A 18 42.15 -25.03 1.82
CA GLY A 18 41.38 -23.99 1.14
C GLY A 18 41.60 -24.02 -0.35
N ASP A 19 42.84 -24.21 -0.78
CA ASP A 19 43.12 -24.32 -2.22
C ASP A 19 42.45 -25.55 -2.80
N TRP A 20 42.45 -26.66 -2.06
CA TRP A 20 41.88 -27.89 -2.58
C TRP A 20 40.41 -27.72 -2.93
N TYR A 21 39.65 -27.06 -2.06
CA TYR A 21 38.23 -26.89 -2.33
C TYR A 21 37.99 -25.85 -3.43
N ASP A 22 38.85 -24.83 -3.52
CA ASP A 22 38.72 -23.88 -4.63
C ASP A 22 38.80 -24.58 -5.97
N LYS A 23 39.72 -25.54 -6.11
CA LYS A 23 39.94 -26.25 -7.36
C LYS A 23 39.02 -27.45 -7.57
N PHE A 24 38.72 -28.20 -6.50
CA PHE A 24 38.06 -29.48 -6.66
C PHE A 24 36.78 -29.65 -5.85
N GLY A 25 36.36 -28.63 -5.10
CA GLY A 25 35.14 -28.74 -4.31
C GLY A 25 33.89 -29.03 -5.14
N GLU A 26 33.94 -28.78 -6.45
CA GLU A 26 32.75 -28.97 -7.28
C GLU A 26 32.50 -30.42 -7.70
N VAL A 27 33.53 -31.30 -7.66
CA VAL A 27 33.31 -32.70 -7.99
C VAL A 27 32.44 -33.37 -6.92
N TYR A 28 32.36 -32.80 -5.72
CA TYR A 28 31.37 -33.24 -4.75
C TYR A 28 29.98 -32.78 -5.17
N HIS A 29 29.86 -31.53 -5.61
CA HIS A 29 28.56 -31.01 -6.03
C HIS A 29 28.07 -31.72 -7.29
N LEU A 30 28.99 -32.05 -8.19
CA LEU A 30 28.62 -32.73 -9.44
C LEU A 30 28.18 -34.17 -9.22
N THR A 31 28.60 -34.80 -8.12
CA THR A 31 28.25 -36.19 -7.84
C THR A 31 27.27 -36.38 -6.70
N LEU A 32 27.41 -35.64 -5.59
CA LEU A 32 26.63 -35.93 -4.39
C LEU A 32 25.46 -34.98 -4.18
N GLY A 33 25.50 -33.77 -4.76
CA GLY A 33 24.35 -32.89 -4.73
C GLY A 33 24.74 -31.49 -4.33
N GLU A 34 23.74 -30.72 -3.90
CA GLU A 34 23.90 -29.31 -3.59
C GLU A 34 24.64 -29.04 -2.29
N SER A 35 24.91 -30.06 -1.49
CA SER A 35 25.71 -29.93 -0.28
C SER A 35 27.00 -30.72 -0.44
N VAL A 36 27.84 -30.68 0.59
CA VAL A 36 29.12 -31.39 0.57
C VAL A 36 29.19 -32.32 1.77
N HIS A 37 28.15 -33.11 1.97
CA HIS A 37 28.13 -34.07 3.07
C HIS A 37 27.42 -35.34 2.62
N CYS A 38 27.27 -36.29 3.54
CA CYS A 38 26.70 -37.58 3.23
C CYS A 38 25.21 -37.48 2.94
N GLY A 39 24.66 -38.54 2.34
CA GLY A 39 23.23 -38.70 2.22
C GLY A 39 22.70 -39.63 3.30
N LEU A 40 21.46 -39.40 3.72
CA LEU A 40 20.79 -40.27 4.70
C LEU A 40 20.14 -41.42 3.95
N TRP A 41 20.98 -42.37 3.54
CA TRP A 41 20.48 -43.51 2.77
C TRP A 41 19.75 -44.51 3.64
N PHE A 42 20.07 -44.56 4.93
CA PHE A 42 19.43 -45.47 5.85
C PHE A 42 18.68 -44.68 6.92
N PRO A 43 17.41 -44.98 7.17
CA PRO A 43 16.68 -44.22 8.16
C PRO A 43 17.29 -44.40 9.53
N PRO A 44 17.20 -43.38 10.39
CA PRO A 44 17.90 -43.45 11.69
C PRO A 44 17.50 -44.65 12.55
N ASP A 45 16.27 -45.14 12.44
CA ASP A 45 15.85 -46.27 13.25
C ASP A 45 16.32 -47.61 12.69
N ALA A 46 16.97 -47.63 11.53
CA ALA A 46 17.42 -48.89 10.96
C ALA A 46 18.64 -49.40 11.71
N PRO A 47 18.79 -50.71 11.84
CA PRO A 47 19.95 -51.25 12.53
C PRO A 47 21.23 -51.03 11.73
N VAL A 48 22.35 -51.00 12.45
CA VAL A 48 23.64 -50.96 11.76
C VAL A 48 23.88 -52.30 11.09
N PRO A 49 24.24 -52.35 9.82
CA PRO A 49 24.40 -53.65 9.14
C PRO A 49 25.55 -54.45 9.72
N GLN A 50 25.54 -55.75 9.40
CA GLN A 50 26.67 -56.61 9.74
C GLN A 50 27.94 -56.19 9.02
N ASP A 51 27.81 -55.75 7.76
CA ASP A 51 28.95 -55.40 6.93
C ASP A 51 28.63 -54.11 6.20
N MET A 52 29.67 -53.48 5.66
N MET A 52 29.68 -53.49 5.66
CA MET A 52 29.50 -52.31 4.82
CA MET A 52 29.56 -52.31 4.83
C MET A 52 29.70 -52.63 3.35
C MET A 52 29.68 -52.63 3.35
N GLU A 53 29.72 -53.92 2.99
CA GLU A 53 29.74 -54.31 1.61
C GLU A 53 28.49 -53.77 0.91
N LEU A 54 28.65 -53.42 -0.37
CA LEU A 54 27.51 -52.88 -1.11
C LEU A 54 26.35 -53.87 -1.14
N VAL A 55 26.64 -55.18 -1.22
CA VAL A 55 25.56 -56.16 -1.26
C VAL A 55 24.87 -56.29 0.09
N THR A 56 25.64 -56.17 1.18
CA THR A 56 25.04 -56.25 2.52
C THR A 56 24.08 -55.09 2.75
N MET A 57 24.50 -53.87 2.40
CA MET A 57 23.67 -52.70 2.63
C MET A 57 22.44 -52.70 1.73
N SER A 58 22.60 -53.12 0.47
CA SER A 58 21.47 -53.24 -0.43
C SER A 58 20.49 -54.29 0.07
N SER A 59 21.00 -55.39 0.64
CA SER A 59 20.12 -56.42 1.16
C SER A 59 19.22 -55.88 2.26
N GLN A 60 19.77 -55.02 3.11
CA GLN A 60 18.96 -54.44 4.17
C GLN A 60 17.91 -53.52 3.60
N ALA A 61 18.26 -52.75 2.55
CA ALA A 61 17.26 -51.91 1.91
C ALA A 61 16.19 -52.75 1.20
N GLN A 62 16.55 -53.96 0.74
CA GLN A 62 15.56 -54.88 0.19
C GLN A 62 14.55 -55.32 1.24
N ASP A 63 15.01 -55.60 2.46
CA ASP A 63 14.09 -56.07 3.50
C ASP A 63 13.17 -54.97 3.98
N ARG A 64 13.68 -53.75 4.12
CA ARG A 64 12.81 -52.63 4.47
C ARG A 64 11.79 -52.38 3.38
N TYR A 65 12.22 -52.50 2.12
CA TYR A 65 11.30 -52.51 0.98
C TYR A 65 10.22 -53.57 1.17
N THR A 66 10.63 -54.81 1.49
CA THR A 66 9.65 -55.87 1.75
C THR A 66 8.72 -55.52 2.90
N ASP A 67 9.27 -54.93 3.98
CA ASP A 67 8.43 -54.52 5.10
C ASP A 67 7.41 -53.48 4.68
N TYR A 68 7.78 -52.59 3.76
CA TYR A 68 6.83 -51.59 3.29
C TYR A 68 5.69 -52.23 2.50
N LEU A 69 6.01 -53.21 1.65
CA LEU A 69 4.97 -53.92 0.89
C LEU A 69 4.02 -54.67 1.83
N ILE A 70 4.57 -55.41 2.81
CA ILE A 70 3.73 -56.05 3.82
C ILE A 70 2.84 -55.03 4.50
N GLU A 71 3.42 -53.88 4.84
CA GLU A 71 2.66 -52.82 5.49
C GLU A 71 1.55 -52.29 4.59
N THR A 72 1.82 -52.16 3.29
CA THR A 72 0.84 -51.59 2.36
C THR A 72 -0.30 -52.56 2.05
N LEU A 73 0.04 -53.81 1.71
CA LEU A 73 -1.00 -54.79 1.41
C LEU A 73 -1.80 -55.16 2.65
N ASP A 74 -1.13 -55.26 3.80
CA ASP A 74 -1.72 -55.54 5.11
C ASP A 74 -2.43 -56.89 5.16
N PRO A 75 -1.73 -58.00 4.94
CA PRO A 75 -2.38 -59.31 5.05
C PRO A 75 -2.65 -59.67 6.50
N LYS A 76 -3.83 -60.23 6.76
CA LYS A 76 -4.28 -60.54 8.10
C LYS A 76 -3.96 -61.99 8.46
N ALA A 77 -3.70 -62.22 9.75
CA ALA A 77 -3.32 -63.55 10.23
C ALA A 77 -4.35 -64.60 9.82
N GLY A 78 -3.84 -65.74 9.38
CA GLY A 78 -4.70 -66.81 8.91
C GLY A 78 -5.13 -66.70 7.46
N GLN A 79 -4.70 -65.68 6.73
CA GLN A 79 -4.99 -65.58 5.31
C GLN A 79 -3.97 -66.36 4.49
N HIS A 80 -4.28 -66.52 3.20
CA HIS A 80 -3.40 -67.19 2.26
C HIS A 80 -3.08 -66.24 1.13
N LEU A 81 -1.79 -65.97 0.96
CA LEU A 81 -1.29 -65.01 -0.03
C LEU A 81 -0.63 -65.75 -1.18
N LEU A 82 -0.89 -65.29 -2.40
CA LEU A 82 -0.26 -65.83 -3.60
C LEU A 82 0.84 -64.89 -4.06
N ASP A 83 2.08 -65.37 -4.02
CA ASP A 83 3.25 -64.60 -4.47
C ASP A 83 3.48 -64.93 -5.94
N ILE A 84 3.07 -64.00 -6.80
CA ILE A 84 3.13 -64.19 -8.25
C ILE A 84 4.52 -63.78 -8.73
N GLY A 85 5.34 -64.76 -9.09
CA GLY A 85 6.72 -64.49 -9.47
C GLY A 85 7.59 -64.34 -8.23
N CYS A 86 7.65 -65.39 -7.42
CA CYS A 86 8.10 -65.35 -6.04
C CYS A 86 9.60 -65.32 -5.87
N GLY A 87 10.38 -65.52 -6.94
CA GLY A 87 11.82 -65.53 -6.80
C GLY A 87 12.29 -66.67 -5.92
N THR A 88 13.22 -66.38 -5.01
CA THR A 88 13.78 -67.37 -4.10
C THR A 88 13.15 -67.32 -2.71
N GLY A 89 12.05 -66.59 -2.53
CA GLY A 89 11.14 -66.80 -1.42
C GLY A 89 11.33 -65.94 -0.18
N ARG A 90 12.36 -65.09 -0.12
CA ARG A 90 12.59 -64.34 1.11
C ARG A 90 11.43 -63.39 1.39
N THR A 91 10.84 -62.80 0.34
CA THR A 91 9.67 -61.96 0.53
C THR A 91 8.54 -62.76 1.17
N ALA A 92 8.31 -63.98 0.68
CA ALA A 92 7.27 -64.84 1.24
C ALA A 92 7.59 -65.25 2.67
N LEU A 93 8.86 -65.54 2.96
CA LEU A 93 9.26 -65.90 4.33
C LEU A 93 8.97 -64.77 5.32
N LYS A 94 9.37 -63.55 4.97
CA LYS A 94 9.16 -62.42 5.89
C LYS A 94 7.67 -62.15 6.12
N ALA A 95 6.87 -62.19 5.06
CA ALA A 95 5.43 -61.99 5.22
C ALA A 95 4.81 -63.08 6.09
N ALA A 96 5.27 -64.32 5.96
CA ALA A 96 4.71 -65.41 6.74
C ALA A 96 5.00 -65.26 8.23
N ARG A 97 6.24 -64.89 8.57
CA ARG A 97 6.62 -64.74 9.97
C ARG A 97 5.98 -63.51 10.61
N GLN A 98 5.93 -62.40 9.88
CA GLN A 98 5.50 -61.15 10.50
C GLN A 98 3.99 -61.13 10.71
N ARG A 99 3.24 -61.73 9.80
CA ARG A 99 1.78 -61.62 9.79
C ARG A 99 1.08 -62.94 10.08
N GLY A 100 1.81 -64.05 10.21
CA GLY A 100 1.16 -65.31 10.51
C GLY A 100 0.21 -65.79 9.43
N ILE A 101 0.68 -65.77 8.19
CA ILE A 101 -0.13 -66.16 7.05
C ILE A 101 0.54 -67.35 6.37
N ALA A 102 -0.23 -68.02 5.53
CA ALA A 102 0.34 -68.96 4.57
C ALA A 102 0.64 -68.22 3.27
N VAL A 103 1.70 -68.64 2.60
CA VAL A 103 2.06 -68.08 1.31
C VAL A 103 2.28 -69.21 0.33
N THR A 104 1.79 -69.04 -0.89
CA THR A 104 2.09 -69.91 -2.02
C THR A 104 2.76 -69.06 -3.09
N GLY A 105 3.99 -69.38 -3.42
CA GLY A 105 4.75 -68.65 -4.44
C GLY A 105 4.95 -69.49 -5.68
N VAL A 106 4.80 -68.86 -6.85
CA VAL A 106 5.02 -69.50 -8.14
C VAL A 106 6.10 -68.75 -8.89
N ALA A 107 6.95 -69.49 -9.60
CA ALA A 107 7.95 -68.91 -10.47
C ALA A 107 8.27 -69.92 -11.57
N VAL A 108 8.76 -69.42 -12.71
CA VAL A 108 9.02 -70.29 -13.86
C VAL A 108 10.43 -70.87 -13.82
N SER A 109 11.27 -70.49 -12.87
CA SER A 109 12.63 -70.98 -12.74
C SER A 109 12.65 -72.16 -11.76
N LYS A 110 13.03 -73.35 -12.26
CA LYS A 110 13.22 -74.49 -11.38
C LYS A 110 14.25 -74.19 -10.29
N GLU A 111 15.34 -73.49 -10.64
CA GLU A 111 16.37 -73.16 -9.67
C GLU A 111 15.82 -72.28 -8.56
N GLN A 112 15.03 -71.26 -8.90
CA GLN A 112 14.54 -70.35 -7.88
C GLN A 112 13.56 -71.05 -6.95
N ILE A 113 12.65 -71.87 -7.51
CA ILE A 113 11.67 -72.55 -6.69
C ILE A 113 12.36 -73.54 -5.74
N ALA A 114 13.42 -74.20 -6.22
CA ALA A 114 14.18 -75.09 -5.35
C ALA A 114 14.81 -74.33 -4.19
N ALA A 115 15.40 -73.16 -4.45
CA ALA A 115 16.00 -72.37 -3.39
C ALA A 115 14.96 -71.90 -2.38
N ALA A 116 13.77 -71.55 -2.86
CA ALA A 116 12.70 -71.13 -1.95
C ALA A 116 12.22 -72.29 -1.07
N ASN A 117 12.30 -73.53 -1.56
CA ASN A 117 11.93 -74.68 -0.73
C ASN A 117 12.99 -74.97 0.32
N ARG A 118 14.27 -74.84 -0.05
CA ARG A 118 15.33 -74.95 0.96
C ARG A 118 15.17 -73.87 2.02
N LEU A 119 14.79 -72.65 1.60
CA LEU A 119 14.59 -71.58 2.56
C LEU A 119 13.49 -71.92 3.56
N ALA A 120 12.36 -72.44 3.06
CA ALA A 120 11.25 -72.77 3.94
C ALA A 120 11.59 -73.92 4.87
N ALA A 121 12.38 -74.89 4.40
CA ALA A 121 12.77 -76.00 5.25
C ALA A 121 13.83 -75.59 6.26
N GLY A 122 14.78 -74.76 5.84
CA GLY A 122 15.77 -74.26 6.78
C GLY A 122 15.19 -73.40 7.88
N HIS A 123 14.02 -72.79 7.65
CA HIS A 123 13.35 -71.99 8.67
C HIS A 123 12.19 -72.74 9.31
N GLY A 124 11.97 -74.00 8.95
CA GLY A 124 10.90 -74.78 9.56
C GLY A 124 9.50 -74.31 9.22
N LEU A 125 9.30 -73.74 8.02
CA LEU A 125 8.01 -73.21 7.61
C LEU A 125 7.46 -73.89 6.35
N THR A 126 7.78 -75.18 6.15
CA THR A 126 7.26 -75.92 5.00
C THR A 126 5.73 -76.08 5.03
N GLU A 127 5.08 -75.97 6.18
CA GLU A 127 3.62 -76.05 6.20
C GLU A 127 2.97 -74.76 5.70
N ARG A 128 3.56 -73.60 6.02
CA ARG A 128 2.96 -72.33 5.68
C ARG A 128 3.56 -71.71 4.41
N LEU A 129 4.64 -72.26 3.87
CA LEU A 129 5.27 -71.77 2.65
C LEU A 129 5.29 -72.90 1.64
N THR A 130 4.59 -72.70 0.53
CA THR A 130 4.58 -73.62 -0.60
C THR A 130 5.12 -72.89 -1.81
N PHE A 131 6.11 -73.49 -2.48
CA PHE A 131 6.68 -72.92 -3.69
C PHE A 131 6.59 -73.92 -4.83
N GLU A 132 6.17 -73.44 -6.00
CA GLU A 132 5.89 -74.32 -7.13
C GLU A 132 6.26 -73.65 -8.45
N VAL A 133 6.92 -74.41 -9.32
CA VAL A 133 7.14 -73.99 -10.69
C VAL A 133 5.80 -73.96 -11.41
N ALA A 134 5.37 -72.77 -11.83
CA ALA A 134 4.11 -72.60 -12.52
C ALA A 134 4.08 -71.22 -13.18
N ASP A 135 3.26 -71.10 -14.21
CA ASP A 135 3.15 -69.88 -15.01
C ASP A 135 2.00 -69.02 -14.49
N ALA A 136 2.32 -67.75 -14.18
CA ALA A 136 1.30 -66.81 -13.77
C ALA A 136 0.24 -66.56 -14.84
N MET A 137 0.59 -66.77 -16.10
CA MET A 137 -0.38 -66.58 -17.17
C MET A 137 -1.31 -67.77 -17.36
N ARG A 138 -1.04 -68.89 -16.68
CA ARG A 138 -1.92 -70.06 -16.63
C ARG A 138 -1.75 -70.70 -15.25
N LEU A 139 -2.31 -70.05 -14.23
CA LEU A 139 -2.19 -70.60 -12.88
C LEU A 139 -2.98 -71.91 -12.77
N PRO A 140 -2.40 -72.93 -12.14
CA PRO A 140 -3.14 -74.19 -11.95
C PRO A 140 -4.18 -74.12 -10.84
N TYR A 141 -4.19 -73.06 -10.04
CA TYR A 141 -5.01 -72.99 -8.85
C TYR A 141 -6.47 -72.74 -9.21
N GLU A 142 -7.35 -73.09 -8.27
CA GLU A 142 -8.78 -72.96 -8.51
C GLU A 142 -9.22 -71.51 -8.41
N ASP A 143 -10.48 -71.28 -8.76
CA ASP A 143 -11.07 -69.96 -8.61
C ASP A 143 -11.21 -69.61 -7.12
N GLU A 144 -10.94 -68.34 -6.80
CA GLU A 144 -11.20 -67.80 -5.46
C GLU A 144 -10.48 -68.61 -4.37
N SER A 145 -9.19 -68.84 -4.58
CA SER A 145 -8.38 -69.62 -3.67
C SER A 145 -7.57 -68.78 -2.68
N PHE A 146 -7.23 -67.55 -3.01
CA PHE A 146 -6.33 -66.75 -2.19
C PHE A 146 -7.00 -65.48 -1.71
N ASP A 147 -6.66 -65.06 -0.49
CA ASP A 147 -7.23 -63.85 0.08
C ASP A 147 -6.58 -62.60 -0.49
N CYS A 148 -5.30 -62.68 -0.82
CA CYS A 148 -4.57 -61.54 -1.37
C CYS A 148 -3.39 -62.10 -2.14
N ALA A 149 -2.71 -61.20 -2.86
CA ALA A 149 -1.60 -61.58 -3.72
C ALA A 149 -0.71 -60.37 -3.93
N TRP A 150 0.50 -60.61 -4.42
CA TRP A 150 1.32 -59.54 -4.94
C TRP A 150 2.17 -60.06 -6.10
N ALA A 151 2.49 -59.16 -7.02
CA ALA A 151 3.38 -59.42 -8.15
C ALA A 151 4.48 -58.37 -8.03
N ILE A 152 5.57 -58.75 -7.38
CA ILE A 152 6.63 -57.82 -7.01
C ILE A 152 7.69 -57.92 -8.10
N GLU A 153 7.65 -56.96 -9.02
CA GLU A 153 8.65 -56.81 -10.07
C GLU A 153 8.73 -58.07 -10.94
N SER A 154 7.56 -58.54 -11.37
CA SER A 154 7.49 -59.76 -12.17
C SER A 154 6.58 -59.66 -13.38
N LEU A 155 5.62 -58.74 -13.41
CA LEU A 155 4.76 -58.60 -14.58
C LEU A 155 5.55 -58.24 -15.83
N CYS A 156 6.71 -57.60 -15.68
CA CYS A 156 7.51 -57.20 -16.83
C CYS A 156 7.96 -58.40 -17.67
N HIS A 157 8.05 -59.59 -17.06
CA HIS A 157 8.38 -60.79 -17.80
C HIS A 157 7.19 -61.45 -18.48
N MET A 158 5.98 -60.93 -18.27
CA MET A 158 4.76 -61.63 -18.60
C MET A 158 3.96 -60.87 -19.66
N ASP A 159 2.93 -61.54 -20.17
CA ASP A 159 1.82 -60.86 -20.83
C ASP A 159 0.89 -60.37 -19.73
N ARG A 160 0.88 -59.06 -19.50
CA ARG A 160 0.24 -58.52 -18.31
C ARG A 160 -1.27 -58.78 -18.30
N ALA A 161 -1.91 -58.78 -19.47
CA ALA A 161 -3.34 -59.03 -19.52
C ALA A 161 -3.69 -60.42 -19.03
N LYS A 162 -2.97 -61.43 -19.53
CA LYS A 162 -3.19 -62.80 -19.06
C LYS A 162 -2.93 -62.93 -17.57
N ALA A 163 -1.77 -62.44 -17.12
CA ALA A 163 -1.39 -62.58 -15.70
C ALA A 163 -2.39 -61.90 -14.78
N LEU A 164 -2.84 -60.69 -15.15
CA LEU A 164 -3.80 -59.98 -14.33
C LEU A 164 -5.17 -60.68 -14.33
N GLY A 165 -5.60 -61.19 -15.48
CA GLY A 165 -6.85 -61.92 -15.51
C GLY A 165 -6.78 -63.19 -14.69
N GLU A 166 -5.63 -63.87 -14.74
CA GLU A 166 -5.44 -65.08 -13.95
C GLU A 166 -5.34 -64.75 -12.46
N ALA A 167 -4.65 -63.67 -12.11
CA ALA A 167 -4.61 -63.24 -10.71
C ALA A 167 -6.01 -62.90 -10.20
N TRP A 168 -6.80 -62.22 -11.04
CA TRP A 168 -8.17 -61.91 -10.69
C TRP A 168 -8.97 -63.18 -10.41
N ARG A 169 -8.77 -64.21 -11.24
CA ARG A 169 -9.57 -65.42 -11.11
C ARG A 169 -9.31 -66.13 -9.77
N VAL A 170 -8.04 -66.19 -9.34
CA VAL A 170 -7.71 -66.93 -8.13
C VAL A 170 -7.85 -66.11 -6.87
N LEU A 171 -8.14 -64.81 -6.98
CA LEU A 171 -8.42 -63.99 -5.82
C LEU A 171 -9.88 -64.13 -5.41
N LYS A 172 -10.11 -64.26 -4.10
CA LYS A 172 -11.48 -64.19 -3.61
C LYS A 172 -12.04 -62.79 -3.82
N PRO A 173 -13.35 -62.67 -4.03
CA PRO A 173 -13.95 -61.34 -4.17
C PRO A 173 -13.71 -60.51 -2.92
N GLY A 174 -13.33 -59.25 -3.11
CA GLY A 174 -12.98 -58.38 -2.01
C GLY A 174 -11.50 -58.34 -1.67
N GLY A 175 -10.70 -59.23 -2.24
CA GLY A 175 -9.30 -59.27 -1.93
C GLY A 175 -8.47 -58.39 -2.84
N ASP A 176 -7.24 -58.13 -2.43
CA ASP A 176 -6.40 -57.16 -3.09
C ASP A 176 -5.18 -57.83 -3.71
N LEU A 177 -4.67 -57.21 -4.76
CA LEU A 177 -3.45 -57.63 -5.42
C LEU A 177 -2.50 -56.43 -5.43
N LEU A 178 -1.32 -56.60 -4.85
CA LEU A 178 -0.31 -55.56 -4.82
C LEU A 178 0.60 -55.70 -6.03
N VAL A 179 0.75 -54.63 -6.78
CA VAL A 179 1.46 -54.66 -8.07
C VAL A 179 2.59 -53.65 -8.01
N LEU A 180 3.77 -54.07 -8.41
CA LEU A 180 4.95 -53.22 -8.52
C LEU A 180 5.40 -53.30 -9.98
N GLU A 181 5.07 -52.27 -10.76
CA GLU A 181 5.16 -52.33 -12.21
C GLU A 181 5.82 -51.07 -12.76
N SER A 182 6.48 -51.21 -13.91
CA SER A 182 7.02 -50.09 -14.66
C SER A 182 6.08 -49.68 -15.78
N VAL A 183 6.25 -48.44 -16.23
CA VAL A 183 5.45 -47.84 -17.29
C VAL A 183 6.35 -46.88 -18.05
N VAL A 184 6.09 -46.71 -19.36
CA VAL A 184 6.85 -45.76 -20.17
C VAL A 184 6.13 -44.42 -20.15
N THR A 185 6.92 -43.34 -20.17
CA THR A 185 6.40 -41.99 -20.34
C THR A 185 6.67 -41.41 -21.72
N GLU A 186 7.58 -42.01 -22.49
CA GLU A 186 7.91 -41.63 -23.85
C GLU A 186 7.42 -42.72 -24.82
N GLU A 187 8.14 -42.93 -25.92
CA GLU A 187 7.74 -43.92 -26.91
C GLU A 187 8.68 -45.11 -27.01
N LEU A 188 9.95 -44.96 -26.61
CA LEU A 188 10.98 -45.99 -26.70
C LEU A 188 11.40 -46.27 -28.15
N THR A 189 12.69 -46.08 -28.43
CA THR A 189 13.22 -46.46 -29.73
C THR A 189 13.32 -47.98 -29.83
N GLU A 190 13.56 -48.46 -31.05
CA GLU A 190 13.68 -49.90 -31.28
C GLU A 190 14.90 -50.50 -30.59
N PRO A 191 16.08 -49.85 -30.62
CA PRO A 191 17.19 -50.36 -29.79
C PRO A 191 16.87 -50.41 -28.31
N GLU A 192 16.09 -49.44 -27.80
CA GLU A 192 15.71 -49.45 -26.39
C GLU A 192 14.80 -50.62 -26.05
N THR A 193 13.86 -50.93 -26.94
CA THR A 193 12.96 -52.07 -26.70
C THR A 193 13.74 -53.38 -26.69
N ALA A 194 14.77 -53.48 -27.52
CA ALA A 194 15.53 -54.72 -27.61
C ALA A 194 16.38 -54.94 -26.36
N LEU A 195 16.85 -53.87 -25.72
CA LEU A 195 17.65 -54.04 -24.50
C LEU A 195 16.85 -54.68 -23.38
N PHE A 196 15.52 -54.47 -23.36
CA PHE A 196 14.69 -55.13 -22.34
C PHE A 196 14.77 -56.64 -22.47
N GLU A 197 14.76 -57.14 -23.71
CA GLU A 197 14.84 -58.58 -23.91
C GLU A 197 16.24 -59.09 -23.69
N THR A 198 17.25 -58.33 -24.13
CA THR A 198 18.60 -58.88 -24.20
C THR A 198 19.34 -58.74 -22.88
N LEU A 199 18.97 -57.78 -22.04
CA LEU A 199 19.57 -57.62 -20.72
C LEU A 199 18.74 -58.24 -19.61
N TYR A 200 17.42 -58.07 -19.66
CA TYR A 200 16.53 -58.40 -18.56
C TYR A 200 15.59 -59.56 -18.85
N ALA A 201 15.58 -60.09 -20.07
CA ALA A 201 14.60 -61.10 -20.48
C ALA A 201 13.18 -60.63 -20.16
N ALA A 202 12.91 -59.37 -20.48
CA ALA A 202 11.66 -58.73 -20.11
C ALA A 202 11.00 -58.10 -21.34
N ASN A 203 9.69 -57.87 -21.22
CA ASN A 203 8.94 -57.13 -22.21
C ASN A 203 9.04 -55.63 -21.93
N VAL A 204 8.75 -54.84 -22.96
CA VAL A 204 8.73 -53.38 -22.77
C VAL A 204 7.58 -53.01 -21.85
N PRO A 205 7.75 -52.01 -20.96
CA PRO A 205 6.63 -51.60 -20.12
C PRO A 205 5.58 -50.89 -20.96
N PRO A 206 4.31 -50.96 -20.56
CA PRO A 206 3.24 -50.30 -21.32
C PRO A 206 3.16 -48.84 -20.92
N ARG A 207 2.26 -48.11 -21.60
CA ARG A 207 1.91 -46.78 -21.17
C ARG A 207 0.94 -46.84 -19.99
N LEU A 208 0.87 -45.74 -19.24
CA LEU A 208 0.08 -45.71 -18.02
C LEU A 208 -1.39 -46.04 -18.29
N GLY A 209 -2.03 -45.23 -19.14
CA GLY A 209 -3.41 -45.54 -19.49
C GLY A 209 -3.55 -46.94 -20.06
N GLU A 210 -2.62 -47.34 -20.92
CA GLU A 210 -2.63 -48.68 -21.47
C GLU A 210 -2.57 -49.72 -20.36
N PHE A 211 -1.72 -49.48 -19.36
CA PHE A 211 -1.62 -50.40 -18.24
C PHE A 211 -2.92 -50.49 -17.47
N PHE A 212 -3.55 -49.35 -17.19
CA PHE A 212 -4.76 -49.36 -16.39
C PHE A 212 -6.00 -49.72 -17.19
N ASP A 213 -5.94 -49.66 -18.52
CA ASP A 213 -6.96 -50.35 -19.31
C ASP A 213 -6.87 -51.85 -19.12
N ILE A 214 -5.65 -52.37 -19.02
CA ILE A 214 -5.47 -53.80 -18.76
C ILE A 214 -5.94 -54.14 -17.34
N VAL A 215 -5.67 -53.26 -16.38
CA VAL A 215 -6.14 -53.48 -15.01
C VAL A 215 -7.66 -53.51 -14.99
N SER A 216 -8.30 -52.56 -15.69
CA SER A 216 -9.75 -52.52 -15.73
C SER A 216 -10.32 -53.68 -16.53
N GLY A 217 -9.64 -54.03 -17.63
CA GLY A 217 -10.10 -55.14 -18.46
C GLY A 217 -10.09 -56.48 -17.76
N ALA A 218 -9.26 -56.62 -16.72
CA ALA A 218 -9.23 -57.82 -15.91
C ALA A 218 -10.24 -57.78 -14.76
N GLY A 219 -10.90 -56.65 -14.53
CA GLY A 219 -11.90 -56.57 -13.50
C GLY A 219 -11.41 -56.01 -12.18
N PHE A 220 -10.24 -55.39 -12.16
CA PHE A 220 -9.70 -54.82 -10.94
C PHE A 220 -10.13 -53.37 -10.80
N HIS A 221 -10.37 -52.96 -9.55
CA HIS A 221 -10.42 -51.55 -9.17
C HIS A 221 -9.05 -51.11 -8.72
N THR A 222 -8.75 -49.83 -8.91
CA THR A 222 -7.47 -49.28 -8.50
C THR A 222 -7.68 -48.50 -7.22
N LEU A 223 -7.05 -48.95 -6.13
CA LEU A 223 -7.20 -48.29 -4.84
C LEU A 223 -6.08 -47.33 -4.52
N SER A 224 -4.87 -47.54 -5.06
CA SER A 224 -3.76 -46.67 -4.75
C SER A 224 -2.69 -46.79 -5.82
N LEU A 225 -1.86 -45.76 -5.91
CA LEU A 225 -0.63 -45.79 -6.69
C LEU A 225 0.38 -44.87 -6.02
N LYS A 226 1.64 -45.29 -5.98
CA LYS A 226 2.70 -44.50 -5.35
C LYS A 226 3.99 -44.66 -6.15
N ASP A 227 4.56 -43.55 -6.58
CA ASP A 227 5.78 -43.61 -7.38
C ASP A 227 6.95 -44.06 -6.51
N LEU A 228 7.72 -45.03 -7.03
CA LEU A 228 8.95 -45.50 -6.40
C LEU A 228 10.10 -45.48 -7.39
N SER A 229 10.03 -44.56 -8.36
CA SER A 229 11.04 -44.51 -9.43
C SER A 229 12.44 -44.28 -8.88
N ALA A 230 12.57 -43.43 -7.87
CA ALA A 230 13.89 -43.18 -7.28
C ALA A 230 14.49 -44.45 -6.71
N ASN A 231 13.67 -45.29 -6.04
CA ASN A 231 14.19 -46.54 -5.51
C ASN A 231 14.71 -47.44 -6.62
N LEU A 232 14.02 -47.47 -7.77
CA LEU A 232 14.48 -48.30 -8.87
C LEU A 232 15.73 -47.71 -9.53
N ALA A 233 15.79 -46.38 -9.65
CA ALA A 233 16.99 -45.76 -10.22
C ALA A 233 18.20 -45.98 -9.31
N MET A 234 18.00 -45.93 -7.99
CA MET A 234 19.11 -46.21 -7.08
C MET A 234 19.51 -47.68 -7.16
N THR A 235 18.52 -48.58 -7.14
CA THR A 235 18.81 -50.00 -7.23
C THR A 235 19.59 -50.33 -8.49
N MET A 236 19.16 -49.78 -9.63
CA MET A 236 19.90 -50.00 -10.87
C MET A 236 21.30 -49.40 -10.79
N ASN A 237 21.46 -48.29 -10.05
CA ASN A 237 22.79 -47.75 -9.83
C ASN A 237 23.64 -48.70 -8.97
N VAL A 238 23.02 -49.33 -7.98
CA VAL A 238 23.75 -50.29 -7.14
C VAL A 238 24.08 -51.54 -7.95
N PHE A 239 23.18 -51.97 -8.83
CA PHE A 239 23.46 -53.12 -9.69
C PHE A 239 24.61 -52.81 -10.65
N ALA A 240 24.55 -51.66 -11.31
CA ALA A 240 25.57 -51.31 -12.30
C ALA A 240 26.95 -51.23 -11.67
N LEU A 241 27.05 -50.65 -10.46
CA LEU A 241 28.35 -50.50 -9.82
C LEU A 241 28.92 -51.86 -9.42
N GLY A 242 28.07 -52.77 -8.97
CA GLY A 242 28.53 -54.11 -8.67
C GLY A 242 29.06 -54.82 -9.90
N VAL A 243 28.39 -54.65 -11.03
CA VAL A 243 28.84 -55.28 -12.27
C VAL A 243 30.12 -54.65 -12.77
N TYR A 244 30.21 -53.32 -12.74
CA TYR A 244 31.41 -52.63 -13.21
C TYR A 244 32.63 -53.01 -12.38
N SER A 245 32.47 -53.05 -11.06
CA SER A 245 33.60 -53.24 -10.16
C SER A 245 33.95 -54.71 -9.94
N ARG A 246 33.19 -55.64 -10.51
CA ARG A 246 33.42 -57.07 -10.31
C ARG A 246 33.26 -57.84 -11.61
N ARG A 247 33.74 -57.26 -12.71
CA ARG A 247 33.63 -57.93 -14.01
C ARG A 247 34.38 -59.26 -14.01
N ALA A 248 35.57 -59.29 -13.41
CA ALA A 248 36.36 -60.52 -13.40
C ALA A 248 35.63 -61.64 -12.66
N GLU A 249 35.11 -61.33 -11.47
CA GLU A 249 34.40 -62.34 -10.69
C GLU A 249 33.17 -62.84 -11.43
N PHE A 250 32.44 -61.94 -12.08
CA PHE A 250 31.18 -62.33 -12.72
C PHE A 250 31.40 -63.10 -14.01
N THR A 251 32.45 -62.78 -14.77
CA THR A 251 32.74 -63.55 -15.97
C THR A 251 33.08 -64.99 -15.63
N GLU A 252 33.91 -65.20 -14.60
CA GLU A 252 34.22 -66.55 -14.17
C GLU A 252 32.99 -67.26 -13.61
N ARG A 253 31.98 -66.50 -13.19
CA ARG A 253 30.74 -67.06 -12.66
C ARG A 253 29.70 -67.31 -13.73
N PHE A 254 29.47 -66.32 -14.61
CA PHE A 254 28.40 -66.39 -15.59
C PHE A 254 28.88 -66.39 -17.04
N GLY A 255 30.18 -66.25 -17.28
CA GLY A 255 30.66 -66.24 -18.64
C GLY A 255 30.77 -64.83 -19.20
N ALA A 256 31.77 -64.63 -20.06
CA ALA A 256 32.07 -63.30 -20.56
C ALA A 256 30.95 -62.74 -21.41
N GLU A 257 30.26 -63.61 -22.16
CA GLU A 257 29.15 -63.13 -23.01
C GLU A 257 28.07 -62.44 -22.19
N PHE A 258 27.74 -63.00 -21.02
CA PHE A 258 26.69 -62.41 -20.20
C PHE A 258 27.16 -61.11 -19.57
N VAL A 259 28.38 -61.09 -19.04
CA VAL A 259 28.87 -59.91 -18.33
C VAL A 259 29.16 -58.77 -19.32
N ASP A 260 29.77 -59.09 -20.47
CA ASP A 260 30.06 -58.05 -21.45
C ASP A 260 28.77 -57.41 -21.95
N GLY A 261 27.71 -58.20 -22.10
CA GLY A 261 26.44 -57.63 -22.50
C GLY A 261 25.93 -56.60 -21.50
N LEU A 262 26.14 -56.87 -20.22
CA LEU A 262 25.73 -55.92 -19.18
C LEU A 262 26.61 -54.67 -19.24
N LEU A 263 27.93 -54.86 -19.29
CA LEU A 263 28.82 -53.71 -19.37
C LEU A 263 28.52 -52.85 -20.59
N ALA A 264 28.02 -53.44 -21.66
CA ALA A 264 27.70 -52.69 -22.86
C ALA A 264 26.34 -52.03 -22.82
N GLY A 265 25.39 -52.61 -22.09
CA GLY A 265 24.02 -52.14 -22.14
C GLY A 265 23.51 -51.37 -20.94
N LEU A 266 24.22 -51.49 -19.80
CA LEU A 266 23.70 -50.90 -18.56
C LEU A 266 23.59 -49.39 -18.66
N GLY A 267 24.54 -48.75 -19.34
CA GLY A 267 24.50 -47.31 -19.51
C GLY A 267 23.23 -46.84 -20.20
N SER A 268 23.00 -47.34 -21.42
CA SER A 268 21.81 -46.92 -22.16
C SER A 268 20.54 -47.28 -21.41
N ALA A 269 20.55 -48.44 -20.74
CA ALA A 269 19.37 -48.86 -20.00
C ALA A 269 19.07 -47.92 -18.84
N GLN A 270 20.12 -47.40 -18.19
N GLN A 270 20.12 -47.41 -18.18
CA GLN A 270 19.91 -46.46 -17.09
CA GLN A 270 19.92 -46.45 -17.10
C GLN A 270 19.34 -45.14 -17.59
C GLN A 270 19.32 -45.16 -17.61
N GLU A 271 19.85 -44.63 -18.72
CA GLU A 271 19.34 -43.37 -19.26
C GLU A 271 17.89 -43.51 -19.69
N THR A 272 17.57 -44.58 -20.41
CA THR A 272 16.18 -44.86 -20.78
C THR A 272 15.30 -44.94 -19.55
N LEU A 273 15.73 -45.70 -18.54
CA LEU A 273 15.01 -45.75 -17.26
C LEU A 273 14.76 -44.35 -16.70
N ILE A 274 15.81 -43.53 -16.62
CA ILE A 274 15.70 -42.21 -15.99
C ILE A 274 14.74 -41.31 -16.76
N ARG A 275 14.87 -41.29 -18.09
CA ARG A 275 14.19 -40.29 -18.90
C ARG A 275 12.89 -40.76 -19.52
N LYS A 276 12.62 -42.07 -19.56
CA LYS A 276 11.46 -42.57 -20.29
C LYS A 276 10.52 -43.47 -19.49
N THR A 277 10.88 -43.89 -18.29
CA THR A 277 10.08 -44.86 -17.54
C THR A 277 9.77 -44.36 -16.14
N ARG A 278 8.70 -44.90 -15.57
CA ARG A 278 8.35 -44.67 -14.18
C ARG A 278 7.92 -45.99 -13.53
N PHE A 279 8.20 -46.09 -12.24
CA PHE A 279 8.05 -47.34 -11.48
C PHE A 279 7.22 -47.06 -10.24
N PHE A 280 6.17 -47.85 -10.03
CA PHE A 280 5.21 -47.53 -8.97
C PHE A 280 4.70 -48.79 -8.29
N MET A 281 4.10 -48.57 -7.13
CA MET A 281 3.40 -49.61 -6.37
C MET A 281 1.91 -49.30 -6.43
N ALA A 282 1.13 -50.24 -6.96
CA ALA A 282 -0.30 -50.06 -7.09
C ALA A 282 -1.05 -51.15 -6.33
N THR A 283 -2.17 -50.78 -5.72
CA THR A 283 -3.02 -51.73 -5.03
C THR A 283 -4.30 -51.89 -5.84
N LEU A 284 -4.56 -53.12 -6.31
CA LEU A 284 -5.74 -53.42 -7.10
C LEU A 284 -6.68 -54.28 -6.28
N ARG A 285 -7.97 -53.97 -6.34
CA ARG A 285 -9.00 -54.70 -5.62
C ARG A 285 -9.86 -55.50 -6.58
N LYS A 286 -10.07 -56.77 -6.25
CA LYS A 286 -11.15 -57.53 -6.89
C LYS A 286 -12.45 -57.21 -6.16
N PRO A 287 -13.44 -56.62 -6.83
CA PRO A 287 -14.63 -56.16 -6.13
C PRO A 287 -15.33 -57.28 -5.36
N ALA A 288 -15.95 -56.92 -4.25
CA ALA A 288 -16.65 -57.88 -3.41
C ALA A 288 -18.06 -58.15 -3.95
N VAL A 289 -18.85 -58.88 -3.18
CA VAL A 289 -20.20 -59.33 -3.57
C VAL A 289 -20.14 -60.17 -4.84
N GLN B 10 5.48 -59.36 -25.14
CA GLN B 10 5.32 -60.58 -25.93
C GLN B 10 6.65 -61.05 -26.54
N GLN B 11 7.69 -60.23 -26.41
CA GLN B 11 8.99 -60.56 -27.01
C GLN B 11 9.76 -61.61 -26.21
N VAL B 12 9.24 -62.06 -25.07
CA VAL B 12 9.85 -63.16 -24.32
C VAL B 12 8.76 -64.15 -23.95
N THR B 13 9.14 -65.42 -23.82
CA THR B 13 8.24 -66.48 -23.38
C THR B 13 8.56 -66.88 -21.94
N ALA B 14 7.62 -67.60 -21.34
CA ALA B 14 7.78 -68.01 -19.95
C ALA B 14 8.96 -68.95 -19.78
N ASP B 15 9.19 -69.82 -20.76
CA ASP B 15 10.31 -70.76 -20.66
C ASP B 15 11.64 -70.04 -20.74
N GLU B 16 11.74 -69.04 -21.62
CA GLU B 16 12.98 -68.28 -21.73
C GLU B 16 13.28 -67.52 -20.44
N VAL B 17 12.24 -66.98 -19.79
CA VAL B 17 12.48 -66.25 -18.56
C VAL B 17 12.95 -67.18 -17.46
N GLY B 18 12.38 -68.38 -17.41
CA GLY B 18 12.79 -69.33 -16.39
C GLY B 18 14.22 -69.78 -16.59
N ASP B 19 14.63 -69.95 -17.84
CA ASP B 19 16.01 -70.33 -18.13
C ASP B 19 16.97 -69.20 -17.81
N TRP B 20 16.60 -67.96 -18.12
CA TRP B 20 17.43 -66.81 -17.78
C TRP B 20 17.72 -66.77 -16.28
N TYR B 21 16.68 -66.95 -15.46
CA TYR B 21 16.88 -66.93 -14.01
C TYR B 21 17.63 -68.18 -13.52
N ASP B 22 17.36 -69.34 -14.13
CA ASP B 22 18.14 -70.53 -13.81
C ASP B 22 19.63 -70.29 -13.99
N LYS B 23 20.02 -69.62 -15.06
CA LYS B 23 21.42 -69.40 -15.39
C LYS B 23 22.02 -68.20 -14.66
N PHE B 24 21.33 -67.07 -14.65
CA PHE B 24 21.91 -65.80 -14.23
C PHE B 24 21.25 -65.18 -13.02
N GLY B 25 20.17 -65.77 -12.51
CA GLY B 25 19.41 -65.15 -11.43
C GLY B 25 20.23 -64.79 -10.21
N GLU B 26 21.32 -65.52 -9.96
CA GLU B 26 22.14 -65.23 -8.80
C GLU B 26 22.93 -63.93 -8.93
N VAL B 27 23.05 -63.37 -10.12
CA VAL B 27 23.74 -62.08 -10.25
C VAL B 27 23.00 -60.99 -9.50
N TYR B 28 21.69 -61.16 -9.29
CA TYR B 28 20.93 -60.23 -8.47
C TYR B 28 21.20 -60.42 -6.99
N HIS B 29 21.43 -61.66 -6.56
CA HIS B 29 21.76 -61.90 -5.16
C HIS B 29 23.18 -61.43 -4.84
N LEU B 30 24.10 -61.52 -5.80
CA LEU B 30 25.47 -61.08 -5.56
C LEU B 30 25.59 -59.56 -5.52
N THR B 31 24.68 -58.84 -6.18
CA THR B 31 24.74 -57.38 -6.22
C THR B 31 23.70 -56.68 -5.35
N LEU B 32 22.49 -57.25 -5.20
CA LEU B 32 21.40 -56.55 -4.54
C LEU B 32 21.02 -57.13 -3.17
N GLY B 33 21.37 -58.38 -2.87
CA GLY B 33 21.11 -58.94 -1.56
C GLY B 33 20.33 -60.23 -1.65
N GLU B 34 19.62 -60.55 -0.57
CA GLU B 34 18.96 -61.85 -0.45
C GLU B 34 17.59 -61.91 -1.10
N SER B 35 17.16 -60.86 -1.79
CA SER B 35 15.93 -60.85 -2.56
C SER B 35 16.25 -60.43 -3.99
N VAL B 36 15.21 -60.39 -4.83
CA VAL B 36 15.38 -60.05 -6.24
C VAL B 36 14.47 -58.86 -6.55
N HIS B 37 14.61 -57.78 -5.80
CA HIS B 37 13.78 -56.60 -5.99
C HIS B 37 14.52 -55.37 -5.45
N CYS B 38 13.90 -54.21 -5.58
CA CYS B 38 14.58 -52.95 -5.26
C CYS B 38 14.80 -52.79 -3.76
N GLY B 39 15.81 -52.01 -3.42
CA GLY B 39 15.96 -51.52 -2.06
C GLY B 39 15.14 -50.25 -1.86
N LEU B 40 14.56 -50.13 -0.66
CA LEU B 40 13.84 -48.92 -0.29
C LEU B 40 14.86 -47.88 0.15
N TRP B 41 15.48 -47.23 -0.84
CA TRP B 41 16.52 -46.25 -0.55
C TRP B 41 15.97 -44.89 -0.14
N PHE B 42 14.72 -44.60 -0.49
CA PHE B 42 14.07 -43.38 -0.09
C PHE B 42 12.85 -43.73 0.77
N PRO B 43 12.73 -43.14 1.96
CA PRO B 43 11.59 -43.46 2.80
C PRO B 43 10.29 -43.13 2.09
N PRO B 44 9.19 -43.81 2.45
CA PRO B 44 7.93 -43.59 1.72
C PRO B 44 7.48 -42.14 1.72
N ASP B 45 7.71 -41.42 2.82
CA ASP B 45 7.30 -40.03 2.95
C ASP B 45 8.19 -39.06 2.17
N ALA B 46 9.25 -39.54 1.55
CA ALA B 46 10.15 -38.65 0.83
C ALA B 46 9.53 -38.26 -0.51
N PRO B 47 9.72 -37.02 -0.95
CA PRO B 47 9.10 -36.59 -2.20
C PRO B 47 9.82 -37.18 -3.40
N VAL B 48 9.10 -37.22 -4.52
CA VAL B 48 9.70 -37.68 -5.79
C VAL B 48 10.70 -36.63 -6.27
N PRO B 49 11.95 -37.01 -6.56
CA PRO B 49 12.95 -36.03 -7.00
C PRO B 49 12.53 -35.34 -8.29
N GLN B 50 13.19 -34.21 -8.55
CA GLN B 50 12.95 -33.50 -9.80
C GLN B 50 13.40 -34.33 -11.00
N ASP B 51 14.48 -35.09 -10.87
CA ASP B 51 14.88 -36.04 -11.89
C ASP B 51 15.63 -37.19 -11.24
N MET B 52 15.74 -38.29 -11.99
CA MET B 52 16.31 -39.52 -11.48
C MET B 52 17.82 -39.61 -11.70
N GLU B 53 18.47 -38.49 -12.02
CA GLU B 53 19.94 -38.49 -12.11
C GLU B 53 20.52 -38.84 -10.75
N LEU B 54 21.64 -39.56 -10.78
CA LEU B 54 22.28 -39.99 -9.53
C LEU B 54 22.64 -38.81 -8.64
N VAL B 55 23.01 -37.66 -9.22
CA VAL B 55 23.37 -36.51 -8.40
C VAL B 55 22.14 -35.89 -7.76
N THR B 56 21.02 -35.87 -8.49
CA THR B 56 19.77 -35.31 -7.95
C THR B 56 19.27 -36.15 -6.80
N MET B 57 19.27 -37.48 -6.96
CA MET B 57 18.82 -38.35 -5.88
C MET B 57 19.76 -38.25 -4.68
N SER B 58 21.07 -38.20 -4.94
CA SER B 58 22.02 -38.03 -3.84
C SER B 58 21.83 -36.69 -3.15
N SER B 59 21.41 -35.67 -3.91
CA SER B 59 21.14 -34.37 -3.32
C SER B 59 19.96 -34.42 -2.35
N GLN B 60 18.93 -35.18 -2.70
CA GLN B 60 17.79 -35.30 -1.80
C GLN B 60 18.18 -36.06 -0.53
N ALA B 61 19.03 -37.08 -0.65
CA ALA B 61 19.51 -37.76 0.54
C ALA B 61 20.36 -36.84 1.40
N GLN B 62 21.02 -35.86 0.77
CA GLN B 62 21.77 -34.87 1.53
C GLN B 62 20.85 -33.97 2.35
N ASP B 63 19.76 -33.50 1.73
CA ASP B 63 18.83 -32.62 2.44
C ASP B 63 18.15 -33.34 3.59
N ARG B 64 17.79 -34.61 3.41
CA ARG B 64 17.22 -35.39 4.50
C ARG B 64 18.23 -35.61 5.61
N TYR B 65 19.51 -35.76 5.26
CA TYR B 65 20.59 -35.77 6.23
C TYR B 65 20.66 -34.45 7.00
N THR B 66 20.54 -33.34 6.30
CA THR B 66 20.56 -32.03 6.96
C THR B 66 19.37 -31.90 7.91
N ASP B 67 18.19 -32.31 7.45
CA ASP B 67 17.00 -32.24 8.29
C ASP B 67 17.20 -33.02 9.59
N TYR B 68 17.86 -34.18 9.49
CA TYR B 68 18.09 -35.03 10.66
C TYR B 68 19.08 -34.37 11.63
N LEU B 69 20.12 -33.72 11.11
CA LEU B 69 21.05 -33.00 11.97
C LEU B 69 20.35 -31.83 12.66
N ILE B 70 19.57 -31.05 11.90
CA ILE B 70 18.76 -29.99 12.50
C ILE B 70 17.90 -30.54 13.63
N GLU B 71 17.27 -31.69 13.38
CA GLU B 71 16.41 -32.29 14.39
C GLU B 71 17.21 -32.77 15.60
N THR B 72 18.40 -33.31 15.38
CA THR B 72 19.20 -33.81 16.47
C THR B 72 19.73 -32.67 17.34
N LEU B 73 20.27 -31.62 16.72
CA LEU B 73 20.81 -30.52 17.50
C LEU B 73 19.71 -29.68 18.11
N ASP B 74 18.59 -29.54 17.40
CA ASP B 74 17.40 -28.82 17.85
C ASP B 74 17.69 -27.36 18.16
N PRO B 75 18.14 -26.55 17.18
CA PRO B 75 18.29 -25.11 17.45
C PRO B 75 16.94 -24.45 17.63
N LYS B 76 16.87 -23.52 18.57
CA LYS B 76 15.64 -22.84 18.94
C LYS B 76 15.54 -21.51 18.23
N ALA B 77 14.30 -21.10 17.92
CA ALA B 77 14.06 -19.86 17.22
C ALA B 77 14.72 -18.69 17.93
N GLY B 78 15.36 -17.83 17.16
CA GLY B 78 16.06 -16.68 17.70
C GLY B 78 17.48 -16.97 18.16
N GLN B 79 17.92 -18.23 18.14
CA GLN B 79 19.29 -18.53 18.52
C GLN B 79 20.23 -18.24 17.35
N HIS B 80 21.53 -18.27 17.64
CA HIS B 80 22.57 -18.05 16.65
C HIS B 80 23.45 -19.29 16.61
N LEU B 81 23.60 -19.88 15.43
CA LEU B 81 24.36 -21.11 15.24
C LEU B 81 25.64 -20.82 14.46
N LEU B 82 26.70 -21.57 14.77
CA LEU B 82 27.98 -21.46 14.09
C LEU B 82 28.22 -22.72 13.26
N ASP B 83 28.24 -22.57 11.94
CA ASP B 83 28.54 -23.67 11.03
C ASP B 83 30.04 -23.72 10.81
N ILE B 84 30.71 -24.70 11.40
CA ILE B 84 32.17 -24.80 11.37
C ILE B 84 32.56 -25.61 10.14
N GLY B 85 33.09 -24.93 9.11
CA GLY B 85 33.42 -25.59 7.85
C GLY B 85 32.19 -25.68 6.96
N CYS B 86 31.60 -24.52 6.66
CA CYS B 86 30.21 -24.42 6.19
C CYS B 86 30.02 -24.77 4.73
N GLY B 87 31.08 -25.06 3.96
CA GLY B 87 30.87 -25.41 2.57
C GLY B 87 30.31 -24.26 1.77
N THR B 88 29.35 -24.58 0.90
CA THR B 88 28.69 -23.58 0.08
C THR B 88 27.36 -23.13 0.66
N GLY B 89 27.06 -23.48 1.90
CA GLY B 89 26.04 -22.80 2.67
C GLY B 89 24.67 -23.45 2.73
N ARG B 90 24.41 -24.52 1.99
CA ARG B 90 23.05 -25.03 1.94
C ARG B 90 22.60 -25.55 3.30
N THR B 91 23.50 -26.20 4.05
CA THR B 91 23.16 -26.65 5.39
C THR B 91 22.70 -25.48 6.25
N ALA B 92 23.42 -24.36 6.17
CA ALA B 92 23.03 -23.17 6.93
C ALA B 92 21.68 -22.62 6.46
N LEU B 93 21.45 -22.60 5.14
CA LEU B 93 20.19 -22.08 4.61
C LEU B 93 18.99 -22.86 5.15
N LYS B 94 19.06 -24.19 5.15
CA LYS B 94 17.92 -24.99 5.62
C LYS B 94 17.69 -24.79 7.11
N ALA B 95 18.76 -24.82 7.92
CA ALA B 95 18.58 -24.61 9.36
C ALA B 95 17.92 -23.26 9.63
N ALA B 96 18.39 -22.21 8.96
CA ALA B 96 17.82 -20.88 9.16
C ALA B 96 16.36 -20.84 8.74
N ARG B 97 16.05 -21.41 7.57
CA ARG B 97 14.66 -21.41 7.09
C ARG B 97 13.76 -22.21 8.03
N GLN B 98 14.22 -23.38 8.48
CA GLN B 98 13.35 -24.27 9.24
C GLN B 98 13.16 -23.81 10.68
N ARG B 99 14.20 -23.26 11.30
CA ARG B 99 14.15 -22.97 12.73
C ARG B 99 14.03 -21.48 13.06
N GLY B 100 14.12 -20.59 12.08
CA GLY B 100 14.08 -19.17 12.38
C GLY B 100 15.27 -18.73 13.21
N ILE B 101 16.46 -19.21 12.87
CA ILE B 101 17.68 -18.89 13.60
C ILE B 101 18.57 -18.02 12.71
N ALA B 102 19.57 -17.41 13.33
CA ALA B 102 20.68 -16.82 12.60
C ALA B 102 21.80 -17.84 12.53
N VAL B 103 22.51 -17.86 11.40
CA VAL B 103 23.61 -18.79 11.21
C VAL B 103 24.82 -18.02 10.71
N THR B 104 25.98 -18.30 11.29
CA THR B 104 27.26 -17.80 10.79
C THR B 104 28.09 -19.00 10.39
N GLY B 105 28.62 -18.97 9.17
CA GLY B 105 29.45 -20.04 8.66
C GLY B 105 30.84 -19.56 8.30
N VAL B 106 31.80 -20.46 8.45
CA VAL B 106 33.22 -20.16 8.20
C VAL B 106 33.79 -21.27 7.33
N ALA B 107 34.69 -20.89 6.42
CA ALA B 107 35.41 -21.86 5.62
C ALA B 107 36.71 -21.21 5.16
N VAL B 108 37.71 -22.05 4.88
CA VAL B 108 39.00 -21.56 4.40
C VAL B 108 39.07 -21.49 2.88
N SER B 109 38.01 -21.89 2.19
CA SER B 109 37.93 -21.78 0.74
C SER B 109 37.24 -20.47 0.36
N LYS B 110 37.94 -19.63 -0.40
CA LYS B 110 37.38 -18.34 -0.82
C LYS B 110 36.20 -18.52 -1.76
N GLU B 111 36.29 -19.44 -2.72
CA GLU B 111 35.17 -19.64 -3.64
C GLU B 111 33.94 -20.19 -2.92
N GLN B 112 34.14 -21.09 -1.95
CA GLN B 112 33.01 -21.64 -1.22
C GLN B 112 32.23 -20.53 -0.52
N ILE B 113 32.93 -19.59 0.11
CA ILE B 113 32.26 -18.58 0.92
C ILE B 113 31.51 -17.60 0.03
N ALA B 114 32.08 -17.25 -1.13
CA ALA B 114 31.38 -16.37 -2.06
C ALA B 114 30.11 -17.04 -2.58
N ALA B 115 30.16 -18.36 -2.81
CA ALA B 115 28.97 -19.08 -3.26
C ALA B 115 27.91 -19.13 -2.16
N ALA B 116 28.34 -19.29 -0.91
CA ALA B 116 27.38 -19.28 0.21
C ALA B 116 26.73 -17.91 0.35
N ASN B 117 27.49 -16.84 0.13
CA ASN B 117 26.93 -15.49 0.20
C ASN B 117 25.98 -15.24 -0.97
N ARG B 118 26.31 -15.76 -2.16
CA ARG B 118 25.37 -15.73 -3.27
C ARG B 118 24.09 -16.49 -2.93
N LEU B 119 24.21 -17.60 -2.20
CA LEU B 119 23.03 -18.36 -1.79
C LEU B 119 22.14 -17.55 -0.86
N ALA B 120 22.74 -16.95 0.19
CA ALA B 120 21.95 -16.15 1.12
C ALA B 120 21.36 -14.92 0.44
N ALA B 121 22.06 -14.37 -0.55
CA ALA B 121 21.53 -13.23 -1.28
C ALA B 121 20.37 -13.64 -2.17
N GLY B 122 20.47 -14.81 -2.81
CA GLY B 122 19.41 -15.27 -3.68
C GLY B 122 18.12 -15.59 -2.95
N HIS B 123 18.21 -16.00 -1.69
CA HIS B 123 17.04 -16.27 -0.88
C HIS B 123 16.65 -15.11 0.03
N GLY B 124 17.30 -13.97 -0.11
CA GLY B 124 16.96 -12.80 0.70
C GLY B 124 17.19 -12.99 2.18
N LEU B 125 18.27 -13.68 2.56
CA LEU B 125 18.58 -13.95 3.96
C LEU B 125 19.99 -13.49 4.32
N THR B 126 20.45 -12.39 3.72
CA THR B 126 21.77 -11.89 4.07
C THR B 126 21.81 -11.35 5.50
N GLU B 127 20.66 -10.97 6.06
CA GLU B 127 20.64 -10.52 7.45
C GLU B 127 20.87 -11.68 8.43
N ARG B 128 20.25 -12.84 8.17
CA ARG B 128 20.34 -13.96 9.09
C ARG B 128 21.45 -14.95 8.74
N LEU B 129 21.96 -14.92 7.52
CA LEU B 129 23.07 -15.77 7.11
C LEU B 129 24.30 -14.90 6.87
N THR B 130 25.40 -15.23 7.55
CA THR B 130 26.67 -14.52 7.43
C THR B 130 27.76 -15.55 7.18
N PHE B 131 28.43 -15.43 6.03
CA PHE B 131 29.45 -16.39 5.61
C PHE B 131 30.78 -15.65 5.44
N GLU B 132 31.78 -16.05 6.21
CA GLU B 132 33.08 -15.38 6.23
C GLU B 132 34.20 -16.40 6.05
N VAL B 133 35.22 -16.02 5.29
CA VAL B 133 36.44 -16.81 5.15
C VAL B 133 37.20 -16.74 6.47
N ALA B 134 37.25 -17.85 7.21
CA ALA B 134 37.87 -17.86 8.51
C ALA B 134 38.35 -19.27 8.82
N ASP B 135 39.36 -19.36 9.69
CA ASP B 135 39.95 -20.63 10.10
C ASP B 135 39.36 -21.07 11.43
N ALA B 136 38.83 -22.30 11.46
CA ALA B 136 38.21 -22.83 12.66
C ALA B 136 39.21 -23.01 13.80
N MET B 137 40.50 -23.08 13.50
CA MET B 137 41.51 -23.19 14.55
C MET B 137 41.93 -21.85 15.12
N ARG B 138 41.29 -20.76 14.67
CA ARG B 138 41.45 -19.44 15.27
C ARG B 138 40.24 -18.58 14.91
N LEU B 139 39.10 -18.85 15.54
CA LEU B 139 37.86 -18.21 15.12
C LEU B 139 37.90 -16.72 15.44
N PRO B 140 37.37 -15.88 14.55
CA PRO B 140 37.41 -14.43 14.78
C PRO B 140 36.26 -13.92 15.64
N TYR B 141 35.66 -14.80 16.46
CA TYR B 141 34.48 -14.46 17.23
C TYR B 141 34.79 -14.51 18.72
N GLU B 142 34.18 -13.59 19.47
CA GLU B 142 34.42 -13.50 20.90
C GLU B 142 33.88 -14.74 21.61
N ASP B 143 34.26 -14.86 22.88
CA ASP B 143 33.82 -15.99 23.69
C ASP B 143 32.31 -15.94 23.90
N GLU B 144 31.68 -17.11 23.86
CA GLU B 144 30.27 -17.27 24.22
C GLU B 144 29.36 -16.48 23.27
N SER B 145 29.64 -16.59 21.98
CA SER B 145 28.90 -15.84 20.96
C SER B 145 27.73 -16.63 20.40
N PHE B 146 27.80 -17.95 20.41
CA PHE B 146 26.84 -18.80 19.71
C PHE B 146 26.10 -19.70 20.68
N ASP B 147 24.80 -19.86 20.44
CA ASP B 147 24.01 -20.77 21.27
C ASP B 147 24.37 -22.22 20.99
N CYS B 148 24.72 -22.52 19.74
CA CYS B 148 25.10 -23.87 19.34
C CYS B 148 25.91 -23.80 18.05
N ALA B 149 26.47 -24.94 17.65
CA ALA B 149 27.36 -25.02 16.51
C ALA B 149 27.45 -26.46 16.03
N TRP B 150 27.78 -26.64 14.76
CA TRP B 150 28.08 -27.98 14.26
C TRP B 150 29.28 -27.96 13.33
N ALA B 151 29.99 -29.09 13.30
CA ALA B 151 31.12 -29.31 12.41
C ALA B 151 30.78 -30.55 11.59
N ILE B 152 30.13 -30.33 10.45
CA ILE B 152 29.62 -31.42 9.62
C ILE B 152 30.71 -31.78 8.62
N GLU B 153 31.44 -32.86 8.92
CA GLU B 153 32.43 -33.43 8.01
C GLU B 153 33.49 -32.39 7.64
N SER B 154 34.00 -31.71 8.66
CA SER B 154 35.01 -30.69 8.49
C SER B 154 36.21 -30.84 9.42
N LEU B 155 36.05 -31.51 10.57
CA LEU B 155 37.15 -31.67 11.51
C LEU B 155 38.31 -32.48 10.94
N CYS B 156 38.05 -33.33 9.94
CA CYS B 156 39.11 -34.14 9.36
C CYS B 156 40.15 -33.29 8.62
N HIS B 157 39.85 -32.03 8.29
CA HIS B 157 40.80 -31.15 7.63
C HIS B 157 41.64 -30.34 8.60
N MET B 158 41.32 -30.37 9.89
CA MET B 158 41.93 -29.47 10.86
C MET B 158 42.61 -30.25 11.97
N ASP B 159 43.38 -29.52 12.78
CA ASP B 159 43.80 -30.02 14.07
C ASP B 159 42.60 -30.05 15.00
N ARG B 160 42.20 -31.26 15.42
CA ARG B 160 40.94 -31.42 16.12
C ARG B 160 40.96 -30.75 17.50
N ALA B 161 42.10 -30.82 18.21
CA ALA B 161 42.17 -30.23 19.55
C ALA B 161 42.01 -28.71 19.51
N LYS B 162 42.61 -28.05 18.51
CA LYS B 162 42.49 -26.60 18.40
C LYS B 162 41.07 -26.20 18.00
N ALA B 163 40.53 -26.86 16.98
CA ALA B 163 39.19 -26.52 16.52
C ALA B 163 38.15 -26.80 17.60
N LEU B 164 38.29 -27.92 18.32
CA LEU B 164 37.35 -28.22 19.39
C LEU B 164 37.47 -27.22 20.53
N GLY B 165 38.69 -26.75 20.82
CA GLY B 165 38.84 -25.72 21.83
C GLY B 165 38.22 -24.41 21.40
N GLU B 166 38.42 -24.03 20.14
CA GLU B 166 37.81 -22.81 19.61
C GLU B 166 36.29 -22.89 19.65
N ALA B 167 35.73 -24.05 19.26
CA ALA B 167 34.29 -24.23 19.33
C ALA B 167 33.80 -24.14 20.77
N TRP B 168 34.53 -24.73 21.71
CA TRP B 168 34.17 -24.61 23.11
C TRP B 168 34.18 -23.15 23.55
N ARG B 169 35.18 -22.39 23.13
CA ARG B 169 35.30 -20.99 23.55
C ARG B 169 34.12 -20.15 23.06
N VAL B 170 33.76 -20.26 21.78
CA VAL B 170 32.73 -19.39 21.23
C VAL B 170 31.32 -19.85 21.60
N LEU B 171 31.16 -21.05 22.11
CA LEU B 171 29.87 -21.51 22.57
C LEU B 171 29.49 -20.85 23.89
N LYS B 172 28.20 -20.60 24.07
CA LYS B 172 27.76 -20.22 25.40
C LYS B 172 27.69 -21.45 26.30
N PRO B 173 28.01 -21.30 27.59
CA PRO B 173 27.95 -22.44 28.51
C PRO B 173 26.55 -23.03 28.57
N GLY B 174 26.46 -24.34 28.44
CA GLY B 174 25.19 -25.01 28.30
C GLY B 174 24.77 -25.25 26.86
N GLY B 175 25.48 -24.66 25.89
CA GLY B 175 25.20 -24.92 24.49
C GLY B 175 25.82 -26.22 24.03
N ASP B 176 25.40 -26.67 22.85
CA ASP B 176 25.83 -27.94 22.31
C ASP B 176 26.58 -27.75 21.00
N LEU B 177 27.48 -28.68 20.74
CA LEU B 177 28.23 -28.77 19.48
C LEU B 177 27.99 -30.14 18.86
N LEU B 178 27.42 -30.16 17.65
CA LEU B 178 27.21 -31.39 16.91
C LEU B 178 28.39 -31.65 15.98
N VAL B 179 28.94 -32.85 16.03
CA VAL B 179 30.09 -33.20 15.20
C VAL B 179 29.75 -34.42 14.37
N LEU B 180 30.25 -34.44 13.13
CA LEU B 180 30.14 -35.58 12.23
C LEU B 180 31.56 -35.98 11.88
N GLU B 181 32.08 -37.01 12.55
CA GLU B 181 33.50 -37.29 12.55
C GLU B 181 33.76 -38.77 12.30
N SER B 182 34.83 -39.06 11.57
CA SER B 182 35.29 -40.42 11.36
C SER B 182 36.26 -40.85 12.45
N VAL B 183 36.45 -42.16 12.56
CA VAL B 183 37.30 -42.75 13.57
C VAL B 183 37.82 -44.08 13.03
N VAL B 184 39.07 -44.42 13.37
CA VAL B 184 39.67 -45.68 12.95
C VAL B 184 39.39 -46.76 13.98
N THR B 185 39.12 -47.97 13.48
CA THR B 185 38.95 -49.14 14.33
C THR B 185 40.15 -50.08 14.28
N GLU B 186 40.88 -50.07 13.18
CA GLU B 186 42.15 -50.78 13.03
C GLU B 186 43.22 -49.77 12.65
N GLU B 187 44.48 -50.15 12.88
CA GLU B 187 45.59 -49.25 12.54
C GLU B 187 45.83 -49.28 11.04
N LEU B 188 45.92 -48.09 10.44
CA LEU B 188 46.06 -47.97 9.01
C LEU B 188 47.49 -48.20 8.58
N THR B 189 47.66 -48.73 7.37
CA THR B 189 48.97 -48.76 6.76
C THR B 189 49.31 -47.37 6.21
N GLU B 190 50.59 -47.17 5.90
CA GLU B 190 51.03 -45.89 5.35
C GLU B 190 50.39 -45.57 4.00
N PRO B 191 50.22 -46.51 3.07
CA PRO B 191 49.48 -46.16 1.84
C PRO B 191 48.08 -45.63 2.09
N GLU B 192 47.39 -46.18 3.09
CA GLU B 192 46.04 -45.72 3.40
C GLU B 192 46.05 -44.32 4.00
N THR B 193 47.02 -44.03 4.87
CA THR B 193 47.11 -42.70 5.46
C THR B 193 47.44 -41.65 4.41
N ALA B 194 48.25 -42.01 3.40
CA ALA B 194 48.59 -41.06 2.35
C ALA B 194 47.43 -40.81 1.42
N LEU B 195 46.55 -41.80 1.23
CA LEU B 195 45.34 -41.58 0.45
C LEU B 195 44.45 -40.52 1.08
N PHE B 196 44.47 -40.39 2.40
CA PHE B 196 43.66 -39.37 3.05
C PHE B 196 44.07 -37.98 2.61
N GLU B 197 45.37 -37.75 2.42
CA GLU B 197 45.85 -36.44 2.01
C GLU B 197 45.72 -36.23 0.50
N THR B 198 46.15 -37.22 -0.29
CA THR B 198 46.19 -37.05 -1.74
C THR B 198 44.82 -37.14 -2.39
N LEU B 199 43.82 -37.70 -1.71
CA LEU B 199 42.50 -37.79 -2.30
C LEU B 199 41.59 -36.65 -1.87
N TYR B 200 41.63 -36.26 -0.59
CA TYR B 200 40.68 -35.30 -0.05
C TYR B 200 41.32 -34.08 0.59
N ALA B 201 42.65 -34.01 0.66
CA ALA B 201 43.36 -33.01 1.47
C ALA B 201 42.88 -33.04 2.92
N ALA B 202 42.95 -34.23 3.53
CA ALA B 202 42.43 -34.46 4.87
C ALA B 202 43.47 -35.17 5.72
N ASN B 203 43.27 -35.10 7.04
CA ASN B 203 44.08 -35.83 7.98
C ASN B 203 43.49 -37.21 8.23
N VAL B 204 44.32 -38.10 8.77
CA VAL B 204 43.85 -39.43 9.15
C VAL B 204 42.99 -39.29 10.38
N PRO B 205 41.92 -40.09 10.52
CA PRO B 205 41.06 -39.97 11.69
C PRO B 205 41.73 -40.58 12.92
N PRO B 206 41.36 -40.12 14.10
CA PRO B 206 41.91 -40.68 15.33
C PRO B 206 41.18 -41.96 15.72
N ARG B 207 41.69 -42.61 16.77
CA ARG B 207 40.95 -43.68 17.40
C ARG B 207 39.78 -43.11 18.19
N LEU B 208 38.80 -43.98 18.48
CA LEU B 208 37.60 -43.55 19.20
C LEU B 208 37.96 -43.02 20.58
N GLY B 209 38.74 -43.77 21.35
CA GLY B 209 39.17 -43.28 22.65
C GLY B 209 40.05 -42.04 22.53
N GLU B 210 40.95 -42.03 21.55
CA GLU B 210 41.76 -40.84 21.30
C GLU B 210 40.90 -39.63 21.02
N PHE B 211 39.84 -39.80 20.23
CA PHE B 211 38.97 -38.69 19.88
C PHE B 211 38.27 -38.12 21.11
N PHE B 212 37.75 -39.00 21.97
CA PHE B 212 37.03 -38.53 23.15
C PHE B 212 37.94 -37.99 24.24
N ASP B 213 39.23 -38.34 24.22
CA ASP B 213 40.18 -37.67 25.09
C ASP B 213 40.40 -36.23 24.64
N ILE B 214 40.45 -36.00 23.32
CA ILE B 214 40.53 -34.63 22.81
C ILE B 214 39.24 -33.87 23.12
N VAL B 215 38.08 -34.52 22.94
CA VAL B 215 36.80 -33.88 23.26
C VAL B 215 36.76 -33.49 24.74
N SER B 216 37.15 -34.41 25.62
N SER B 216 37.16 -34.40 25.62
CA SER B 216 37.15 -34.11 27.05
CA SER B 216 37.14 -34.09 27.05
C SER B 216 38.19 -33.04 27.38
C SER B 216 38.19 -33.05 27.40
N GLY B 217 39.37 -33.14 26.80
CA GLY B 217 40.40 -32.14 27.04
C GLY B 217 40.08 -30.77 26.49
N ALA B 218 39.10 -30.68 25.58
CA ALA B 218 38.59 -29.42 25.12
C ALA B 218 37.50 -28.85 26.02
N GLY B 219 37.10 -29.57 27.07
CA GLY B 219 36.09 -29.10 28.00
C GLY B 219 34.67 -29.53 27.69
N PHE B 220 34.48 -30.52 26.83
CA PHE B 220 33.15 -30.94 26.41
C PHE B 220 32.70 -32.18 27.18
N HIS B 221 31.38 -32.28 27.38
CA HIS B 221 30.73 -33.50 27.81
C HIS B 221 30.07 -34.17 26.61
N THR B 222 30.07 -35.50 26.61
CA THR B 222 29.50 -36.27 25.50
C THR B 222 28.08 -36.71 25.88
N LEU B 223 27.11 -36.19 25.13
CA LEU B 223 25.71 -36.50 25.40
C LEU B 223 25.20 -37.65 24.54
N SER B 224 25.77 -37.85 23.37
CA SER B 224 25.30 -38.93 22.51
C SER B 224 26.30 -39.19 21.40
N LEU B 225 26.26 -40.44 20.90
CA LEU B 225 26.93 -40.85 19.67
C LEU B 225 25.99 -41.78 18.93
N LYS B 226 25.99 -41.70 17.61
CA LYS B 226 25.19 -42.59 16.79
C LYS B 226 25.96 -42.90 15.51
N ASP B 227 26.14 -44.20 15.23
CA ASP B 227 26.89 -44.60 14.04
C ASP B 227 26.09 -44.31 12.79
N LEU B 228 26.74 -43.68 11.82
CA LEU B 228 26.16 -43.44 10.51
C LEU B 228 27.09 -43.96 9.42
N SER B 229 27.77 -45.07 9.70
CA SER B 229 28.82 -45.55 8.81
C SER B 229 28.26 -46.03 7.47
N ALA B 230 27.12 -46.71 7.48
CA ALA B 230 26.55 -47.20 6.22
C ALA B 230 26.22 -46.04 5.28
N ASN B 231 25.74 -44.93 5.84
CA ASN B 231 25.45 -43.75 5.02
C ASN B 231 26.72 -43.24 4.33
N LEU B 232 27.85 -43.23 5.05
CA LEU B 232 29.10 -42.84 4.42
C LEU B 232 29.51 -43.84 3.35
N ALA B 233 29.37 -45.14 3.63
CA ALA B 233 29.71 -46.16 2.66
C ALA B 233 28.86 -46.03 1.40
N MET B 234 27.54 -45.83 1.56
CA MET B 234 26.69 -45.64 0.40
C MET B 234 27.05 -44.35 -0.34
N THR B 235 27.26 -43.25 0.41
CA THR B 235 27.70 -42.00 -0.21
C THR B 235 28.99 -42.20 -0.98
N MET B 236 29.95 -42.92 -0.40
CA MET B 236 31.22 -43.16 -1.09
C MET B 236 31.02 -44.01 -2.34
N ASN B 237 30.04 -44.91 -2.34
CA ASN B 237 29.72 -45.67 -3.54
C ASN B 237 29.12 -44.77 -4.61
N VAL B 238 28.25 -43.84 -4.22
CA VAL B 238 27.67 -42.90 -5.17
C VAL B 238 28.75 -42.03 -5.79
N PHE B 239 29.71 -41.60 -4.97
CA PHE B 239 30.83 -40.82 -5.48
C PHE B 239 31.68 -41.66 -6.45
N ALA B 240 32.00 -42.90 -6.07
CA ALA B 240 32.80 -43.75 -6.94
C ALA B 240 32.11 -44.00 -8.27
N LEU B 241 30.82 -44.31 -8.24
CA LEU B 241 30.10 -44.57 -9.50
C LEU B 241 30.08 -43.33 -10.38
N GLY B 242 29.93 -42.15 -9.77
CA GLY B 242 29.88 -40.92 -10.55
C GLY B 242 31.21 -40.60 -11.24
N VAL B 243 32.32 -40.91 -10.56
CA VAL B 243 33.64 -40.61 -11.15
C VAL B 243 33.98 -41.60 -12.26
N TYR B 244 33.63 -42.88 -12.08
CA TYR B 244 33.90 -43.87 -13.11
C TYR B 244 33.12 -43.56 -14.37
N SER B 245 31.82 -43.34 -14.24
CA SER B 245 30.97 -43.16 -15.41
C SER B 245 31.15 -41.80 -16.08
N ARG B 246 31.88 -40.88 -15.46
CA ARG B 246 32.01 -39.52 -15.99
C ARG B 246 33.47 -39.07 -15.98
N ARG B 247 34.38 -40.00 -16.21
CA ARG B 247 35.81 -39.67 -16.17
C ARG B 247 36.16 -38.62 -17.21
N ALA B 248 35.62 -38.74 -18.42
CA ALA B 248 35.94 -37.79 -19.49
C ALA B 248 35.45 -36.39 -19.13
N GLU B 249 34.22 -36.27 -18.63
CA GLU B 249 33.69 -34.97 -18.22
C GLU B 249 34.55 -34.36 -17.11
N PHE B 250 34.97 -35.18 -16.15
CA PHE B 250 35.71 -34.64 -15.01
C PHE B 250 37.17 -34.34 -15.36
N THR B 251 37.75 -35.07 -16.31
CA THR B 251 39.11 -34.76 -16.73
C THR B 251 39.17 -33.41 -17.44
N GLU B 252 38.15 -33.09 -18.24
CA GLU B 252 38.14 -31.81 -18.93
C GLU B 252 37.93 -30.65 -17.97
N ARG B 253 37.37 -30.90 -16.79
CA ARG B 253 37.13 -29.85 -15.81
C ARG B 253 38.27 -29.73 -14.81
N PHE B 254 38.61 -30.82 -14.14
CA PHE B 254 39.56 -30.77 -13.04
C PHE B 254 40.95 -31.25 -13.42
N GLY B 255 41.14 -31.75 -14.63
CA GLY B 255 42.43 -32.21 -15.06
C GLY B 255 42.57 -33.72 -15.02
N ALA B 256 43.42 -34.25 -15.90
CA ALA B 256 43.63 -35.69 -15.94
C ALA B 256 44.36 -36.19 -14.70
N GLU B 257 45.23 -35.37 -14.11
CA GLU B 257 46.02 -35.81 -12.97
C GLU B 257 45.16 -35.96 -11.72
N PHE B 258 44.20 -35.05 -11.52
CA PHE B 258 43.31 -35.17 -10.36
C PHE B 258 42.37 -36.35 -10.52
N VAL B 259 41.72 -36.47 -11.67
CA VAL B 259 40.74 -37.54 -11.89
C VAL B 259 41.44 -38.90 -11.81
N ASP B 260 42.57 -39.05 -12.49
CA ASP B 260 43.27 -40.33 -12.49
C ASP B 260 43.74 -40.71 -11.09
N GLY B 261 43.97 -39.72 -10.23
CA GLY B 261 44.26 -40.02 -8.84
C GLY B 261 43.08 -40.65 -8.14
N LEU B 262 41.87 -40.15 -8.42
CA LEU B 262 40.67 -40.73 -7.84
C LEU B 262 40.41 -42.13 -8.39
N LEU B 263 40.47 -42.29 -9.72
CA LEU B 263 40.19 -43.60 -10.31
C LEU B 263 41.11 -44.67 -9.75
N ALA B 264 42.38 -44.31 -9.49
CA ALA B 264 43.33 -45.28 -8.97
C ALA B 264 43.23 -45.46 -7.46
N GLY B 265 42.70 -44.47 -6.73
CA GLY B 265 42.68 -44.53 -5.29
C GLY B 265 41.34 -44.87 -4.67
N LEU B 266 40.23 -44.53 -5.34
CA LEU B 266 38.91 -44.71 -4.74
C LEU B 266 38.67 -46.16 -4.32
N GLY B 267 39.13 -47.12 -5.12
CA GLY B 267 38.94 -48.51 -4.76
C GLY B 267 39.59 -48.86 -3.44
N SER B 268 40.85 -48.47 -3.26
CA SER B 268 41.54 -48.75 -2.01
C SER B 268 40.89 -48.04 -0.83
N ALA B 269 40.59 -46.74 -1.00
CA ALA B 269 39.98 -45.98 0.08
C ALA B 269 38.60 -46.53 0.43
N GLN B 270 37.88 -47.07 -0.54
CA GLN B 270 36.59 -47.69 -0.24
C GLN B 270 36.76 -48.86 0.71
N GLU B 271 37.71 -49.75 0.40
CA GLU B 271 37.91 -50.93 1.23
C GLU B 271 38.42 -50.56 2.62
N THR B 272 39.28 -49.54 2.70
CA THR B 272 39.72 -49.05 3.99
C THR B 272 38.53 -48.52 4.81
N LEU B 273 37.67 -47.73 4.17
CA LEU B 273 36.46 -47.26 4.84
C LEU B 273 35.58 -48.42 5.29
N ILE B 274 35.45 -49.46 4.47
CA ILE B 274 34.57 -50.57 4.79
C ILE B 274 35.13 -51.40 5.95
N ARG B 275 36.46 -51.53 6.04
CA ARG B 275 37.06 -52.46 6.97
C ARG B 275 37.67 -51.81 8.20
N LYS B 276 38.07 -50.54 8.13
CA LYS B 276 38.91 -49.97 9.17
C LYS B 276 38.36 -48.71 9.84
N THR B 277 37.29 -48.11 9.34
CA THR B 277 36.84 -46.83 9.87
C THR B 277 35.36 -46.90 10.25
N ARG B 278 34.94 -45.95 11.08
CA ARG B 278 33.54 -45.75 11.40
C ARG B 278 33.24 -44.25 11.41
N PHE B 279 31.98 -43.93 11.15
CA PHE B 279 31.50 -42.55 10.99
C PHE B 279 30.28 -42.37 11.87
N PHE B 280 30.26 -41.28 12.64
CA PHE B 280 29.20 -41.12 13.64
C PHE B 280 28.83 -39.65 13.83
N MET B 281 27.63 -39.46 14.36
CA MET B 281 27.15 -38.16 14.82
C MET B 281 27.23 -38.11 16.34
N ALA B 282 27.83 -37.04 16.88
CA ALA B 282 28.00 -36.90 18.32
C ALA B 282 27.59 -35.52 18.78
N THR B 283 26.82 -35.48 19.86
CA THR B 283 26.40 -34.22 20.48
C THR B 283 27.33 -33.96 21.67
N LEU B 284 27.97 -32.79 21.66
CA LEU B 284 28.91 -32.37 22.68
C LEU B 284 28.35 -31.16 23.41
N ARG B 285 28.33 -31.21 24.74
CA ARG B 285 27.81 -30.10 25.54
C ARG B 285 28.93 -29.37 26.26
N LYS B 286 28.97 -28.06 26.10
CA LYS B 286 29.74 -27.19 26.97
C LYS B 286 28.98 -27.08 28.29
N PRO B 287 29.53 -27.58 29.40
CA PRO B 287 28.77 -27.57 30.65
C PRO B 287 28.42 -26.16 31.10
N ALA B 288 27.30 -26.06 31.82
CA ALA B 288 26.89 -24.80 32.42
C ALA B 288 27.62 -24.58 33.75
N VAL B 289 27.08 -23.73 34.61
CA VAL B 289 27.67 -23.41 35.91
C VAL B 289 29.09 -22.87 35.73
N GLN C 11 -22.89 -32.70 -21.78
CA GLN C 11 -21.84 -31.81 -21.35
C GLN C 11 -22.40 -30.43 -21.00
N VAL C 12 -21.68 -29.67 -20.17
CA VAL C 12 -22.10 -28.36 -19.74
C VAL C 12 -21.05 -27.33 -20.15
N THR C 13 -21.47 -26.07 -20.17
CA THR C 13 -20.58 -24.96 -20.46
C THR C 13 -20.19 -24.25 -19.16
N ALA C 14 -19.13 -23.45 -19.25
CA ALA C 14 -18.66 -22.71 -18.08
C ALA C 14 -19.71 -21.73 -17.58
N ASP C 15 -20.42 -21.06 -18.50
CA ASP C 15 -21.47 -20.14 -18.10
C ASP C 15 -22.57 -20.86 -17.33
N GLU C 16 -22.95 -22.06 -17.79
CA GLU C 16 -23.99 -22.81 -17.10
C GLU C 16 -23.56 -23.20 -15.69
N VAL C 17 -22.29 -23.51 -15.51
CA VAL C 17 -21.81 -23.88 -14.18
C VAL C 17 -21.77 -22.66 -13.27
N GLY C 18 -21.25 -21.54 -13.77
CA GLY C 18 -21.14 -20.35 -12.94
C GLY C 18 -22.50 -19.85 -12.49
N ASP C 19 -23.47 -19.82 -13.41
CA ASP C 19 -24.82 -19.42 -13.03
C ASP C 19 -25.46 -20.42 -12.09
N TRP C 20 -25.05 -21.69 -12.16
CA TRP C 20 -25.58 -22.68 -11.22
C TRP C 20 -25.12 -22.39 -9.80
N TYR C 21 -23.82 -22.13 -9.62
CA TYR C 21 -23.30 -21.84 -8.28
C TYR C 21 -23.75 -20.46 -7.81
N ASP C 22 -24.03 -19.54 -8.73
CA ASP C 22 -24.54 -18.23 -8.34
C ASP C 22 -25.90 -18.35 -7.66
N LYS C 23 -26.71 -19.33 -8.07
CA LYS C 23 -28.03 -19.52 -7.50
C LYS C 23 -28.06 -20.55 -6.38
N PHE C 24 -27.37 -21.68 -6.57
CA PHE C 24 -27.47 -22.82 -5.65
C PHE C 24 -26.15 -23.17 -4.97
N GLY C 25 -25.12 -22.34 -5.12
CA GLY C 25 -23.84 -22.66 -4.51
C GLY C 25 -23.92 -22.77 -2.99
N GLU C 26 -24.84 -22.03 -2.37
CA GLU C 26 -24.91 -21.98 -0.91
C GLU C 26 -25.61 -23.18 -0.30
N VAL C 27 -26.25 -24.04 -1.09
CA VAL C 27 -26.80 -25.27 -0.54
C VAL C 27 -25.68 -26.18 -0.07
N TYR C 28 -24.48 -26.03 -0.61
CA TYR C 28 -23.33 -26.79 -0.11
C TYR C 28 -22.86 -26.23 1.23
N HIS C 29 -22.95 -24.92 1.43
CA HIS C 29 -22.53 -24.34 2.70
C HIS C 29 -23.55 -24.55 3.80
N LEU C 30 -24.83 -24.74 3.45
CA LEU C 30 -25.84 -25.03 4.46
C LEU C 30 -25.80 -26.48 4.93
N THR C 31 -25.27 -27.39 4.12
CA THR C 31 -25.31 -28.82 4.40
C THR C 31 -23.95 -29.43 4.70
N LEU C 32 -22.88 -28.98 4.02
CA LEU C 32 -21.57 -29.60 4.14
C LEU C 32 -20.58 -28.79 4.95
N GLY C 33 -20.72 -27.47 5.00
CA GLY C 33 -19.87 -26.66 5.85
C GLY C 33 -19.33 -25.46 5.11
N GLU C 34 -18.27 -24.88 5.68
CA GLU C 34 -17.69 -23.63 5.19
C GLU C 34 -16.85 -23.80 3.93
N SER C 35 -16.78 -25.00 3.37
CA SER C 35 -16.06 -25.26 2.12
C SER C 35 -17.02 -25.97 1.16
N VAL C 36 -16.55 -26.18 -0.07
CA VAL C 36 -17.36 -26.85 -1.08
C VAL C 36 -16.62 -28.08 -1.56
N HIS C 37 -16.36 -29.01 -0.64
CA HIS C 37 -15.69 -30.26 -0.99
C HIS C 37 -16.03 -31.30 0.07
N CYS C 38 -15.43 -32.49 -0.06
CA CYS C 38 -15.72 -33.61 0.83
C CYS C 38 -15.21 -33.37 2.25
N GLY C 39 -15.81 -34.10 3.18
CA GLY C 39 -15.24 -34.23 4.52
C GLY C 39 -14.34 -35.46 4.60
N LEU C 40 -13.34 -35.38 5.47
CA LEU C 40 -12.45 -36.52 5.72
C LEU C 40 -13.05 -37.33 6.88
N TRP C 41 -14.06 -38.13 6.54
CA TRP C 41 -14.77 -38.95 7.51
C TRP C 41 -14.04 -40.25 7.83
N PHE C 42 -13.05 -40.62 7.03
CA PHE C 42 -12.25 -41.82 7.26
C PHE C 42 -10.79 -41.41 7.25
N PRO C 43 -10.01 -41.78 8.27
CA PRO C 43 -8.62 -41.36 8.31
C PRO C 43 -7.86 -41.92 7.12
N PRO C 44 -6.81 -41.22 6.67
CA PRO C 44 -6.12 -41.67 5.46
C PRO C 44 -5.55 -43.07 5.54
N ASP C 45 -5.22 -43.58 6.71
CA ASP C 45 -4.66 -44.92 6.81
C ASP C 45 -5.71 -46.02 6.82
N ALA C 46 -7.00 -45.67 6.97
CA ALA C 46 -8.03 -46.70 7.03
C ALA C 46 -8.19 -47.40 5.69
N PRO C 47 -8.55 -48.68 5.70
CA PRO C 47 -8.69 -49.40 4.44
C PRO C 47 -9.90 -48.94 3.62
N VAL C 48 -9.81 -49.15 2.32
CA VAL C 48 -10.96 -48.95 1.45
C VAL C 48 -12.02 -49.99 1.79
N PRO C 49 -13.25 -49.60 2.08
CA PRO C 49 -14.27 -50.59 2.47
C PRO C 49 -14.61 -51.53 1.33
N GLN C 50 -15.22 -52.66 1.69
CA GLN C 50 -15.64 -53.63 0.67
C GLN C 50 -16.69 -53.05 -0.27
N ASP C 51 -17.47 -52.07 0.20
CA ASP C 51 -18.47 -51.40 -0.63
C ASP C 51 -18.88 -50.11 0.06
N MET C 52 -19.46 -49.20 -0.73
CA MET C 52 -19.81 -47.86 -0.26
C MET C 52 -21.26 -47.77 0.24
N GLU C 53 -21.90 -48.89 0.56
CA GLU C 53 -23.18 -48.83 1.24
C GLU C 53 -22.99 -48.14 2.59
N LEU C 54 -24.00 -47.37 3.00
CA LEU C 54 -23.88 -46.62 4.25
C LEU C 54 -23.62 -47.55 5.44
N VAL C 55 -24.31 -48.69 5.48
CA VAL C 55 -24.14 -49.64 6.58
C VAL C 55 -22.72 -50.21 6.59
N THR C 56 -22.12 -50.39 5.40
CA THR C 56 -20.77 -50.95 5.35
C THR C 56 -19.74 -49.94 5.84
N MET C 57 -19.93 -48.66 5.50
CA MET C 57 -19.02 -47.63 5.97
C MET C 57 -19.18 -47.41 7.47
N SER C 58 -20.42 -47.34 7.94
CA SER C 58 -20.66 -47.16 9.37
C SER C 58 -20.10 -48.33 10.18
N SER C 59 -20.09 -49.52 9.60
CA SER C 59 -19.53 -50.67 10.30
C SER C 59 -18.03 -50.51 10.50
N GLN C 60 -17.33 -49.97 9.50
CA GLN C 60 -15.90 -49.73 9.66
C GLN C 60 -15.64 -48.70 10.74
N ALA C 61 -16.47 -47.67 10.82
CA ALA C 61 -16.36 -46.69 11.90
C ALA C 61 -16.66 -47.31 13.26
N GLN C 62 -17.58 -48.29 13.30
CA GLN C 62 -17.81 -49.03 14.53
C GLN C 62 -16.57 -49.82 14.95
N ASP C 63 -15.91 -50.48 13.99
CA ASP C 63 -14.72 -51.26 14.33
C ASP C 63 -13.58 -50.36 14.81
N ARG C 64 -13.36 -49.23 14.12
CA ARG C 64 -12.33 -48.29 14.56
C ARG C 64 -12.65 -47.72 15.93
N TYR C 65 -13.94 -47.54 16.21
CA TYR C 65 -14.40 -47.22 17.56
C TYR C 65 -14.01 -48.32 18.54
N THR C 66 -14.25 -49.58 18.17
CA THR C 66 -13.88 -50.69 19.04
C THR C 66 -12.37 -50.74 19.25
N ASP C 67 -11.59 -50.54 18.18
CA ASP C 67 -10.14 -50.52 18.32
C ASP C 67 -9.70 -49.46 19.32
N TYR C 68 -10.41 -48.33 19.36
CA TYR C 68 -10.02 -47.24 20.25
C TYR C 68 -10.29 -47.58 21.71
N LEU C 69 -11.43 -48.22 21.98
CA LEU C 69 -11.74 -48.65 23.34
C LEU C 69 -10.72 -49.65 23.85
N ILE C 70 -10.39 -50.65 23.02
CA ILE C 70 -9.34 -51.61 23.37
C ILE C 70 -8.07 -50.89 23.72
N GLU C 71 -7.70 -49.92 22.89
CA GLU C 71 -6.50 -49.15 23.14
C GLU C 71 -6.62 -48.38 24.45
N THR C 72 -7.81 -47.87 24.75
CA THR C 72 -7.98 -47.08 25.97
C THR C 72 -7.96 -47.95 27.22
N LEU C 73 -8.76 -49.04 27.21
CA LEU C 73 -8.78 -49.91 28.36
C LEU C 73 -7.45 -50.65 28.51
N ASP C 74 -6.86 -51.06 27.40
CA ASP C 74 -5.55 -51.71 27.36
C ASP C 74 -5.50 -53.01 28.16
N PRO C 75 -6.34 -54.00 27.88
CA PRO C 75 -6.25 -55.27 28.60
C PRO C 75 -5.00 -56.03 28.19
N LYS C 76 -4.47 -56.80 29.13
CA LYS C 76 -3.20 -57.50 28.93
C LYS C 76 -3.45 -58.96 28.54
N ALA C 77 -2.53 -59.49 27.73
CA ALA C 77 -2.62 -60.87 27.28
C ALA C 77 -2.68 -61.81 28.48
N GLY C 78 -3.68 -62.70 28.48
CA GLY C 78 -3.89 -63.59 29.60
C GLY C 78 -4.88 -63.12 30.63
N GLN C 79 -5.47 -61.95 30.45
CA GLN C 79 -6.50 -61.47 31.36
C GLN C 79 -7.87 -61.95 30.91
N HIS C 80 -8.88 -61.71 31.75
CA HIS C 80 -10.26 -62.10 31.46
C HIS C 80 -11.16 -60.88 31.57
N LEU C 81 -11.76 -60.49 30.45
CA LEU C 81 -12.58 -59.28 30.36
C LEU C 81 -14.06 -59.66 30.44
N LEU C 82 -14.83 -58.87 31.17
CA LEU C 82 -16.27 -59.03 31.25
C LEU C 82 -16.94 -57.95 30.41
N ASP C 83 -17.70 -58.36 29.40
CA ASP C 83 -18.43 -57.42 28.55
C ASP C 83 -19.86 -57.32 29.10
N ILE C 84 -20.12 -56.26 29.86
CA ILE C 84 -21.43 -55.98 30.43
C ILE C 84 -22.32 -55.38 29.34
N GLY C 85 -23.27 -56.17 28.84
CA GLY C 85 -24.11 -55.75 27.74
C GLY C 85 -23.47 -56.01 26.39
N CYS C 86 -23.08 -57.26 26.14
CA CYS C 86 -22.19 -57.60 25.03
C CYS C 86 -22.83 -57.45 23.66
N GLY C 87 -24.17 -57.45 23.58
CA GLY C 87 -24.80 -57.38 22.27
C GLY C 87 -24.53 -58.64 21.48
N THR C 88 -24.28 -58.47 20.19
CA THR C 88 -24.02 -59.60 19.30
C THR C 88 -22.56 -60.04 19.29
N GLY C 89 -21.70 -59.40 20.09
CA GLY C 89 -20.42 -59.98 20.45
C GLY C 89 -19.20 -59.54 19.67
N ARG C 90 -19.36 -58.74 18.60
CA ARG C 90 -18.21 -58.44 17.76
C ARG C 90 -17.12 -57.69 18.54
N THR C 91 -17.52 -56.76 19.41
CA THR C 91 -16.55 -56.08 20.27
C THR C 91 -15.73 -57.08 21.07
N ALA C 92 -16.39 -58.08 21.65
CA ALA C 92 -15.68 -59.14 22.38
C ALA C 92 -14.73 -59.89 21.46
N LEU C 93 -15.18 -60.20 20.24
CA LEU C 93 -14.33 -60.93 19.30
C LEU C 93 -13.08 -60.13 18.95
N LYS C 94 -13.25 -58.85 18.62
CA LYS C 94 -12.09 -58.05 18.25
C LYS C 94 -11.13 -57.88 19.42
N ALA C 95 -11.67 -57.71 20.63
CA ALA C 95 -10.81 -57.60 21.81
C ALA C 95 -10.05 -58.90 22.06
N ALA C 96 -10.71 -60.05 21.86
CA ALA C 96 -10.06 -61.33 22.12
C ALA C 96 -8.95 -61.60 21.13
N ARG C 97 -9.18 -61.34 19.84
CA ARG C 97 -8.15 -61.62 18.84
C ARG C 97 -6.98 -60.66 18.93
N GLN C 98 -7.23 -59.41 19.32
CA GLN C 98 -6.17 -58.40 19.30
C GLN C 98 -5.28 -58.46 20.53
N ARG C 99 -5.80 -58.88 21.69
CA ARG C 99 -5.01 -58.84 22.91
C ARG C 99 -4.75 -60.21 23.52
N GLY C 100 -5.27 -61.29 22.95
CA GLY C 100 -5.05 -62.59 23.52
C GLY C 100 -5.68 -62.79 24.89
N ILE C 101 -6.92 -62.33 25.05
CA ILE C 101 -7.61 -62.38 26.33
C ILE C 101 -8.81 -63.31 26.21
N ALA C 102 -9.32 -63.72 27.36
CA ALA C 102 -10.62 -64.36 27.44
C ALA C 102 -11.66 -63.29 27.72
N VAL C 103 -12.78 -63.36 27.00
CA VAL C 103 -13.88 -62.42 27.19
C VAL C 103 -15.13 -63.20 27.54
N THR C 104 -15.90 -62.67 28.50
CA THR C 104 -17.20 -63.19 28.85
C THR C 104 -18.22 -62.07 28.68
N GLY C 105 -19.24 -62.31 27.89
CA GLY C 105 -20.25 -61.30 27.59
C GLY C 105 -21.61 -61.74 28.11
N VAL C 106 -22.36 -60.79 28.68
CA VAL C 106 -23.69 -61.04 29.18
C VAL C 106 -24.65 -60.04 28.53
N ALA C 107 -25.85 -60.52 28.18
CA ALA C 107 -26.91 -59.67 27.68
C ALA C 107 -28.25 -60.31 28.05
N VAL C 108 -29.29 -59.49 28.10
CA VAL C 108 -30.60 -59.97 28.53
C VAL C 108 -31.42 -60.39 27.32
N SER C 109 -30.78 -60.51 26.16
CA SER C 109 -31.45 -60.87 24.92
C SER C 109 -30.98 -62.25 24.46
N LYS C 110 -31.94 -63.17 24.26
CA LYS C 110 -31.60 -64.50 23.78
C LYS C 110 -31.19 -64.49 22.31
N GLU C 111 -31.81 -63.62 21.50
CA GLU C 111 -31.41 -63.48 20.11
C GLU C 111 -29.95 -63.05 20.00
N GLN C 112 -29.54 -62.06 20.81
CA GLN C 112 -28.19 -61.51 20.70
C GLN C 112 -27.14 -62.51 21.18
N ILE C 113 -27.44 -63.24 22.25
CA ILE C 113 -26.47 -64.22 22.75
C ILE C 113 -26.34 -65.38 21.78
N ALA C 114 -27.42 -65.76 21.09
CA ALA C 114 -27.30 -66.77 20.04
C ALA C 114 -26.42 -66.28 18.90
N ALA C 115 -26.57 -65.01 18.51
CA ALA C 115 -25.72 -64.45 17.47
C ALA C 115 -24.28 -64.30 17.93
N ALA C 116 -24.06 -64.02 19.22
CA ALA C 116 -22.70 -63.90 19.71
C ALA C 116 -22.03 -65.26 19.87
N ASN C 117 -22.80 -66.29 20.26
CA ASN C 117 -22.24 -67.63 20.36
C ASN C 117 -21.75 -68.14 19.01
N ARG C 118 -22.46 -67.81 17.94
CA ARG C 118 -22.01 -68.26 16.61
C ARG C 118 -20.74 -67.53 16.19
N LEU C 119 -20.48 -66.36 16.77
CA LEU C 119 -19.22 -65.67 16.53
C LEU C 119 -18.09 -66.35 17.30
N ALA C 120 -18.37 -66.81 18.51
CA ALA C 120 -17.35 -67.51 19.30
C ALA C 120 -16.89 -68.77 18.58
N ALA C 121 -17.84 -69.63 18.22
CA ALA C 121 -17.49 -70.88 17.55
C ALA C 121 -16.87 -70.62 16.18
N GLY C 122 -17.40 -69.64 15.44
CA GLY C 122 -16.98 -69.42 14.06
C GLY C 122 -15.53 -69.02 13.90
N HIS C 123 -14.90 -68.49 14.94
CA HIS C 123 -13.51 -68.05 14.87
C HIS C 123 -12.57 -68.95 15.65
N GLY C 124 -12.98 -70.18 15.95
CA GLY C 124 -12.10 -71.12 16.64
C GLY C 124 -11.63 -70.63 17.98
N LEU C 125 -12.51 -70.01 18.76
CA LEU C 125 -12.18 -69.57 20.11
C LEU C 125 -13.00 -70.34 21.13
N THR C 126 -14.31 -70.09 21.24
CA THR C 126 -15.24 -70.79 22.15
C THR C 126 -14.72 -70.97 23.58
N GLU C 127 -13.49 -71.46 23.74
CA GLU C 127 -12.90 -71.57 25.07
C GLU C 127 -12.51 -70.20 25.64
N ARG C 128 -12.25 -69.20 24.79
CA ARG C 128 -11.90 -67.86 25.26
C ARG C 128 -13.05 -66.87 25.13
N LEU C 129 -14.01 -67.11 24.24
CA LEU C 129 -15.21 -66.29 24.11
C LEU C 129 -16.39 -67.02 24.70
N THR C 130 -17.04 -66.41 25.68
CA THR C 130 -18.21 -66.96 26.37
C THR C 130 -19.31 -65.92 26.38
N PHE C 131 -20.50 -66.31 25.93
CA PHE C 131 -21.65 -65.41 25.89
C PHE C 131 -22.82 -66.10 26.59
N GLU C 132 -23.38 -65.43 27.60
CA GLU C 132 -24.48 -65.99 28.37
C GLU C 132 -25.60 -64.96 28.52
N VAL C 133 -26.81 -65.46 28.70
CA VAL C 133 -27.96 -64.60 29.00
C VAL C 133 -28.00 -64.38 30.51
N ALA C 134 -27.65 -63.17 30.94
CA ALA C 134 -27.61 -62.83 32.36
C ALA C 134 -27.93 -61.36 32.54
N ASP C 135 -28.29 -61.00 33.77
CA ASP C 135 -28.61 -59.64 34.15
C ASP C 135 -27.38 -58.98 34.75
N ALA C 136 -26.99 -57.82 34.22
CA ALA C 136 -25.89 -57.07 34.80
C ALA C 136 -26.19 -56.62 36.22
N MET C 137 -27.45 -56.27 36.50
CA MET C 137 -27.83 -55.85 37.84
C MET C 137 -27.80 -56.99 38.85
N ARG C 138 -27.68 -58.25 38.39
CA ARG C 138 -27.48 -59.42 39.25
C ARG C 138 -26.58 -60.39 38.49
N LEU C 139 -25.28 -60.09 38.47
CA LEU C 139 -24.33 -60.95 37.77
C LEU C 139 -24.19 -62.29 38.48
N PRO C 140 -24.16 -63.40 37.74
CA PRO C 140 -24.03 -64.72 38.37
C PRO C 140 -22.61 -65.07 38.79
N TYR C 141 -21.62 -64.27 38.41
CA TYR C 141 -20.24 -64.63 38.65
C TYR C 141 -19.82 -64.29 40.08
N GLU C 142 -18.71 -64.88 40.51
CA GLU C 142 -18.24 -64.69 41.87
C GLU C 142 -17.51 -63.37 42.02
N ASP C 143 -17.03 -63.10 43.24
CA ASP C 143 -16.29 -61.89 43.54
C ASP C 143 -14.88 -62.01 42.99
N GLU C 144 -14.35 -60.87 42.50
CA GLU C 144 -12.97 -60.78 42.02
C GLU C 144 -12.69 -61.84 40.96
N SER C 145 -13.51 -61.81 39.91
CA SER C 145 -13.46 -62.80 38.83
C SER C 145 -12.75 -62.31 37.58
N PHE C 146 -12.86 -61.02 37.27
CA PHE C 146 -12.35 -60.48 36.02
C PHE C 146 -11.29 -59.44 36.30
N ASP C 147 -10.27 -59.40 35.42
CA ASP C 147 -9.24 -58.38 35.53
C ASP C 147 -9.72 -57.01 35.07
N CYS C 148 -10.71 -56.97 34.17
CA CYS C 148 -11.24 -55.72 33.66
C CYS C 148 -12.62 -56.00 33.07
N ALA C 149 -13.34 -54.92 32.75
CA ALA C 149 -14.68 -55.02 32.21
C ALA C 149 -14.98 -53.74 31.45
N TRP C 150 -16.05 -53.79 30.65
CA TRP C 150 -16.56 -52.57 30.04
C TRP C 150 -18.05 -52.68 29.79
N ALA C 151 -18.72 -51.53 29.79
CA ALA C 151 -20.14 -51.40 29.51
C ALA C 151 -20.27 -50.37 28.39
N ILE C 152 -20.29 -50.87 27.15
CA ILE C 152 -20.28 -50.01 25.97
C ILE C 152 -21.72 -49.70 25.61
N GLU C 153 -22.18 -48.52 26.02
CA GLU C 153 -23.50 -48.01 25.67
C GLU C 153 -24.61 -48.97 26.12
N SER C 154 -24.42 -49.59 27.29
CA SER C 154 -25.39 -50.52 27.83
C SER C 154 -25.99 -50.10 29.16
N LEU C 155 -25.39 -49.16 29.89
CA LEU C 155 -25.89 -48.79 31.21
C LEU C 155 -27.21 -48.02 31.14
N CYS C 156 -27.55 -47.43 30.00
CA CYS C 156 -28.80 -46.69 29.87
C CYS C 156 -30.02 -47.60 29.98
N HIS C 157 -29.85 -48.92 29.78
CA HIS C 157 -30.92 -49.88 29.94
C HIS C 157 -31.03 -50.41 31.37
N MET C 158 -30.13 -50.01 32.26
CA MET C 158 -30.02 -50.65 33.57
C MET C 158 -30.28 -49.65 34.68
N ASP C 159 -30.39 -50.19 35.89
CA ASP C 159 -30.26 -49.39 37.11
C ASP C 159 -28.77 -49.23 37.37
N ARG C 160 -28.27 -48.00 37.26
CA ARG C 160 -26.83 -47.79 37.17
C ARG C 160 -26.10 -48.15 38.48
N ALA C 161 -26.65 -47.79 39.65
CA ALA C 161 -25.96 -48.15 40.90
C ALA C 161 -25.87 -49.65 41.08
N LYS C 162 -26.97 -50.36 40.82
CA LYS C 162 -26.95 -51.81 40.94
C LYS C 162 -25.94 -52.40 39.97
N ALA C 163 -26.01 -52.01 38.70
CA ALA C 163 -25.07 -52.54 37.71
C ALA C 163 -23.63 -52.19 38.09
N LEU C 164 -23.38 -50.94 38.51
CA LEU C 164 -22.01 -50.54 38.83
C LEU C 164 -21.49 -51.22 40.08
N GLY C 165 -22.33 -51.37 41.11
CA GLY C 165 -21.91 -52.11 42.28
C GLY C 165 -21.63 -53.56 41.96
N GLU C 166 -22.43 -54.15 41.07
CA GLU C 166 -22.22 -55.53 40.68
C GLU C 166 -20.90 -55.68 39.93
N ALA C 167 -20.62 -54.77 38.99
CA ALA C 167 -19.36 -54.81 38.27
C ALA C 167 -18.18 -54.63 39.20
N TRP C 168 -18.35 -53.81 40.24
CA TRP C 168 -17.27 -53.62 41.21
C TRP C 168 -17.01 -54.90 42.00
N ARG C 169 -18.07 -55.69 42.27
CA ARG C 169 -17.89 -56.93 43.00
C ARG C 169 -17.10 -57.96 42.20
N VAL C 170 -17.45 -58.13 40.91
CA VAL C 170 -16.79 -59.15 40.10
C VAL C 170 -15.40 -58.74 39.63
N LEU C 171 -15.00 -57.50 39.85
CA LEU C 171 -13.70 -57.03 39.42
C LEU C 171 -12.64 -57.29 40.48
N LYS C 172 -11.48 -57.76 40.03
CA LYS C 172 -10.35 -57.90 40.92
C LYS C 172 -9.87 -56.53 41.40
N PRO C 173 -9.32 -56.44 42.61
CA PRO C 173 -8.82 -55.15 43.11
C PRO C 173 -7.68 -54.64 42.25
N GLY C 174 -7.82 -53.43 41.73
CA GLY C 174 -6.84 -52.84 40.86
C GLY C 174 -7.23 -52.84 39.39
N GLY C 175 -8.32 -53.53 39.02
CA GLY C 175 -8.77 -53.57 37.65
C GLY C 175 -9.63 -52.38 37.28
N ASP C 176 -9.81 -52.20 35.98
CA ASP C 176 -10.47 -51.03 35.43
C ASP C 176 -11.80 -51.42 34.78
N LEU C 177 -12.75 -50.49 34.81
CA LEU C 177 -14.04 -50.61 34.14
C LEU C 177 -14.19 -49.46 33.16
N LEU C 178 -14.19 -49.77 31.87
CA LEU C 178 -14.44 -48.76 30.85
C LEU C 178 -15.95 -48.59 30.66
N VAL C 179 -16.42 -47.35 30.70
CA VAL C 179 -17.84 -47.07 30.63
C VAL C 179 -18.08 -46.05 29.53
N LEU C 180 -19.07 -46.31 28.68
CA LEU C 180 -19.44 -45.40 27.60
C LEU C 180 -20.89 -44.99 27.85
N GLU C 181 -21.06 -43.83 28.49
CA GLU C 181 -22.34 -43.42 29.07
C GLU C 181 -22.72 -42.04 28.57
N SER C 182 -24.02 -41.76 28.59
CA SER C 182 -24.56 -40.46 28.26
C SER C 182 -25.04 -39.74 29.52
N VAL C 183 -25.17 -38.42 29.41
CA VAL C 183 -25.45 -37.55 30.54
C VAL C 183 -26.23 -36.34 30.02
N VAL C 184 -27.14 -35.82 30.86
CA VAL C 184 -27.90 -34.63 30.51
C VAL C 184 -27.16 -33.38 30.95
N THR C 185 -27.17 -32.36 30.09
CA THR C 185 -26.67 -31.04 30.43
C THR C 185 -27.79 -30.04 30.72
N GLU C 186 -29.00 -30.31 30.21
CA GLU C 186 -30.19 -29.55 30.56
C GLU C 186 -30.94 -30.29 31.67
N GLU C 187 -32.15 -30.78 31.38
CA GLU C 187 -32.94 -31.45 32.39
C GLU C 187 -34.08 -32.27 31.79
N LEU C 188 -34.37 -32.03 30.51
CA LEU C 188 -35.33 -32.79 29.73
C LEU C 188 -36.79 -32.54 30.13
N THR C 189 -37.62 -32.22 29.15
CA THR C 189 -39.06 -32.18 29.37
C THR C 189 -39.61 -33.61 29.46
N GLU C 190 -40.86 -33.72 29.92
CA GLU C 190 -41.47 -35.03 30.07
C GLU C 190 -41.67 -35.74 28.73
N PRO C 191 -42.03 -35.03 27.63
CA PRO C 191 -42.01 -35.70 26.33
C PRO C 191 -40.65 -36.23 25.95
N GLU C 192 -39.58 -35.48 26.23
CA GLU C 192 -38.24 -35.94 25.92
C GLU C 192 -37.87 -37.17 26.72
N THR C 193 -38.26 -37.22 27.99
CA THR C 193 -38.00 -38.40 28.82
C THR C 193 -38.78 -39.60 28.31
N ALA C 194 -40.02 -39.39 27.86
CA ALA C 194 -40.82 -40.50 27.35
C ALA C 194 -40.32 -41.00 26.01
N LEU C 195 -39.83 -40.09 25.16
CA LEU C 195 -39.26 -40.51 23.89
C LEU C 195 -38.08 -41.46 24.08
N PHE C 196 -37.41 -41.39 25.23
CA PHE C 196 -36.34 -42.33 25.52
C PHE C 196 -36.87 -43.76 25.61
N GLU C 197 -37.96 -43.95 26.35
CA GLU C 197 -38.48 -45.31 26.53
C GLU C 197 -39.13 -45.84 25.26
N THR C 198 -39.90 -45.01 24.56
CA THR C 198 -40.67 -45.50 23.42
C THR C 198 -39.80 -45.79 22.21
N LEU C 199 -38.68 -45.08 22.04
CA LEU C 199 -37.81 -45.31 20.89
C LEU C 199 -36.78 -46.41 21.16
N TYR C 200 -35.98 -46.24 22.22
CA TYR C 200 -34.97 -47.22 22.62
C TYR C 200 -35.17 -47.52 24.10
N ALA C 201 -35.80 -48.66 24.41
CA ALA C 201 -36.13 -49.06 25.77
C ALA C 201 -34.99 -48.81 26.76
N ALA C 202 -34.80 -47.54 27.14
CA ALA C 202 -33.73 -47.17 28.04
C ALA C 202 -34.23 -46.12 29.03
N ASN C 203 -33.47 -45.97 30.12
CA ASN C 203 -33.76 -44.95 31.11
C ASN C 203 -33.20 -43.59 30.66
N VAL C 204 -33.68 -42.53 31.30
CA VAL C 204 -33.14 -41.21 30.99
C VAL C 204 -31.74 -41.09 31.58
N PRO C 205 -30.81 -40.43 30.89
CA PRO C 205 -29.46 -40.32 31.45
C PRO C 205 -29.45 -39.44 32.68
N PRO C 206 -28.54 -39.68 33.61
CA PRO C 206 -28.42 -38.83 34.80
C PRO C 206 -27.58 -37.60 34.48
N ARG C 207 -27.46 -36.72 35.46
CA ARG C 207 -26.57 -35.59 35.34
C ARG C 207 -25.13 -36.03 35.56
N LEU C 208 -24.19 -35.13 35.26
CA LEU C 208 -22.77 -35.46 35.36
C LEU C 208 -22.37 -35.72 36.81
N GLY C 209 -22.62 -34.76 37.70
CA GLY C 209 -22.32 -34.96 39.10
C GLY C 209 -23.08 -36.13 39.69
N GLU C 210 -24.36 -36.26 39.34
CA GLU C 210 -25.16 -37.40 39.81
C GLU C 210 -24.51 -38.72 39.39
N PHE C 211 -24.10 -38.82 38.13
CA PHE C 211 -23.48 -40.05 37.64
C PHE C 211 -22.22 -40.39 38.43
N PHE C 212 -21.39 -39.39 38.72
CA PHE C 212 -20.16 -39.66 39.45
C PHE C 212 -20.40 -39.85 40.94
N ASP C 213 -21.50 -39.35 41.47
CA ASP C 213 -21.89 -39.75 42.82
C ASP C 213 -22.25 -41.23 42.85
N ILE C 214 -22.87 -41.72 41.76
CA ILE C 214 -23.19 -43.14 41.68
C ILE C 214 -21.93 -43.96 41.49
N VAL C 215 -21.00 -43.47 40.67
CA VAL C 215 -19.72 -44.17 40.49
C VAL C 215 -18.95 -44.19 41.82
N SER C 216 -18.96 -43.07 42.54
CA SER C 216 -18.30 -43.01 43.85
C SER C 216 -18.88 -44.05 44.80
N GLY C 217 -20.22 -44.06 44.95
CA GLY C 217 -20.83 -44.96 45.91
C GLY C 217 -20.58 -46.43 45.63
N ALA C 218 -20.37 -46.77 44.35
CA ALA C 218 -20.02 -48.15 44.02
C ALA C 218 -18.57 -48.49 44.36
N GLY C 219 -17.75 -47.48 44.63
CA GLY C 219 -16.39 -47.71 45.07
C GLY C 219 -15.31 -47.52 44.03
N PHE C 220 -15.64 -46.93 42.88
CA PHE C 220 -14.66 -46.72 41.84
C PHE C 220 -13.92 -45.40 42.04
N HIS C 221 -12.72 -45.34 41.46
CA HIS C 221 -12.00 -44.09 41.26
C HIS C 221 -12.07 -43.72 39.79
N THR C 222 -12.37 -42.46 39.50
CA THR C 222 -12.45 -42.00 38.12
C THR C 222 -11.06 -41.60 37.64
N LEU C 223 -10.57 -42.28 36.60
CA LEU C 223 -9.24 -42.02 36.06
C LEU C 223 -9.25 -41.18 34.79
N SER C 224 -10.31 -41.26 33.99
CA SER C 224 -10.35 -40.53 32.73
C SER C 224 -11.79 -40.30 32.30
N LEU C 225 -12.00 -39.24 31.54
CA LEU C 225 -13.26 -38.98 30.86
C LEU C 225 -12.93 -38.29 29.54
N LYS C 226 -13.60 -38.71 28.47
CA LYS C 226 -13.37 -38.11 27.16
C LYS C 226 -14.67 -38.00 26.40
N ASP C 227 -14.97 -36.78 25.95
CA ASP C 227 -16.22 -36.52 25.25
C ASP C 227 -16.20 -37.13 23.85
N LEU C 228 -17.22 -37.92 23.53
CA LEU C 228 -17.40 -38.49 22.20
C LEU C 228 -18.77 -38.13 21.64
N SER C 229 -19.30 -36.98 22.08
CA SER C 229 -20.67 -36.61 21.76
C SER C 229 -20.88 -36.47 20.25
N ALA C 230 -19.88 -35.93 19.55
CA ALA C 230 -20.02 -35.76 18.10
C ALA C 230 -20.13 -37.10 17.39
N ASN C 231 -19.40 -38.12 17.88
CA ASN C 231 -19.52 -39.45 17.30
C ASN C 231 -20.94 -39.98 17.44
N LEU C 232 -21.52 -39.86 18.64
CA LEU C 232 -22.91 -40.24 18.83
C LEU C 232 -23.84 -39.43 17.93
N ALA C 233 -23.55 -38.14 17.77
CA ALA C 233 -24.39 -37.31 16.92
C ALA C 233 -24.36 -37.79 15.48
N MET C 234 -23.16 -38.08 14.96
CA MET C 234 -23.05 -38.58 13.59
C MET C 234 -23.68 -39.96 13.45
N THR C 235 -23.49 -40.81 14.45
CA THR C 235 -24.06 -42.15 14.40
C THR C 235 -25.58 -42.09 14.35
N MET C 236 -26.17 -41.12 15.07
CA MET C 236 -27.62 -41.00 15.05
C MET C 236 -28.12 -40.41 13.73
N ASN C 237 -27.34 -39.55 13.09
CA ASN C 237 -27.69 -39.09 11.74
C ASN C 237 -27.62 -40.23 10.74
N VAL C 238 -26.61 -41.11 10.86
CA VAL C 238 -26.54 -42.29 10.01
C VAL C 238 -27.75 -43.19 10.24
N PHE C 239 -28.11 -43.40 11.50
CA PHE C 239 -29.28 -44.22 11.82
C PHE C 239 -30.56 -43.61 11.25
N ALA C 240 -30.71 -42.29 11.34
CA ALA C 240 -31.92 -41.64 10.85
C ALA C 240 -32.01 -41.70 9.33
N LEU C 241 -30.90 -41.46 8.62
CA LEU C 241 -30.93 -41.51 7.16
C LEU C 241 -31.29 -42.91 6.69
N GLY C 242 -30.81 -43.94 7.38
CA GLY C 242 -31.14 -45.30 7.01
C GLY C 242 -32.60 -45.63 7.23
N VAL C 243 -33.13 -45.30 8.41
CA VAL C 243 -34.52 -45.60 8.71
C VAL C 243 -35.45 -44.84 7.77
N TYR C 244 -35.13 -43.57 7.51
CA TYR C 244 -35.96 -42.76 6.63
C TYR C 244 -35.90 -43.26 5.19
N SER C 245 -34.70 -43.35 4.62
CA SER C 245 -34.55 -43.75 3.23
C SER C 245 -34.94 -45.20 2.99
N ARG C 246 -35.06 -46.00 4.05
CA ARG C 246 -35.53 -47.38 3.94
C ARG C 246 -36.72 -47.56 4.89
N ARG C 247 -37.86 -47.01 4.51
CA ARG C 247 -39.06 -47.16 5.32
C ARG C 247 -39.85 -48.41 4.94
N ALA C 248 -39.79 -48.82 3.68
CA ALA C 248 -40.58 -49.95 3.23
C ALA C 248 -40.01 -51.26 3.75
N GLU C 249 -38.70 -51.47 3.55
CA GLU C 249 -38.07 -52.69 4.01
C GLU C 249 -38.18 -52.86 5.52
N PHE C 250 -38.10 -51.75 6.26
CA PHE C 250 -38.12 -51.84 7.72
C PHE C 250 -39.53 -52.10 8.25
N THR C 251 -40.55 -51.50 7.63
CA THR C 251 -41.92 -51.80 8.03
C THR C 251 -42.25 -53.27 7.78
N GLU C 252 -41.75 -53.83 6.69
CA GLU C 252 -42.03 -55.22 6.36
C GLU C 252 -41.33 -56.17 7.34
N ARG C 253 -40.20 -55.76 7.91
CA ARG C 253 -39.43 -56.62 8.79
C ARG C 253 -39.74 -56.41 10.26
N PHE C 254 -40.06 -55.18 10.67
CA PHE C 254 -40.31 -54.87 12.07
C PHE C 254 -41.74 -54.46 12.36
N GLY C 255 -42.59 -54.32 11.34
CA GLY C 255 -43.94 -53.83 11.54
C GLY C 255 -44.04 -52.32 11.34
N ALA C 256 -45.26 -51.86 11.09
CA ALA C 256 -45.48 -50.44 10.82
C ALA C 256 -45.42 -49.61 12.11
N GLU C 257 -45.90 -50.15 13.22
CA GLU C 257 -45.94 -49.40 14.46
C GLU C 257 -44.54 -49.01 14.94
N PHE C 258 -43.59 -49.96 14.85
CA PHE C 258 -42.23 -49.68 15.29
C PHE C 258 -41.56 -48.63 14.40
N VAL C 259 -41.67 -48.81 13.08
CA VAL C 259 -40.99 -47.90 12.16
C VAL C 259 -41.64 -46.52 12.21
N ASP C 260 -42.98 -46.47 12.19
CA ASP C 260 -43.67 -45.19 12.30
C ASP C 260 -43.29 -44.48 13.59
N GLY C 261 -43.06 -45.23 14.68
CA GLY C 261 -42.58 -44.61 15.90
C GLY C 261 -41.20 -44.00 15.77
N LEU C 262 -40.33 -44.63 14.98
CA LEU C 262 -39.01 -44.06 14.73
C LEU C 262 -39.11 -42.83 13.83
N LEU C 263 -39.86 -42.93 12.74
CA LEU C 263 -39.95 -41.81 11.80
C LEU C 263 -40.53 -40.57 12.45
N ALA C 264 -41.37 -40.73 13.46
CA ALA C 264 -42.00 -39.61 14.13
C ALA C 264 -41.20 -39.12 15.34
N GLY C 265 -40.21 -39.87 15.80
CA GLY C 265 -39.52 -39.51 17.02
C GLY C 265 -38.05 -39.22 16.87
N LEU C 266 -37.45 -39.70 15.76
CA LEU C 266 -36.02 -39.52 15.57
C LEU C 266 -35.64 -38.05 15.41
N GLY C 267 -36.53 -37.23 14.86
CA GLY C 267 -36.22 -35.82 14.73
C GLY C 267 -36.18 -35.11 16.07
N SER C 268 -37.15 -35.41 16.95
CA SER C 268 -37.15 -34.81 18.27
C SER C 268 -36.05 -35.40 19.15
N ALA C 269 -35.73 -36.68 18.98
CA ALA C 269 -34.64 -37.28 19.73
C ALA C 269 -33.29 -36.72 19.31
N GLN C 270 -33.15 -36.34 18.03
CA GLN C 270 -31.87 -35.83 17.54
C GLN C 270 -31.60 -34.43 18.06
N GLU C 271 -32.62 -33.57 18.07
CA GLU C 271 -32.45 -32.22 18.59
C GLU C 271 -32.21 -32.23 20.09
N THR C 272 -32.89 -33.13 20.81
CA THR C 272 -32.66 -33.28 22.25
C THR C 272 -31.26 -33.81 22.52
N LEU C 273 -30.78 -34.72 21.67
CA LEU C 273 -29.40 -35.19 21.78
C LEU C 273 -28.42 -34.04 21.57
N ILE C 274 -28.65 -33.23 20.54
CA ILE C 274 -27.73 -32.15 20.20
C ILE C 274 -27.67 -31.11 21.31
N ARG C 275 -28.82 -30.73 21.85
CA ARG C 275 -28.92 -29.54 22.68
C ARG C 275 -28.90 -29.81 24.17
N LYS C 276 -29.20 -31.04 24.62
CA LYS C 276 -29.39 -31.29 26.04
C LYS C 276 -28.64 -32.48 26.59
N THR C 277 -27.82 -33.18 25.78
CA THR C 277 -27.12 -34.36 26.24
C THR C 277 -25.66 -34.31 25.81
N ARG C 278 -24.82 -35.08 26.53
CA ARG C 278 -23.45 -35.33 26.12
C ARG C 278 -23.11 -36.80 26.36
N PHE C 279 -22.13 -37.29 25.62
CA PHE C 279 -21.79 -38.71 25.58
C PHE C 279 -20.29 -38.82 25.69
N PHE C 280 -19.82 -39.72 26.55
CA PHE C 280 -18.39 -39.76 26.83
C PHE C 280 -17.95 -41.19 27.10
N MET C 281 -16.64 -41.37 27.11
CA MET C 281 -15.99 -42.58 27.56
C MET C 281 -15.22 -42.27 28.85
N ALA C 282 -15.45 -43.09 29.88
CA ALA C 282 -14.80 -42.90 31.16
C ALA C 282 -14.14 -44.18 31.63
N THR C 283 -13.01 -44.04 32.32
CA THR C 283 -12.29 -45.18 32.89
C THR C 283 -12.47 -45.14 34.41
N LEU C 284 -12.92 -46.25 34.97
CA LEU C 284 -13.24 -46.35 36.39
C LEU C 284 -12.38 -47.43 37.00
N ARG C 285 -11.62 -47.09 38.05
CA ARG C 285 -10.73 -48.05 38.69
C ARG C 285 -11.30 -48.50 40.03
N LYS C 286 -11.39 -49.80 40.21
CA LYS C 286 -11.58 -50.38 41.54
C LYS C 286 -10.24 -50.35 42.26
N PRO C 287 -10.13 -49.66 43.40
CA PRO C 287 -8.81 -49.44 43.99
C PRO C 287 -8.10 -50.72 44.38
N ALA C 288 -6.78 -50.72 44.23
CA ALA C 288 -5.97 -51.84 44.67
C ALA C 288 -5.92 -51.88 46.20
N VAL C 289 -5.34 -52.95 46.72
CA VAL C 289 -5.28 -53.15 48.16
C VAL C 289 -4.32 -52.14 48.77
N LEU C 290 -4.75 -51.49 49.84
CA LEU C 290 -3.93 -50.49 50.51
C LEU C 290 -2.70 -51.13 51.14
N GLN D 10 -35.00 -48.02 36.21
CA GLN D 10 -35.94 -47.14 36.90
C GLN D 10 -37.18 -46.89 36.05
N GLN D 11 -37.02 -47.05 34.75
CA GLN D 11 -38.08 -46.84 33.77
C GLN D 11 -38.44 -48.09 32.99
N VAL D 12 -37.48 -49.00 32.79
CA VAL D 12 -37.68 -50.26 32.09
C VAL D 12 -37.04 -51.37 32.91
N THR D 13 -37.48 -52.60 32.64
CA THR D 13 -36.97 -53.78 33.31
C THR D 13 -36.06 -54.58 32.38
N ALA D 14 -35.27 -55.45 32.97
CA ALA D 14 -34.33 -56.25 32.20
C ALA D 14 -35.04 -57.11 31.16
N ASP D 15 -36.23 -57.62 31.50
CA ASP D 15 -37.00 -58.42 30.55
C ASP D 15 -37.53 -57.56 29.41
N GLU D 16 -37.97 -56.34 29.70
CA GLU D 16 -38.44 -55.43 28.65
C GLU D 16 -37.32 -55.09 27.68
N VAL D 17 -36.12 -54.82 28.20
CA VAL D 17 -34.99 -54.50 27.32
C VAL D 17 -34.60 -55.71 26.48
N GLY D 18 -34.62 -56.90 27.08
CA GLY D 18 -34.27 -58.09 26.34
C GLY D 18 -35.25 -58.40 25.23
N ASP D 19 -36.55 -58.29 25.51
CA ASP D 19 -37.55 -58.49 24.47
C ASP D 19 -37.45 -57.43 23.38
N TRP D 20 -36.93 -56.24 23.71
CA TRP D 20 -36.80 -55.20 22.70
C TRP D 20 -35.70 -55.53 21.70
N TYR D 21 -34.57 -56.06 22.18
CA TYR D 21 -33.50 -56.43 21.26
C TYR D 21 -33.77 -57.75 20.56
N ASP D 22 -34.64 -58.60 21.12
CA ASP D 22 -35.08 -59.78 20.37
C ASP D 22 -35.94 -59.38 19.19
N LYS D 23 -36.73 -58.32 19.33
CA LYS D 23 -37.66 -57.89 18.30
C LYS D 23 -37.03 -56.92 17.30
N PHE D 24 -36.17 -56.03 17.76
CA PHE D 24 -35.69 -54.94 16.93
C PHE D 24 -34.18 -54.75 16.94
N GLY D 25 -33.43 -55.62 17.62
CA GLY D 25 -31.98 -55.44 17.69
C GLY D 25 -31.32 -55.38 16.34
N GLU D 26 -31.93 -56.02 15.33
CA GLU D 26 -31.39 -56.06 13.98
C GLU D 26 -31.59 -54.78 13.21
N VAL D 27 -32.34 -53.81 13.75
CA VAL D 27 -32.42 -52.51 13.08
C VAL D 27 -31.13 -51.74 13.28
N TYR D 28 -30.37 -52.04 14.34
CA TYR D 28 -29.07 -51.42 14.51
C TYR D 28 -28.04 -52.02 13.56
N HIS D 29 -28.17 -53.30 13.24
CA HIS D 29 -27.24 -53.95 12.33
C HIS D 29 -27.51 -53.60 10.87
N LEU D 30 -28.78 -53.40 10.50
CA LEU D 30 -29.10 -53.00 9.14
C LEU D 30 -28.64 -51.58 8.84
N THR D 31 -28.55 -50.73 9.86
CA THR D 31 -28.25 -49.30 9.69
C THR D 31 -26.84 -48.91 10.10
N LEU D 32 -26.31 -49.45 11.20
CA LEU D 32 -25.05 -48.99 11.75
C LEU D 32 -23.88 -49.93 11.51
N GLY D 33 -24.12 -51.21 11.28
CA GLY D 33 -23.04 -52.11 10.94
C GLY D 33 -23.10 -53.39 11.76
N GLU D 34 -21.97 -54.06 11.84
CA GLU D 34 -21.88 -55.36 12.50
C GLU D 34 -21.82 -55.24 14.03
N SER D 35 -21.92 -54.03 14.57
CA SER D 35 -21.88 -53.81 16.00
C SER D 35 -23.11 -53.01 16.41
N VAL D 36 -23.28 -52.83 17.71
CA VAL D 36 -24.39 -52.06 18.26
C VAL D 36 -23.83 -50.92 19.09
N HIS D 37 -22.99 -50.09 18.46
CA HIS D 37 -22.43 -48.92 19.15
C HIS D 37 -22.08 -47.86 18.12
N CYS D 38 -21.54 -46.74 18.62
CA CYS D 38 -21.24 -45.59 17.78
C CYS D 38 -20.07 -45.88 16.86
N GLY D 39 -20.02 -45.11 15.77
CA GLY D 39 -18.83 -45.10 14.93
C GLY D 39 -17.85 -44.02 15.39
N LEU D 40 -16.56 -44.29 15.15
CA LEU D 40 -15.53 -43.29 15.39
C LEU D 40 -15.39 -42.42 14.14
N TRP D 41 -16.37 -41.54 13.96
CA TRP D 41 -16.40 -40.68 12.78
C TRP D 41 -15.41 -39.52 12.87
N PHE D 42 -15.00 -39.14 14.07
CA PHE D 42 -13.97 -38.12 14.24
C PHE D 42 -12.79 -38.74 14.98
N PRO D 43 -11.56 -38.42 14.57
CA PRO D 43 -10.40 -38.97 15.26
C PRO D 43 -10.37 -38.51 16.69
N PRO D 44 -9.83 -39.33 17.59
CA PRO D 44 -9.81 -38.96 19.01
C PRO D 44 -9.10 -37.63 19.30
N ASP D 45 -8.13 -37.25 18.48
CA ASP D 45 -7.38 -36.01 18.71
C ASP D 45 -8.06 -34.78 18.13
N ALA D 46 -9.26 -34.93 17.59
CA ALA D 46 -10.02 -33.82 17.03
C ALA D 46 -10.70 -33.03 18.15
N PRO D 47 -10.89 -31.73 17.96
CA PRO D 47 -11.56 -30.93 18.99
C PRO D 47 -13.05 -31.19 19.02
N VAL D 48 -13.61 -31.12 20.21
CA VAL D 48 -15.06 -31.11 20.41
C VAL D 48 -15.61 -29.89 19.67
N PRO D 49 -16.53 -30.07 18.71
CA PRO D 49 -17.00 -28.94 17.92
C PRO D 49 -17.79 -27.94 18.75
N GLN D 50 -18.09 -26.79 18.14
CA GLN D 50 -18.86 -25.77 18.83
C GLN D 50 -20.33 -26.14 18.91
N ASP D 51 -20.86 -26.78 17.87
CA ASP D 51 -22.24 -27.25 17.82
C ASP D 51 -22.24 -28.70 17.39
N MET D 52 -23.35 -29.38 17.69
CA MET D 52 -23.59 -30.73 17.22
C MET D 52 -24.44 -30.76 15.94
N GLU D 53 -24.68 -29.60 15.34
CA GLU D 53 -25.42 -29.55 14.08
C GLU D 53 -24.65 -30.29 13.00
N LEU D 54 -25.40 -30.85 12.04
CA LEU D 54 -24.78 -31.67 11.01
C LEU D 54 -23.82 -30.86 10.16
N VAL D 55 -24.21 -29.65 9.77
CA VAL D 55 -23.32 -28.82 8.94
C VAL D 55 -22.06 -28.45 9.70
N THR D 56 -22.17 -28.26 11.02
CA THR D 56 -21.00 -27.94 11.83
C THR D 56 -20.00 -29.08 11.84
N MET D 57 -20.47 -30.27 12.23
CA MET D 57 -19.61 -31.45 12.22
C MET D 57 -19.02 -31.70 10.84
N SER D 58 -19.85 -31.58 9.80
CA SER D 58 -19.39 -31.81 8.44
C SER D 58 -18.32 -30.80 8.05
N SER D 59 -18.46 -29.55 8.54
CA SER D 59 -17.48 -28.53 8.20
C SER D 59 -16.12 -28.86 8.80
N GLN D 60 -16.08 -29.34 10.04
CA GLN D 60 -14.81 -29.73 10.63
C GLN D 60 -14.16 -30.86 9.82
N ALA D 61 -14.97 -31.79 9.33
CA ALA D 61 -14.43 -32.84 8.46
C ALA D 61 -13.92 -32.26 7.16
N GLN D 62 -14.51 -31.16 6.69
CA GLN D 62 -14.00 -30.48 5.50
C GLN D 62 -12.63 -29.87 5.76
N ASP D 63 -12.45 -29.26 6.93
CA ASP D 63 -11.15 -28.67 7.26
C ASP D 63 -10.08 -29.74 7.36
N ARG D 64 -10.37 -30.84 8.06
CA ARG D 64 -9.44 -31.95 8.14
C ARG D 64 -9.12 -32.51 6.75
N TYR D 65 -10.12 -32.50 5.86
CA TYR D 65 -9.91 -32.83 4.46
C TYR D 65 -8.92 -31.85 3.81
N THR D 66 -9.10 -30.54 4.05
CA THR D 66 -8.17 -29.56 3.51
C THR D 66 -6.78 -29.75 4.11
N ASP D 67 -6.69 -30.03 5.41
CA ASP D 67 -5.39 -30.25 6.03
C ASP D 67 -4.65 -31.40 5.35
N TYR D 68 -5.39 -32.45 4.97
CA TYR D 68 -4.74 -33.60 4.35
C TYR D 68 -4.23 -33.26 2.95
N LEU D 69 -4.96 -32.42 2.23
CA LEU D 69 -4.51 -31.99 0.90
C LEU D 69 -3.26 -31.13 1.00
N ILE D 70 -3.26 -30.18 1.93
CA ILE D 70 -2.05 -29.37 2.17
C ILE D 70 -0.87 -30.27 2.49
N GLU D 71 -1.08 -31.26 3.36
CA GLU D 71 0.00 -32.17 3.71
C GLU D 71 0.41 -33.03 2.53
N THR D 72 -0.54 -33.38 1.65
CA THR D 72 -0.23 -34.21 0.50
C THR D 72 0.51 -33.42 -0.57
N LEU D 73 -0.02 -32.25 -0.94
CA LEU D 73 0.66 -31.45 -1.96
C LEU D 73 1.95 -30.85 -1.42
N ASP D 74 1.96 -30.46 -0.15
CA ASP D 74 3.13 -29.96 0.56
C ASP D 74 3.70 -28.70 -0.09
N PRO D 75 2.94 -27.59 -0.13
CA PRO D 75 3.51 -26.35 -0.67
C PRO D 75 4.49 -25.72 0.32
N LYS D 76 5.61 -25.23 -0.21
CA LYS D 76 6.66 -24.65 0.60
C LYS D 76 6.44 -23.14 0.73
N ALA D 77 6.97 -22.58 1.82
CA ALA D 77 6.80 -21.16 2.07
C ALA D 77 7.37 -20.32 0.94
N GLY D 78 6.68 -19.24 0.60
CA GLY D 78 7.10 -18.37 -0.48
C GLY D 78 6.59 -18.74 -1.85
N GLN D 79 6.02 -19.93 -2.02
CA GLN D 79 5.56 -20.37 -3.32
C GLN D 79 4.21 -19.73 -3.65
N HIS D 80 3.83 -19.83 -4.93
CA HIS D 80 2.57 -19.31 -5.42
C HIS D 80 1.75 -20.48 -5.94
N LEU D 81 0.55 -20.66 -5.38
CA LEU D 81 -0.31 -21.78 -5.71
C LEU D 81 -1.52 -21.30 -6.49
N LEU D 82 -1.94 -22.09 -7.48
CA LEU D 82 -3.12 -21.80 -8.28
C LEU D 82 -4.24 -22.74 -7.87
N ASP D 83 -5.38 -22.17 -7.47
CA ASP D 83 -6.55 -22.95 -7.08
C ASP D 83 -7.52 -22.96 -8.26
N ILE D 84 -7.63 -24.12 -8.91
CA ILE D 84 -8.47 -24.28 -10.08
C ILE D 84 -9.87 -24.71 -9.62
N GLY D 85 -10.83 -23.80 -9.73
CA GLY D 85 -12.16 -24.07 -9.22
C GLY D 85 -12.25 -23.88 -7.72
N CYS D 86 -11.93 -22.65 -7.28
CA CYS D 86 -11.60 -22.37 -5.89
C CYS D 86 -12.81 -22.23 -4.97
N GLY D 87 -14.01 -22.13 -5.52
CA GLY D 87 -15.17 -21.94 -4.65
C GLY D 87 -15.08 -20.64 -3.88
N THR D 88 -15.47 -20.70 -2.60
CA THR D 88 -15.53 -19.51 -1.75
C THR D 88 -14.23 -19.24 -0.99
N GLY D 89 -13.16 -19.99 -1.26
CA GLY D 89 -11.82 -19.58 -0.91
C GLY D 89 -11.25 -20.14 0.39
N ARG D 90 -12.03 -20.86 1.19
CA ARG D 90 -11.53 -21.29 2.49
C ARG D 90 -10.31 -22.19 2.34
N THR D 91 -10.33 -23.08 1.34
CA THR D 91 -9.18 -23.94 1.08
C THR D 91 -7.92 -23.11 0.83
N ALA D 92 -8.04 -22.08 -0.02
CA ALA D 92 -6.91 -21.21 -0.30
C ALA D 92 -6.45 -20.48 0.96
N LEU D 93 -7.40 -20.07 1.81
CA LEU D 93 -7.05 -19.34 3.02
C LEU D 93 -6.25 -20.21 3.98
N LYS D 94 -6.69 -21.44 4.21
CA LYS D 94 -6.01 -22.30 5.18
C LYS D 94 -4.64 -22.72 4.65
N ALA D 95 -4.53 -22.94 3.34
CA ALA D 95 -3.23 -23.27 2.78
C ALA D 95 -2.26 -22.11 2.90
N ALA D 96 -2.74 -20.88 2.73
CA ALA D 96 -1.88 -19.71 2.87
C ALA D 96 -1.49 -19.47 4.33
N ARG D 97 -2.42 -19.68 5.26
CA ARG D 97 -2.10 -19.50 6.67
C ARG D 97 -1.09 -20.52 7.15
N GLN D 98 -1.26 -21.78 6.74
CA GLN D 98 -0.45 -22.85 7.31
C GLN D 98 0.94 -22.92 6.70
N ARG D 99 1.10 -22.52 5.45
CA ARG D 99 2.37 -22.71 4.75
C ARG D 99 3.07 -21.42 4.36
N GLY D 100 2.44 -20.26 4.57
CA GLY D 100 3.06 -19.01 4.18
C GLY D 100 3.27 -18.89 2.68
N ILE D 101 2.20 -19.07 1.92
CA ILE D 101 2.25 -19.06 0.47
C ILE D 101 1.26 -18.04 -0.04
N ALA D 102 1.43 -17.66 -1.32
CA ALA D 102 0.46 -16.86 -2.03
C ALA D 102 -0.41 -17.79 -2.88
N VAL D 103 -1.71 -17.51 -2.88
CA VAL D 103 -2.67 -18.35 -3.60
C VAL D 103 -3.46 -17.48 -4.57
N THR D 104 -3.68 -18.01 -5.76
CA THR D 104 -4.54 -17.39 -6.76
C THR D 104 -5.61 -18.41 -7.12
N GLY D 105 -6.87 -18.06 -6.86
CA GLY D 105 -7.99 -18.95 -7.11
C GLY D 105 -8.89 -18.40 -8.20
N VAL D 106 -9.35 -19.30 -9.08
CA VAL D 106 -10.23 -18.93 -10.18
C VAL D 106 -11.51 -19.75 -10.10
N ALA D 107 -12.62 -19.15 -10.52
CA ALA D 107 -13.92 -19.81 -10.51
C ALA D 107 -14.85 -19.08 -11.47
N VAL D 108 -15.79 -19.83 -12.06
CA VAL D 108 -16.73 -19.27 -13.03
C VAL D 108 -17.92 -18.59 -12.36
N SER D 109 -18.03 -18.64 -11.04
CA SER D 109 -19.17 -18.10 -10.33
C SER D 109 -18.80 -16.76 -9.71
N LYS D 110 -19.55 -15.72 -10.10
CA LYS D 110 -19.29 -14.38 -9.56
C LYS D 110 -19.58 -14.32 -8.08
N GLU D 111 -20.66 -14.97 -7.63
CA GLU D 111 -21.01 -14.94 -6.22
C GLU D 111 -19.96 -15.62 -5.35
N GLN D 112 -19.30 -16.66 -5.88
CA GLN D 112 -18.26 -17.32 -5.10
C GLN D 112 -16.99 -16.47 -5.03
N ILE D 113 -16.58 -15.90 -6.16
CA ILE D 113 -15.35 -15.12 -6.19
C ILE D 113 -15.46 -13.89 -5.32
N ALA D 114 -16.66 -13.30 -5.22
CA ALA D 114 -16.84 -12.18 -4.31
C ALA D 114 -16.73 -12.64 -2.86
N ALA D 115 -17.38 -13.75 -2.52
CA ALA D 115 -17.29 -14.30 -1.17
C ALA D 115 -15.86 -14.69 -0.81
N ALA D 116 -15.06 -15.06 -1.81
CA ALA D 116 -13.67 -15.42 -1.55
C ALA D 116 -12.81 -14.19 -1.29
N ASN D 117 -13.10 -13.08 -1.97
CA ASN D 117 -12.33 -11.86 -1.74
C ASN D 117 -12.70 -11.24 -0.40
N ARG D 118 -13.99 -11.30 -0.02
CA ARG D 118 -14.39 -10.84 1.30
C ARG D 118 -13.84 -11.73 2.41
N LEU D 119 -13.55 -12.99 2.10
CA LEU D 119 -12.90 -13.87 3.06
C LEU D 119 -11.42 -13.53 3.23
N ALA D 120 -10.76 -13.14 2.13
CA ALA D 120 -9.37 -12.71 2.21
C ALA D 120 -9.24 -11.39 2.95
N ALA D 121 -10.12 -10.43 2.65
CA ALA D 121 -10.12 -9.16 3.36
C ALA D 121 -10.42 -9.36 4.84
N GLY D 122 -11.37 -10.25 5.15
CA GLY D 122 -11.72 -10.48 6.54
C GLY D 122 -10.57 -10.99 7.38
N HIS D 123 -9.69 -11.79 6.79
CA HIS D 123 -8.54 -12.34 7.48
C HIS D 123 -7.26 -11.55 7.21
N GLY D 124 -7.35 -10.40 6.56
CA GLY D 124 -6.18 -9.57 6.31
C GLY D 124 -5.11 -10.26 5.48
N LEU D 125 -5.51 -10.97 4.44
CA LEU D 125 -4.57 -11.68 3.58
C LEU D 125 -4.76 -11.36 2.11
N THR D 126 -5.38 -10.22 1.79
CA THR D 126 -5.60 -9.83 0.41
C THR D 126 -4.29 -9.67 -0.37
N GLU D 127 -3.19 -9.38 0.32
CA GLU D 127 -1.89 -9.32 -0.35
C GLU D 127 -1.43 -10.68 -0.87
N ARG D 128 -1.91 -11.77 -0.28
CA ARG D 128 -1.47 -13.10 -0.68
C ARG D 128 -2.61 -13.98 -1.21
N LEU D 129 -3.84 -13.48 -1.23
CA LEU D 129 -4.99 -14.23 -1.73
C LEU D 129 -5.66 -13.43 -2.83
N THR D 130 -5.58 -13.93 -4.06
CA THR D 130 -6.21 -13.30 -5.21
C THR D 130 -7.28 -14.23 -5.76
N PHE D 131 -8.48 -13.69 -5.98
CA PHE D 131 -9.61 -14.46 -6.49
C PHE D 131 -10.23 -13.74 -7.68
N GLU D 132 -10.31 -14.45 -8.81
CA GLU D 132 -10.78 -13.85 -10.06
C GLU D 132 -11.75 -14.80 -10.75
N VAL D 133 -12.60 -14.21 -11.59
CA VAL D 133 -13.50 -14.98 -12.45
C VAL D 133 -12.77 -15.24 -13.76
N ALA D 134 -12.21 -16.44 -13.91
CA ALA D 134 -11.42 -16.79 -15.08
C ALA D 134 -11.58 -18.28 -15.37
N ASP D 135 -11.72 -18.62 -16.64
CA ASP D 135 -12.01 -20.00 -17.02
C ASP D 135 -10.76 -20.85 -16.88
N ALA D 136 -10.94 -22.05 -16.31
CA ALA D 136 -9.83 -23.00 -16.21
C ALA D 136 -9.38 -23.47 -17.59
N MET D 137 -10.31 -23.64 -18.52
CA MET D 137 -9.98 -24.09 -19.87
C MET D 137 -9.41 -22.98 -20.73
N ARG D 138 -9.39 -21.74 -20.24
CA ARG D 138 -8.72 -20.62 -20.91
C ARG D 138 -8.19 -19.68 -19.81
N LEU D 139 -7.20 -20.16 -19.06
CA LEU D 139 -6.64 -19.36 -17.98
C LEU D 139 -5.96 -18.11 -18.55
N PRO D 140 -6.09 -16.97 -17.88
CA PRO D 140 -5.47 -15.72 -18.36
C PRO D 140 -4.02 -15.52 -17.96
N TYR D 141 -3.45 -16.40 -17.13
CA TYR D 141 -2.11 -16.20 -16.61
C TYR D 141 -1.06 -16.72 -17.59
N GLU D 142 0.15 -16.19 -17.47
CA GLU D 142 1.23 -16.52 -18.38
C GLU D 142 1.76 -17.93 -18.11
N ASP D 143 2.69 -18.37 -18.95
CA ASP D 143 3.30 -19.69 -18.80
C ASP D 143 4.24 -19.70 -17.61
N GLU D 144 4.28 -20.84 -16.92
CA GLU D 144 5.21 -21.06 -15.81
C GLU D 144 5.03 -20.01 -14.71
N SER D 145 3.78 -19.75 -14.35
CA SER D 145 3.46 -18.69 -13.41
C SER D 145 3.41 -19.18 -11.96
N PHE D 146 3.09 -20.45 -11.73
CA PHE D 146 2.84 -20.97 -10.39
C PHE D 146 3.72 -22.18 -10.12
N ASP D 147 4.16 -22.32 -8.85
CA ASP D 147 4.99 -23.44 -8.45
C ASP D 147 4.21 -24.73 -8.24
N CYS D 148 2.90 -24.63 -8.01
CA CYS D 148 2.05 -25.79 -7.77
C CYS D 148 0.60 -25.37 -7.95
N ALA D 149 -0.28 -26.35 -7.98
CA ALA D 149 -1.69 -26.07 -8.15
C ALA D 149 -2.50 -27.26 -7.62
N TRP D 150 -3.81 -27.04 -7.51
CA TRP D 150 -4.71 -28.14 -7.21
C TRP D 150 -6.10 -27.83 -7.76
N ALA D 151 -6.84 -28.89 -8.07
CA ALA D 151 -8.22 -28.79 -8.53
C ALA D 151 -9.05 -29.69 -7.62
N ILE D 152 -9.76 -29.08 -6.67
CA ILE D 152 -10.43 -29.82 -5.60
C ILE D 152 -11.89 -29.97 -6.01
N GLU D 153 -12.18 -31.08 -6.71
CA GLU D 153 -13.54 -31.46 -7.09
C GLU D 153 -14.16 -30.43 -8.05
N SER D 154 -13.40 -30.05 -9.07
CA SER D 154 -13.86 -29.07 -10.05
C SER D 154 -13.71 -29.52 -11.49
N LEU D 155 -12.85 -30.49 -11.80
CA LEU D 155 -12.69 -30.93 -13.17
C LEU D 155 -13.97 -31.51 -13.74
N CYS D 156 -14.86 -32.02 -12.89
CA CYS D 156 -16.10 -32.63 -13.35
C CYS D 156 -17.00 -31.63 -14.08
N HIS D 157 -16.78 -30.33 -13.90
CA HIS D 157 -17.56 -29.31 -14.58
C HIS D 157 -16.97 -28.90 -15.92
N MET D 158 -15.70 -29.19 -16.16
CA MET D 158 -14.96 -28.67 -17.30
C MET D 158 -14.62 -29.77 -18.29
N ASP D 159 -14.12 -29.36 -19.45
CA ASP D 159 -13.47 -30.28 -20.36
C ASP D 159 -12.09 -30.63 -19.80
N ARG D 160 -11.91 -31.90 -19.43
CA ARG D 160 -10.74 -32.30 -18.65
C ARG D 160 -9.44 -32.28 -19.47
N ALA D 161 -9.53 -32.35 -20.81
CA ALA D 161 -8.32 -32.22 -21.62
C ALA D 161 -7.83 -30.76 -21.65
N LYS D 162 -8.74 -29.79 -21.79
CA LYS D 162 -8.35 -28.37 -21.93
C LYS D 162 -7.87 -27.74 -20.61
N ALA D 163 -8.57 -28.00 -19.50
CA ALA D 163 -8.16 -27.56 -18.16
C ALA D 163 -6.78 -28.10 -17.79
N LEU D 164 -6.57 -29.41 -17.94
CA LEU D 164 -5.28 -30.00 -17.56
C LEU D 164 -4.14 -29.41 -18.42
N GLY D 165 -4.32 -29.39 -19.75
CA GLY D 165 -3.34 -28.76 -20.60
C GLY D 165 -3.11 -27.30 -20.26
N GLU D 166 -4.14 -26.61 -19.79
CA GLU D 166 -4.00 -25.23 -19.37
C GLU D 166 -3.33 -25.12 -18.00
N ALA D 167 -3.58 -26.08 -17.11
CA ALA D 167 -2.87 -26.10 -15.84
C ALA D 167 -1.40 -26.47 -16.04
N TRP D 168 -1.13 -27.40 -16.94
CA TRP D 168 0.25 -27.72 -17.29
C TRP D 168 0.99 -26.48 -17.81
N ARG D 169 0.29 -25.65 -18.57
CA ARG D 169 0.94 -24.49 -19.18
C ARG D 169 1.34 -23.45 -18.14
N VAL D 170 0.42 -23.14 -17.21
CA VAL D 170 0.70 -22.11 -16.20
C VAL D 170 1.60 -22.62 -15.08
N LEU D 171 1.92 -23.91 -15.04
CA LEU D 171 2.76 -24.48 -14.00
C LEU D 171 4.24 -24.35 -14.37
N LYS D 172 5.06 -24.13 -13.35
CA LYS D 172 6.50 -24.16 -13.55
C LYS D 172 6.96 -25.59 -13.75
N PRO D 173 7.95 -25.83 -14.61
CA PRO D 173 8.48 -27.19 -14.79
C PRO D 173 8.96 -27.77 -13.47
N GLY D 174 8.59 -29.02 -13.22
CA GLY D 174 8.84 -29.65 -11.93
C GLY D 174 7.80 -29.38 -10.88
N GLY D 175 6.67 -28.75 -11.24
CA GLY D 175 5.64 -28.46 -10.27
C GLY D 175 4.59 -29.54 -10.18
N ASP D 176 3.88 -29.56 -9.05
CA ASP D 176 2.91 -30.60 -8.75
C ASP D 176 1.50 -30.04 -8.85
N LEU D 177 0.61 -30.82 -9.47
CA LEU D 177 -0.81 -30.51 -9.54
C LEU D 177 -1.58 -31.58 -8.79
N LEU D 178 -2.36 -31.16 -7.80
CA LEU D 178 -3.17 -32.08 -7.01
C LEU D 178 -4.58 -32.12 -7.58
N VAL D 179 -5.04 -33.33 -7.92
CA VAL D 179 -6.32 -33.52 -8.59
C VAL D 179 -7.20 -34.40 -7.71
N LEU D 180 -8.44 -33.99 -7.52
CA LEU D 180 -9.45 -34.77 -6.81
C LEU D 180 -10.59 -35.00 -7.79
N GLU D 181 -10.62 -36.19 -8.40
CA GLU D 181 -11.47 -36.49 -9.54
C GLU D 181 -12.20 -37.80 -9.34
N SER D 182 -13.41 -37.89 -9.89
CA SER D 182 -14.16 -39.14 -9.96
C SER D 182 -13.87 -39.86 -11.27
N VAL D 183 -14.20 -41.15 -11.29
CA VAL D 183 -13.97 -41.99 -12.46
C VAL D 183 -15.02 -43.10 -12.46
N VAL D 184 -15.52 -43.44 -13.65
CA VAL D 184 -16.51 -44.51 -13.78
C VAL D 184 -15.82 -45.86 -13.78
N THR D 185 -16.48 -46.85 -13.20
CA THR D 185 -16.08 -48.24 -13.33
C THR D 185 -17.02 -49.06 -14.21
N GLU D 186 -18.26 -48.61 -14.41
CA GLU D 186 -19.19 -49.26 -15.31
C GLU D 186 -19.30 -48.47 -16.62
N GLU D 187 -20.49 -48.48 -17.22
CA GLU D 187 -20.72 -47.78 -18.48
C GLU D 187 -21.66 -46.59 -18.36
N LEU D 188 -22.49 -46.56 -17.32
CA LEU D 188 -23.50 -45.52 -17.09
C LEU D 188 -24.62 -45.57 -18.12
N THR D 189 -25.85 -45.75 -17.66
CA THR D 189 -27.00 -45.63 -18.54
C THR D 189 -27.26 -44.15 -18.84
N GLU D 190 -28.14 -43.90 -19.81
CA GLU D 190 -28.47 -42.52 -20.15
C GLU D 190 -29.15 -41.78 -19.01
N PRO D 191 -30.14 -42.33 -18.31
CA PRO D 191 -30.69 -41.60 -17.15
C PRO D 191 -29.67 -41.29 -16.08
N GLU D 192 -28.62 -42.11 -15.98
CA GLU D 192 -27.55 -41.80 -15.02
C GLU D 192 -26.68 -40.65 -15.51
N THR D 193 -26.34 -40.64 -16.80
CA THR D 193 -25.56 -39.54 -17.35
C THR D 193 -26.32 -38.22 -17.27
N ALA D 194 -27.65 -38.27 -17.44
CA ALA D 194 -28.45 -37.05 -17.37
C ALA D 194 -28.53 -36.51 -15.95
N LEU D 195 -28.56 -37.39 -14.95
CA LEU D 195 -28.62 -36.93 -13.57
C LEU D 195 -27.42 -36.08 -13.20
N PHE D 196 -26.29 -36.29 -13.88
CA PHE D 196 -25.10 -35.48 -13.61
C PHE D 196 -25.32 -34.02 -13.98
N GLU D 197 -26.06 -33.77 -15.06
CA GLU D 197 -26.28 -32.40 -15.50
C GLU D 197 -27.47 -31.76 -14.78
N THR D 198 -28.51 -32.54 -14.50
CA THR D 198 -29.72 -32.01 -13.90
C THR D 198 -29.61 -31.80 -12.41
N LEU D 199 -28.72 -32.53 -11.73
CA LEU D 199 -28.50 -32.35 -10.30
C LEU D 199 -27.25 -31.54 -9.99
N TYR D 200 -26.14 -31.79 -10.67
CA TYR D 200 -24.86 -31.19 -10.31
C TYR D 200 -24.34 -30.20 -11.33
N ALA D 201 -24.93 -30.14 -12.53
CA ALA D 201 -24.40 -29.33 -13.62
C ALA D 201 -22.95 -29.69 -13.92
N ALA D 202 -22.70 -31.00 -14.03
CA ALA D 202 -21.37 -31.51 -14.26
C ALA D 202 -21.40 -32.60 -15.32
N ASN D 203 -20.27 -32.78 -15.99
CA ASN D 203 -20.12 -33.84 -16.98
C ASN D 203 -20.04 -35.20 -16.30
N VAL D 204 -20.06 -36.26 -17.11
CA VAL D 204 -19.90 -37.62 -16.63
C VAL D 204 -18.40 -37.88 -16.46
N PRO D 205 -18.00 -38.63 -15.44
CA PRO D 205 -16.57 -38.91 -15.26
C PRO D 205 -16.06 -39.90 -16.29
N PRO D 206 -14.79 -39.81 -16.67
CA PRO D 206 -14.23 -40.73 -17.65
C PRO D 206 -13.84 -42.05 -17.00
N ARG D 207 -13.27 -42.93 -17.81
CA ARG D 207 -12.68 -44.15 -17.27
C ARG D 207 -11.27 -43.87 -16.77
N LEU D 208 -10.81 -44.74 -15.86
CA LEU D 208 -9.50 -44.56 -15.25
C LEU D 208 -8.40 -44.53 -16.32
N GLY D 209 -8.38 -45.53 -17.20
CA GLY D 209 -7.42 -45.52 -18.30
C GLY D 209 -7.63 -44.34 -19.23
N GLU D 210 -8.88 -43.95 -19.46
CA GLU D 210 -9.16 -42.77 -20.26
C GLU D 210 -8.69 -41.50 -19.55
N PHE D 211 -8.82 -41.46 -18.22
CA PHE D 211 -8.40 -40.28 -17.49
C PHE D 211 -6.90 -40.09 -17.58
N PHE D 212 -6.13 -41.17 -17.46
CA PHE D 212 -4.68 -41.03 -17.45
C PHE D 212 -4.09 -40.88 -18.84
N ASP D 213 -4.85 -41.21 -19.89
CA ASP D 213 -4.45 -40.79 -21.23
C ASP D 213 -4.55 -39.29 -21.37
N ILE D 214 -5.61 -38.70 -20.82
CA ILE D 214 -5.76 -37.25 -20.81
C ILE D 214 -4.68 -36.61 -19.95
N VAL D 215 -4.36 -37.24 -18.81
CA VAL D 215 -3.31 -36.73 -17.94
C VAL D 215 -1.96 -36.78 -18.66
N SER D 216 -1.66 -37.91 -19.30
CA SER D 216 -0.40 -38.04 -20.03
C SER D 216 -0.39 -37.16 -21.28
N GLY D 217 -1.53 -37.09 -21.97
CA GLY D 217 -1.59 -36.26 -23.17
C GLY D 217 -1.35 -34.79 -22.90
N ALA D 218 -1.69 -34.34 -21.69
CA ALA D 218 -1.41 -32.97 -21.28
C ALA D 218 0.06 -32.76 -20.92
N GLY D 219 0.81 -33.83 -20.73
CA GLY D 219 2.22 -33.73 -20.37
C GLY D 219 2.54 -34.04 -18.93
N PHE D 220 1.57 -34.56 -18.16
CA PHE D 220 1.79 -34.83 -16.74
C PHE D 220 2.30 -36.24 -16.52
N HIS D 221 3.19 -36.40 -15.54
CA HIS D 221 3.48 -37.68 -14.93
C HIS D 221 2.55 -37.88 -13.74
N THR D 222 2.25 -39.14 -13.44
CA THR D 222 1.41 -39.49 -12.30
C THR D 222 2.28 -40.00 -11.17
N LEU D 223 2.31 -39.26 -10.06
CA LEU D 223 3.14 -39.61 -8.92
C LEU D 223 2.42 -40.41 -7.85
N SER D 224 1.13 -40.19 -7.67
CA SER D 224 0.38 -40.92 -6.65
C SER D 224 -1.09 -40.90 -6.98
N LEU D 225 -1.79 -41.90 -6.46
CA LEU D 225 -3.25 -41.95 -6.48
C LEU D 225 -3.69 -42.60 -5.19
N LYS D 226 -4.69 -42.01 -4.53
CA LYS D 226 -5.26 -42.61 -3.33
C LYS D 226 -6.78 -42.57 -3.43
N ASP D 227 -7.43 -43.69 -3.13
CA ASP D 227 -8.88 -43.77 -3.20
C ASP D 227 -9.51 -43.04 -2.01
N LEU D 228 -10.51 -42.22 -2.30
CA LEU D 228 -11.25 -41.51 -1.27
C LEU D 228 -12.75 -41.70 -1.46
N SER D 229 -13.13 -42.81 -2.10
CA SER D 229 -14.53 -43.03 -2.49
C SER D 229 -15.46 -42.97 -1.29
N ALA D 230 -15.06 -43.57 -0.16
CA ALA D 230 -15.95 -43.60 1.01
C ALA D 230 -16.16 -42.21 1.58
N ASN D 231 -15.17 -41.32 1.43
CA ASN D 231 -15.37 -39.94 1.88
C ASN D 231 -16.43 -39.25 1.03
N LEU D 232 -16.37 -39.41 -0.29
CA LEU D 232 -17.39 -38.83 -1.14
C LEU D 232 -18.74 -39.47 -0.86
N ALA D 233 -18.77 -40.77 -0.57
CA ALA D 233 -20.02 -41.44 -0.26
C ALA D 233 -20.64 -40.91 1.03
N MET D 234 -19.83 -40.74 2.07
CA MET D 234 -20.35 -40.17 3.32
C MET D 234 -20.79 -38.74 3.13
N THR D 235 -19.99 -37.93 2.42
CA THR D 235 -20.36 -36.54 2.17
C THR D 235 -21.68 -36.43 1.43
N MET D 236 -21.87 -37.28 0.42
CA MET D 236 -23.12 -37.27 -0.33
C MET D 236 -24.30 -37.71 0.54
N ASN D 237 -24.07 -38.66 1.46
CA ASN D 237 -25.11 -39.00 2.42
C ASN D 237 -25.43 -37.84 3.35
N VAL D 238 -24.39 -37.15 3.85
CA VAL D 238 -24.60 -35.95 4.66
C VAL D 238 -25.41 -34.92 3.88
N PHE D 239 -25.08 -34.72 2.61
CA PHE D 239 -25.79 -33.75 1.79
C PHE D 239 -27.26 -34.13 1.65
N ALA D 240 -27.53 -35.38 1.30
CA ALA D 240 -28.90 -35.83 1.10
C ALA D 240 -29.73 -35.75 2.37
N LEU D 241 -29.14 -36.18 3.50
CA LEU D 241 -29.87 -36.14 4.77
C LEU D 241 -30.26 -34.73 5.15
N GLY D 242 -29.40 -33.75 4.86
CA GLY D 242 -29.76 -32.36 5.10
C GLY D 242 -30.82 -31.85 4.14
N VAL D 243 -30.85 -32.37 2.92
CA VAL D 243 -31.87 -31.96 1.96
C VAL D 243 -33.23 -32.56 2.31
N TYR D 244 -33.26 -33.82 2.73
CA TYR D 244 -34.52 -34.47 3.06
C TYR D 244 -35.15 -33.86 4.31
N SER D 245 -34.33 -33.54 5.31
CA SER D 245 -34.84 -33.09 6.60
C SER D 245 -35.11 -31.59 6.64
N ARG D 246 -34.66 -30.83 5.65
CA ARG D 246 -34.85 -29.38 5.62
C ARG D 246 -35.48 -28.94 4.30
N ARG D 247 -36.48 -29.69 3.84
CA ARG D 247 -37.10 -29.39 2.55
C ARG D 247 -37.77 -28.03 2.54
N ALA D 248 -38.50 -27.69 3.62
CA ALA D 248 -39.27 -26.46 3.63
C ALA D 248 -38.37 -25.23 3.55
N GLU D 249 -37.21 -25.26 4.22
CA GLU D 249 -36.29 -24.12 4.17
C GLU D 249 -35.66 -23.96 2.79
N PHE D 250 -35.15 -25.06 2.24
CA PHE D 250 -34.45 -24.97 0.96
C PHE D 250 -35.38 -24.60 -0.18
N THR D 251 -36.64 -25.06 -0.13
CA THR D 251 -37.63 -24.60 -1.10
C THR D 251 -37.84 -23.10 -0.98
N GLU D 252 -37.91 -22.59 0.25
CA GLU D 252 -38.03 -21.16 0.47
C GLU D 252 -36.75 -20.41 0.10
N ARG D 253 -35.61 -21.09 0.08
CA ARG D 253 -34.33 -20.45 -0.22
C ARG D 253 -33.98 -20.55 -1.69
N PHE D 254 -34.21 -21.69 -2.32
CA PHE D 254 -33.79 -21.92 -3.70
C PHE D 254 -34.92 -22.17 -4.67
N GLY D 255 -36.15 -22.32 -4.20
CA GLY D 255 -37.26 -22.68 -5.07
C GLY D 255 -37.61 -24.15 -4.96
N ALA D 256 -38.88 -24.46 -5.25
CA ALA D 256 -39.35 -25.84 -5.14
C ALA D 256 -38.88 -26.70 -6.31
N GLU D 257 -38.63 -26.09 -7.48
CA GLU D 257 -38.14 -26.86 -8.62
C GLU D 257 -36.78 -27.47 -8.33
N PHE D 258 -35.87 -26.68 -7.77
CA PHE D 258 -34.52 -27.18 -7.47
C PHE D 258 -34.56 -28.24 -6.39
N VAL D 259 -35.28 -27.98 -5.30
CA VAL D 259 -35.31 -28.92 -4.18
C VAL D 259 -35.97 -30.22 -4.58
N ASP D 260 -37.11 -30.14 -5.31
CA ASP D 260 -37.77 -31.35 -5.76
C ASP D 260 -36.91 -32.14 -6.74
N GLY D 261 -36.07 -31.46 -7.51
CA GLY D 261 -35.12 -32.16 -8.36
C GLY D 261 -34.13 -33.00 -7.55
N LEU D 262 -33.64 -32.44 -6.44
CA LEU D 262 -32.73 -33.20 -5.59
C LEU D 262 -33.46 -34.35 -4.88
N LEU D 263 -34.65 -34.08 -4.36
CA LEU D 263 -35.40 -35.11 -3.64
C LEU D 263 -35.73 -36.30 -4.53
N ALA D 264 -35.79 -36.09 -5.84
CA ALA D 264 -36.15 -37.15 -6.78
C ALA D 264 -34.95 -37.86 -7.38
N GLY D 265 -33.75 -37.28 -7.30
CA GLY D 265 -32.61 -37.84 -7.99
C GLY D 265 -31.46 -38.26 -7.09
N LEU D 266 -31.41 -37.72 -5.87
CA LEU D 266 -30.30 -38.04 -4.98
C LEU D 266 -30.24 -39.53 -4.66
N GLY D 267 -31.39 -40.14 -4.42
CA GLY D 267 -31.41 -41.57 -4.14
C GLY D 267 -30.83 -42.40 -5.28
N SER D 268 -31.21 -42.08 -6.52
CA SER D 268 -30.67 -42.78 -7.68
C SER D 268 -29.22 -42.39 -7.93
N ALA D 269 -28.88 -41.11 -7.74
CA ALA D 269 -27.51 -40.67 -7.91
C ALA D 269 -26.58 -41.33 -6.90
N GLN D 270 -27.08 -41.60 -5.69
CA GLN D 270 -26.24 -42.23 -4.67
C GLN D 270 -25.94 -43.68 -5.02
N GLU D 271 -26.93 -44.38 -5.57
CA GLU D 271 -26.69 -45.77 -5.98
C GLU D 271 -25.72 -45.84 -7.14
N THR D 272 -25.87 -44.94 -8.11
CA THR D 272 -24.91 -44.86 -9.22
C THR D 272 -23.51 -44.56 -8.70
N LEU D 273 -23.40 -43.63 -7.74
CA LEU D 273 -22.10 -43.30 -7.15
C LEU D 273 -21.48 -44.52 -6.47
N ILE D 274 -22.25 -45.20 -5.62
CA ILE D 274 -21.76 -46.35 -4.88
C ILE D 274 -21.30 -47.44 -5.85
N ARG D 275 -22.12 -47.76 -6.85
CA ARG D 275 -21.92 -48.95 -7.65
C ARG D 275 -21.06 -48.72 -8.90
N LYS D 276 -20.96 -47.49 -9.40
CA LYS D 276 -20.38 -47.29 -10.72
C LYS D 276 -19.23 -46.29 -10.76
N THR D 277 -18.86 -45.66 -9.66
CA THR D 277 -17.82 -44.63 -9.67
C THR D 277 -16.86 -44.79 -8.51
N ARG D 278 -15.65 -44.26 -8.70
CA ARG D 278 -14.68 -44.11 -7.62
C ARG D 278 -14.14 -42.69 -7.62
N PHE D 279 -13.66 -42.27 -6.45
CA PHE D 279 -13.17 -40.92 -6.23
C PHE D 279 -11.77 -41.02 -5.64
N PHE D 280 -10.81 -40.30 -6.22
CA PHE D 280 -9.44 -40.44 -5.79
C PHE D 280 -8.73 -39.09 -5.73
N MET D 281 -7.64 -39.07 -4.99
CA MET D 281 -6.71 -37.95 -4.95
C MET D 281 -5.45 -38.36 -5.72
N ALA D 282 -5.06 -37.54 -6.69
CA ALA D 282 -3.92 -37.87 -7.54
C ALA D 282 -2.94 -36.70 -7.57
N THR D 283 -1.65 -37.02 -7.60
CA THR D 283 -0.59 -36.02 -7.65
C THR D 283 0.08 -36.13 -9.01
N LEU D 284 -0.25 -35.19 -9.90
CA LEU D 284 0.35 -35.12 -11.22
C LEU D 284 1.51 -34.14 -11.20
N ARG D 285 2.53 -34.42 -12.02
N ARG D 285 2.53 -34.41 -12.02
CA ARG D 285 3.71 -33.58 -12.08
CA ARG D 285 3.70 -33.54 -12.05
C ARG D 285 4.00 -33.14 -13.51
C ARG D 285 4.05 -33.15 -13.48
N LYS D 286 4.38 -31.88 -13.65
CA LYS D 286 4.93 -31.39 -14.90
C LYS D 286 6.43 -31.61 -14.89
N PRO D 287 6.98 -32.42 -15.80
CA PRO D 287 8.40 -32.79 -15.70
C PRO D 287 9.32 -31.56 -15.71
N ALA D 288 10.47 -31.71 -15.04
CA ALA D 288 11.43 -30.63 -14.94
C ALA D 288 12.31 -30.59 -16.19
N VAL D 289 13.25 -29.67 -16.20
CA VAL D 289 14.21 -29.55 -17.30
C VAL D 289 15.63 -29.56 -16.74
N GLN E 11 -12.37 -21.63 54.52
CA GLN E 11 -11.32 -21.99 55.48
C GLN E 11 -10.17 -20.99 55.47
N VAL E 12 -9.75 -20.57 54.27
CA VAL E 12 -8.72 -19.54 54.11
C VAL E 12 -9.29 -18.44 53.24
N THR E 13 -8.79 -17.22 53.43
CA THR E 13 -9.22 -16.07 52.67
C THR E 13 -8.17 -15.71 51.61
N ALA E 14 -8.60 -14.88 50.66
CA ALA E 14 -7.70 -14.46 49.58
C ALA E 14 -6.49 -13.73 50.13
N ASP E 15 -6.70 -12.89 51.17
CA ASP E 15 -5.57 -12.14 51.72
C ASP E 15 -4.62 -13.05 52.48
N GLU E 16 -5.14 -14.04 53.20
CA GLU E 16 -4.29 -15.00 53.88
C GLU E 16 -3.41 -15.76 52.89
N VAL E 17 -3.98 -16.14 51.74
CA VAL E 17 -3.19 -16.87 50.74
C VAL E 17 -2.15 -15.93 50.12
N GLY E 18 -2.52 -14.68 49.86
CA GLY E 18 -1.57 -13.75 49.26
C GLY E 18 -0.39 -13.46 50.18
N ASP E 19 -0.66 -13.28 51.47
CA ASP E 19 0.43 -13.09 52.41
C ASP E 19 1.30 -14.33 52.51
N TRP E 20 0.69 -15.52 52.40
CA TRP E 20 1.46 -16.76 52.48
C TRP E 20 2.49 -16.83 51.35
N TYR E 21 2.07 -16.53 50.12
CA TYR E 21 2.99 -16.60 49.00
C TYR E 21 3.98 -15.43 49.02
N ASP E 22 3.58 -14.28 49.57
CA ASP E 22 4.53 -13.17 49.75
C ASP E 22 5.71 -13.59 50.62
N LYS E 23 5.44 -14.38 51.66
CA LYS E 23 6.47 -14.76 52.61
C LYS E 23 7.19 -16.05 52.23
N PHE E 24 6.46 -17.04 51.71
CA PHE E 24 7.03 -18.38 51.56
C PHE E 24 6.97 -18.93 50.13
N GLY E 25 6.34 -18.21 49.21
CA GLY E 25 6.22 -18.71 47.85
C GLY E 25 7.54 -19.15 47.24
N GLU E 26 8.64 -18.51 47.66
CA GLU E 26 9.94 -18.83 47.10
C GLU E 26 10.46 -20.20 47.55
N VAL E 27 9.80 -20.85 48.51
CA VAL E 27 10.22 -22.19 48.87
C VAL E 27 9.90 -23.16 47.74
N TYR E 28 8.84 -22.89 46.99
CA TYR E 28 8.50 -23.74 45.85
C TYR E 28 9.52 -23.59 44.74
N HIS E 29 9.98 -22.36 44.48
CA HIS E 29 10.98 -22.15 43.44
C HIS E 29 12.33 -22.74 43.83
N LEU E 30 12.69 -22.73 45.11
CA LEU E 30 13.96 -23.29 45.54
C LEU E 30 13.97 -24.82 45.47
N THR E 31 12.81 -25.47 45.50
CA THR E 31 12.72 -26.93 45.51
C THR E 31 12.21 -27.52 44.22
N LEU E 32 11.18 -26.94 43.60
CA LEU E 32 10.51 -27.54 42.45
C LEU E 32 10.91 -26.94 41.11
N GLY E 33 11.40 -25.70 41.07
CA GLY E 33 11.88 -25.11 39.83
C GLY E 33 11.29 -23.74 39.58
N GLU E 34 11.34 -23.31 38.32
CA GLU E 34 10.97 -21.95 37.96
C GLU E 34 9.46 -21.73 37.86
N SER E 35 8.67 -22.73 38.26
CA SER E 35 7.22 -22.63 38.28
C SER E 35 6.71 -23.09 39.64
N VAL E 36 5.41 -22.90 39.86
CA VAL E 36 4.79 -23.33 41.11
C VAL E 36 3.72 -24.37 40.83
N HIS E 37 4.11 -25.50 40.24
CA HIS E 37 3.17 -26.56 39.95
C HIS E 37 3.94 -27.87 39.85
N CYS E 38 3.23 -28.94 39.49
CA CYS E 38 3.78 -30.29 39.47
C CYS E 38 4.71 -30.51 38.29
N GLY E 39 5.58 -31.50 38.43
CA GLY E 39 6.39 -31.96 37.33
C GLY E 39 5.71 -33.15 36.66
N LEU E 40 5.86 -33.22 35.34
CA LEU E 40 5.35 -34.35 34.57
C LEU E 40 6.38 -35.46 34.67
N TRP E 41 6.33 -36.19 35.78
CA TRP E 41 7.30 -37.24 36.01
C TRP E 41 6.95 -38.51 35.27
N PHE E 42 5.66 -38.72 35.01
CA PHE E 42 5.18 -39.85 34.24
C PHE E 42 4.56 -39.34 32.94
N PRO E 43 4.93 -39.89 31.79
CA PRO E 43 4.37 -39.40 30.54
C PRO E 43 2.86 -39.58 30.51
N PRO E 44 2.15 -38.76 29.73
CA PRO E 44 0.67 -38.86 29.71
C PRO E 44 0.14 -40.23 29.31
N ASP E 45 0.84 -40.99 28.49
CA ASP E 45 0.33 -42.29 28.06
C ASP E 45 0.61 -43.41 29.07
N ALA E 46 1.32 -43.13 30.15
CA ALA E 46 1.60 -44.16 31.14
C ALA E 46 0.34 -44.52 31.91
N PRO E 47 0.23 -45.75 32.41
CA PRO E 47 -0.96 -46.13 33.17
C PRO E 47 -0.92 -45.58 34.59
N VAL E 48 -2.10 -45.33 35.14
CA VAL E 48 -2.20 -44.98 36.55
C VAL E 48 -1.67 -46.14 37.40
N PRO E 49 -0.75 -45.88 38.31
CA PRO E 49 -0.17 -46.98 39.11
C PRO E 49 -1.19 -47.63 40.03
N GLN E 50 -0.81 -48.78 40.58
CA GLN E 50 -1.62 -49.42 41.61
C GLN E 50 -1.64 -48.59 42.88
N ASP E 51 -0.46 -48.22 43.38
CA ASP E 51 -0.31 -47.38 44.57
C ASP E 51 0.38 -46.07 44.19
N MET E 52 0.27 -45.10 45.09
CA MET E 52 1.06 -43.89 45.03
C MET E 52 2.27 -43.94 45.95
N GLU E 53 2.57 -45.11 46.51
CA GLU E 53 3.79 -45.30 47.28
C GLU E 53 5.01 -45.03 46.40
N LEU E 54 6.07 -44.51 47.02
CA LEU E 54 7.26 -44.14 46.27
C LEU E 54 7.88 -45.34 45.57
N VAL E 55 7.98 -46.47 46.26
CA VAL E 55 8.56 -47.66 45.64
C VAL E 55 7.67 -48.17 44.51
N THR E 56 6.36 -47.92 44.58
CA THR E 56 5.46 -48.32 43.51
C THR E 56 5.74 -47.51 42.25
N MET E 57 5.59 -46.18 42.35
CA MET E 57 5.83 -45.30 41.21
C MET E 57 7.25 -45.48 40.66
N SER E 58 8.23 -45.67 41.55
CA SER E 58 9.59 -45.89 41.09
C SER E 58 9.74 -47.21 40.34
N SER E 59 8.94 -48.22 40.70
CA SER E 59 9.03 -49.51 40.01
C SER E 59 8.45 -49.41 38.61
N GLN E 60 7.34 -48.68 38.46
CA GLN E 60 6.83 -48.40 37.13
C GLN E 60 7.89 -47.69 36.29
N ALA E 61 8.59 -46.72 36.88
CA ALA E 61 9.67 -46.04 36.17
C ALA E 61 10.78 -47.02 35.82
N GLN E 62 11.06 -47.99 36.68
CA GLN E 62 12.03 -49.04 36.38
C GLN E 62 11.55 -49.92 35.24
N ASP E 63 10.25 -50.21 35.19
CA ASP E 63 9.72 -51.07 34.14
C ASP E 63 9.74 -50.37 32.79
N ARG E 64 9.39 -49.08 32.77
CA ARG E 64 9.47 -48.31 31.53
C ARG E 64 10.93 -48.17 31.10
N TYR E 65 11.84 -48.13 32.06
CA TYR E 65 13.27 -48.19 31.77
C TYR E 65 13.63 -49.48 31.06
N THR E 66 13.10 -50.60 31.54
CA THR E 66 13.39 -51.89 30.91
C THR E 66 12.82 -51.94 29.49
N ASP E 67 11.58 -51.48 29.31
CA ASP E 67 11.01 -51.42 27.98
C ASP E 67 11.93 -50.69 27.02
N TYR E 68 12.50 -49.56 27.46
CA TYR E 68 13.39 -48.79 26.61
C TYR E 68 14.67 -49.58 26.28
N LEU E 69 15.22 -50.31 27.25
CA LEU E 69 16.40 -51.12 26.98
C LEU E 69 16.09 -52.26 26.02
N ILE E 70 14.89 -52.83 26.13
CA ILE E 70 14.48 -53.87 25.19
C ILE E 70 14.38 -53.29 23.78
N GLU E 71 13.73 -52.12 23.66
CA GLU E 71 13.60 -51.46 22.38
C GLU E 71 14.95 -51.07 21.80
N THR E 72 15.92 -50.72 22.64
CA THR E 72 17.21 -50.25 22.16
C THR E 72 18.08 -51.40 21.65
N LEU E 73 18.21 -52.45 22.46
CA LEU E 73 18.98 -53.61 22.01
C LEU E 73 18.25 -54.35 20.89
N ASP E 74 16.92 -54.40 20.97
CA ASP E 74 16.03 -55.01 19.99
C ASP E 74 16.36 -56.48 19.79
N PRO E 75 16.17 -57.32 20.80
CA PRO E 75 16.38 -58.76 20.60
C PRO E 75 15.25 -59.37 19.79
N LYS E 76 15.62 -60.22 18.84
CA LYS E 76 14.64 -60.85 17.95
C LYS E 76 14.23 -62.22 18.50
N ALA E 77 12.99 -62.60 18.17
CA ALA E 77 12.44 -63.86 18.66
C ALA E 77 13.35 -65.04 18.31
N GLY E 78 13.50 -65.97 19.25
CA GLY E 78 14.34 -67.12 19.08
C GLY E 78 15.81 -66.92 19.43
N GLN E 79 16.24 -65.67 19.66
CA GLN E 79 17.63 -65.43 20.00
C GLN E 79 17.89 -65.79 21.46
N HIS E 80 19.18 -65.83 21.82
CA HIS E 80 19.61 -66.14 23.17
C HIS E 80 20.42 -64.96 23.71
N LEU E 81 19.95 -64.38 24.82
CA LEU E 81 20.53 -63.20 25.42
C LEU E 81 21.23 -63.56 26.73
N LEU E 82 22.41 -62.98 26.94
CA LEU E 82 23.16 -63.13 28.19
C LEU E 82 22.98 -61.86 29.03
N ASP E 83 22.44 -62.03 30.23
CA ASP E 83 22.28 -60.90 31.16
C ASP E 83 23.49 -60.92 32.10
N ILE E 84 24.43 -60.02 31.85
CA ILE E 84 25.64 -59.88 32.66
C ILE E 84 25.30 -59.04 33.88
N GLY E 85 25.30 -59.66 35.06
CA GLY E 85 24.91 -58.98 36.28
C GLY E 85 23.41 -58.84 36.37
N CYS E 86 22.70 -59.97 36.41
CA CYS E 86 21.27 -60.04 36.16
C CYS E 86 20.41 -59.70 37.38
N GLY E 87 21.00 -59.48 38.54
CA GLY E 87 20.20 -59.19 39.73
C GLY E 87 19.22 -60.30 40.04
N THR E 88 17.98 -59.91 40.37
CA THR E 88 16.92 -60.85 40.67
C THR E 88 16.04 -61.17 39.47
N GLY E 89 16.41 -60.70 38.27
CA GLY E 89 15.93 -61.28 37.03
C GLY E 89 14.70 -60.67 36.39
N ARG E 90 14.16 -59.57 36.92
CA ARG E 90 12.96 -59.00 36.32
C ARG E 90 13.22 -58.44 34.93
N THR E 91 14.40 -57.86 34.70
CA THR E 91 14.74 -57.38 33.37
C THR E 91 14.78 -58.53 32.37
N ALA E 92 15.29 -59.69 32.79
CA ALA E 92 15.29 -60.87 31.94
C ALA E 92 13.88 -61.36 31.68
N LEU E 93 13.05 -61.45 32.74
CA LEU E 93 11.67 -61.90 32.60
C LEU E 93 10.92 -61.06 31.56
N LYS E 94 10.99 -59.73 31.68
CA LYS E 94 10.25 -58.88 30.75
C LYS E 94 10.76 -59.03 29.33
N ALA E 95 12.08 -59.19 29.15
CA ALA E 95 12.63 -59.37 27.81
C ALA E 95 12.15 -60.66 27.17
N ALA E 96 12.03 -61.73 27.96
CA ALA E 96 11.58 -63.00 27.41
C ALA E 96 10.11 -62.94 26.98
N ARG E 97 9.26 -62.37 27.83
CA ARG E 97 7.84 -62.31 27.50
C ARG E 97 7.57 -61.37 26.32
N GLN E 98 8.36 -60.29 26.19
CA GLN E 98 8.06 -59.29 25.18
C GLN E 98 8.65 -59.63 23.81
N ARG E 99 9.78 -60.31 23.78
CA ARG E 99 10.47 -60.60 22.52
C ARG E 99 10.55 -62.08 22.20
N GLY E 100 10.01 -62.94 23.06
CA GLY E 100 10.05 -64.38 22.81
C GLY E 100 11.46 -64.89 22.62
N ILE E 101 12.33 -64.62 23.59
CA ILE E 101 13.73 -64.98 23.52
C ILE E 101 14.07 -65.88 24.70
N ALA E 102 15.24 -66.52 24.61
CA ALA E 102 15.84 -67.16 25.76
C ALA E 102 16.83 -66.19 26.40
N VAL E 103 16.92 -66.24 27.73
CA VAL E 103 17.82 -65.36 28.47
C VAL E 103 18.58 -66.18 29.50
N THR E 104 19.90 -66.05 29.50
CA THR E 104 20.77 -66.60 30.54
C THR E 104 21.33 -65.45 31.37
N GLY E 105 21.14 -65.52 32.68
CA GLY E 105 21.60 -64.47 33.57
C GLY E 105 22.59 -64.92 34.64
N VAL E 106 23.67 -64.18 34.82
CA VAL E 106 24.70 -64.50 35.80
C VAL E 106 24.84 -63.34 36.78
N ALA E 107 25.16 -63.70 38.02
CA ALA E 107 25.44 -62.75 39.08
C ALA E 107 26.26 -63.45 40.15
N VAL E 108 26.98 -62.67 40.94
CA VAL E 108 27.86 -63.22 41.96
C VAL E 108 27.14 -63.34 43.30
N SER E 109 25.84 -63.06 43.32
CA SER E 109 25.04 -63.16 44.52
C SER E 109 24.15 -64.40 44.44
N LYS E 110 24.23 -65.24 45.48
CA LYS E 110 23.40 -66.44 45.55
C LYS E 110 21.95 -66.11 45.88
N GLU E 111 21.73 -65.12 46.74
CA GLU E 111 20.37 -64.69 47.04
C GLU E 111 19.68 -64.15 45.79
N GLN E 112 20.41 -63.40 44.96
CA GLN E 112 19.81 -62.82 43.77
C GLN E 112 19.47 -63.90 42.75
N ILE E 113 20.40 -64.83 42.51
CA ILE E 113 20.16 -65.89 41.54
C ILE E 113 19.03 -66.81 41.99
N ALA E 114 18.95 -67.07 43.29
CA ALA E 114 17.84 -67.87 43.82
C ALA E 114 16.51 -67.18 43.59
N ALA E 115 16.44 -65.87 43.89
CA ALA E 115 15.21 -65.12 43.70
C ALA E 115 14.83 -65.02 42.23
N ALA E 116 15.81 -65.06 41.33
CA ALA E 116 15.53 -64.98 39.91
C ALA E 116 14.97 -66.30 39.39
N ASN E 117 15.52 -67.42 39.85
CA ASN E 117 14.98 -68.72 39.48
C ASN E 117 13.55 -68.89 40.03
N ARG E 118 13.29 -68.39 41.23
CA ARG E 118 11.93 -68.39 41.75
C ARG E 118 11.01 -67.60 40.83
N LEU E 119 11.45 -66.38 40.46
CA LEU E 119 10.69 -65.56 39.53
C LEU E 119 10.44 -66.28 38.21
N ALA E 120 11.49 -66.92 37.66
CA ALA E 120 11.32 -67.70 36.44
C ALA E 120 10.37 -68.87 36.65
N ALA E 121 10.45 -69.53 37.81
CA ALA E 121 9.58 -70.67 38.09
C ALA E 121 8.14 -70.22 38.28
N GLY E 122 7.93 -69.06 38.92
CA GLY E 122 6.58 -68.58 39.15
C GLY E 122 5.86 -68.17 37.88
N HIS E 123 6.59 -67.72 36.87
CA HIS E 123 6.01 -67.32 35.59
C HIS E 123 6.06 -68.43 34.55
N GLY E 124 6.51 -69.63 34.92
CA GLY E 124 6.52 -70.73 33.97
C GLY E 124 7.46 -70.53 32.80
N LEU E 125 8.60 -69.89 33.04
CA LEU E 125 9.58 -69.58 32.01
C LEU E 125 10.96 -70.11 32.38
N THR E 126 11.01 -71.30 32.97
CA THR E 126 12.28 -71.88 33.37
C THR E 126 13.04 -72.51 32.20
N GLU E 127 12.37 -72.82 31.09
CA GLU E 127 13.08 -73.26 29.89
C GLU E 127 13.63 -72.10 29.07
N ARG E 128 13.15 -70.88 29.30
CA ARG E 128 13.62 -69.71 28.58
C ARG E 128 14.36 -68.71 29.46
N LEU E 129 14.42 -68.95 30.77
CA LEU E 129 15.14 -68.08 31.70
C LEU E 129 16.06 -68.96 32.55
N THR E 130 17.36 -68.83 32.32
CA THR E 130 18.37 -69.56 33.07
C THR E 130 19.18 -68.57 33.90
N PHE E 131 19.31 -68.84 35.19
CA PHE E 131 20.03 -67.95 36.10
C PHE E 131 21.07 -68.77 36.85
N GLU E 132 22.33 -68.36 36.77
CA GLU E 132 23.44 -69.07 37.39
C GLU E 132 24.32 -68.11 38.18
N VAL E 133 24.95 -68.65 39.20
CA VAL E 133 25.97 -67.93 39.96
C VAL E 133 27.28 -68.03 39.19
N ALA E 134 27.81 -66.90 38.75
CA ALA E 134 29.03 -66.89 37.96
C ALA E 134 29.65 -65.51 37.97
N ASP E 135 30.92 -65.45 37.60
CA ASP E 135 31.67 -64.20 37.50
C ASP E 135 31.78 -63.79 36.04
N ALA E 136 31.36 -62.55 35.75
CA ALA E 136 31.42 -62.03 34.39
C ALA E 136 32.85 -61.88 33.89
N MET E 137 33.81 -61.74 34.81
CA MET E 137 35.22 -61.67 34.42
C MET E 137 35.83 -63.03 34.12
N ARG E 138 35.06 -64.12 34.34
CA ARG E 138 35.42 -65.49 33.94
C ARG E 138 34.12 -66.23 33.62
N LEU E 139 33.55 -65.93 32.45
CA LEU E 139 32.29 -66.54 32.07
C LEU E 139 32.51 -68.02 31.77
N PRO E 140 31.62 -68.90 32.25
CA PRO E 140 31.80 -70.34 32.04
C PRO E 140 31.30 -70.85 30.71
N TYR E 141 30.74 -69.99 29.87
CA TYR E 141 30.12 -70.42 28.62
C TYR E 141 31.15 -70.44 27.50
N GLU E 142 30.80 -71.13 26.41
CA GLU E 142 31.67 -71.30 25.26
C GLU E 142 31.73 -70.02 24.43
N ASP E 143 32.73 -69.98 23.56
CA ASP E 143 32.82 -68.90 22.59
C ASP E 143 31.61 -68.94 21.66
N GLU E 144 31.10 -67.75 21.32
CA GLU E 144 30.03 -67.61 20.33
C GLU E 144 28.80 -68.45 20.71
N SER E 145 28.29 -68.19 21.92
CA SER E 145 27.13 -68.88 22.45
C SER E 145 25.88 -68.03 22.55
N PHE E 146 26.00 -66.70 22.46
CA PHE E 146 24.85 -65.81 22.61
C PHE E 146 24.74 -64.88 21.42
N ASP E 147 23.49 -64.51 21.10
CA ASP E 147 23.23 -63.57 20.01
C ASP E 147 23.45 -62.13 20.43
N CYS E 148 23.06 -61.79 21.65
CA CYS E 148 23.22 -60.44 22.18
C CYS E 148 23.49 -60.56 23.67
N ALA E 149 23.62 -59.40 24.33
CA ALA E 149 23.92 -59.34 25.74
C ALA E 149 23.74 -57.92 26.24
N TRP E 150 23.54 -57.78 27.55
CA TRP E 150 23.56 -56.46 28.16
C TRP E 150 24.14 -56.55 29.57
N ALA E 151 24.78 -55.46 29.98
CA ALA E 151 25.32 -55.30 31.33
C ALA E 151 24.66 -54.04 31.90
N ILE E 152 23.59 -54.24 32.67
CA ILE E 152 22.73 -53.15 33.11
C ILE E 152 23.20 -52.76 34.51
N GLU E 153 24.08 -51.75 34.56
CA GLU E 153 24.54 -51.16 35.82
C GLU E 153 25.29 -52.17 36.68
N SER E 154 26.05 -53.05 36.03
CA SER E 154 26.83 -54.07 36.73
C SER E 154 28.33 -53.93 36.52
N LEU E 155 28.78 -53.25 35.47
CA LEU E 155 30.20 -53.14 35.18
C LEU E 155 30.97 -52.39 36.26
N CYS E 156 30.30 -51.58 37.08
CA CYS E 156 31.01 -50.83 38.11
C CYS E 156 31.53 -51.73 39.23
N HIS E 157 31.04 -52.96 39.33
CA HIS E 157 31.53 -53.91 40.34
C HIS E 157 32.75 -54.69 39.86
N MET E 158 33.03 -54.71 38.57
CA MET E 158 33.97 -55.63 37.94
C MET E 158 35.21 -54.88 37.47
N ASP E 159 36.18 -55.66 36.96
CA ASP E 159 37.23 -55.12 36.11
C ASP E 159 36.66 -55.00 34.71
N ARG E 160 36.51 -53.76 34.23
CA ARG E 160 35.83 -53.54 32.96
C ARG E 160 36.58 -54.14 31.79
N ALA E 161 37.91 -54.21 31.86
CA ALA E 161 38.66 -54.85 30.77
C ALA E 161 38.40 -56.35 30.72
N LYS E 162 38.37 -57.01 31.89
CA LYS E 162 38.13 -58.44 31.92
C LYS E 162 36.69 -58.79 31.59
N ALA E 163 35.73 -58.00 32.09
CA ALA E 163 34.33 -58.26 31.79
C ALA E 163 34.02 -58.06 30.32
N LEU E 164 34.48 -56.94 29.74
CA LEU E 164 34.19 -56.65 28.34
C LEU E 164 34.88 -57.63 27.41
N GLY E 165 36.11 -58.03 27.71
CA GLY E 165 36.76 -59.04 26.91
C GLY E 165 36.08 -60.39 27.01
N GLU E 166 35.49 -60.68 28.17
CA GLU E 166 34.80 -61.95 28.37
C GLU E 166 33.42 -61.94 27.73
N ALA E 167 32.77 -60.77 27.67
CA ALA E 167 31.52 -60.66 26.93
C ALA E 167 31.76 -60.79 25.43
N TRP E 168 32.82 -60.16 24.93
CA TRP E 168 33.17 -60.29 23.51
C TRP E 168 33.38 -61.74 23.12
N ARG E 169 33.95 -62.53 24.03
CA ARG E 169 34.27 -63.93 23.73
C ARG E 169 33.01 -64.77 23.57
N VAL E 170 31.98 -64.51 24.41
CA VAL E 170 30.79 -65.36 24.39
C VAL E 170 29.76 -64.88 23.37
N LEU E 171 29.96 -63.74 22.75
CA LEU E 171 29.05 -63.26 21.72
C LEU E 171 29.38 -63.89 20.38
N LYS E 172 28.35 -64.09 19.56
CA LYS E 172 28.56 -64.44 18.17
C LYS E 172 29.00 -63.20 17.39
N PRO E 173 29.74 -63.38 16.29
CA PRO E 173 30.10 -62.23 15.46
C PRO E 173 28.85 -61.55 14.92
N GLY E 174 28.82 -60.23 15.03
CA GLY E 174 27.64 -59.46 14.71
C GLY E 174 26.69 -59.25 15.87
N GLY E 175 26.96 -59.85 17.02
CA GLY E 175 26.13 -59.63 18.18
C GLY E 175 26.39 -58.30 18.82
N ASP E 176 25.39 -57.81 19.54
CA ASP E 176 25.47 -56.51 20.19
C ASP E 176 25.43 -56.66 21.70
N LEU E 177 26.22 -55.83 22.38
CA LEU E 177 26.24 -55.74 23.83
C LEU E 177 25.76 -54.35 24.24
N LEU E 178 24.71 -54.31 25.06
CA LEU E 178 24.23 -53.05 25.62
C LEU E 178 24.86 -52.82 26.98
N VAL E 179 25.46 -51.65 27.17
CA VAL E 179 26.16 -51.31 28.39
C VAL E 179 25.52 -50.05 28.99
N LEU E 180 25.32 -50.07 30.31
CA LEU E 180 24.87 -48.92 31.08
C LEU E 180 25.92 -48.67 32.16
N GLU E 181 26.79 -47.69 31.93
CA GLU E 181 28.01 -47.52 32.70
C GLU E 181 28.20 -46.05 33.06
N SER E 182 28.91 -45.80 34.15
CA SER E 182 29.27 -44.46 34.59
C SER E 182 30.69 -44.10 34.21
N VAL E 183 30.95 -42.81 34.16
CA VAL E 183 32.24 -42.25 33.76
C VAL E 183 32.44 -40.96 34.54
N VAL E 184 33.67 -40.70 34.98
CA VAL E 184 33.98 -39.43 35.62
C VAL E 184 34.35 -38.40 34.56
N THR E 185 33.88 -37.17 34.76
CA THR E 185 34.29 -36.04 33.95
C THR E 185 35.37 -35.21 34.64
N GLU E 186 35.58 -35.43 35.93
CA GLU E 186 36.69 -34.86 36.66
C GLU E 186 37.27 -35.96 37.56
N GLU E 187 38.55 -35.82 37.90
CA GLU E 187 39.17 -36.82 38.76
C GLU E 187 38.66 -36.65 40.19
N LEU E 188 38.35 -37.78 40.82
CA LEU E 188 37.78 -37.77 42.16
C LEU E 188 38.87 -37.61 43.20
N THR E 189 38.51 -36.98 44.32
CA THR E 189 39.39 -36.98 45.48
C THR E 189 39.39 -38.36 46.13
N GLU E 190 40.34 -38.58 47.04
CA GLU E 190 40.43 -39.88 47.68
C GLU E 190 39.21 -40.20 48.55
N PRO E 191 38.61 -39.27 49.30
CA PRO E 191 37.36 -39.62 50.01
C PRO E 191 36.22 -39.97 49.05
N GLU E 192 36.13 -39.29 47.91
CA GLU E 192 35.07 -39.60 46.96
C GLU E 192 35.25 -41.00 46.38
N THR E 193 36.50 -41.40 46.10
CA THR E 193 36.75 -42.74 45.61
C THR E 193 36.43 -43.79 46.68
N ALA E 194 36.72 -43.48 47.94
CA ALA E 194 36.45 -44.42 49.02
C ALA E 194 34.97 -44.67 49.20
N LEU E 195 34.13 -43.66 48.94
CA LEU E 195 32.69 -43.82 49.11
C LEU E 195 32.11 -44.87 48.17
N PHE E 196 32.72 -45.04 46.99
CA PHE E 196 32.22 -46.04 46.06
C PHE E 196 32.34 -47.45 46.63
N GLU E 197 33.38 -47.71 47.42
CA GLU E 197 33.55 -49.03 48.01
C GLU E 197 32.73 -49.18 49.28
N THR E 198 32.68 -48.14 50.10
CA THR E 198 31.98 -48.24 51.38
C THR E 198 30.47 -48.28 51.18
N LEU E 199 29.94 -47.51 50.23
CA LEU E 199 28.50 -47.44 50.06
C LEU E 199 27.97 -48.49 49.11
N TYR E 200 28.64 -48.71 47.98
CA TYR E 200 28.10 -49.54 46.90
C TYR E 200 28.96 -50.74 46.57
N ALA E 201 30.13 -50.89 47.19
CA ALA E 201 31.07 -51.96 46.83
C ALA E 201 31.36 -51.94 45.33
N ALA E 202 31.57 -50.75 44.80
CA ALA E 202 31.81 -50.55 43.38
C ALA E 202 33.17 -49.90 43.17
N ASN E 203 33.70 -50.10 41.97
CA ASN E 203 34.93 -49.43 41.58
C ASN E 203 34.62 -47.99 41.15
N VAL E 204 35.66 -47.17 41.10
CA VAL E 204 35.51 -45.82 40.56
C VAL E 204 35.33 -45.90 39.04
N PRO E 205 34.39 -45.16 38.46
CA PRO E 205 34.25 -45.18 37.01
C PRO E 205 35.48 -44.63 36.33
N PRO E 206 35.78 -45.06 35.12
CA PRO E 206 36.93 -44.52 34.39
C PRO E 206 36.54 -43.23 33.68
N ARG E 207 37.48 -42.69 32.90
CA ARG E 207 37.16 -41.57 32.04
C ARG E 207 36.54 -42.06 30.74
N LEU E 208 35.91 -41.14 30.02
CA LEU E 208 35.18 -41.51 28.81
C LEU E 208 36.13 -42.07 27.75
N GLY E 209 37.20 -41.35 27.45
CA GLY E 209 38.17 -41.86 26.50
C GLY E 209 38.87 -43.11 26.99
N GLU E 210 39.09 -43.19 28.31
CA GLU E 210 39.69 -44.38 28.89
C GLU E 210 38.76 -45.59 28.78
N PHE E 211 37.45 -45.37 29.00
CA PHE E 211 36.50 -46.46 28.90
C PHE E 211 36.41 -47.00 27.47
N PHE E 212 36.56 -46.12 26.48
CA PHE E 212 36.45 -46.55 25.09
C PHE E 212 37.76 -47.07 24.52
N ASP E 213 38.89 -46.84 25.18
CA ASP E 213 40.08 -47.63 24.87
C ASP E 213 39.91 -49.06 25.35
N ILE E 214 39.25 -49.24 26.50
CA ILE E 214 38.94 -50.58 26.99
C ILE E 214 37.97 -51.27 26.05
N VAL E 215 36.96 -50.55 25.57
CA VAL E 215 35.98 -51.13 24.65
C VAL E 215 36.65 -51.57 23.36
N SER E 216 37.42 -50.67 22.74
CA SER E 216 38.16 -51.04 21.54
C SER E 216 39.18 -52.13 21.81
N GLY E 217 39.75 -52.16 23.02
CA GLY E 217 40.72 -53.19 23.35
C GLY E 217 40.08 -54.56 23.49
N ALA E 218 38.83 -54.62 23.97
CA ALA E 218 38.11 -55.88 24.04
C ALA E 218 37.64 -56.34 22.67
N GLY E 219 37.76 -55.50 21.64
CA GLY E 219 37.38 -55.86 20.29
C GLY E 219 36.04 -55.36 19.83
N PHE E 220 35.42 -54.44 20.57
CA PHE E 220 34.09 -53.94 20.22
C PHE E 220 34.17 -52.68 19.39
N HIS E 221 33.23 -52.54 18.45
CA HIS E 221 32.92 -51.26 17.83
C HIS E 221 31.80 -50.59 18.61
N THR E 222 31.88 -49.27 18.75
CA THR E 222 30.84 -48.51 19.44
C THR E 222 29.83 -47.99 18.43
N LEU E 223 28.57 -48.39 18.58
CA LEU E 223 27.55 -48.02 17.63
C LEU E 223 26.66 -46.88 18.10
N SER E 224 26.55 -46.69 19.42
CA SER E 224 25.70 -45.64 19.95
C SER E 224 26.07 -45.36 21.39
N LEU E 225 25.72 -44.16 21.84
CA LEU E 225 25.86 -43.75 23.23
C LEU E 225 24.74 -42.75 23.50
N LYS E 226 24.11 -42.85 24.67
CA LYS E 226 23.05 -41.93 25.04
C LYS E 226 23.16 -41.61 26.53
N ASP E 227 23.27 -40.33 26.85
CA ASP E 227 23.37 -39.91 28.25
C ASP E 227 22.07 -40.20 28.99
N LEU E 228 22.20 -40.76 30.20
CA LEU E 228 21.06 -41.02 31.08
C LEU E 228 21.32 -40.51 32.49
N SER E 229 22.13 -39.45 32.63
CA SER E 229 22.59 -39.03 33.95
C SER E 229 21.45 -38.52 34.83
N ALA E 230 20.49 -37.80 34.24
CA ALA E 230 19.37 -37.30 35.04
C ALA E 230 18.52 -38.43 35.59
N ASN E 231 18.43 -39.55 34.86
CA ASN E 231 17.68 -40.69 35.38
C ASN E 231 18.37 -41.29 36.58
N LEU E 232 19.71 -41.35 36.55
CA LEU E 232 20.44 -41.87 37.69
C LEU E 232 20.37 -40.93 38.88
N ALA E 233 20.49 -39.62 38.64
CA ALA E 233 20.40 -38.66 39.74
C ALA E 233 19.02 -38.69 40.39
N MET E 234 17.97 -38.82 39.58
CA MET E 234 16.63 -38.93 40.14
C MET E 234 16.47 -40.24 40.91
N THR E 235 17.02 -41.33 40.39
CA THR E 235 16.97 -42.59 41.11
C THR E 235 17.73 -42.50 42.42
N MET E 236 18.87 -41.79 42.40
CA MET E 236 19.67 -41.62 43.61
C MET E 236 18.96 -40.71 44.61
N ASN E 237 18.19 -39.74 44.13
CA ASN E 237 17.37 -38.93 45.03
C ASN E 237 16.19 -39.75 45.58
N VAL E 238 15.51 -40.52 44.73
CA VAL E 238 14.43 -41.38 45.21
C VAL E 238 14.94 -42.35 46.26
N PHE E 239 16.14 -42.90 46.03
CA PHE E 239 16.73 -43.84 46.97
C PHE E 239 17.04 -43.14 48.30
N ALA E 240 17.76 -42.02 48.23
CA ALA E 240 18.15 -41.32 49.45
C ALA E 240 16.95 -40.91 50.28
N LEU E 241 15.89 -40.42 49.63
CA LEU E 241 14.67 -40.06 50.35
C LEU E 241 14.03 -41.29 50.98
N GLY E 242 14.15 -42.45 50.34
CA GLY E 242 13.66 -43.68 50.95
C GLY E 242 14.39 -44.03 52.23
N VAL E 243 15.73 -43.90 52.22
CA VAL E 243 16.51 -44.23 53.41
C VAL E 243 16.28 -43.20 54.51
N TYR E 244 16.32 -41.90 54.15
CA TYR E 244 16.10 -40.85 55.14
C TYR E 244 14.77 -41.03 55.86
N SER E 245 13.71 -41.31 55.10
CA SER E 245 12.36 -41.32 55.67
C SER E 245 12.03 -42.64 56.35
N ARG E 246 12.84 -43.67 56.17
CA ARG E 246 12.55 -44.99 56.73
C ARG E 246 13.78 -45.54 57.42
N ARG E 247 14.46 -44.69 58.22
CA ARG E 247 15.69 -45.11 58.88
C ARG E 247 15.41 -46.21 59.90
N ALA E 248 14.40 -46.04 60.74
CA ALA E 248 14.10 -47.04 61.76
C ALA E 248 13.79 -48.39 61.15
N GLU E 249 13.05 -48.40 60.03
CA GLU E 249 12.72 -49.65 59.37
C GLU E 249 13.97 -50.34 58.82
N PHE E 250 14.80 -49.58 58.09
CA PHE E 250 15.98 -50.18 57.45
C PHE E 250 17.04 -50.59 58.47
N THR E 251 17.10 -49.90 59.61
CA THR E 251 18.03 -50.31 60.67
C THR E 251 17.61 -51.64 61.28
N GLU E 252 16.31 -51.85 61.48
CA GLU E 252 15.83 -53.16 61.91
C GLU E 252 16.11 -54.21 60.83
N ARG E 253 16.17 -53.79 59.57
CA ARG E 253 16.32 -54.72 58.46
C ARG E 253 17.77 -55.07 58.19
N PHE E 254 18.66 -54.08 58.21
CA PHE E 254 20.05 -54.26 57.79
C PHE E 254 21.06 -53.88 58.86
N GLY E 255 20.61 -53.59 60.07
CA GLY E 255 21.54 -53.20 61.12
C GLY E 255 21.85 -51.72 61.08
N ALA E 256 22.19 -51.13 62.23
CA ALA E 256 22.46 -49.70 62.28
C ALA E 256 23.73 -49.34 61.50
N GLU E 257 24.72 -50.23 61.45
CA GLU E 257 25.97 -49.91 60.79
C GLU E 257 25.78 -49.64 59.31
N PHE E 258 24.91 -50.41 58.65
CA PHE E 258 24.68 -50.21 57.23
C PHE E 258 23.89 -48.93 56.99
N VAL E 259 22.86 -48.68 57.77
CA VAL E 259 22.00 -47.53 57.54
C VAL E 259 22.72 -46.23 57.88
N ASP E 260 23.46 -46.23 59.00
CA ASP E 260 24.20 -45.02 59.38
C ASP E 260 25.21 -44.63 58.32
N GLY E 261 25.82 -45.62 57.65
CA GLY E 261 26.74 -45.30 56.57
C GLY E 261 26.05 -44.59 55.42
N LEU E 262 24.90 -45.14 54.99
CA LEU E 262 24.14 -44.49 53.92
C LEU E 262 23.72 -43.09 54.31
N LEU E 263 23.25 -42.91 55.55
CA LEU E 263 22.82 -41.59 56.00
C LEU E 263 23.99 -40.61 56.03
N ALA E 264 25.19 -41.10 56.29
CA ALA E 264 26.36 -40.24 56.38
C ALA E 264 27.08 -40.05 55.05
N GLY E 265 26.69 -40.77 54.01
CA GLY E 265 27.43 -40.71 52.76
C GLY E 265 26.62 -40.33 51.53
N LEU E 266 25.30 -40.51 51.58
CA LEU E 266 24.48 -40.30 50.39
C LEU E 266 24.55 -38.86 49.92
N GLY E 267 24.52 -37.90 50.84
CA GLY E 267 24.60 -36.50 50.44
C GLY E 267 25.88 -36.19 49.67
N SER E 268 27.03 -36.60 50.23
CA SER E 268 28.29 -36.41 49.54
C SER E 268 28.35 -37.20 48.24
N ALA E 269 27.83 -38.42 48.25
CA ALA E 269 27.81 -39.22 47.03
C ALA E 269 26.95 -38.57 45.96
N GLN E 270 25.82 -37.99 46.35
CA GLN E 270 24.96 -37.31 45.39
C GLN E 270 25.68 -36.14 44.74
N GLU E 271 26.43 -35.37 45.53
CA GLU E 271 27.12 -34.20 44.98
C GLU E 271 28.22 -34.63 44.02
N THR E 272 28.94 -35.71 44.36
CA THR E 272 29.97 -36.22 43.45
C THR E 272 29.33 -36.73 42.15
N LEU E 273 28.18 -37.39 42.27
CA LEU E 273 27.43 -37.82 41.09
C LEU E 273 27.04 -36.63 40.23
N ILE E 274 26.48 -35.60 40.86
CA ILE E 274 25.98 -34.43 40.12
C ILE E 274 27.12 -33.73 39.39
N ARG E 275 28.25 -33.53 40.05
CA ARG E 275 29.28 -32.63 39.55
C ARG E 275 30.43 -33.33 38.83
N LYS E 276 30.68 -34.61 39.09
CA LYS E 276 31.88 -35.25 38.57
C LYS E 276 31.66 -36.50 37.74
N THR E 277 30.42 -36.90 37.48
CA THR E 277 30.17 -38.15 36.76
C THR E 277 29.05 -37.94 35.74
N ARG E 278 29.02 -38.85 34.76
CA ARG E 278 27.90 -38.96 33.84
C ARG E 278 27.58 -40.42 33.60
N PHE E 279 26.32 -40.68 33.25
CA PHE E 279 25.79 -42.02 33.10
C PHE E 279 25.20 -42.15 31.70
N PHE E 280 25.50 -43.26 31.01
CA PHE E 280 25.05 -43.38 29.63
C PHE E 280 24.73 -44.83 29.28
N MET E 281 23.88 -44.98 28.27
CA MET E 281 23.61 -46.25 27.63
C MET E 281 24.40 -46.32 26.33
N ALA E 282 25.11 -47.41 26.12
CA ALA E 282 25.96 -47.55 24.95
C ALA E 282 25.76 -48.91 24.30
N THR E 283 25.74 -48.93 22.96
CA THR E 283 25.59 -50.16 22.20
C THR E 283 26.91 -50.49 21.52
N LEU E 284 27.48 -51.63 21.88
CA LEU E 284 28.75 -52.11 21.35
C LEU E 284 28.51 -53.36 20.53
N ARG E 285 29.14 -53.45 19.36
CA ARG E 285 28.98 -54.61 18.49
C ARG E 285 30.30 -55.35 18.37
N LYS E 286 30.22 -56.68 18.49
CA LYS E 286 31.33 -57.54 18.10
C LYS E 286 31.30 -57.68 16.58
N PRO E 287 32.35 -57.27 15.88
CA PRO E 287 32.27 -57.20 14.41
C PRO E 287 32.01 -58.55 13.77
N ALA E 288 31.32 -58.51 12.63
CA ALA E 288 31.04 -59.71 11.87
C ALA E 288 32.23 -60.05 10.96
N VAL E 289 32.21 -61.26 10.42
CA VAL E 289 33.23 -61.67 9.47
C VAL E 289 32.64 -61.87 8.07
N GLN F 10 38.92 -51.66 40.45
CA GLN F 10 39.49 -52.95 40.79
C GLN F 10 39.65 -53.11 42.29
N GLN F 11 39.02 -52.20 43.05
CA GLN F 11 39.19 -52.14 44.50
C GLN F 11 38.21 -53.03 45.25
N VAL F 12 37.41 -53.83 44.53
CA VAL F 12 36.49 -54.79 45.14
C VAL F 12 36.61 -56.10 44.38
N THR F 13 36.22 -57.18 45.04
CA THR F 13 36.28 -58.51 44.45
C THR F 13 34.87 -59.05 44.25
N ALA F 14 34.80 -60.14 43.47
CA ALA F 14 33.49 -60.73 43.15
C ALA F 14 32.82 -61.32 44.38
N ASP F 15 33.60 -61.92 45.29
CA ASP F 15 33.00 -62.47 46.51
C ASP F 15 32.48 -61.36 47.41
N GLU F 16 33.18 -60.23 47.46
CA GLU F 16 32.74 -59.12 48.29
C GLU F 16 31.52 -58.45 47.70
N VAL F 17 31.42 -58.37 46.37
CA VAL F 17 30.21 -57.82 45.76
C VAL F 17 29.04 -58.76 45.95
N GLY F 18 29.28 -60.07 45.86
CA GLY F 18 28.22 -61.04 46.07
C GLY F 18 27.70 -61.02 47.49
N ASP F 19 28.60 -60.95 48.47
CA ASP F 19 28.19 -60.87 49.86
C ASP F 19 27.40 -59.60 50.14
N TRP F 20 27.78 -58.50 49.49
CA TRP F 20 27.10 -57.23 49.72
C TRP F 20 25.64 -57.30 49.31
N TYR F 21 25.36 -57.92 48.15
CA TYR F 21 23.98 -58.06 47.69
C TYR F 21 23.24 -59.13 48.47
N ASP F 22 23.93 -60.19 48.90
CA ASP F 22 23.29 -61.20 49.75
C ASP F 22 22.75 -60.56 51.02
N LYS F 23 23.44 -59.56 51.55
CA LYS F 23 23.07 -58.92 52.80
C LYS F 23 22.25 -57.66 52.60
N PHE F 24 22.56 -56.85 51.59
CA PHE F 24 21.99 -55.52 51.44
C PHE F 24 21.27 -55.33 50.11
N GLY F 25 21.14 -56.38 49.30
CA GLY F 25 20.52 -56.23 48.00
C GLY F 25 19.07 -55.79 48.06
N GLU F 26 18.33 -56.25 49.07
CA GLU F 26 16.90 -55.98 49.14
C GLU F 26 16.58 -54.53 49.52
N VAL F 27 17.55 -53.75 49.99
CA VAL F 27 17.25 -52.33 50.23
C VAL F 27 16.95 -51.61 48.93
N TYR F 28 17.47 -52.12 47.81
CA TYR F 28 17.14 -51.53 46.50
C TYR F 28 15.70 -51.86 46.11
N HIS F 29 15.21 -53.05 46.45
CA HIS F 29 13.84 -53.39 46.09
C HIS F 29 12.83 -52.66 46.97
N LEU F 30 13.22 -52.27 48.18
CA LEU F 30 12.31 -51.58 49.08
C LEU F 30 12.15 -50.11 48.71
N THR F 31 13.17 -49.53 48.08
CA THR F 31 13.19 -48.12 47.75
C THR F 31 12.97 -47.83 46.27
N LEU F 32 13.46 -48.69 45.38
CA LEU F 32 13.44 -48.42 43.95
C LEU F 32 12.39 -49.20 43.18
N GLY F 33 12.13 -50.44 43.57
CA GLY F 33 11.09 -51.22 42.93
C GLY F 33 11.53 -52.64 42.68
N GLU F 34 10.78 -53.33 41.82
CA GLU F 34 10.99 -54.76 41.61
C GLU F 34 12.25 -55.07 40.80
N SER F 35 13.07 -54.06 40.47
CA SER F 35 14.31 -54.27 39.75
C SER F 35 15.42 -53.59 40.54
N VAL F 36 16.64 -53.69 40.02
CA VAL F 36 17.81 -53.08 40.68
C VAL F 36 18.50 -52.15 39.69
N HIS F 37 17.77 -51.18 39.14
CA HIS F 37 18.33 -50.25 38.17
C HIS F 37 17.55 -48.95 38.21
N CYS F 38 17.96 -48.00 37.38
CA CYS F 38 17.40 -46.67 37.38
C CYS F 38 15.93 -46.69 36.95
N GLY F 39 15.22 -45.62 37.31
CA GLY F 39 13.92 -45.36 36.76
C GLY F 39 14.03 -44.44 35.55
N LEU F 40 13.11 -44.62 34.59
CA LEU F 40 13.06 -43.79 33.40
C LEU F 40 12.22 -42.57 33.75
N TRP F 41 12.83 -41.66 34.50
CA TRP F 41 12.13 -40.50 34.98
C TRP F 41 12.01 -39.42 33.93
N PHE F 42 12.89 -39.40 32.94
CA PHE F 42 12.84 -38.46 31.86
C PHE F 42 12.66 -39.22 30.55
N PRO F 43 11.72 -38.80 29.70
CA PRO F 43 11.54 -39.50 28.43
C PRO F 43 12.82 -39.43 27.61
N PRO F 44 13.11 -40.47 26.83
CA PRO F 44 14.36 -40.46 26.04
C PRO F 44 14.52 -39.27 25.11
N ASP F 45 13.43 -38.67 24.62
CA ASP F 45 13.55 -37.50 23.76
C ASP F 45 13.67 -36.19 24.53
N ALA F 46 13.74 -36.23 25.87
CA ALA F 46 13.91 -35.00 26.64
C ALA F 46 15.37 -34.53 26.56
N PRO F 47 15.61 -33.23 26.52
CA PRO F 47 17.00 -32.75 26.51
C PRO F 47 17.68 -33.02 27.84
N VAL F 48 18.98 -33.28 27.77
CA VAL F 48 19.82 -33.41 28.97
C VAL F 48 19.83 -32.08 29.71
N PRO F 49 19.43 -32.05 30.99
CA PRO F 49 19.30 -30.78 31.69
C PRO F 49 20.64 -30.06 31.81
N GLN F 50 20.56 -28.73 32.02
CA GLN F 50 21.76 -27.91 32.18
C GLN F 50 22.63 -28.38 33.35
N ASP F 51 22.01 -28.86 34.43
CA ASP F 51 22.75 -29.51 35.50
C ASP F 51 21.83 -30.49 36.22
N MET F 52 22.40 -31.23 37.16
CA MET F 52 21.71 -32.33 37.82
C MET F 52 21.23 -32.00 39.23
N GLU F 53 21.21 -30.71 39.61
CA GLU F 53 20.60 -30.34 40.87
C GLU F 53 19.13 -30.76 40.85
N LEU F 54 18.64 -31.25 41.98
CA LEU F 54 17.26 -31.69 42.08
C LEU F 54 16.29 -30.61 41.61
N VAL F 55 16.54 -29.35 41.98
CA VAL F 55 15.63 -28.28 41.58
C VAL F 55 15.63 -28.12 40.07
N THR F 56 16.81 -28.27 39.44
CA THR F 56 16.91 -28.11 37.99
C THR F 56 16.12 -29.20 37.26
N MET F 57 16.28 -30.45 37.69
CA MET F 57 15.58 -31.54 37.03
C MET F 57 14.07 -31.41 37.23
N SER F 58 13.64 -31.11 38.45
CA SER F 58 12.23 -30.84 38.69
C SER F 58 11.73 -29.65 37.87
N SER F 59 12.60 -28.69 37.59
CA SER F 59 12.17 -27.55 36.78
C SER F 59 11.92 -27.98 35.34
N GLN F 60 12.77 -28.86 34.81
CA GLN F 60 12.52 -29.40 33.49
C GLN F 60 11.22 -30.18 33.45
N ALA F 61 10.94 -30.95 34.50
CA ALA F 61 9.67 -31.68 34.59
C ALA F 61 8.50 -30.71 34.65
N GLN F 62 8.66 -29.58 35.34
CA GLN F 62 7.61 -28.56 35.39
C GLN F 62 7.33 -27.99 34.01
N ASP F 63 8.37 -27.80 33.19
CA ASP F 63 8.19 -27.19 31.88
C ASP F 63 7.50 -28.16 30.92
N ARG F 64 7.83 -29.44 31.02
CA ARG F 64 7.18 -30.44 30.19
C ARG F 64 5.72 -30.61 30.62
N TYR F 65 5.46 -30.47 31.91
CA TYR F 65 4.09 -30.37 32.42
C TYR F 65 3.37 -29.20 31.75
N THR F 66 4.04 -28.04 31.66
CA THR F 66 3.41 -26.89 31.03
C THR F 66 3.17 -27.14 29.55
N ASP F 67 4.16 -27.70 28.84
CA ASP F 67 3.98 -28.03 27.43
C ASP F 67 2.76 -28.92 27.20
N TYR F 68 2.47 -29.81 28.17
CA TYR F 68 1.32 -30.70 28.05
C TYR F 68 0.01 -29.94 28.22
N LEU F 69 -0.04 -29.02 29.19
CA LEU F 69 -1.25 -28.19 29.37
C LEU F 69 -1.52 -27.31 28.16
N ILE F 70 -0.45 -26.80 27.52
CA ILE F 70 -0.61 -26.01 26.30
C ILE F 70 -1.16 -26.89 25.18
N GLU F 71 -0.61 -28.08 25.03
CA GLU F 71 -1.12 -29.00 24.02
C GLU F 71 -2.57 -29.37 24.30
N THR F 72 -2.91 -29.58 25.57
CA THR F 72 -4.27 -30.00 25.92
C THR F 72 -5.27 -28.88 25.65
N LEU F 73 -5.00 -27.69 26.19
CA LEU F 73 -5.93 -26.58 25.99
C LEU F 73 -5.90 -26.09 24.56
N ASP F 74 -4.72 -26.09 23.94
CA ASP F 74 -4.51 -25.77 22.53
C ASP F 74 -4.93 -24.33 22.21
N PRO F 75 -4.34 -23.31 22.85
CA PRO F 75 -4.70 -21.93 22.49
C PRO F 75 -4.18 -21.56 21.11
N LYS F 76 -5.01 -20.83 20.36
CA LYS F 76 -4.71 -20.49 18.98
C LYS F 76 -4.12 -19.08 18.87
N ALA F 77 -3.25 -18.91 17.88
CA ALA F 77 -2.59 -17.63 17.65
C ALA F 77 -3.60 -16.50 17.56
N GLY F 78 -3.36 -15.44 18.34
CA GLY F 78 -4.23 -14.30 18.35
C GLY F 78 -5.28 -14.31 19.44
N GLN F 79 -5.34 -15.35 20.25
CA GLN F 79 -6.34 -15.40 21.31
C GLN F 79 -5.80 -14.74 22.58
N HIS F 80 -6.70 -14.50 23.53
CA HIS F 80 -6.36 -13.94 24.83
C HIS F 80 -6.73 -14.95 25.89
N LEU F 81 -5.75 -15.38 26.67
CA LEU F 81 -5.90 -16.39 27.71
C LEU F 81 -5.84 -15.74 29.08
N LEU F 82 -6.73 -16.15 29.97
CA LEU F 82 -6.76 -15.67 31.34
C LEU F 82 -6.14 -16.74 32.23
N ASP F 83 -5.07 -16.38 32.94
CA ASP F 83 -4.41 -17.30 33.87
C ASP F 83 -4.91 -16.98 35.28
N ILE F 84 -5.75 -17.86 35.81
CA ILE F 84 -6.38 -17.67 37.11
C ILE F 84 -5.45 -18.27 38.17
N GLY F 85 -4.82 -17.39 38.96
CA GLY F 85 -3.80 -17.84 39.89
C GLY F 85 -2.48 -18.15 39.20
N CYS F 86 -1.85 -17.12 38.64
CA CYS F 86 -0.78 -17.23 37.66
C CYS F 86 0.61 -17.42 38.26
N GLY F 87 0.77 -17.38 39.58
CA GLY F 87 2.09 -17.57 40.15
C GLY F 87 3.03 -16.45 39.73
N THR F 88 4.27 -16.82 39.41
CA THR F 88 5.28 -15.86 39.00
C THR F 88 5.46 -15.79 37.48
N GLY F 89 4.55 -16.39 36.71
CA GLY F 89 4.37 -16.07 35.31
C GLY F 89 4.91 -17.06 34.30
N ARG F 90 5.78 -17.99 34.71
CA ARG F 90 6.51 -18.80 33.74
C ARG F 90 5.56 -19.56 32.82
N THR F 91 4.47 -20.10 33.38
CA THR F 91 3.51 -20.82 32.54
C THR F 91 2.93 -19.91 31.46
N ALA F 92 2.56 -18.67 31.85
CA ALA F 92 2.03 -17.71 30.89
C ALA F 92 3.07 -17.38 29.82
N LEU F 93 4.30 -17.13 30.22
CA LEU F 93 5.36 -16.81 29.27
C LEU F 93 5.52 -17.93 28.24
N LYS F 94 5.52 -19.18 28.68
CA LYS F 94 5.72 -20.29 27.76
C LYS F 94 4.56 -20.41 26.78
N ALA F 95 3.34 -20.17 27.24
CA ALA F 95 2.18 -20.23 26.36
C ALA F 95 2.22 -19.12 25.32
N ALA F 96 2.60 -17.90 25.73
CA ALA F 96 2.65 -16.79 24.78
C ALA F 96 3.73 -17.02 23.71
N ARG F 97 4.89 -17.53 24.10
CA ARG F 97 5.95 -17.78 23.13
C ARG F 97 5.58 -18.91 22.18
N GLN F 98 4.92 -19.95 22.68
CA GLN F 98 4.69 -21.13 21.87
C GLN F 98 3.50 -20.98 20.95
N ARG F 99 2.49 -20.21 21.35
CA ARG F 99 1.23 -20.17 20.61
C ARG F 99 0.89 -18.77 20.08
N GLY F 100 1.78 -17.80 20.25
CA GLY F 100 1.51 -16.45 19.76
C GLY F 100 0.24 -15.85 20.31
N ILE F 101 -0.01 -16.01 21.60
CA ILE F 101 -1.22 -15.53 22.23
C ILE F 101 -0.88 -14.41 23.20
N ALA F 102 -1.92 -13.75 23.70
CA ALA F 102 -1.80 -12.79 24.78
C ALA F 102 -2.28 -13.45 26.06
N VAL F 103 -1.60 -13.16 27.16
CA VAL F 103 -1.95 -13.76 28.44
C VAL F 103 -2.15 -12.66 29.47
N THR F 104 -3.22 -12.75 30.23
CA THR F 104 -3.44 -11.92 31.40
C THR F 104 -3.48 -12.83 32.62
N GLY F 105 -2.63 -12.54 33.60
CA GLY F 105 -2.51 -13.35 34.80
C GLY F 105 -2.96 -12.60 36.04
N VAL F 106 -3.63 -13.31 36.94
CA VAL F 106 -4.09 -12.72 38.19
C VAL F 106 -3.59 -13.60 39.34
N ALA F 107 -3.14 -12.95 40.41
CA ALA F 107 -2.82 -13.65 41.64
C ALA F 107 -3.07 -12.71 42.80
N VAL F 108 -3.16 -13.27 44.01
CA VAL F 108 -3.42 -12.47 45.19
C VAL F 108 -2.15 -12.10 45.94
N SER F 109 -0.99 -12.49 45.42
CA SER F 109 0.30 -12.18 46.04
C SER F 109 0.99 -11.07 45.26
N LYS F 110 1.29 -9.95 45.96
CA LYS F 110 1.96 -8.82 45.32
C LYS F 110 3.38 -9.19 44.85
N GLU F 111 4.08 -10.06 45.59
CA GLU F 111 5.42 -10.46 45.19
C GLU F 111 5.41 -11.26 43.90
N GLN F 112 4.49 -12.22 43.77
CA GLN F 112 4.46 -13.06 42.58
C GLN F 112 4.15 -12.24 41.33
N ILE F 113 3.23 -11.29 41.45
CA ILE F 113 2.91 -10.40 40.32
C ILE F 113 4.12 -9.56 39.95
N ALA F 114 4.86 -9.08 40.96
CA ALA F 114 6.08 -8.33 40.66
C ALA F 114 7.10 -9.22 39.95
N ALA F 115 7.22 -10.47 40.38
CA ALA F 115 8.15 -11.37 39.70
C ALA F 115 7.69 -11.71 38.29
N ALA F 116 6.37 -11.78 38.08
CA ALA F 116 5.84 -12.07 36.75
C ALA F 116 6.00 -10.86 35.82
N ASN F 117 5.71 -9.65 36.29
CA ASN F 117 6.02 -8.47 35.48
C ASN F 117 7.52 -8.37 35.21
N ARG F 118 8.36 -8.68 36.21
CA ARG F 118 9.80 -8.77 35.98
C ARG F 118 10.11 -9.76 34.87
N LEU F 119 9.45 -10.91 34.88
CA LEU F 119 9.73 -11.93 33.89
C LEU F 119 9.28 -11.48 32.50
N ALA F 120 8.14 -10.80 32.42
CA ALA F 120 7.67 -10.29 31.14
C ALA F 120 8.61 -9.21 30.59
N ALA F 121 9.13 -8.33 31.44
CA ALA F 121 10.00 -7.27 30.94
C ALA F 121 11.31 -7.82 30.41
N GLY F 122 11.93 -8.76 31.15
CA GLY F 122 13.18 -9.35 30.70
C GLY F 122 13.08 -10.17 29.44
N HIS F 123 11.87 -10.55 29.03
CA HIS F 123 11.65 -11.23 27.76
C HIS F 123 11.03 -10.32 26.71
N GLY F 124 10.84 -9.04 27.02
CA GLY F 124 10.28 -8.13 26.05
C GLY F 124 8.84 -8.42 25.66
N LEU F 125 8.06 -9.01 26.57
CA LEU F 125 6.71 -9.43 26.25
C LEU F 125 5.66 -8.72 27.12
N THR F 126 5.98 -7.52 27.59
CA THR F 126 4.99 -6.74 28.35
C THR F 126 3.77 -6.37 27.52
N GLU F 127 3.88 -6.28 26.19
CA GLU F 127 2.70 -6.01 25.37
C GLU F 127 1.76 -7.20 25.26
N ARG F 128 2.28 -8.43 25.46
CA ARG F 128 1.45 -9.62 25.36
C ARG F 128 1.19 -10.31 26.70
N LEU F 129 1.96 -9.98 27.73
CA LEU F 129 1.79 -10.54 29.07
C LEU F 129 1.39 -9.43 30.03
N THR F 130 0.22 -9.58 30.66
CA THR F 130 -0.27 -8.64 31.67
C THR F 130 -0.49 -9.41 32.97
N PHE F 131 0.15 -8.98 34.04
CA PHE F 131 -0.02 -9.60 35.35
C PHE F 131 -0.53 -8.56 36.33
N GLU F 132 -1.54 -8.94 37.10
CA GLU F 132 -2.23 -8.03 38.02
C GLU F 132 -2.59 -8.75 39.31
N VAL F 133 -2.59 -7.99 40.40
CA VAL F 133 -3.09 -8.46 41.69
C VAL F 133 -4.60 -8.34 41.66
N ALA F 134 -5.30 -9.48 41.65
CA ALA F 134 -6.75 -9.48 41.66
C ALA F 134 -7.24 -10.82 42.21
N ASP F 135 -8.49 -10.82 42.64
CA ASP F 135 -9.12 -11.98 43.28
C ASP F 135 -9.95 -12.74 42.25
N ALA F 136 -9.64 -14.03 42.08
CA ALA F 136 -10.34 -14.85 41.11
C ALA F 136 -11.84 -14.94 41.41
N MET F 137 -12.22 -14.75 42.67
CA MET F 137 -13.62 -14.84 43.04
C MET F 137 -14.40 -13.57 42.74
N ARG F 138 -13.70 -12.46 42.41
CA ARG F 138 -14.31 -11.22 41.95
C ARG F 138 -13.34 -10.63 40.92
N LEU F 139 -13.34 -11.21 39.73
CA LEU F 139 -12.45 -10.73 38.68
C LEU F 139 -12.87 -9.35 38.20
N PRO F 140 -11.92 -8.46 37.93
CA PRO F 140 -12.25 -7.10 37.49
C PRO F 140 -12.58 -6.98 36.01
N TYR F 141 -12.61 -8.10 35.27
CA TYR F 141 -12.73 -8.07 33.83
C TYR F 141 -14.18 -8.15 33.39
N GLU F 142 -14.46 -7.60 32.22
CA GLU F 142 -15.80 -7.59 31.67
C GLU F 142 -16.22 -9.01 31.30
N ASP F 143 -17.47 -9.13 30.87
CA ASP F 143 -18.00 -10.41 30.44
C ASP F 143 -17.47 -10.76 29.06
N GLU F 144 -17.22 -12.06 28.85
CA GLU F 144 -16.83 -12.59 27.53
C GLU F 144 -15.59 -11.88 27.00
N SER F 145 -14.57 -11.78 27.84
CA SER F 145 -13.34 -11.06 27.50
C SER F 145 -12.22 -11.97 27.03
N PHE F 146 -12.24 -13.25 27.39
CA PHE F 146 -11.14 -14.15 27.11
C PHE F 146 -11.60 -15.34 26.26
N ASP F 147 -10.75 -15.76 25.35
CA ASP F 147 -11.08 -16.91 24.51
C ASP F 147 -10.89 -18.22 25.26
N CYS F 148 -9.93 -18.28 26.17
CA CYS F 148 -9.71 -19.47 26.96
C CYS F 148 -9.06 -19.06 28.27
N ALA F 149 -8.95 -20.02 29.19
CA ALA F 149 -8.38 -19.76 30.50
C ALA F 149 -7.90 -21.07 31.09
N TRP F 150 -7.07 -20.97 32.12
CA TRP F 150 -6.73 -22.12 32.93
C TRP F 150 -6.49 -21.69 34.37
N ALA F 151 -6.76 -22.62 35.29
CA ALA F 151 -6.52 -22.45 36.73
C ALA F 151 -5.62 -23.62 37.11
N ILE F 152 -4.32 -23.38 37.13
CA ILE F 152 -3.33 -24.43 37.29
C ILE F 152 -2.97 -24.52 38.77
N GLU F 153 -3.62 -25.46 39.47
CA GLU F 153 -3.32 -25.76 40.87
C GLU F 153 -3.56 -24.55 41.77
N SER F 154 -4.61 -23.79 41.47
CA SER F 154 -4.95 -22.60 42.23
C SER F 154 -6.35 -22.62 42.85
N LEU F 155 -7.27 -23.44 42.33
CA LEU F 155 -8.64 -23.47 42.87
C LEU F 155 -8.68 -23.92 44.31
N CYS F 156 -7.70 -24.73 44.74
CA CYS F 156 -7.65 -25.19 46.13
C CYS F 156 -7.57 -24.04 47.13
N HIS F 157 -7.11 -22.85 46.72
CA HIS F 157 -7.02 -21.69 47.60
C HIS F 157 -8.32 -20.88 47.65
N MET F 158 -9.32 -21.23 46.85
CA MET F 158 -10.45 -20.35 46.61
C MET F 158 -11.76 -21.05 46.96
N ASP F 159 -12.84 -20.27 46.96
CA ASP F 159 -14.20 -20.82 46.91
C ASP F 159 -14.47 -21.20 45.47
N ARG F 160 -14.49 -22.52 45.20
CA ARG F 160 -14.45 -23.01 43.82
C ARG F 160 -15.67 -22.56 43.03
N ALA F 161 -16.86 -22.57 43.65
CA ALA F 161 -18.06 -22.12 42.95
C ALA F 161 -17.93 -20.66 42.52
N LYS F 162 -17.45 -19.79 43.42
CA LYS F 162 -17.25 -18.39 43.04
C LYS F 162 -16.25 -18.27 41.91
N ALA F 163 -15.06 -18.86 42.09
CA ALA F 163 -14.02 -18.74 41.07
C ALA F 163 -14.48 -19.31 39.75
N LEU F 164 -15.15 -20.47 39.78
CA LEU F 164 -15.63 -21.06 38.53
C LEU F 164 -16.73 -20.22 37.90
N GLY F 165 -17.63 -19.68 38.70
CA GLY F 165 -18.66 -18.80 38.16
C GLY F 165 -18.07 -17.54 37.54
N GLU F 166 -17.05 -16.99 38.18
CA GLU F 166 -16.39 -15.81 37.63
C GLU F 166 -15.59 -16.17 36.39
N ALA F 167 -14.97 -17.36 36.38
CA ALA F 167 -14.26 -17.80 35.19
C ALA F 167 -15.21 -18.00 34.02
N TRP F 168 -16.42 -18.54 34.28
CA TRP F 168 -17.41 -18.68 33.23
C TRP F 168 -17.86 -17.32 32.70
N ARG F 169 -17.93 -16.32 33.59
CA ARG F 169 -18.42 -15.00 33.19
C ARG F 169 -17.47 -14.32 32.21
N VAL F 170 -16.17 -14.36 32.48
CA VAL F 170 -15.21 -13.66 31.63
C VAL F 170 -14.84 -14.44 30.38
N LEU F 171 -15.26 -15.69 30.27
CA LEU F 171 -15.00 -16.48 29.07
C LEU F 171 -16.00 -16.15 27.98
N LYS F 172 -15.51 -16.06 26.75
CA LYS F 172 -16.38 -15.98 25.60
C LYS F 172 -17.11 -17.31 25.41
N PRO F 173 -18.32 -17.29 24.84
CA PRO F 173 -19.03 -18.55 24.60
C PRO F 173 -18.27 -19.43 23.62
N GLY F 174 -18.24 -20.71 23.91
CA GLY F 174 -17.48 -21.65 23.11
C GLY F 174 -16.06 -21.84 23.56
N GLY F 175 -15.55 -20.97 24.44
CA GLY F 175 -14.19 -21.10 24.94
C GLY F 175 -14.07 -22.18 26.01
N ASP F 176 -12.83 -22.56 26.28
CA ASP F 176 -12.54 -23.64 27.20
C ASP F 176 -11.77 -23.14 28.42
N LEU F 177 -11.93 -23.86 29.52
CA LEU F 177 -11.20 -23.62 30.76
C LEU F 177 -10.54 -24.92 31.20
N LEU F 178 -9.21 -24.91 31.28
CA LEU F 178 -8.46 -26.07 31.77
C LEU F 178 -8.24 -25.92 33.27
N VAL F 179 -8.63 -26.94 34.03
CA VAL F 179 -8.58 -26.92 35.48
C VAL F 179 -7.68 -28.05 35.95
N LEU F 180 -6.76 -27.74 36.87
CA LEU F 180 -5.94 -28.74 37.54
C LEU F 180 -6.31 -28.70 39.02
N GLU F 181 -7.08 -29.69 39.47
CA GLU F 181 -7.70 -29.69 40.79
C GLU F 181 -7.53 -31.05 41.44
N SER F 182 -7.52 -31.06 42.76
CA SER F 182 -7.55 -32.28 43.55
C SER F 182 -8.96 -32.55 44.05
N VAL F 183 -9.20 -33.82 44.39
CA VAL F 183 -10.49 -34.30 44.88
C VAL F 183 -10.21 -35.38 45.92
N VAL F 184 -11.04 -35.43 46.97
CA VAL F 184 -10.94 -36.47 48.00
C VAL F 184 -11.70 -37.71 47.55
N THR F 185 -11.08 -38.87 47.74
CA THR F 185 -11.72 -40.15 47.53
C THR F 185 -12.24 -40.77 48.81
N GLU F 186 -11.70 -40.36 49.95
CA GLU F 186 -12.14 -40.75 51.28
C GLU F 186 -12.78 -39.56 51.98
N GLU F 187 -12.97 -39.69 53.28
CA GLU F 187 -13.32 -38.56 54.13
C GLU F 187 -12.14 -38.25 55.02
N LEU F 188 -11.82 -36.96 55.14
CA LEU F 188 -10.63 -36.54 55.88
C LEU F 188 -10.95 -36.38 57.35
N THR F 189 -10.05 -36.86 58.20
CA THR F 189 -10.13 -36.54 59.62
C THR F 189 -9.83 -35.06 59.82
N GLU F 190 -10.20 -34.56 61.00
CA GLU F 190 -9.96 -33.15 61.29
C GLU F 190 -8.48 -32.79 61.30
N PRO F 191 -7.56 -33.58 61.88
CA PRO F 191 -6.13 -33.24 61.76
C PRO F 191 -5.65 -33.16 60.31
N GLU F 192 -6.21 -33.97 59.42
CA GLU F 192 -5.83 -33.89 58.01
C GLU F 192 -6.30 -32.59 57.38
N THR F 193 -7.55 -32.20 57.67
CA THR F 193 -8.06 -30.94 57.12
C THR F 193 -7.28 -29.74 57.64
N ALA F 194 -6.81 -29.81 58.89
CA ALA F 194 -6.03 -28.71 59.44
C ALA F 194 -4.70 -28.55 58.71
N LEU F 195 -4.08 -29.67 58.32
CA LEU F 195 -2.81 -29.60 57.61
C LEU F 195 -2.95 -28.90 56.27
N PHE F 196 -4.14 -28.95 55.65
CA PHE F 196 -4.35 -28.23 54.41
C PHE F 196 -4.21 -26.72 54.62
N GLU F 197 -4.65 -26.23 55.79
CA GLU F 197 -4.50 -24.81 56.07
C GLU F 197 -3.09 -24.48 56.56
N THR F 198 -2.57 -25.26 57.51
CA THR F 198 -1.32 -24.88 58.19
C THR F 198 -0.10 -25.09 57.32
N LEU F 199 -0.17 -25.96 56.31
CA LEU F 199 0.96 -26.20 55.45
C LEU F 199 0.91 -25.37 54.17
N TYR F 200 -0.24 -25.36 53.48
CA TYR F 200 -0.33 -24.74 52.16
C TYR F 200 -1.31 -23.59 52.08
N ALA F 201 -1.95 -23.21 53.18
CA ALA F 201 -2.97 -22.16 53.17
C ALA F 201 -4.05 -22.46 52.14
N ALA F 202 -4.48 -23.72 52.11
CA ALA F 202 -5.44 -24.20 51.13
C ALA F 202 -6.69 -24.72 51.82
N ASN F 203 -7.77 -24.79 51.06
CA ASN F 203 -8.98 -25.45 51.51
C ASN F 203 -8.90 -26.96 51.21
N VAL F 204 -9.83 -27.71 51.78
CA VAL F 204 -9.86 -29.16 51.58
C VAL F 204 -10.56 -29.45 50.25
N PRO F 205 -10.05 -30.39 49.46
CA PRO F 205 -10.66 -30.63 48.15
C PRO F 205 -12.06 -31.22 48.31
N PRO F 206 -12.94 -30.97 47.35
CA PRO F 206 -14.28 -31.57 47.39
C PRO F 206 -14.22 -33.00 46.88
N ARG F 207 -15.40 -33.63 46.84
CA ARG F 207 -15.54 -34.93 46.22
C ARG F 207 -15.64 -34.78 44.71
N LEU F 208 -15.67 -35.92 44.01
CA LEU F 208 -15.71 -35.87 42.55
C LEU F 208 -17.07 -35.40 42.05
N GLY F 209 -18.15 -35.98 42.58
CA GLY F 209 -19.48 -35.52 42.19
C GLY F 209 -19.76 -34.11 42.68
N GLU F 210 -19.31 -33.80 43.90
CA GLU F 210 -19.50 -32.46 44.43
C GLU F 210 -18.80 -31.42 43.56
N PHE F 211 -17.59 -31.73 43.10
CA PHE F 211 -16.87 -30.80 42.23
C PHE F 211 -17.62 -30.58 40.92
N PHE F 212 -18.12 -31.66 40.30
CA PHE F 212 -18.80 -31.51 39.03
C PHE F 212 -20.21 -30.96 39.18
N ASP F 213 -20.83 -31.11 40.35
CA ASP F 213 -22.02 -30.32 40.65
C ASP F 213 -21.69 -28.84 40.64
N ILE F 214 -20.53 -28.46 41.16
CA ILE F 214 -20.10 -27.06 41.12
C ILE F 214 -19.81 -26.64 39.68
N VAL F 215 -19.10 -27.49 38.94
CA VAL F 215 -18.78 -27.18 37.54
C VAL F 215 -20.05 -26.97 36.73
N SER F 216 -21.03 -27.88 36.87
CA SER F 216 -22.29 -27.72 36.15
C SER F 216 -23.07 -26.51 36.65
N GLY F 217 -23.00 -26.24 37.95
CA GLY F 217 -23.66 -25.07 38.49
C GLY F 217 -23.13 -23.77 37.93
N ALA F 218 -21.81 -23.71 37.70
CA ALA F 218 -21.20 -22.56 37.04
C ALA F 218 -21.56 -22.47 35.56
N GLY F 219 -22.19 -23.49 34.99
CA GLY F 219 -22.55 -23.48 33.59
C GLY F 219 -21.60 -24.18 32.65
N PHE F 220 -20.61 -24.89 33.17
CA PHE F 220 -19.58 -25.52 32.35
C PHE F 220 -19.98 -26.95 31.94
N HIS F 221 -19.74 -27.26 30.68
CA HIS F 221 -19.72 -28.65 30.23
C HIS F 221 -18.34 -29.24 30.52
N THR F 222 -18.32 -30.54 30.79
CA THR F 222 -17.07 -31.26 31.04
C THR F 222 -16.69 -32.03 29.78
N LEU F 223 -15.57 -31.65 29.17
CA LEU F 223 -15.13 -32.30 27.94
C LEU F 223 -14.10 -33.38 28.16
N SER F 224 -13.29 -33.29 29.21
CA SER F 224 -12.26 -34.30 29.44
C SER F 224 -11.86 -34.28 30.90
N LEU F 225 -11.24 -35.38 31.32
CA LEU F 225 -10.64 -35.50 32.64
C LEU F 225 -9.53 -36.53 32.55
N LYS F 226 -8.38 -36.24 33.16
CA LYS F 226 -7.28 -37.19 33.15
C LYS F 226 -6.58 -37.19 34.50
N ASP F 227 -6.34 -38.37 35.05
CA ASP F 227 -5.70 -38.48 36.34
C ASP F 227 -4.23 -38.14 36.24
N LEU F 228 -3.73 -37.39 37.21
CA LEU F 228 -2.31 -37.04 37.27
C LEU F 228 -1.77 -37.20 38.69
N SER F 229 -2.37 -38.11 39.45
CA SER F 229 -2.08 -38.20 40.88
C SER F 229 -0.65 -38.62 41.15
N ALA F 230 -0.09 -39.49 40.30
CA ALA F 230 1.29 -39.92 40.50
C ALA F 230 2.27 -38.76 40.30
N ASN F 231 1.96 -37.85 39.38
CA ASN F 231 2.79 -36.68 39.18
C ASN F 231 2.80 -35.80 40.42
N LEU F 232 1.62 -35.46 40.95
CA LEU F 232 1.55 -34.70 42.18
C LEU F 232 2.26 -35.43 43.32
N ALA F 233 2.03 -36.74 43.44
CA ALA F 233 2.66 -37.51 44.50
C ALA F 233 4.18 -37.47 44.38
N MET F 234 4.69 -37.57 43.15
CA MET F 234 6.14 -37.49 42.97
C MET F 234 6.65 -36.09 43.26
N THR F 235 5.91 -35.06 42.82
CA THR F 235 6.32 -33.68 43.07
C THR F 235 6.44 -33.42 44.56
N MET F 236 5.50 -33.95 45.35
CA MET F 236 5.52 -33.76 46.80
C MET F 236 6.71 -34.48 47.43
N ASN F 237 7.08 -35.65 46.90
CA ASN F 237 8.30 -36.30 47.35
C ASN F 237 9.52 -35.45 47.02
N VAL F 238 9.57 -34.88 45.81
CA VAL F 238 10.64 -33.95 45.47
C VAL F 238 10.66 -32.78 46.43
N PHE F 239 9.49 -32.28 46.80
CA PHE F 239 9.41 -31.13 47.69
C PHE F 239 9.89 -31.48 49.09
N ALA F 240 9.48 -32.64 49.61
CA ALA F 240 9.86 -33.02 50.96
C ALA F 240 11.35 -33.29 51.09
N LEU F 241 11.95 -33.95 50.09
CA LEU F 241 13.38 -34.25 50.16
C LEU F 241 14.21 -32.98 50.20
N GLY F 242 13.86 -31.99 49.38
CA GLY F 242 14.56 -30.72 49.40
C GLY F 242 14.41 -29.98 50.72
N VAL F 243 13.24 -30.08 51.34
CA VAL F 243 13.04 -29.44 52.64
C VAL F 243 13.87 -30.14 53.71
N TYR F 244 13.78 -31.47 53.77
CA TYR F 244 14.56 -32.22 54.77
C TYR F 244 16.05 -31.93 54.63
N SER F 245 16.57 -32.04 53.42
CA SER F 245 18.01 -31.98 53.18
C SER F 245 18.57 -30.56 53.21
N ARG F 246 17.72 -29.55 53.29
CA ARG F 246 18.17 -28.17 53.34
C ARG F 246 17.47 -27.43 54.47
N ARG F 247 17.36 -28.09 55.63
CA ARG F 247 16.68 -27.49 56.78
C ARG F 247 17.40 -26.23 57.24
N ALA F 248 18.73 -26.23 57.24
CA ALA F 248 19.45 -25.07 57.73
C ALA F 248 19.29 -23.88 56.78
N GLU F 249 19.39 -24.13 55.47
CA GLU F 249 19.20 -23.06 54.50
C GLU F 249 17.80 -22.45 54.60
N PHE F 250 16.76 -23.30 54.60
CA PHE F 250 15.39 -22.82 54.59
C PHE F 250 15.02 -22.13 55.90
N THR F 251 15.61 -22.56 57.02
CA THR F 251 15.36 -21.86 58.28
C THR F 251 15.97 -20.46 58.25
N GLU F 252 17.14 -20.31 57.62
CA GLU F 252 17.80 -19.01 57.57
C GLU F 252 17.04 -18.04 56.68
N ARG F 253 16.37 -18.53 55.65
CA ARG F 253 15.63 -17.68 54.73
C ARG F 253 14.16 -17.52 55.08
N PHE F 254 13.54 -18.55 55.68
CA PHE F 254 12.11 -18.48 55.99
C PHE F 254 11.79 -18.56 57.47
N GLY F 255 12.78 -18.78 58.32
CA GLY F 255 12.50 -18.88 59.75
C GLY F 255 12.26 -20.30 60.18
N ALA F 256 12.61 -20.58 61.45
CA ALA F 256 12.51 -21.95 61.97
C ALA F 256 11.06 -22.40 62.12
N GLU F 257 10.13 -21.48 62.39
CA GLU F 257 8.75 -21.87 62.63
C GLU F 257 8.13 -22.46 61.37
N PHE F 258 8.36 -21.83 60.20
CA PHE F 258 7.75 -22.31 58.97
C PHE F 258 8.38 -23.62 58.53
N VAL F 259 9.69 -23.78 58.73
CA VAL F 259 10.36 -25.00 58.31
C VAL F 259 10.02 -26.15 59.24
N ASP F 260 9.93 -25.88 60.55
CA ASP F 260 9.55 -26.92 61.50
C ASP F 260 8.13 -27.41 61.22
N GLY F 261 7.24 -26.50 60.80
CA GLY F 261 5.90 -26.93 60.44
C GLY F 261 5.91 -27.90 59.28
N LEU F 262 6.70 -27.59 58.24
CA LEU F 262 6.85 -28.50 57.11
C LEU F 262 7.48 -29.81 57.54
N LEU F 263 8.58 -29.74 58.30
CA LEU F 263 9.27 -30.95 58.71
C LEU F 263 8.40 -31.86 59.56
N ALA F 264 7.38 -31.33 60.22
CA ALA F 264 6.51 -32.13 61.07
C ALA F 264 5.22 -32.55 60.38
N GLY F 265 4.87 -31.94 59.25
CA GLY F 265 3.60 -32.21 58.61
C GLY F 265 3.69 -32.87 57.25
N LEU F 266 4.84 -32.73 56.58
CA LEU F 266 4.99 -33.24 55.22
C LEU F 266 4.79 -34.75 55.15
N GLY F 267 5.28 -35.48 56.15
CA GLY F 267 5.13 -36.93 56.13
C GLY F 267 3.67 -37.35 56.21
N SER F 268 2.94 -36.78 57.16
CA SER F 268 1.50 -37.05 57.26
C SER F 268 0.77 -36.57 56.01
N ALA F 269 1.19 -35.43 55.47
CA ALA F 269 0.55 -34.89 54.28
C ALA F 269 0.71 -35.84 53.10
N GLN F 270 1.90 -36.41 52.96
CA GLN F 270 2.14 -37.37 51.88
C GLN F 270 1.23 -38.58 52.02
N GLU F 271 1.03 -39.06 53.25
CA GLU F 271 0.22 -40.25 53.45
C GLU F 271 -1.24 -39.98 53.15
N THR F 272 -1.76 -38.85 53.59
CA THR F 272 -3.12 -38.47 53.24
C THR F 272 -3.28 -38.30 51.74
N LEU F 273 -2.28 -37.70 51.10
CA LEU F 273 -2.32 -37.51 49.65
C LEU F 273 -2.36 -38.86 48.92
N ILE F 274 -1.52 -39.80 49.36
CA ILE F 274 -1.42 -41.10 48.69
C ILE F 274 -2.74 -41.87 48.81
N ARG F 275 -3.36 -41.83 49.98
CA ARG F 275 -4.46 -42.74 50.29
C ARG F 275 -5.84 -42.12 50.15
N LYS F 276 -5.98 -40.79 50.10
CA LYS F 276 -7.29 -40.19 50.20
C LYS F 276 -7.65 -39.18 49.11
N THR F 277 -6.73 -38.82 48.22
CA THR F 277 -7.00 -37.78 47.24
C THR F 277 -6.54 -38.19 45.85
N ARG F 278 -7.16 -37.58 44.84
CA ARG F 278 -6.73 -37.74 43.47
C ARG F 278 -6.63 -36.35 42.83
N PHE F 279 -5.73 -36.25 41.86
CA PHE F 279 -5.38 -35.00 41.20
C PHE F 279 -5.55 -35.23 39.71
N PHE F 280 -6.27 -34.33 39.04
CA PHE F 280 -6.62 -34.52 37.64
C PHE F 280 -6.57 -33.22 36.86
N MET F 281 -6.55 -33.37 35.54
CA MET F 281 -6.65 -32.28 34.59
C MET F 281 -8.00 -32.40 33.88
N ALA F 282 -8.75 -31.31 33.85
CA ALA F 282 -10.09 -31.30 33.28
C ALA F 282 -10.28 -30.13 32.32
N THR F 283 -10.94 -30.40 31.18
CA THR F 283 -11.28 -29.37 30.22
C THR F 283 -12.75 -29.04 30.35
N LEU F 284 -13.06 -27.76 30.64
CA LEU F 284 -14.43 -27.31 30.84
C LEU F 284 -14.79 -26.30 29.76
N ARG F 285 -15.93 -26.52 29.11
CA ARG F 285 -16.35 -25.71 27.97
C ARG F 285 -17.50 -24.79 28.38
N LYS F 286 -17.40 -23.52 28.01
CA LYS F 286 -18.55 -22.64 28.08
C LYS F 286 -19.39 -22.86 26.83
N PRO F 287 -20.63 -23.35 26.95
CA PRO F 287 -21.39 -23.72 25.75
C PRO F 287 -21.56 -22.53 24.80
N ALA F 288 -21.30 -22.77 23.52
CA ALA F 288 -21.59 -21.79 22.50
C ALA F 288 -23.11 -21.67 22.30
N VAL F 289 -23.50 -20.61 21.60
CA VAL F 289 -24.93 -20.40 21.30
C VAL F 289 -25.21 -20.65 19.83
N GLN G 10 -35.19 54.65 -15.81
CA GLN G 10 -35.40 55.37 -17.05
C GLN G 10 -36.02 54.48 -18.12
N GLN G 11 -35.99 53.17 -17.87
CA GLN G 11 -36.48 52.20 -18.84
C GLN G 11 -37.99 52.00 -18.80
N VAL G 12 -38.60 52.16 -17.62
CA VAL G 12 -40.04 52.04 -17.46
C VAL G 12 -40.53 53.22 -16.62
N THR G 13 -41.85 53.30 -16.48
CA THR G 13 -42.49 54.37 -15.71
C THR G 13 -43.47 53.75 -14.72
N ALA G 14 -43.95 54.58 -13.79
CA ALA G 14 -44.74 54.07 -12.67
C ALA G 14 -46.08 53.49 -13.13
N ASP G 15 -46.85 54.24 -13.93
CA ASP G 15 -48.15 53.74 -14.38
C ASP G 15 -48.00 52.52 -15.28
N GLU G 16 -46.84 52.35 -15.94
CA GLU G 16 -46.60 51.17 -16.75
C GLU G 16 -46.31 49.96 -15.88
N VAL G 17 -45.43 50.12 -14.89
CA VAL G 17 -45.26 49.08 -13.89
C VAL G 17 -46.60 48.78 -13.21
N GLY G 18 -47.39 49.82 -12.97
CA GLY G 18 -48.66 49.64 -12.30
C GLY G 18 -49.65 48.85 -13.14
N ASP G 19 -49.77 49.20 -14.43
CA ASP G 19 -50.63 48.43 -15.33
C ASP G 19 -50.15 47.00 -15.46
N TRP G 20 -48.85 46.76 -15.33
CA TRP G 20 -48.31 45.42 -15.46
C TRP G 20 -48.79 44.51 -14.32
N TYR G 21 -48.66 44.99 -13.07
CA TYR G 21 -49.06 44.18 -11.93
C TYR G 21 -50.57 44.14 -11.74
N ASP G 22 -51.28 45.21 -12.11
CA ASP G 22 -52.73 45.13 -12.15
C ASP G 22 -53.20 44.03 -13.10
N LYS G 23 -52.40 43.73 -14.13
CA LYS G 23 -52.72 42.65 -15.07
C LYS G 23 -52.08 41.34 -14.62
N PHE G 24 -50.76 41.29 -14.62
CA PHE G 24 -50.04 40.03 -14.45
C PHE G 24 -49.55 39.77 -13.04
N GLY G 25 -49.82 40.67 -12.09
CA GLY G 25 -49.34 40.52 -10.73
C GLY G 25 -49.81 39.25 -10.03
N GLU G 26 -50.85 38.59 -10.55
CA GLU G 26 -51.35 37.35 -9.97
C GLU G 26 -50.63 36.10 -10.46
N VAL G 27 -49.77 36.23 -11.49
CA VAL G 27 -49.01 35.06 -11.93
C VAL G 27 -47.88 34.74 -10.96
N TYR G 28 -47.42 35.71 -10.17
CA TYR G 28 -46.47 35.43 -9.11
C TYR G 28 -47.12 34.62 -8.00
N HIS G 29 -48.36 34.96 -7.64
CA HIS G 29 -49.06 34.24 -6.58
C HIS G 29 -49.43 32.83 -7.01
N LEU G 30 -49.60 32.60 -8.31
CA LEU G 30 -49.92 31.27 -8.81
C LEU G 30 -48.69 30.37 -8.91
N THR G 31 -47.50 30.94 -8.85
CA THR G 31 -46.27 30.18 -9.04
C THR G 31 -45.32 30.23 -7.86
N LEU G 32 -45.26 31.35 -7.14
CA LEU G 32 -44.29 31.53 -6.06
C LEU G 32 -44.89 31.50 -4.67
N GLY G 33 -46.18 31.78 -4.52
CA GLY G 33 -46.85 31.70 -3.24
C GLY G 33 -47.57 32.99 -2.90
N GLU G 34 -48.01 33.08 -1.64
CA GLU G 34 -48.85 34.17 -1.17
C GLU G 34 -48.12 35.50 -1.06
N SER G 35 -46.85 35.56 -1.44
CA SER G 35 -46.09 36.80 -1.45
C SER G 35 -45.58 37.07 -2.87
N VAL G 36 -44.81 38.15 -3.01
CA VAL G 36 -44.25 38.51 -4.32
C VAL G 36 -42.77 38.81 -4.17
N HIS G 37 -42.00 37.83 -3.70
CA HIS G 37 -40.56 38.00 -3.53
C HIS G 37 -39.91 36.61 -3.58
N CYS G 38 -38.61 36.57 -3.30
CA CYS G 38 -37.87 35.31 -3.34
C CYS G 38 -38.26 34.39 -2.19
N GLY G 39 -37.95 33.12 -2.37
CA GLY G 39 -38.03 32.14 -1.29
C GLY G 39 -36.65 31.92 -0.71
N LEU G 40 -36.61 31.67 0.60
CA LEU G 40 -35.36 31.42 1.31
C LEU G 40 -35.02 29.94 1.20
N TRP G 41 -34.59 29.56 0.00
CA TRP G 41 -34.29 28.15 -0.27
C TRP G 41 -32.97 27.72 0.36
N PHE G 42 -32.08 28.65 0.65
CA PHE G 42 -30.81 28.34 1.28
C PHE G 42 -30.74 29.06 2.62
N PRO G 43 -30.42 28.35 3.70
CA PRO G 43 -30.35 29.02 5.00
C PRO G 43 -29.31 30.12 4.97
N PRO G 44 -29.53 31.20 5.73
CA PRO G 44 -28.61 32.34 5.67
C PRO G 44 -27.16 32.00 5.98
N ASP G 45 -26.90 30.96 6.77
CA ASP G 45 -25.52 30.62 7.10
C ASP G 45 -24.84 29.77 6.04
N ALA G 46 -25.58 29.31 5.03
CA ALA G 46 -24.99 28.47 4.00
C ALA G 46 -24.05 29.30 3.12
N PRO G 47 -22.99 28.69 2.59
CA PRO G 47 -22.06 29.43 1.74
C PRO G 47 -22.66 29.71 0.37
N VAL G 48 -22.13 30.76 -0.27
CA VAL G 48 -22.53 31.11 -1.62
C VAL G 48 -21.98 30.04 -2.55
N PRO G 49 -22.81 29.38 -3.35
CA PRO G 49 -22.32 28.27 -4.17
C PRO G 49 -21.32 28.75 -5.22
N GLN G 50 -20.59 27.78 -5.78
CA GLN G 50 -19.66 28.11 -6.86
C GLN G 50 -20.39 28.63 -8.09
N ASP G 51 -21.49 27.97 -8.47
CA ASP G 51 -22.30 28.36 -9.61
C ASP G 51 -23.73 28.65 -9.17
N MET G 52 -24.48 29.31 -10.04
CA MET G 52 -25.92 29.44 -9.89
C MET G 52 -26.67 28.40 -10.69
N GLU G 53 -25.95 27.48 -11.33
CA GLU G 53 -26.58 26.38 -12.05
C GLU G 53 -27.46 25.56 -11.11
N LEU G 54 -28.58 25.06 -11.64
CA LEU G 54 -29.51 24.29 -10.83
C LEU G 54 -28.83 23.08 -10.20
N VAL G 55 -28.02 22.37 -10.99
CA VAL G 55 -27.35 21.18 -10.47
C VAL G 55 -26.33 21.55 -9.40
N THR G 56 -25.74 22.74 -9.50
CA THR G 56 -24.81 23.20 -8.48
C THR G 56 -25.55 23.50 -7.18
N MET G 57 -26.62 24.29 -7.27
CA MET G 57 -27.37 24.64 -6.07
C MET G 57 -28.05 23.42 -5.46
N SER G 58 -28.56 22.52 -6.30
CA SER G 58 -29.13 21.27 -5.79
C SER G 58 -28.09 20.43 -5.08
N SER G 59 -26.83 20.49 -5.54
CA SER G 59 -25.78 19.70 -4.92
C SER G 59 -25.44 20.21 -3.52
N GLN G 60 -25.48 21.53 -3.33
CA GLN G 60 -25.30 22.07 -1.98
C GLN G 60 -26.43 21.63 -1.07
N ALA G 61 -27.64 21.51 -1.63
CA ALA G 61 -28.77 20.99 -0.87
C ALA G 61 -28.56 19.52 -0.51
N GLN G 62 -27.89 18.76 -1.37
CA GLN G 62 -27.59 17.36 -1.06
C GLN G 62 -26.58 17.25 0.06
N ASP G 63 -25.50 18.04 0.02
CA ASP G 63 -24.48 17.97 1.06
C ASP G 63 -25.04 18.41 2.40
N ARG G 64 -25.91 19.43 2.41
CA ARG G 64 -26.59 19.82 3.64
C ARG G 64 -27.54 18.72 4.10
N TYR G 65 -28.19 18.05 3.16
CA TYR G 65 -29.00 16.87 3.48
C TYR G 65 -28.16 15.80 4.15
N THR G 66 -26.98 15.52 3.59
CA THR G 66 -26.11 14.51 4.16
C THR G 66 -25.65 14.91 5.56
N ASP G 67 -25.28 16.18 5.74
CA ASP G 67 -24.86 16.65 7.06
C ASP G 67 -25.93 16.42 8.11
N TYR G 68 -27.21 16.52 7.71
CA TYR G 68 -28.30 16.32 8.66
C TYR G 68 -28.46 14.85 9.02
N LEU G 69 -28.24 13.96 8.07
CA LEU G 69 -28.32 12.53 8.37
C LEU G 69 -27.17 12.11 9.27
N ILE G 70 -25.96 12.64 9.02
CA ILE G 70 -24.84 12.40 9.92
C ILE G 70 -25.18 12.87 11.34
N GLU G 71 -25.74 14.08 11.45
CA GLU G 71 -26.08 14.63 12.75
C GLU G 71 -27.18 13.81 13.44
N THR G 72 -28.05 13.17 12.65
CA THR G 72 -29.15 12.40 13.23
C THR G 72 -28.67 11.04 13.73
N LEU G 73 -28.03 10.25 12.85
CA LEU G 73 -27.53 8.94 13.26
C LEU G 73 -26.43 9.07 14.30
N ASP G 74 -25.62 10.12 14.19
CA ASP G 74 -24.57 10.47 15.15
C ASP G 74 -23.57 9.33 15.34
N PRO G 75 -22.91 8.87 14.27
CA PRO G 75 -21.89 7.83 14.46
C PRO G 75 -20.71 8.37 15.25
N LYS G 76 -20.18 7.54 16.16
CA LYS G 76 -19.07 7.94 17.00
C LYS G 76 -17.75 7.54 16.37
N ALA G 77 -16.70 8.30 16.69
CA ALA G 77 -15.39 8.05 16.10
C ALA G 77 -14.91 6.65 16.45
N GLY G 78 -14.40 5.94 15.45
CA GLY G 78 -13.96 4.58 15.63
C GLY G 78 -15.01 3.53 15.32
N GLN G 79 -16.24 3.92 15.03
CA GLN G 79 -17.26 2.95 14.70
C GLN G 79 -17.19 2.58 13.22
N HIS G 80 -17.91 1.51 12.87
CA HIS G 80 -17.97 1.03 11.50
C HIS G 80 -19.41 1.14 11.03
N LEU G 81 -19.63 1.90 9.95
CA LEU G 81 -20.95 2.15 9.40
C LEU G 81 -21.13 1.37 8.10
N LEU G 82 -22.32 0.83 7.90
CA LEU G 82 -22.68 0.13 6.66
C LEU G 82 -23.61 1.01 5.85
N ASP G 83 -23.17 1.43 4.67
CA ASP G 83 -24.02 2.19 3.75
C ASP G 83 -24.72 1.17 2.85
N ILE G 84 -25.99 0.91 3.15
CA ILE G 84 -26.79 -0.04 2.39
C ILE G 84 -27.33 0.70 1.16
N GLY G 85 -26.81 0.33 -0.02
CA GLY G 85 -27.18 1.01 -1.23
C GLY G 85 -26.44 2.32 -1.40
N CYS G 86 -25.11 2.27 -1.36
CA CYS G 86 -24.29 3.47 -1.23
C CYS G 86 -24.28 4.34 -2.47
N GLY G 87 -24.59 3.79 -3.64
CA GLY G 87 -24.51 4.58 -4.86
C GLY G 87 -23.07 4.91 -5.17
N THR G 88 -22.81 6.18 -5.50
CA THR G 88 -21.44 6.59 -5.83
C THR G 88 -20.61 6.94 -4.59
N GLY G 89 -21.20 6.88 -3.40
CA GLY G 89 -20.41 6.88 -2.18
C GLY G 89 -19.99 8.22 -1.61
N ARG G 90 -20.59 9.33 -2.04
CA ARG G 90 -20.24 10.61 -1.44
C ARG G 90 -20.78 10.72 -0.02
N THR G 91 -21.96 10.16 0.23
CA THR G 91 -22.52 10.17 1.58
C THR G 91 -21.61 9.41 2.55
N ALA G 92 -20.95 8.36 2.07
CA ALA G 92 -19.98 7.66 2.91
C ALA G 92 -18.74 8.52 3.14
N LEU G 93 -18.28 9.23 2.11
CA LEU G 93 -17.09 10.06 2.24
C LEU G 93 -17.29 11.16 3.27
N LYS G 94 -18.42 11.88 3.18
CA LYS G 94 -18.68 12.96 4.13
C LYS G 94 -18.80 12.44 5.56
N ALA G 95 -19.29 11.20 5.72
CA ALA G 95 -19.43 10.66 7.06
C ALA G 95 -18.08 10.23 7.65
N ALA G 96 -17.17 9.76 6.80
CA ALA G 96 -15.86 9.33 7.28
C ALA G 96 -15.01 10.54 7.67
N ARG G 97 -15.01 11.58 6.85
CA ARG G 97 -14.20 12.77 7.16
C ARG G 97 -14.75 13.51 8.36
N GLN G 98 -16.07 13.63 8.48
CA GLN G 98 -16.65 14.43 9.56
C GLN G 98 -16.58 13.72 10.90
N ARG G 99 -16.76 12.39 10.92
CA ARG G 99 -16.90 11.66 12.17
C ARG G 99 -15.72 10.74 12.48
N GLY G 100 -14.75 10.62 11.57
CA GLY G 100 -13.62 9.75 11.79
C GLY G 100 -14.04 8.31 12.01
N ILE G 101 -14.80 7.76 11.07
CA ILE G 101 -15.33 6.41 11.13
C ILE G 101 -14.93 5.68 9.85
N ALA G 102 -15.09 4.36 9.88
CA ALA G 102 -14.97 3.54 8.69
C ALA G 102 -16.37 3.23 8.17
N VAL G 103 -16.53 3.30 6.86
CA VAL G 103 -17.81 3.03 6.22
C VAL G 103 -17.62 1.91 5.21
N THR G 104 -18.57 0.99 5.20
CA THR G 104 -18.63 -0.06 4.19
C THR G 104 -19.93 0.11 3.40
N GLY G 105 -19.80 0.40 2.11
CA GLY G 105 -20.94 0.66 1.25
C GLY G 105 -21.15 -0.47 0.26
N VAL G 106 -22.40 -0.91 0.15
CA VAL G 106 -22.78 -1.96 -0.78
C VAL G 106 -23.74 -1.37 -1.80
N ALA G 107 -23.78 -1.99 -2.99
CA ALA G 107 -24.68 -1.58 -4.05
C ALA G 107 -24.65 -2.64 -5.14
N VAL G 108 -25.75 -2.73 -5.90
CA VAL G 108 -25.88 -3.73 -6.96
C VAL G 108 -25.40 -3.21 -8.32
N SER G 109 -24.89 -1.99 -8.39
CA SER G 109 -24.43 -1.40 -9.64
C SER G 109 -22.91 -1.45 -9.69
N LYS G 110 -22.37 -2.08 -10.73
CA LYS G 110 -20.92 -2.13 -10.91
C LYS G 110 -20.35 -0.74 -11.15
N GLU G 111 -21.06 0.10 -11.90
CA GLU G 111 -20.53 1.41 -12.25
C GLU G 111 -20.45 2.32 -11.03
N GLN G 112 -21.45 2.26 -10.15
CA GLN G 112 -21.43 3.10 -8.96
C GLN G 112 -20.34 2.67 -7.99
N ILE G 113 -20.20 1.35 -7.77
CA ILE G 113 -19.15 0.86 -6.89
C ILE G 113 -17.78 1.25 -7.42
N ALA G 114 -17.57 1.13 -8.73
CA ALA G 114 -16.31 1.55 -9.32
C ALA G 114 -16.09 3.05 -9.15
N ALA G 115 -17.15 3.83 -9.32
CA ALA G 115 -17.04 5.28 -9.09
C ALA G 115 -16.77 5.59 -7.62
N ALA G 116 -17.41 4.85 -6.72
CA ALA G 116 -17.19 5.08 -5.29
C ALA G 116 -15.76 4.76 -4.89
N ASN G 117 -15.20 3.65 -5.39
CA ASN G 117 -13.82 3.33 -5.11
C ASN G 117 -12.86 4.36 -5.69
N ARG G 118 -13.22 4.96 -6.83
CA ARG G 118 -12.42 6.06 -7.36
C ARG G 118 -12.49 7.28 -6.45
N LEU G 119 -13.67 7.58 -5.91
CA LEU G 119 -13.81 8.68 -4.97
C LEU G 119 -13.02 8.42 -3.71
N ALA G 120 -13.10 7.20 -3.18
CA ALA G 120 -12.33 6.85 -1.99
C ALA G 120 -10.84 6.99 -2.25
N ALA G 121 -10.39 6.59 -3.44
CA ALA G 121 -8.97 6.71 -3.78
C ALA G 121 -8.60 8.17 -4.03
N GLY G 122 -9.51 8.94 -4.63
CA GLY G 122 -9.22 10.34 -4.91
C GLY G 122 -8.98 11.17 -3.67
N HIS G 123 -9.60 10.79 -2.55
CA HIS G 123 -9.40 11.46 -1.27
C HIS G 123 -8.48 10.67 -0.34
N GLY G 124 -7.86 9.60 -0.83
CA GLY G 124 -6.96 8.79 -0.03
C GLY G 124 -7.61 8.19 1.20
N LEU G 125 -8.79 7.60 1.04
CA LEU G 125 -9.54 7.03 2.15
C LEU G 125 -9.96 5.59 1.88
N THR G 126 -9.14 4.85 1.14
CA THR G 126 -9.47 3.46 0.82
C THR G 126 -9.29 2.52 2.00
N GLU G 127 -8.53 2.92 3.03
CA GLU G 127 -8.45 2.11 4.24
C GLU G 127 -9.73 2.20 5.07
N ARG G 128 -10.43 3.33 5.03
CA ARG G 128 -11.63 3.52 5.83
C ARG G 128 -12.91 3.55 5.01
N LEU G 129 -12.82 3.60 3.69
CA LEU G 129 -13.98 3.50 2.81
C LEU G 129 -13.86 2.22 1.99
N THR G 130 -14.84 1.34 2.13
CA THR G 130 -14.87 0.06 1.43
C THR G 130 -16.18 -0.06 0.69
N PHE G 131 -16.12 -0.16 -0.64
CA PHE G 131 -17.29 -0.29 -1.47
C PHE G 131 -17.20 -1.60 -2.25
N GLU G 132 -18.26 -2.42 -2.13
CA GLU G 132 -18.27 -3.74 -2.74
C GLU G 132 -19.62 -4.00 -3.38
N VAL G 133 -19.61 -4.76 -4.47
CA VAL G 133 -20.83 -5.12 -5.18
C VAL G 133 -21.49 -6.28 -4.42
N ALA G 134 -22.66 -6.02 -3.85
CA ALA G 134 -23.39 -7.04 -3.12
C ALA G 134 -24.83 -6.59 -2.95
N ASP G 135 -25.71 -7.55 -2.74
CA ASP G 135 -27.12 -7.29 -2.49
C ASP G 135 -27.37 -7.13 -1.00
N ALA G 136 -28.38 -6.33 -0.68
CA ALA G 136 -28.75 -6.06 0.71
C ALA G 136 -29.76 -7.06 1.27
N MET G 137 -30.41 -7.83 0.40
CA MET G 137 -31.33 -8.88 0.82
C MET G 137 -30.61 -10.20 1.06
N ARG G 138 -29.30 -10.25 0.82
CA ARG G 138 -28.42 -11.38 1.12
C ARG G 138 -27.03 -10.80 1.36
N LEU G 139 -26.84 -10.20 2.53
CA LEU G 139 -25.58 -9.53 2.81
C LEU G 139 -24.48 -10.54 3.11
N PRO G 140 -23.27 -10.34 2.59
CA PRO G 140 -22.19 -11.31 2.80
C PRO G 140 -21.55 -11.22 4.17
N TYR G 141 -21.80 -10.15 4.91
CA TYR G 141 -21.07 -9.90 6.15
C TYR G 141 -21.64 -10.73 7.29
N GLU G 142 -20.80 -10.94 8.31
CA GLU G 142 -21.16 -11.78 9.43
C GLU G 142 -22.14 -11.06 10.36
N ASP G 143 -22.59 -11.78 11.38
CA ASP G 143 -23.51 -11.23 12.36
C ASP G 143 -22.78 -10.30 13.30
N GLU G 144 -23.41 -9.16 13.62
CA GLU G 144 -22.88 -8.18 14.56
C GLU G 144 -21.52 -7.65 14.10
N SER G 145 -21.47 -7.19 12.85
CA SER G 145 -20.24 -6.67 12.27
C SER G 145 -20.17 -5.15 12.29
N PHE G 146 -21.31 -4.46 12.25
CA PHE G 146 -21.34 -3.02 12.11
C PHE G 146 -21.99 -2.37 13.33
N ASP G 147 -21.40 -1.26 13.76
CA ASP G 147 -21.96 -0.52 14.89
C ASP G 147 -23.25 0.19 14.50
N CYS G 148 -23.34 0.68 13.28
CA CYS G 148 -24.52 1.38 12.80
C CYS G 148 -24.57 1.26 11.29
N ALA G 149 -25.70 1.68 10.73
CA ALA G 149 -25.91 1.57 9.29
C ALA G 149 -27.01 2.53 8.88
N TRP G 150 -27.06 2.83 7.58
CA TRP G 150 -28.17 3.60 7.04
C TRP G 150 -28.49 3.10 5.65
N ALA G 151 -29.78 3.18 5.30
CA ALA G 151 -30.28 2.91 3.96
C ALA G 151 -30.94 4.20 3.49
N ILE G 152 -30.24 4.94 2.63
CA ILE G 152 -30.66 6.27 2.22
C ILE G 152 -31.33 6.15 0.85
N GLU G 153 -32.67 6.08 0.86
CA GLU G 153 -33.48 6.07 -0.36
C GLU G 153 -33.13 4.87 -1.25
N SER G 154 -33.00 3.70 -0.63
CA SER G 154 -32.68 2.49 -1.37
C SER G 154 -33.57 1.29 -1.05
N LEU G 155 -34.36 1.34 0.03
CA LEU G 155 -35.25 0.23 0.34
C LEU G 155 -36.37 0.10 -0.69
N CYS G 156 -36.59 1.12 -1.52
CA CYS G 156 -37.60 1.04 -2.56
C CYS G 156 -37.13 0.28 -3.78
N HIS G 157 -35.98 -0.39 -3.70
CA HIS G 157 -35.51 -1.26 -4.77
C HIS G 157 -35.28 -2.68 -4.29
N MET G 158 -35.62 -2.99 -3.05
CA MET G 158 -35.38 -4.28 -2.45
C MET G 158 -36.69 -4.82 -1.89
N ASP G 159 -36.62 -6.07 -1.41
CA ASP G 159 -37.66 -6.62 -0.54
C ASP G 159 -37.40 -6.09 0.86
N ARG G 160 -38.28 -5.20 1.33
CA ARG G 160 -38.01 -4.49 2.59
C ARG G 160 -37.94 -5.44 3.78
N ALA G 161 -38.62 -6.59 3.71
CA ALA G 161 -38.53 -7.54 4.81
C ALA G 161 -37.18 -8.24 4.85
N LYS G 162 -36.69 -8.69 3.69
CA LYS G 162 -35.41 -9.38 3.65
C LYS G 162 -34.27 -8.42 3.96
N ALA G 163 -34.34 -7.20 3.44
CA ALA G 163 -33.27 -6.23 3.66
C ALA G 163 -33.19 -5.83 5.13
N LEU G 164 -34.34 -5.51 5.74
CA LEU G 164 -34.34 -5.10 7.13
C LEU G 164 -33.92 -6.24 8.05
N GLY G 165 -34.45 -7.45 7.82
CA GLY G 165 -34.00 -8.59 8.60
C GLY G 165 -32.54 -8.91 8.39
N GLU G 166 -32.00 -8.57 7.22
CA GLU G 166 -30.58 -8.76 6.97
C GLU G 166 -29.74 -7.71 7.68
N ALA G 167 -30.13 -6.43 7.56
CA ALA G 167 -29.43 -5.37 8.27
C ALA G 167 -29.45 -5.61 9.77
N TRP G 168 -30.57 -6.11 10.29
CA TRP G 168 -30.64 -6.48 11.70
C TRP G 168 -29.58 -7.51 12.06
N ARG G 169 -29.27 -8.43 11.14
CA ARG G 169 -28.32 -9.49 11.44
C ARG G 169 -26.89 -8.97 11.50
N VAL G 170 -26.52 -8.08 10.57
CA VAL G 170 -25.15 -7.55 10.54
C VAL G 170 -24.93 -6.40 11.49
N LEU G 171 -25.96 -5.94 12.20
CA LEU G 171 -25.81 -4.91 13.20
C LEU G 171 -25.50 -5.52 14.56
N LYS G 172 -24.58 -4.90 15.28
CA LYS G 172 -24.34 -5.26 16.66
C LYS G 172 -25.58 -4.92 17.49
N PRO G 173 -25.82 -5.65 18.58
CA PRO G 173 -26.94 -5.29 19.47
C PRO G 173 -26.71 -3.92 20.08
N GLY G 174 -27.73 -3.07 19.98
CA GLY G 174 -27.64 -1.70 20.39
C GLY G 174 -27.35 -0.72 19.27
N GLY G 175 -27.01 -1.22 18.07
CA GLY G 175 -26.75 -0.35 16.96
C GLY G 175 -28.02 0.21 16.36
N ASP G 176 -27.86 1.30 15.60
CA ASP G 176 -28.98 2.01 15.01
C ASP G 176 -28.89 1.98 13.49
N LEU G 177 -30.05 1.81 12.85
CA LEU G 177 -30.20 1.90 11.41
C LEU G 177 -31.05 3.12 11.09
N LEU G 178 -30.52 4.00 10.23
CA LEU G 178 -31.24 5.19 9.79
C LEU G 178 -31.87 4.93 8.42
N VAL G 179 -33.19 5.05 8.35
CA VAL G 179 -33.95 4.67 7.17
C VAL G 179 -34.66 5.89 6.60
N LEU G 180 -34.46 6.15 5.32
CA LEU G 180 -35.21 7.16 4.57
C LEU G 180 -36.11 6.42 3.60
N GLU G 181 -37.41 6.40 3.88
CA GLU G 181 -38.35 5.54 3.18
C GLU G 181 -39.59 6.34 2.79
N SER G 182 -40.25 5.89 1.72
CA SER G 182 -41.53 6.42 1.27
C SER G 182 -42.66 5.48 1.71
N VAL G 183 -43.84 6.06 1.92
CA VAL G 183 -45.00 5.32 2.39
C VAL G 183 -46.24 5.92 1.73
N VAL G 184 -47.14 5.05 1.25
CA VAL G 184 -48.37 5.50 0.62
C VAL G 184 -49.38 5.89 1.69
N THR G 185 -50.20 6.89 1.36
CA THR G 185 -51.36 7.24 2.17
C THR G 185 -52.67 6.91 1.46
N GLU G 186 -52.62 6.49 0.20
CA GLU G 186 -53.81 6.07 -0.53
C GLU G 186 -53.71 4.58 -0.85
N GLU G 187 -54.16 4.20 -2.05
CA GLU G 187 -54.12 2.80 -2.47
C GLU G 187 -53.26 2.55 -3.70
N LEU G 188 -52.92 3.59 -4.46
CA LEU G 188 -52.13 3.49 -5.69
C LEU G 188 -52.86 2.72 -6.78
N THR G 189 -53.26 3.41 -7.85
CA THR G 189 -53.87 2.73 -8.98
C THR G 189 -52.81 1.89 -9.70
N GLU G 190 -53.29 0.89 -10.44
CA GLU G 190 -52.37 0.02 -11.17
C GLU G 190 -51.46 0.77 -12.14
N PRO G 191 -51.93 1.78 -12.91
CA PRO G 191 -50.97 2.58 -13.67
C PRO G 191 -49.99 3.35 -12.79
N GLU G 192 -50.45 3.82 -11.63
CA GLU G 192 -49.55 4.51 -10.73
C GLU G 192 -48.49 3.56 -10.16
N THR G 193 -48.88 2.31 -9.89
CA THR G 193 -47.91 1.32 -9.42
C THR G 193 -46.92 0.94 -10.49
N ALA G 194 -47.32 1.02 -11.77
CA ALA G 194 -46.42 0.64 -12.85
C ALA G 194 -45.41 1.72 -13.17
N LEU G 195 -45.78 2.99 -12.99
CA LEU G 195 -44.84 4.08 -13.25
C LEU G 195 -43.59 3.96 -12.38
N PHE G 196 -43.73 3.39 -11.18
CA PHE G 196 -42.56 3.12 -10.35
C PHE G 196 -41.55 2.25 -11.08
N GLU G 197 -42.03 1.21 -11.76
CA GLU G 197 -41.11 0.32 -12.47
C GLU G 197 -40.55 0.99 -13.71
N THR G 198 -41.42 1.58 -14.54
CA THR G 198 -40.96 2.17 -15.80
C THR G 198 -40.00 3.31 -15.54
N LEU G 199 -40.38 4.25 -14.68
CA LEU G 199 -39.53 5.41 -14.44
C LEU G 199 -38.31 5.02 -13.60
N TYR G 200 -38.52 4.59 -12.37
CA TYR G 200 -37.44 4.28 -11.44
C TYR G 200 -37.23 2.76 -11.43
N ALA G 201 -37.28 2.07 -10.29
CA ALA G 201 -37.08 0.63 -10.23
C ALA G 201 -38.11 0.00 -9.29
N ALA G 202 -39.38 0.31 -9.53
CA ALA G 202 -40.54 -0.40 -8.99
C ALA G 202 -40.52 -0.44 -7.47
N ASN G 203 -41.11 -1.51 -6.92
CA ASN G 203 -41.38 -1.67 -5.49
C ASN G 203 -42.19 -0.49 -4.96
N VAL G 204 -43.51 -0.61 -5.03
CA VAL G 204 -44.38 0.46 -4.52
C VAL G 204 -44.21 0.56 -3.01
N PRO G 205 -44.25 1.77 -2.44
CA PRO G 205 -44.05 1.91 -1.00
C PRO G 205 -45.21 1.31 -0.22
N PRO G 206 -44.93 0.59 0.86
CA PRO G 206 -46.01 0.01 1.67
C PRO G 206 -46.71 1.07 2.53
N ARG G 207 -47.74 0.67 3.25
CA ARG G 207 -48.42 1.59 4.15
C ARG G 207 -47.60 1.83 5.40
N LEU G 208 -48.05 2.80 6.20
CA LEU G 208 -47.33 3.15 7.43
C LEU G 208 -47.35 1.99 8.42
N GLY G 209 -48.54 1.52 8.78
CA GLY G 209 -48.63 0.36 9.65
C GLY G 209 -47.97 -0.86 9.05
N GLU G 210 -48.13 -1.05 7.74
CA GLU G 210 -47.50 -2.18 7.07
C GLU G 210 -45.98 -2.10 7.18
N PHE G 211 -45.42 -0.91 7.01
CA PHE G 211 -43.98 -0.76 7.07
C PHE G 211 -43.44 -1.05 8.46
N PHE G 212 -44.13 -0.59 9.50
CA PHE G 212 -43.68 -0.83 10.86
C PHE G 212 -43.97 -2.25 11.34
N ASP G 213 -44.98 -2.92 10.75
CA ASP G 213 -45.12 -4.35 10.99
C ASP G 213 -43.91 -5.11 10.47
N ILE G 214 -43.33 -4.65 9.35
CA ILE G 214 -42.09 -5.25 8.85
C ILE G 214 -40.93 -4.92 9.76
N VAL G 215 -40.83 -3.65 10.18
CA VAL G 215 -39.73 -3.24 11.06
C VAL G 215 -39.76 -4.03 12.35
N SER G 216 -40.93 -4.09 13.00
CA SER G 216 -41.05 -4.92 14.20
C SER G 216 -40.78 -6.38 13.89
N GLY G 217 -41.12 -6.82 12.68
CA GLY G 217 -40.83 -8.20 12.30
C GLY G 217 -39.34 -8.48 12.25
N ALA G 218 -38.56 -7.54 11.73
CA ALA G 218 -37.11 -7.70 11.69
C ALA G 218 -36.48 -7.67 13.07
N GLY G 219 -37.23 -7.25 14.09
CA GLY G 219 -36.71 -7.15 15.44
C GLY G 219 -36.31 -5.75 15.86
N PHE G 220 -36.52 -4.75 15.00
CA PHE G 220 -36.12 -3.39 15.31
C PHE G 220 -37.17 -2.68 16.16
N HIS G 221 -36.70 -1.85 17.08
CA HIS G 221 -37.54 -0.86 17.72
C HIS G 221 -37.45 0.45 16.94
N THR G 222 -38.50 1.25 17.03
CA THR G 222 -38.55 2.54 16.35
C THR G 222 -38.35 3.65 17.37
N LEU G 223 -37.27 4.41 17.21
CA LEU G 223 -36.94 5.50 18.13
C LEU G 223 -37.39 6.86 17.66
N SER G 224 -37.52 7.07 16.35
CA SER G 224 -37.91 8.38 15.84
C SER G 224 -38.40 8.24 14.40
N LEU G 225 -39.22 9.20 13.99
CA LEU G 225 -39.69 9.33 12.61
C LEU G 225 -39.93 10.80 12.34
N LYS G 226 -39.48 11.28 11.19
CA LYS G 226 -39.63 12.69 10.84
C LYS G 226 -39.92 12.84 9.36
N ASP G 227 -41.05 13.44 9.03
CA ASP G 227 -41.48 13.59 7.65
C ASP G 227 -40.60 14.62 6.92
N LEU G 228 -40.15 14.24 5.72
CA LEU G 228 -39.34 15.12 4.88
C LEU G 228 -39.93 15.22 3.48
N SER G 229 -41.25 15.07 3.36
CA SER G 229 -41.87 14.95 2.05
C SER G 229 -41.68 16.20 1.20
N ALA G 230 -41.64 17.38 1.83
CA ALA G 230 -41.44 18.61 1.07
C ALA G 230 -40.05 18.64 0.44
N ASN G 231 -39.08 17.98 1.08
CA ASN G 231 -37.74 17.89 0.48
C ASN G 231 -37.74 16.96 -0.72
N LEU G 232 -38.51 15.88 -0.65
CA LEU G 232 -38.60 14.96 -1.78
C LEU G 232 -39.35 15.61 -2.94
N ALA G 233 -40.46 16.29 -2.67
CA ALA G 233 -41.23 16.94 -3.72
C ALA G 233 -40.39 17.98 -4.44
N MET G 234 -39.61 18.77 -3.69
CA MET G 234 -38.75 19.78 -4.31
C MET G 234 -37.65 19.13 -5.16
N THR G 235 -37.06 18.04 -4.65
CA THR G 235 -36.03 17.36 -5.42
C THR G 235 -36.61 16.76 -6.69
N MET G 236 -37.83 16.21 -6.62
CA MET G 236 -38.47 15.68 -7.80
C MET G 236 -38.76 16.78 -8.81
N ASN G 237 -39.11 17.98 -8.33
CA ASN G 237 -39.34 19.10 -9.22
C ASN G 237 -38.05 19.56 -9.87
N VAL G 238 -36.98 19.71 -9.07
CA VAL G 238 -35.67 20.07 -9.61
C VAL G 238 -35.22 19.04 -10.65
N PHE G 239 -35.51 17.76 -10.39
CA PHE G 239 -35.17 16.70 -11.34
C PHE G 239 -35.98 16.84 -12.63
N ALA G 240 -37.30 17.04 -12.51
CA ALA G 240 -38.14 17.14 -13.69
C ALA G 240 -37.77 18.35 -14.52
N LEU G 241 -37.56 19.50 -13.87
CA LEU G 241 -37.14 20.70 -14.59
C LEU G 241 -35.82 20.49 -15.31
N GLY G 242 -34.92 19.69 -14.73
CA GLY G 242 -33.67 19.39 -15.42
C GLY G 242 -33.87 18.53 -16.64
N VAL G 243 -34.81 17.58 -16.57
CA VAL G 243 -35.07 16.74 -17.74
C VAL G 243 -35.86 17.51 -18.78
N TYR G 244 -36.73 18.42 -18.37
CA TYR G 244 -37.52 19.19 -19.33
C TYR G 244 -36.65 20.15 -20.13
N SER G 245 -35.85 20.97 -19.44
CA SER G 245 -35.06 21.99 -20.11
C SER G 245 -33.79 21.44 -20.76
N ARG G 246 -33.54 20.14 -20.66
CA ARG G 246 -32.36 19.53 -21.28
C ARG G 246 -32.74 18.21 -21.96
N ARG G 247 -33.93 18.17 -22.56
CA ARG G 247 -34.35 16.98 -23.29
C ARG G 247 -33.38 16.62 -24.40
N ALA G 248 -32.78 17.65 -25.02
CA ALA G 248 -31.84 17.39 -26.12
C ALA G 248 -30.56 16.73 -25.59
N GLU G 249 -29.96 17.31 -24.56
CA GLU G 249 -28.72 16.76 -24.02
C GLU G 249 -28.91 15.34 -23.51
N PHE G 250 -30.03 15.08 -22.82
CA PHE G 250 -30.23 13.78 -22.21
C PHE G 250 -30.64 12.72 -23.22
N THR G 251 -31.36 13.10 -24.27
CA THR G 251 -31.71 12.13 -25.31
C THR G 251 -30.46 11.59 -25.99
N GLU G 252 -29.47 12.45 -26.22
CA GLU G 252 -28.21 11.99 -26.81
C GLU G 252 -27.37 11.21 -25.80
N ARG G 253 -27.56 11.49 -24.50
CA ARG G 253 -26.72 10.89 -23.49
C ARG G 253 -27.23 9.51 -23.08
N PHE G 254 -28.53 9.38 -22.85
CA PHE G 254 -29.13 8.15 -22.34
C PHE G 254 -30.08 7.49 -23.33
N GLY G 255 -30.14 7.96 -24.56
CA GLY G 255 -31.09 7.39 -25.50
C GLY G 255 -32.42 8.11 -25.46
N ALA G 256 -33.11 8.08 -26.61
CA ALA G 256 -34.38 8.78 -26.73
C ALA G 256 -35.50 8.05 -25.98
N GLU G 257 -35.47 6.72 -25.98
CA GLU G 257 -36.52 5.96 -25.31
C GLU G 257 -36.57 6.26 -23.81
N PHE G 258 -35.40 6.33 -23.17
CA PHE G 258 -35.38 6.58 -21.74
C PHE G 258 -35.87 7.99 -21.40
N VAL G 259 -35.43 8.99 -22.16
CA VAL G 259 -35.78 10.37 -21.85
C VAL G 259 -37.26 10.62 -22.12
N ASP G 260 -37.78 10.10 -23.23
CA ASP G 260 -39.19 10.29 -23.54
C ASP G 260 -40.09 9.65 -22.50
N GLY G 261 -39.67 8.54 -21.90
CA GLY G 261 -40.46 7.93 -20.84
C GLY G 261 -40.53 8.79 -19.60
N LEU G 262 -39.42 9.46 -19.25
CA LEU G 262 -39.44 10.38 -18.12
C LEU G 262 -40.38 11.55 -18.38
N LEU G 263 -40.28 12.17 -19.56
CA LEU G 263 -41.15 13.29 -19.90
C LEU G 263 -42.62 12.91 -19.81
N ALA G 264 -42.95 11.68 -20.17
CA ALA G 264 -44.34 11.19 -20.13
C ALA G 264 -44.73 10.63 -18.77
N GLY G 265 -43.77 10.40 -17.87
CA GLY G 265 -44.08 9.81 -16.59
C GLY G 265 -43.90 10.74 -15.42
N LEU G 266 -42.97 11.70 -15.54
CA LEU G 266 -42.66 12.58 -14.41
C LEU G 266 -43.88 13.37 -13.97
N GLY G 267 -44.68 13.85 -14.91
CA GLY G 267 -45.86 14.61 -14.54
C GLY G 267 -46.83 13.80 -13.70
N SER G 268 -47.19 12.61 -14.19
CA SER G 268 -48.11 11.75 -13.44
C SER G 268 -47.48 11.26 -12.15
N ALA G 269 -46.16 11.01 -12.15
CA ALA G 269 -45.49 10.57 -10.93
C ALA G 269 -45.45 11.68 -9.89
N GLN G 270 -45.17 12.91 -10.31
CA GLN G 270 -45.18 14.04 -9.38
C GLN G 270 -46.55 14.22 -8.74
N GLU G 271 -47.61 13.97 -9.50
CA GLU G 271 -48.94 14.02 -8.92
C GLU G 271 -49.18 12.86 -7.97
N THR G 272 -48.66 11.68 -8.31
CA THR G 272 -48.76 10.52 -7.43
C THR G 272 -47.84 10.65 -6.23
N LEU G 273 -46.85 11.54 -6.27
CA LEU G 273 -46.01 11.78 -5.12
C LEU G 273 -46.67 12.73 -4.12
N ILE G 274 -47.37 13.75 -4.61
CA ILE G 274 -47.84 14.82 -3.75
C ILE G 274 -49.04 14.38 -2.91
N ARG G 275 -50.07 13.83 -3.54
CA ARG G 275 -51.34 13.59 -2.87
C ARG G 275 -51.44 12.23 -2.20
N LYS G 276 -50.59 11.26 -2.56
CA LYS G 276 -50.79 9.88 -2.14
C LYS G 276 -49.63 9.26 -1.36
N THR G 277 -48.44 9.84 -1.37
CA THR G 277 -47.30 9.25 -0.69
C THR G 277 -46.69 10.26 0.27
N ARG G 278 -45.85 9.75 1.17
CA ARG G 278 -45.12 10.57 2.13
C ARG G 278 -43.73 9.99 2.34
N PHE G 279 -42.79 10.89 2.64
CA PHE G 279 -41.37 10.56 2.74
C PHE G 279 -40.87 10.99 4.11
N PHE G 280 -40.19 10.10 4.82
CA PHE G 280 -39.78 10.37 6.19
C PHE G 280 -38.41 9.77 6.46
N MET G 281 -37.78 10.28 7.52
CA MET G 281 -36.57 9.72 8.09
C MET G 281 -36.93 9.05 9.41
N ALA G 282 -36.34 7.88 9.67
CA ALA G 282 -36.67 7.10 10.86
C ALA G 282 -35.44 6.40 11.39
N THR G 283 -35.29 6.38 12.72
CA THR G 283 -34.18 5.71 13.40
C THR G 283 -34.68 4.38 13.97
N LEU G 284 -34.04 3.30 13.56
CA LEU G 284 -34.39 1.96 14.00
C LEU G 284 -33.26 1.38 14.82
N ARG G 285 -33.55 0.94 16.05
CA ARG G 285 -32.56 0.38 16.94
C ARG G 285 -32.73 -1.14 17.05
N LYS G 286 -31.64 -1.85 16.87
CA LYS G 286 -31.57 -3.25 17.29
C LYS G 286 -31.39 -3.29 18.80
N PRO G 287 -32.32 -3.86 19.56
CA PRO G 287 -32.23 -3.81 21.03
C PRO G 287 -30.91 -4.36 21.55
N ALA G 288 -30.44 -3.80 22.66
CA ALA G 288 -29.20 -4.22 23.28
C ALA G 288 -29.38 -5.53 24.05
N VAL G 289 -28.45 -5.82 24.96
CA VAL G 289 -28.38 -7.09 25.70
C VAL G 289 -28.56 -8.28 24.76
N GLN H 11 -41.24 -7.57 -6.72
CA GLN H 11 -41.47 -6.98 -8.03
C GLN H 11 -40.21 -7.10 -8.89
N VAL H 12 -39.41 -6.04 -8.94
CA VAL H 12 -38.16 -6.06 -9.68
C VAL H 12 -37.13 -6.88 -8.91
N THR H 13 -36.04 -7.23 -9.58
CA THR H 13 -34.94 -7.97 -8.97
C THR H 13 -33.72 -7.07 -8.82
N ALA H 14 -32.66 -7.62 -8.25
CA ALA H 14 -31.47 -6.83 -7.97
C ALA H 14 -30.71 -6.48 -9.24
N ASP H 15 -30.52 -7.47 -10.13
CA ASP H 15 -29.78 -7.22 -11.36
C ASP H 15 -30.48 -6.19 -12.24
N GLU H 16 -31.81 -6.12 -12.19
CA GLU H 16 -32.53 -5.10 -12.93
C GLU H 16 -32.17 -3.71 -12.41
N VAL H 17 -32.20 -3.53 -11.09
CA VAL H 17 -31.84 -2.24 -10.49
C VAL H 17 -30.37 -1.94 -10.75
N GLY H 18 -29.52 -2.97 -10.70
CA GLY H 18 -28.10 -2.75 -10.95
C GLY H 18 -27.83 -2.32 -12.39
N ASP H 19 -28.42 -3.02 -13.36
CA ASP H 19 -28.28 -2.61 -14.75
C ASP H 19 -28.87 -1.22 -15.00
N TRP H 20 -29.86 -0.83 -14.19
CA TRP H 20 -30.49 0.48 -14.37
C TRP H 20 -29.53 1.61 -14.04
N TYR H 21 -28.84 1.53 -12.90
CA TYR H 21 -27.90 2.59 -12.53
C TYR H 21 -26.62 2.54 -13.35
N ASP H 22 -26.24 1.36 -13.82
CA ASP H 22 -25.08 1.26 -14.69
C ASP H 22 -25.28 2.10 -15.94
N LYS H 23 -26.51 2.13 -16.47
CA LYS H 23 -26.83 2.84 -17.69
C LYS H 23 -27.45 4.22 -17.46
N PHE H 24 -28.24 4.39 -16.40
CA PHE H 24 -28.99 5.63 -16.20
C PHE H 24 -28.64 6.35 -14.91
N GLY H 25 -27.76 5.79 -14.07
CA GLY H 25 -27.49 6.39 -12.78
C GLY H 25 -26.95 7.80 -12.86
N GLU H 26 -26.21 8.11 -13.92
CA GLU H 26 -25.60 9.43 -14.03
C GLU H 26 -26.61 10.54 -14.28
N VAL H 27 -27.87 10.21 -14.60
CA VAL H 27 -28.86 11.25 -14.82
C VAL H 27 -29.15 11.98 -13.51
N TYR H 28 -28.96 11.32 -12.37
CA TYR H 28 -29.15 11.98 -11.09
C TYR H 28 -28.01 12.94 -10.80
N HIS H 29 -26.80 12.60 -11.22
CA HIS H 29 -25.67 13.51 -10.98
C HIS H 29 -25.72 14.72 -11.89
N LEU H 30 -26.37 14.60 -13.05
CA LEU H 30 -26.51 15.72 -13.96
C LEU H 30 -27.59 16.70 -13.54
N THR H 31 -28.57 16.25 -12.77
CA THR H 31 -29.70 17.08 -12.36
C THR H 31 -29.72 17.40 -10.87
N LEU H 32 -29.26 16.49 -10.01
CA LEU H 32 -29.39 16.69 -8.57
C LEU H 32 -28.08 17.03 -7.88
N GLY H 33 -26.94 16.54 -8.37
CA GLY H 33 -25.65 16.91 -7.86
C GLY H 33 -24.77 15.71 -7.63
N GLU H 34 -23.66 15.94 -6.92
CA GLU H 34 -22.63 14.94 -6.67
C GLU H 34 -23.16 13.79 -5.81
N SER H 35 -24.46 13.77 -5.56
CA SER H 35 -25.08 12.74 -4.73
C SER H 35 -26.35 12.26 -5.40
N VAL H 36 -26.87 11.15 -4.91
CA VAL H 36 -28.07 10.53 -5.48
C VAL H 36 -29.17 10.43 -4.43
N HIS H 37 -29.54 11.55 -3.84
CA HIS H 37 -30.60 11.57 -2.83
C HIS H 37 -31.16 12.98 -2.78
N CYS H 38 -32.16 13.16 -1.92
CA CYS H 38 -32.89 14.43 -1.84
C CYS H 38 -31.99 15.57 -1.37
N GLY H 39 -32.48 16.78 -1.57
CA GLY H 39 -31.85 17.97 -1.04
C GLY H 39 -32.62 18.47 0.18
N LEU H 40 -31.91 19.14 1.08
CA LEU H 40 -32.53 19.69 2.27
C LEU H 40 -33.00 21.13 1.97
N TRP H 41 -33.99 21.21 1.09
CA TRP H 41 -34.54 22.51 0.68
C TRP H 41 -35.33 23.17 1.80
N PHE H 42 -35.86 22.39 2.74
CA PHE H 42 -36.58 22.90 3.87
C PHE H 42 -35.83 22.57 5.15
N PRO H 43 -35.55 23.55 6.00
CA PRO H 43 -34.84 23.25 7.24
C PRO H 43 -35.62 22.25 8.08
N PRO H 44 -34.92 21.43 8.86
CA PRO H 44 -35.62 20.39 9.66
C PRO H 44 -36.63 20.95 10.65
N ASP H 45 -36.39 22.11 11.23
CA ASP H 45 -37.35 22.70 12.15
C ASP H 45 -38.53 23.35 11.45
N ALA H 46 -38.55 23.38 10.10
CA ALA H 46 -39.69 23.95 9.39
C ALA H 46 -40.87 23.00 9.44
N PRO H 47 -42.09 23.52 9.58
CA PRO H 47 -43.27 22.65 9.67
C PRO H 47 -43.61 22.03 8.32
N VAL H 48 -44.37 20.94 8.39
CA VAL H 48 -44.76 20.23 7.17
C VAL H 48 -45.84 21.05 6.45
N PRO H 49 -45.68 21.31 5.15
CA PRO H 49 -46.68 22.09 4.42
C PRO H 49 -48.03 21.39 4.38
N GLN H 50 -49.08 22.18 4.19
CA GLN H 50 -50.42 21.63 4.05
C GLN H 50 -50.54 20.76 2.80
N ASP H 51 -49.74 21.05 1.77
CA ASP H 51 -49.73 20.23 0.57
C ASP H 51 -48.39 20.43 -0.12
N MET H 52 -48.04 19.47 -0.98
CA MET H 52 -46.74 19.46 -1.65
C MET H 52 -46.76 20.15 -3.00
N GLU H 53 -47.79 20.95 -3.30
CA GLU H 53 -47.81 21.71 -4.53
C GLU H 53 -46.65 22.69 -4.54
N LEU H 54 -46.05 22.87 -5.72
CA LEU H 54 -44.86 23.73 -5.82
C LEU H 54 -45.14 25.14 -5.33
N VAL H 55 -46.37 25.62 -5.51
CA VAL H 55 -46.70 26.98 -5.07
C VAL H 55 -46.79 27.03 -3.54
N THR H 56 -47.28 25.96 -2.91
CA THR H 56 -47.34 25.93 -1.45
C THR H 56 -45.95 25.89 -0.85
N MET H 57 -45.14 24.91 -1.27
CA MET H 57 -43.77 24.82 -0.78
C MET H 57 -43.03 26.13 -1.00
N SER H 58 -43.25 26.77 -2.15
CA SER H 58 -42.60 28.05 -2.42
C SER H 58 -43.15 29.15 -1.54
N SER H 59 -44.42 29.07 -1.14
CA SER H 59 -44.99 30.08 -0.26
C SER H 59 -44.37 30.00 1.13
N GLN H 60 -44.16 28.79 1.64
CA GLN H 60 -43.46 28.65 2.91
C GLN H 60 -42.07 29.24 2.81
N ALA H 61 -41.39 29.04 1.67
CA ALA H 61 -40.08 29.63 1.48
C ALA H 61 -40.15 31.15 1.50
N GLN H 62 -41.21 31.71 0.91
CA GLN H 62 -41.40 33.15 0.96
C GLN H 62 -41.61 33.64 2.39
N ASP H 63 -42.40 32.91 3.17
CA ASP H 63 -42.63 33.32 4.56
C ASP H 63 -41.36 33.24 5.37
N ARG H 64 -40.57 32.18 5.18
CA ARG H 64 -39.27 32.10 5.83
C ARG H 64 -38.34 33.20 5.33
N TYR H 65 -38.47 33.53 4.04
CA TYR H 65 -37.77 34.69 3.49
C TYR H 65 -38.21 35.98 4.17
N THR H 66 -39.51 36.11 4.46
CA THR H 66 -40.01 37.29 5.17
C THR H 66 -39.47 37.34 6.60
N ASP H 67 -39.54 36.22 7.33
CA ASP H 67 -39.09 36.20 8.72
C ASP H 67 -37.63 36.59 8.82
N TYR H 68 -36.82 36.19 7.84
CA TYR H 68 -35.40 36.58 7.85
C TYR H 68 -35.26 38.08 7.66
N LEU H 69 -36.06 38.68 6.79
CA LEU H 69 -36.01 40.12 6.60
C LEU H 69 -36.46 40.86 7.86
N ILE H 70 -37.48 40.34 8.55
CA ILE H 70 -37.88 40.89 9.84
C ILE H 70 -36.73 40.80 10.83
N GLU H 71 -36.11 39.61 10.92
CA GLU H 71 -35.00 39.41 11.85
C GLU H 71 -33.82 40.32 11.54
N THR H 72 -33.59 40.61 10.26
CA THR H 72 -32.46 41.47 9.89
C THR H 72 -32.76 42.95 10.17
N LEU H 73 -33.93 43.43 9.72
CA LEU H 73 -34.26 44.83 9.99
C LEU H 73 -34.48 45.05 11.47
N ASP H 74 -35.13 44.09 12.16
CA ASP H 74 -35.34 44.12 13.60
C ASP H 74 -36.06 45.39 14.04
N PRO H 75 -37.32 45.58 13.64
CA PRO H 75 -38.08 46.75 14.10
C PRO H 75 -38.51 46.54 15.56
N LYS H 76 -38.14 47.50 16.41
CA LYS H 76 -38.43 47.37 17.83
C LYS H 76 -39.91 47.62 18.10
N ALA H 77 -40.28 47.57 19.38
CA ALA H 77 -41.66 47.73 19.77
C ALA H 77 -42.08 49.19 19.65
N GLY H 78 -43.33 49.40 19.22
CA GLY H 78 -43.88 50.74 19.10
C GLY H 78 -43.28 51.55 17.97
N GLN H 79 -43.03 50.94 16.82
CA GLN H 79 -42.42 51.62 15.69
C GLN H 79 -43.31 51.54 14.46
N HIS H 80 -43.06 52.46 13.53
CA HIS H 80 -43.79 52.56 12.27
C HIS H 80 -42.83 52.24 11.13
N LEU H 81 -43.25 51.36 10.22
CA LEU H 81 -42.41 50.90 9.13
C LEU H 81 -43.08 51.19 7.80
N LEU H 82 -42.30 51.66 6.84
CA LEU H 82 -42.78 51.96 5.50
C LEU H 82 -42.39 50.82 4.57
N ASP H 83 -43.38 50.23 3.89
CA ASP H 83 -43.15 49.15 2.94
C ASP H 83 -43.19 49.75 1.53
N ILE H 84 -42.02 50.18 1.05
CA ILE H 84 -41.88 50.77 -0.28
C ILE H 84 -42.08 49.67 -1.31
N GLY H 85 -43.18 49.74 -2.06
CA GLY H 85 -43.53 48.67 -2.98
C GLY H 85 -43.99 47.43 -2.24
N CYS H 86 -45.15 47.54 -1.58
CA CYS H 86 -45.58 46.53 -0.61
C CYS H 86 -46.22 45.30 -1.24
N GLY H 87 -46.55 45.32 -2.53
CA GLY H 87 -47.11 44.13 -3.17
C GLY H 87 -48.54 43.89 -2.71
N THR H 88 -48.80 42.68 -2.22
CA THR H 88 -50.12 42.34 -1.71
C THR H 88 -50.18 42.31 -0.18
N GLY H 89 -49.19 42.88 0.50
CA GLY H 89 -49.27 43.17 1.91
C GLY H 89 -48.88 42.05 2.86
N ARG H 90 -48.63 40.84 2.37
CA ARG H 90 -48.31 39.74 3.28
C ARG H 90 -47.04 40.00 4.07
N THR H 91 -46.06 40.66 3.46
CA THR H 91 -44.85 41.03 4.18
C THR H 91 -45.17 42.00 5.31
N ALA H 92 -46.06 42.96 5.05
CA ALA H 92 -46.43 43.94 6.07
C ALA H 92 -47.23 43.29 7.19
N LEU H 93 -48.06 42.30 6.85
CA LEU H 93 -48.86 41.62 7.87
C LEU H 93 -47.99 40.84 8.83
N LYS H 94 -47.12 39.97 8.30
CA LYS H 94 -46.25 39.19 9.17
C LYS H 94 -45.38 40.10 10.03
N ALA H 95 -44.90 41.20 9.45
CA ALA H 95 -44.11 42.15 10.23
C ALA H 95 -44.93 42.76 11.36
N ALA H 96 -46.20 43.04 11.09
CA ALA H 96 -47.05 43.67 12.09
C ALA H 96 -47.41 42.69 13.21
N ARG H 97 -47.66 41.43 12.87
CA ARG H 97 -48.03 40.46 13.89
C ARG H 97 -46.85 40.08 14.76
N GLN H 98 -45.65 39.94 14.17
CA GLN H 98 -44.54 39.39 14.92
C GLN H 98 -43.89 40.43 15.83
N ARG H 99 -43.67 41.64 15.33
CA ARG H 99 -43.03 42.67 16.12
C ARG H 99 -44.00 43.66 16.74
N GLY H 100 -45.28 43.56 16.41
CA GLY H 100 -46.28 44.49 16.93
C GLY H 100 -46.08 45.92 16.49
N ILE H 101 -45.74 46.13 15.23
CA ILE H 101 -45.39 47.45 14.73
C ILE H 101 -46.49 47.94 13.80
N ALA H 102 -46.46 49.23 13.52
CA ALA H 102 -47.30 49.83 12.49
C ALA H 102 -46.55 49.79 11.16
N VAL H 103 -47.23 49.37 10.10
CA VAL H 103 -46.61 49.26 8.79
C VAL H 103 -47.49 49.99 7.78
N THR H 104 -46.91 50.96 7.08
CA THR H 104 -47.58 51.68 6.01
C THR H 104 -46.96 51.26 4.69
N GLY H 105 -47.75 50.63 3.82
CA GLY H 105 -47.28 50.18 2.53
C GLY H 105 -47.74 51.10 1.42
N VAL H 106 -46.93 51.18 0.36
CA VAL H 106 -47.26 51.96 -0.82
C VAL H 106 -46.99 51.11 -2.06
N ALA H 107 -47.79 51.34 -3.09
CA ALA H 107 -47.60 50.68 -4.38
C ALA H 107 -48.31 51.49 -5.45
N VAL H 108 -47.89 51.31 -6.71
CA VAL H 108 -48.57 51.91 -7.85
C VAL H 108 -49.63 51.01 -8.42
N SER H 109 -49.86 49.84 -7.83
CA SER H 109 -50.88 48.92 -8.30
C SER H 109 -52.12 49.06 -7.43
N LYS H 110 -53.23 49.47 -8.04
CA LYS H 110 -54.47 49.64 -7.28
C LYS H 110 -55.08 48.28 -6.92
N GLU H 111 -54.95 47.29 -7.81
CA GLU H 111 -55.39 45.94 -7.46
C GLU H 111 -54.62 45.40 -6.27
N GLN H 112 -53.31 45.64 -6.23
CA GLN H 112 -52.50 45.13 -5.12
C GLN H 112 -52.82 45.86 -3.83
N ILE H 113 -52.97 47.19 -3.89
CA ILE H 113 -53.35 47.93 -2.70
C ILE H 113 -54.73 47.52 -2.22
N ALA H 114 -55.62 47.16 -3.15
CA ALA H 114 -56.93 46.65 -2.75
C ALA H 114 -56.81 45.29 -2.07
N ALA H 115 -55.91 44.44 -2.56
CA ALA H 115 -55.67 43.16 -1.92
C ALA H 115 -54.93 43.32 -0.60
N ALA H 116 -53.99 44.27 -0.55
CA ALA H 116 -53.23 44.49 0.69
C ALA H 116 -54.14 44.97 1.82
N ASN H 117 -55.05 45.90 1.53
CA ASN H 117 -56.03 46.31 2.53
C ASN H 117 -56.90 45.15 2.95
N ARG H 118 -57.59 44.52 2.00
CA ARG H 118 -58.45 43.38 2.28
C ARG H 118 -57.77 42.34 3.19
N LEU H 119 -56.48 42.11 2.95
CA LEU H 119 -55.74 41.18 3.81
C LEU H 119 -55.51 41.79 5.18
N ALA H 120 -55.18 43.07 5.25
CA ALA H 120 -54.80 43.70 6.51
C ALA H 120 -55.95 43.71 7.51
N ALA H 121 -57.19 43.50 7.05
CA ALA H 121 -58.34 43.51 7.93
C ALA H 121 -58.96 42.15 8.12
N GLY H 122 -58.64 41.18 7.26
CA GLY H 122 -58.99 39.80 7.56
C GLY H 122 -58.35 39.31 8.84
N HIS H 123 -57.22 39.91 9.21
CA HIS H 123 -56.55 39.63 10.47
C HIS H 123 -56.82 40.69 11.53
N GLY H 124 -57.63 41.70 11.22
CA GLY H 124 -57.93 42.74 12.18
C GLY H 124 -56.72 43.56 12.59
N LEU H 125 -56.05 44.16 11.60
CA LEU H 125 -54.92 45.03 11.87
C LEU H 125 -54.93 46.28 11.01
N THR H 126 -56.09 46.65 10.48
CA THR H 126 -56.22 47.91 9.74
C THR H 126 -55.72 49.09 10.56
N GLU H 127 -55.83 48.98 11.88
CA GLU H 127 -55.26 49.99 12.77
C GLU H 127 -53.77 50.19 12.51
N ARG H 128 -53.00 49.11 12.48
CA ARG H 128 -51.56 49.18 12.37
C ARG H 128 -51.05 48.83 10.98
N LEU H 129 -51.94 48.65 10.01
CA LEU H 129 -51.56 48.38 8.62
C LEU H 129 -52.28 49.36 7.72
N THR H 130 -51.54 50.01 6.83
CA THR H 130 -52.10 50.96 5.88
C THR H 130 -51.43 50.78 4.53
N PHE H 131 -52.25 50.75 3.48
CA PHE H 131 -51.76 50.58 2.12
C PHE H 131 -52.41 51.60 1.21
N GLU H 132 -51.59 52.41 0.55
CA GLU H 132 -52.06 53.49 -0.30
C GLU H 132 -51.41 53.37 -1.67
N VAL H 133 -52.10 53.90 -2.68
CA VAL H 133 -51.59 53.93 -4.04
C VAL H 133 -50.75 55.20 -4.19
N ALA H 134 -49.44 55.07 -3.98
CA ALA H 134 -48.54 56.20 -4.06
C ALA H 134 -47.27 55.78 -4.80
N ASP H 135 -46.57 56.77 -5.35
CA ASP H 135 -45.30 56.55 -6.01
C ASP H 135 -44.18 56.72 -4.98
N ALA H 136 -43.28 55.74 -4.92
CA ALA H 136 -42.16 55.82 -3.99
C ALA H 136 -41.22 56.96 -4.35
N MET H 137 -41.09 57.27 -5.64
CA MET H 137 -40.24 58.36 -6.08
C MET H 137 -40.84 59.73 -5.75
N ARG H 138 -42.10 59.78 -5.30
CA ARG H 138 -42.73 61.00 -4.80
C ARG H 138 -43.66 60.59 -3.65
N LEU H 139 -43.07 60.28 -2.50
CA LEU H 139 -43.86 59.83 -1.36
C LEU H 139 -44.65 61.01 -0.77
N PRO H 140 -45.92 60.83 -0.45
CA PRO H 140 -46.75 61.92 0.08
C PRO H 140 -46.71 62.08 1.59
N TYR H 141 -45.81 61.41 2.28
CA TYR H 141 -45.75 61.48 3.74
C TYR H 141 -44.78 62.58 4.17
N GLU H 142 -45.03 63.12 5.36
CA GLU H 142 -44.18 64.17 5.88
C GLU H 142 -42.79 63.62 6.24
N ASP H 143 -41.82 64.53 6.29
CA ASP H 143 -40.45 64.13 6.57
C ASP H 143 -40.32 63.64 8.01
N GLU H 144 -39.39 62.70 8.21
CA GLU H 144 -39.15 62.10 9.53
C GLU H 144 -40.42 61.48 10.10
N SER H 145 -41.11 60.69 9.28
CA SER H 145 -42.36 60.05 9.68
C SER H 145 -42.16 58.62 10.18
N PHE H 146 -41.32 57.84 9.51
CA PHE H 146 -41.20 56.41 9.79
C PHE H 146 -39.93 56.12 10.57
N ASP H 147 -40.03 55.20 11.54
CA ASP H 147 -38.87 54.76 12.30
C ASP H 147 -37.94 53.89 11.46
N CYS H 148 -38.48 53.19 10.48
CA CYS H 148 -37.70 52.31 9.62
C CYS H 148 -38.52 52.04 8.37
N ALA H 149 -37.88 51.42 7.38
CA ALA H 149 -38.55 51.12 6.12
C ALA H 149 -37.78 50.02 5.40
N TRP H 150 -38.39 49.51 4.33
CA TRP H 150 -37.72 48.56 3.47
C TRP H 150 -38.32 48.61 2.06
N ALA H 151 -37.48 48.36 1.07
CA ALA H 151 -37.88 48.25 -0.33
C ALA H 151 -37.50 46.84 -0.78
N ILE H 152 -38.48 45.94 -0.78
CA ILE H 152 -38.23 44.51 -0.98
C ILE H 152 -38.51 44.20 -2.44
N GLU H 153 -37.44 44.05 -3.22
CA GLU H 153 -37.51 43.68 -4.64
C GLU H 153 -38.38 44.66 -5.42
N SER H 154 -38.29 45.93 -5.07
CA SER H 154 -39.14 46.96 -5.67
C SER H 154 -38.36 48.04 -6.42
N LEU H 155 -37.12 48.32 -6.04
CA LEU H 155 -36.35 49.38 -6.67
C LEU H 155 -36.02 49.11 -8.13
N CYS H 156 -36.20 47.87 -8.60
CA CYS H 156 -35.97 47.58 -10.01
C CYS H 156 -36.99 48.24 -10.92
N HIS H 157 -38.16 48.61 -10.40
CA HIS H 157 -39.19 49.27 -11.19
C HIS H 157 -39.10 50.79 -11.15
N MET H 158 -38.28 51.36 -10.27
CA MET H 158 -38.25 52.79 -10.04
C MET H 158 -36.95 53.40 -10.53
N ASP H 159 -36.86 54.72 -10.37
CA ASP H 159 -35.59 55.44 -10.48
C ASP H 159 -34.96 55.42 -9.10
N ARG H 160 -33.92 54.58 -8.94
CA ARG H 160 -33.39 54.29 -7.62
C ARG H 160 -32.96 55.55 -6.89
N ALA H 161 -32.37 56.51 -7.62
CA ALA H 161 -31.89 57.73 -6.98
C ALA H 161 -33.03 58.52 -6.35
N LYS H 162 -34.15 58.67 -7.08
CA LYS H 162 -35.30 59.39 -6.54
C LYS H 162 -35.93 58.63 -5.40
N ALA H 163 -36.13 57.32 -5.56
CA ALA H 163 -36.77 56.53 -4.51
C ALA H 163 -35.94 56.53 -3.24
N LEU H 164 -34.62 56.35 -3.37
CA LEU H 164 -33.75 56.32 -2.19
C LEU H 164 -33.74 57.67 -1.49
N GLY H 165 -33.55 58.76 -2.25
CA GLY H 165 -33.61 60.08 -1.65
C GLY H 165 -34.96 60.38 -1.01
N GLU H 166 -36.02 59.78 -1.54
CA GLU H 166 -37.35 59.98 -0.98
C GLU H 166 -37.53 59.20 0.31
N ALA H 167 -36.98 57.99 0.38
CA ALA H 167 -37.05 57.23 1.62
C ALA H 167 -36.19 57.88 2.71
N TRP H 168 -35.04 58.43 2.33
CA TRP H 168 -34.20 59.16 3.29
C TRP H 168 -34.97 60.33 3.88
N ARG H 169 -35.75 61.03 3.05
CA ARG H 169 -36.51 62.18 3.52
C ARG H 169 -37.56 61.76 4.54
N VAL H 170 -38.30 60.68 4.27
CA VAL H 170 -39.37 60.24 5.15
C VAL H 170 -38.88 59.43 6.34
N LEU H 171 -37.60 59.06 6.37
CA LEU H 171 -37.05 58.37 7.52
C LEU H 171 -36.63 59.36 8.59
N LYS H 172 -36.64 58.89 9.84
CA LYS H 172 -36.20 59.69 10.96
C LYS H 172 -34.68 59.61 11.11
N PRO H 173 -34.05 60.63 11.72
CA PRO H 173 -32.58 60.59 11.88
C PRO H 173 -32.14 59.46 12.78
N GLY H 174 -31.44 58.47 12.21
CA GLY H 174 -31.08 57.27 12.94
C GLY H 174 -31.85 56.04 12.53
N GLY H 175 -32.84 56.17 11.65
CA GLY H 175 -33.60 55.03 11.17
C GLY H 175 -32.83 54.18 10.19
N ASP H 176 -33.48 53.13 9.69
CA ASP H 176 -32.83 52.18 8.82
C ASP H 176 -33.74 51.79 7.67
N LEU H 177 -33.12 51.47 6.54
CA LEU H 177 -33.82 51.06 5.34
C LEU H 177 -33.22 49.74 4.86
N LEU H 178 -34.05 48.71 4.75
CA LEU H 178 -33.61 47.39 4.32
C LEU H 178 -33.90 47.26 2.82
N VAL H 179 -32.85 47.22 2.02
CA VAL H 179 -32.96 47.23 0.56
C VAL H 179 -32.65 45.83 0.04
N LEU H 180 -33.52 45.32 -0.81
CA LEU H 180 -33.31 44.07 -1.54
C LEU H 180 -33.18 44.43 -3.02
N GLU H 181 -31.96 44.42 -3.54
CA GLU H 181 -31.68 44.97 -4.86
C GLU H 181 -30.75 44.02 -5.61
N SER H 182 -30.85 44.06 -6.94
CA SER H 182 -29.96 43.34 -7.83
C SER H 182 -28.91 44.28 -8.42
N VAL H 183 -27.80 43.70 -8.86
CA VAL H 183 -26.69 44.46 -9.42
C VAL H 183 -26.04 43.62 -10.52
N VAL H 184 -25.58 44.28 -11.57
CA VAL H 184 -24.93 43.60 -12.68
C VAL H 184 -23.46 43.41 -12.36
N THR H 185 -22.91 42.27 -12.76
CA THR H 185 -21.48 42.03 -12.70
C THR H 185 -20.80 42.10 -14.06
N GLU H 186 -21.56 42.02 -15.15
CA GLU H 186 -21.03 42.18 -16.50
C GLU H 186 -21.51 43.51 -17.10
N GLU H 187 -21.80 43.51 -18.40
CA GLU H 187 -22.20 44.73 -19.10
C GLU H 187 -23.59 44.68 -19.70
N LEU H 188 -24.16 43.49 -19.89
CA LEU H 188 -25.51 43.30 -20.45
C LEU H 188 -25.59 43.72 -21.91
N THR H 189 -25.88 42.76 -22.79
CA THR H 189 -26.17 43.08 -24.18
C THR H 189 -27.51 43.79 -24.28
N GLU H 190 -27.75 44.42 -25.43
CA GLU H 190 -28.98 45.17 -25.63
C GLU H 190 -30.21 44.26 -25.64
N PRO H 191 -30.14 43.03 -26.17
CA PRO H 191 -31.28 42.11 -25.97
C PRO H 191 -31.48 41.72 -24.52
N GLU H 192 -30.41 41.61 -23.73
CA GLU H 192 -30.56 41.29 -22.31
C GLU H 192 -31.23 42.43 -21.56
N THR H 193 -30.84 43.67 -21.85
CA THR H 193 -31.54 44.82 -21.30
C THR H 193 -32.96 44.93 -21.81
N ALA H 194 -33.27 44.26 -22.93
CA ALA H 194 -34.63 44.28 -23.46
C ALA H 194 -35.55 43.34 -22.69
N LEU H 195 -35.03 42.21 -22.21
CA LEU H 195 -35.86 41.26 -21.49
C LEU H 195 -36.33 41.79 -20.15
N PHE H 196 -35.69 42.84 -19.62
CA PHE H 196 -36.10 43.38 -18.32
C PHE H 196 -37.43 44.13 -18.43
N GLU H 197 -37.72 44.69 -19.60
CA GLU H 197 -38.97 45.40 -19.80
C GLU H 197 -40.04 44.51 -20.43
N THR H 198 -39.66 43.70 -21.41
CA THR H 198 -40.63 42.82 -22.05
C THR H 198 -41.16 41.77 -21.09
N LEU H 199 -40.34 41.32 -20.14
CA LEU H 199 -40.77 40.33 -19.16
C LEU H 199 -41.17 41.00 -17.85
N TYR H 200 -40.19 41.30 -17.01
CA TYR H 200 -40.47 41.80 -15.67
C TYR H 200 -40.90 43.26 -15.65
N ALA H 201 -40.78 43.97 -16.76
CA ALA H 201 -41.12 45.39 -16.85
C ALA H 201 -40.38 46.19 -15.79
N ALA H 202 -39.06 46.15 -15.87
CA ALA H 202 -38.22 46.79 -14.87
C ALA H 202 -36.96 47.34 -15.53
N ASN H 203 -36.30 48.25 -14.82
CA ASN H 203 -35.04 48.81 -15.28
C ASN H 203 -33.92 47.80 -15.07
N VAL H 204 -32.82 48.01 -15.81
CA VAL H 204 -31.66 47.13 -15.65
C VAL H 204 -30.97 47.46 -14.34
N PRO H 205 -30.46 46.46 -13.61
CA PRO H 205 -29.81 46.74 -12.33
C PRO H 205 -28.49 47.47 -12.56
N PRO H 206 -28.12 48.40 -11.69
CA PRO H 206 -26.85 49.12 -11.86
C PRO H 206 -25.67 48.29 -11.39
N ARG H 207 -24.48 48.89 -11.40
CA ARG H 207 -23.29 48.23 -10.89
C ARG H 207 -23.18 48.45 -9.39
N LEU H 208 -22.32 47.64 -8.76
CA LEU H 208 -22.19 47.70 -7.31
C LEU H 208 -21.73 49.08 -6.85
N GLY H 209 -20.60 49.55 -7.39
CA GLY H 209 -20.12 50.87 -7.03
C GLY H 209 -21.09 51.98 -7.39
N GLU H 210 -21.79 51.83 -8.52
CA GLU H 210 -22.77 52.82 -8.93
C GLU H 210 -23.96 52.84 -7.97
N PHE H 211 -24.44 51.66 -7.57
CA PHE H 211 -25.58 51.59 -6.66
C PHE H 211 -25.27 52.28 -5.34
N PHE H 212 -24.04 52.14 -4.84
CA PHE H 212 -23.69 52.74 -3.56
C PHE H 212 -23.27 54.20 -3.68
N ASP H 213 -22.85 54.63 -4.88
CA ASP H 213 -22.73 56.06 -5.12
C ASP H 213 -24.09 56.74 -5.05
N ILE H 214 -25.13 56.06 -5.54
CA ILE H 214 -26.50 56.55 -5.38
C ILE H 214 -26.89 56.54 -3.91
N VAL H 215 -26.62 55.43 -3.22
CA VAL H 215 -26.98 55.30 -1.81
C VAL H 215 -26.28 56.38 -0.99
N SER H 216 -24.98 56.58 -1.23
CA SER H 216 -24.25 57.62 -0.54
C SER H 216 -24.73 59.01 -0.95
N GLY H 217 -25.14 59.17 -2.21
CA GLY H 217 -25.64 60.45 -2.66
C GLY H 217 -26.98 60.81 -2.06
N ALA H 218 -27.78 59.80 -1.71
CA ALA H 218 -29.03 60.03 -0.99
C ALA H 218 -28.82 60.24 0.50
N GLY H 219 -27.57 60.16 0.97
CA GLY H 219 -27.27 60.40 2.37
C GLY H 219 -27.34 59.19 3.27
N PHE H 220 -27.24 57.98 2.71
CA PHE H 220 -27.34 56.76 3.50
C PHE H 220 -25.96 56.21 3.81
N HIS H 221 -25.78 55.76 5.05
CA HIS H 221 -24.64 54.95 5.43
C HIS H 221 -24.97 53.48 5.21
N THR H 222 -23.99 52.71 4.74
CA THR H 222 -24.16 51.28 4.55
C THR H 222 -23.62 50.55 5.77
N LEU H 223 -24.46 49.74 6.41
CA LEU H 223 -24.06 48.94 7.56
C LEU H 223 -23.81 47.49 7.21
N SER H 224 -24.63 46.89 6.37
CA SER H 224 -24.49 45.47 6.04
C SER H 224 -24.84 45.23 4.58
N LEU H 225 -24.27 44.14 4.04
CA LEU H 225 -24.67 43.60 2.75
C LEU H 225 -24.56 42.08 2.85
N LYS H 226 -25.49 41.38 2.22
CA LYS H 226 -25.45 39.92 2.20
C LYS H 226 -25.98 39.40 0.88
N ASP H 227 -25.18 38.57 0.21
CA ASP H 227 -25.59 38.02 -1.07
C ASP H 227 -26.71 37.00 -0.91
N LEU H 228 -27.71 37.09 -1.79
CA LEU H 228 -28.83 36.16 -1.83
C LEU H 228 -29.08 35.70 -3.26
N SER H 229 -28.03 35.63 -4.08
CA SER H 229 -28.21 35.31 -5.49
C SER H 229 -28.72 33.88 -5.69
N ALA H 230 -28.28 32.95 -4.86
CA ALA H 230 -28.76 31.58 -4.98
C ALA H 230 -30.26 31.47 -4.71
N ASN H 231 -30.80 32.32 -3.84
CA ASN H 231 -32.23 32.32 -3.58
C ASN H 231 -33.01 32.84 -4.78
N LEU H 232 -32.55 33.95 -5.38
CA LEU H 232 -33.21 34.47 -6.57
C LEU H 232 -33.08 33.50 -7.74
N ALA H 233 -31.95 32.78 -7.83
CA ALA H 233 -31.80 31.78 -8.87
C ALA H 233 -32.81 30.64 -8.68
N MET H 234 -32.99 30.17 -7.44
CA MET H 234 -33.95 29.11 -7.19
C MET H 234 -35.37 29.62 -7.37
N THR H 235 -35.66 30.84 -6.93
CA THR H 235 -36.97 31.42 -7.15
C THR H 235 -37.28 31.52 -8.64
N MET H 236 -36.27 31.90 -9.45
CA MET H 236 -36.46 32.01 -10.89
C MET H 236 -36.60 30.65 -11.54
N ASN H 237 -36.02 29.61 -10.94
CA ASN H 237 -36.25 28.25 -11.44
C ASN H 237 -37.65 27.77 -11.09
N VAL H 238 -38.12 28.08 -9.88
CA VAL H 238 -39.48 27.71 -9.49
C VAL H 238 -40.49 28.45 -10.36
N PHE H 239 -40.23 29.72 -10.64
CA PHE H 239 -41.13 30.50 -11.48
C PHE H 239 -41.22 29.90 -12.88
N ALA H 240 -40.10 29.42 -13.41
CA ALA H 240 -40.10 28.88 -14.77
C ALA H 240 -40.83 27.54 -14.83
N LEU H 241 -40.55 26.64 -13.90
CA LEU H 241 -41.21 25.34 -13.90
C LEU H 241 -42.72 25.48 -13.76
N GLY H 242 -43.18 26.49 -13.03
CA GLY H 242 -44.61 26.74 -12.93
C GLY H 242 -45.20 27.19 -14.26
N VAL H 243 -44.46 28.05 -14.99
CA VAL H 243 -44.91 28.49 -16.30
C VAL H 243 -44.77 27.36 -17.31
N TYR H 244 -43.62 26.69 -17.33
CA TYR H 244 -43.38 25.59 -18.26
C TYR H 244 -44.47 24.53 -18.17
N SER H 245 -44.87 24.16 -16.97
CA SER H 245 -45.79 23.05 -16.77
C SER H 245 -47.26 23.47 -16.84
N ARG H 246 -47.59 24.73 -16.60
CA ARG H 246 -48.96 25.21 -16.61
C ARG H 246 -49.13 26.27 -17.68
N ARG H 247 -49.06 25.85 -18.95
CA ARG H 247 -49.20 26.77 -20.07
C ARG H 247 -50.66 26.96 -20.48
N ALA H 248 -51.45 25.88 -20.44
CA ALA H 248 -52.86 26.00 -20.82
C ALA H 248 -53.63 26.87 -19.83
N GLU H 249 -53.28 26.80 -18.55
CA GLU H 249 -54.01 27.56 -17.54
C GLU H 249 -53.67 29.04 -17.60
N PHE H 250 -52.39 29.36 -17.71
CA PHE H 250 -51.97 30.76 -17.70
C PHE H 250 -52.35 31.48 -18.99
N THR H 251 -52.51 30.75 -20.09
CA THR H 251 -53.04 31.35 -21.32
C THR H 251 -54.51 31.74 -21.14
N GLU H 252 -55.32 30.82 -20.61
CA GLU H 252 -56.71 31.13 -20.31
C GLU H 252 -56.85 32.10 -19.15
N ARG H 253 -55.77 32.45 -18.48
CA ARG H 253 -55.77 33.38 -17.36
C ARG H 253 -55.15 34.72 -17.71
N PHE H 254 -54.10 34.72 -18.55
CA PHE H 254 -53.38 35.94 -18.89
C PHE H 254 -53.23 36.16 -20.39
N GLY H 255 -53.67 35.23 -21.21
CA GLY H 255 -53.53 35.37 -22.66
C GLY H 255 -52.21 34.81 -23.15
N ALA H 256 -52.26 34.25 -24.37
CA ALA H 256 -51.06 33.69 -24.98
C ALA H 256 -50.02 34.75 -25.30
N GLU H 257 -50.43 36.03 -25.41
CA GLU H 257 -49.48 37.09 -25.68
C GLU H 257 -48.45 37.22 -24.56
N PHE H 258 -48.89 37.06 -23.31
CA PHE H 258 -48.00 37.22 -22.16
C PHE H 258 -47.25 35.93 -21.85
N VAL H 259 -47.88 34.78 -22.05
CA VAL H 259 -47.25 33.51 -21.70
C VAL H 259 -46.19 33.12 -22.72
N ASP H 260 -46.53 33.20 -24.01
CA ASP H 260 -45.53 32.93 -25.04
C ASP H 260 -44.33 33.83 -24.91
N GLY H 261 -44.52 35.06 -24.40
CA GLY H 261 -43.39 35.91 -24.10
C GLY H 261 -42.54 35.37 -22.97
N LEU H 262 -43.18 34.77 -21.97
CA LEU H 262 -42.44 34.14 -20.89
C LEU H 262 -41.75 32.87 -21.37
N LEU H 263 -42.46 32.05 -22.16
CA LEU H 263 -41.88 30.79 -22.64
C LEU H 263 -40.69 31.01 -23.56
N ALA H 264 -40.57 32.19 -24.16
CA ALA H 264 -39.47 32.50 -25.08
C ALA H 264 -38.35 33.28 -24.43
N GLY H 265 -38.58 33.87 -23.26
CA GLY H 265 -37.58 34.73 -22.65
C GLY H 265 -37.00 34.23 -21.35
N LEU H 266 -37.72 33.34 -20.65
CA LEU H 266 -37.25 32.85 -19.36
C LEU H 266 -35.92 32.10 -19.49
N GLY H 267 -35.78 31.30 -20.55
CA GLY H 267 -34.52 30.59 -20.76
C GLY H 267 -33.35 31.54 -20.89
N SER H 268 -33.50 32.59 -21.69
CA SER H 268 -32.46 33.60 -21.82
C SER H 268 -32.30 34.40 -20.53
N ALA H 269 -33.41 34.68 -19.85
CA ALA H 269 -33.34 35.47 -18.63
C ALA H 269 -32.68 34.70 -17.51
N GLN H 270 -32.93 33.40 -17.42
CA GLN H 270 -32.31 32.59 -16.36
C GLN H 270 -30.80 32.60 -16.48
N GLU H 271 -30.29 32.43 -17.70
CA GLU H 271 -28.84 32.43 -17.91
C GLU H 271 -28.24 33.79 -17.58
N THR H 272 -28.88 34.88 -18.04
CA THR H 272 -28.36 36.20 -17.76
C THR H 272 -28.33 36.49 -16.27
N LEU H 273 -29.38 36.08 -15.55
CA LEU H 273 -29.40 36.22 -14.10
C LEU H 273 -28.27 35.42 -13.46
N ILE H 274 -28.02 34.22 -13.97
CA ILE H 274 -27.01 33.34 -13.38
C ILE H 274 -25.62 33.93 -13.55
N ARG H 275 -25.27 34.34 -14.78
CA ARG H 275 -23.89 34.64 -15.13
C ARG H 275 -23.50 36.10 -14.98
N LYS H 276 -24.46 37.01 -14.95
CA LYS H 276 -24.16 38.44 -15.04
C LYS H 276 -24.71 39.29 -13.91
N THR H 277 -25.52 38.74 -13.01
CA THR H 277 -26.17 39.53 -11.97
C THR H 277 -26.05 38.85 -10.62
N ARG H 278 -26.06 39.67 -9.57
CA ARG H 278 -26.08 39.21 -8.20
C ARG H 278 -27.14 39.98 -7.42
N PHE H 279 -27.70 39.32 -6.41
CA PHE H 279 -28.82 39.83 -5.65
C PHE H 279 -28.46 39.80 -4.17
N PHE H 280 -28.59 40.94 -3.50
CA PHE H 280 -28.13 41.07 -2.13
C PHE H 280 -29.16 41.79 -1.26
N MET H 281 -29.02 41.60 0.05
CA MET H 281 -29.79 42.29 1.06
C MET H 281 -28.87 43.30 1.75
N ALA H 282 -29.26 44.57 1.74
CA ALA H 282 -28.44 45.63 2.33
C ALA H 282 -29.22 46.40 3.37
N THR H 283 -28.51 46.86 4.40
CA THR H 283 -29.09 47.68 5.46
C THR H 283 -28.49 49.08 5.37
N LEU H 284 -29.34 50.05 5.08
CA LEU H 284 -28.94 51.44 4.93
C LEU H 284 -29.45 52.25 6.12
N ARG H 285 -28.64 53.19 6.59
CA ARG H 285 -28.98 53.96 7.77
C ARG H 285 -28.86 55.45 7.52
N LYS H 286 -29.92 56.17 7.83
CA LYS H 286 -29.87 57.63 7.82
C LYS H 286 -29.17 58.12 9.07
N PRO H 287 -28.04 58.82 8.95
CA PRO H 287 -27.26 59.18 10.14
C PRO H 287 -28.06 60.01 11.13
N ALA H 288 -27.78 59.80 12.41
CA ALA H 288 -28.43 60.54 13.46
C ALA H 288 -27.57 61.73 13.88
N VAL H 289 -28.22 62.72 14.47
CA VAL H 289 -27.54 63.94 14.93
C VAL H 289 -27.32 63.90 16.44
N GLN I 10 -60.17 -1.53 25.71
CA GLN I 10 -61.47 -2.16 25.87
C GLN I 10 -61.56 -2.89 27.20
N GLN I 11 -60.63 -2.58 28.10
CA GLN I 11 -60.61 -3.23 29.40
C GLN I 11 -61.35 -2.44 30.48
N VAL I 12 -61.52 -1.14 30.28
CA VAL I 12 -62.21 -0.29 31.24
C VAL I 12 -63.19 0.61 30.50
N THR I 13 -64.02 1.30 31.27
CA THR I 13 -65.02 2.22 30.75
C THR I 13 -64.76 3.62 31.27
N ALA I 14 -65.50 4.59 30.71
CA ALA I 14 -65.28 5.99 31.06
C ALA I 14 -65.62 6.26 32.53
N ASP I 15 -66.75 5.73 33.00
CA ASP I 15 -67.14 5.96 34.40
C ASP I 15 -66.18 5.26 35.36
N GLU I 16 -65.58 4.15 34.93
CA GLU I 16 -64.61 3.45 35.79
C GLU I 16 -63.36 4.31 35.99
N VAL I 17 -62.78 4.77 34.89
CA VAL I 17 -61.57 5.58 34.98
C VAL I 17 -61.85 6.88 35.73
N GLY I 18 -63.03 7.46 35.51
CA GLY I 18 -63.36 8.71 36.19
C GLY I 18 -63.45 8.56 37.70
N ASP I 19 -64.08 7.46 38.15
CA ASP I 19 -64.11 7.20 39.59
C ASP I 19 -62.73 6.90 40.14
N TRP I 20 -61.85 6.33 39.32
CA TRP I 20 -60.50 6.05 39.79
C TRP I 20 -59.73 7.34 40.06
N TYR I 21 -59.77 8.28 39.11
CA TYR I 21 -59.12 9.57 39.33
C TYR I 21 -59.83 10.39 40.39
N ASP I 22 -61.14 10.15 40.58
CA ASP I 22 -61.85 10.79 41.68
C ASP I 22 -61.36 10.30 43.03
N LYS I 23 -60.98 9.03 43.12
CA LYS I 23 -60.52 8.45 44.38
C LYS I 23 -59.01 8.52 44.54
N PHE I 24 -58.25 8.20 43.49
CA PHE I 24 -56.80 8.07 43.60
C PHE I 24 -56.03 9.02 42.70
N GLY I 25 -56.71 9.95 42.02
CA GLY I 25 -56.03 10.87 41.13
C GLY I 25 -55.05 11.78 41.83
N GLU I 26 -55.14 11.89 43.15
CA GLU I 26 -54.27 12.77 43.91
C GLU I 26 -52.95 12.12 44.30
N VAL I 27 -52.79 10.81 44.07
CA VAL I 27 -51.53 10.17 44.40
C VAL I 27 -50.44 10.59 43.42
N TYR I 28 -50.83 11.00 42.21
CA TYR I 28 -49.85 11.50 41.26
C TYR I 28 -49.36 12.89 41.65
N HIS I 29 -50.29 13.75 42.08
CA HIS I 29 -49.89 15.08 42.53
C HIS I 29 -49.05 15.01 43.79
N LEU I 30 -49.28 14.00 44.63
CA LEU I 30 -48.46 13.83 45.83
C LEU I 30 -47.06 13.30 45.50
N THR I 31 -46.88 12.65 44.36
CA THR I 31 -45.60 12.03 44.00
C THR I 31 -44.91 12.72 42.84
N LEU I 32 -45.64 13.01 41.76
CA LEU I 32 -45.05 13.52 40.53
C LEU I 32 -45.08 15.05 40.43
N GLY I 33 -46.14 15.70 40.88
CA GLY I 33 -46.18 17.14 40.88
C GLY I 33 -47.55 17.66 40.47
N GLU I 34 -47.61 18.97 40.20
CA GLU I 34 -48.85 19.67 39.93
C GLU I 34 -49.52 19.23 38.63
N SER I 35 -48.88 18.35 37.86
CA SER I 35 -49.47 17.79 36.66
C SER I 35 -49.57 16.29 36.81
N VAL I 36 -50.19 15.65 35.82
CA VAL I 36 -50.37 14.21 35.85
C VAL I 36 -49.73 13.58 34.62
N HIS I 37 -48.46 13.91 34.36
CA HIS I 37 -47.75 13.36 33.21
C HIS I 37 -46.29 13.16 33.57
N CYS I 38 -45.53 12.64 32.60
CA CYS I 38 -44.12 12.30 32.81
C CYS I 38 -43.30 13.56 33.05
N GLY I 39 -42.11 13.34 33.61
CA GLY I 39 -41.11 14.39 33.71
C GLY I 39 -40.14 14.29 32.56
N LEU I 40 -39.57 15.43 32.18
CA LEU I 40 -38.56 15.48 31.12
C LEU I 40 -37.17 15.32 31.76
N TRP I 41 -36.91 14.09 32.21
CA TRP I 41 -35.66 13.78 32.89
C TRP I 41 -34.48 13.70 31.93
N PHE I 42 -34.74 13.50 30.65
CA PHE I 42 -33.69 13.46 29.65
C PHE I 42 -33.97 14.52 28.60
N PRO I 43 -33.00 15.38 28.29
CA PRO I 43 -33.24 16.42 27.30
C PRO I 43 -33.58 15.82 25.95
N PRO I 44 -34.39 16.50 25.15
CA PRO I 44 -34.83 15.92 23.86
C PRO I 44 -33.68 15.59 22.92
N ASP I 45 -32.55 16.29 23.01
CA ASP I 45 -31.40 16.00 22.17
C ASP I 45 -30.57 14.83 22.68
N ALA I 46 -30.91 14.24 23.81
CA ALA I 46 -30.13 13.14 24.36
C ALA I 46 -30.46 11.83 23.66
N PRO I 47 -29.48 10.93 23.55
CA PRO I 47 -29.73 9.65 22.88
C PRO I 47 -30.60 8.73 23.72
N VAL I 48 -31.19 7.75 23.05
CA VAL I 48 -31.99 6.73 23.73
C VAL I 48 -31.05 5.73 24.38
N PRO I 49 -31.20 5.45 25.68
CA PRO I 49 -30.26 4.56 26.35
C PRO I 49 -30.34 3.14 25.82
N GLN I 50 -29.23 2.42 25.98
CA GLN I 50 -29.20 1.01 25.60
C GLN I 50 -30.21 0.20 26.40
N ASP I 51 -30.42 0.56 27.67
CA ASP I 51 -31.37 -0.11 28.54
C ASP I 51 -32.22 0.93 29.25
N MET I 52 -33.38 0.49 29.72
CA MET I 52 -34.19 1.28 30.63
C MET I 52 -33.87 0.96 32.09
N GLU I 53 -32.80 0.21 32.35
CA GLU I 53 -32.37 -0.02 33.72
C GLU I 53 -32.05 1.29 34.40
N LEU I 54 -32.44 1.42 35.68
CA LEU I 54 -32.18 2.65 36.41
C LEU I 54 -30.69 2.97 36.45
N VAL I 55 -29.83 1.97 36.52
CA VAL I 55 -28.40 2.23 36.49
C VAL I 55 -27.97 2.71 35.11
N THR I 56 -28.60 2.19 34.05
CA THR I 56 -28.22 2.59 32.71
C THR I 56 -28.58 4.05 32.47
N MET I 57 -29.79 4.45 32.86
CA MET I 57 -30.22 5.83 32.67
C MET I 57 -29.40 6.78 33.52
N SER I 58 -29.18 6.41 34.79
CA SER I 58 -28.37 7.26 35.67
C SER I 58 -26.96 7.44 35.12
N SER I 59 -26.41 6.39 34.49
CA SER I 59 -25.07 6.49 33.92
C SER I 59 -25.02 7.48 32.78
N GLN I 60 -26.07 7.53 31.95
CA GLN I 60 -26.10 8.52 30.89
C GLN I 60 -26.19 9.91 31.46
N ALA I 61 -26.95 10.08 32.55
CA ALA I 61 -27.00 11.37 33.22
C ALA I 61 -25.67 11.67 33.90
N GLN I 62 -24.89 10.65 34.25
CA GLN I 62 -23.54 10.88 34.76
C GLN I 62 -22.62 11.38 33.65
N ASP I 63 -22.75 10.82 32.44
CA ASP I 63 -21.89 11.24 31.35
C ASP I 63 -22.25 12.64 30.87
N ARG I 64 -23.54 12.98 30.85
CA ARG I 64 -23.93 14.34 30.48
C ARG I 64 -23.43 15.33 31.52
N TYR I 65 -23.32 14.88 32.77
CA TYR I 65 -22.74 15.70 33.84
C TYR I 65 -21.25 15.92 33.61
N THR I 66 -20.52 14.89 33.21
CA THR I 66 -19.10 15.04 32.89
C THR I 66 -18.89 15.99 31.72
N ASP I 67 -19.73 15.89 30.68
CA ASP I 67 -19.64 16.80 29.55
C ASP I 67 -19.82 18.25 29.99
N TYR I 68 -20.77 18.49 30.91
CA TYR I 68 -20.99 19.84 31.40
C TYR I 68 -19.80 20.36 32.19
N LEU I 69 -19.16 19.50 32.98
CA LEU I 69 -17.93 19.88 33.66
C LEU I 69 -16.81 20.16 32.66
N ILE I 70 -16.70 19.34 31.62
CA ILE I 70 -15.68 19.57 30.60
C ILE I 70 -15.91 20.91 29.92
N GLU I 71 -17.17 21.21 29.61
CA GLU I 71 -17.51 22.50 29.00
C GLU I 71 -17.21 23.65 29.96
N THR I 72 -17.43 23.45 31.26
CA THR I 72 -17.27 24.54 32.22
C THR I 72 -15.80 24.83 32.48
N LEU I 73 -15.01 23.79 32.76
CA LEU I 73 -13.58 24.00 32.98
C LEU I 73 -12.88 24.41 31.70
N ASP I 74 -13.29 23.83 30.57
CA ASP I 74 -12.81 24.14 29.22
C ASP I 74 -11.31 23.90 29.07
N PRO I 75 -10.79 22.71 29.37
CA PRO I 75 -9.36 22.47 29.14
C PRO I 75 -9.04 22.44 27.66
N LYS I 76 -7.90 23.04 27.30
CA LYS I 76 -7.47 23.18 25.91
C LYS I 76 -6.48 22.08 25.54
N ALA I 77 -6.50 21.71 24.26
CA ALA I 77 -5.65 20.63 23.77
C ALA I 77 -4.19 20.90 24.10
N GLY I 78 -3.48 19.84 24.47
CA GLY I 78 -2.10 19.97 24.90
C GLY I 78 -1.91 20.25 26.38
N GLN I 79 -2.97 20.63 27.10
CA GLN I 79 -2.82 20.90 28.53
C GLN I 79 -2.80 19.59 29.31
N HIS I 80 -2.52 19.73 30.61
CA HIS I 80 -2.41 18.59 31.51
C HIS I 80 -3.28 18.87 32.71
N LEU I 81 -4.31 18.04 32.89
CA LEU I 81 -5.30 18.22 33.95
C LEU I 81 -5.00 17.26 35.10
N LEU I 82 -5.23 17.71 36.33
CA LEU I 82 -5.10 16.88 37.52
C LEU I 82 -6.48 16.56 38.05
N ASP I 83 -6.83 15.27 38.06
CA ASP I 83 -8.07 14.81 38.66
C ASP I 83 -7.81 14.45 40.11
N ILE I 84 -8.33 15.27 41.02
CA ILE I 84 -8.13 15.09 42.46
C ILE I 84 -9.28 14.24 43.01
N GLY I 85 -8.99 12.98 43.32
CA GLY I 85 -10.02 12.05 43.75
C GLY I 85 -10.76 11.42 42.57
N CYS I 86 -10.00 10.71 41.73
CA CYS I 86 -10.37 10.42 40.35
C CYS I 86 -11.27 9.20 40.17
N GLY I 87 -11.65 8.50 41.25
CA GLY I 87 -12.53 7.36 41.09
C GLY I 87 -11.93 6.32 40.16
N THR I 88 -12.77 5.74 39.30
CA THR I 88 -12.33 4.70 38.39
C THR I 88 -12.03 5.22 36.98
N GLY I 89 -11.98 6.55 36.80
CA GLY I 89 -11.28 7.16 35.69
C GLY I 89 -12.12 7.57 34.49
N ARG I 90 -13.41 7.24 34.46
CA ARG I 90 -14.20 7.53 33.27
C ARG I 90 -14.28 9.02 33.01
N THR I 91 -14.28 9.83 34.07
CA THR I 91 -14.30 11.28 33.90
C THR I 91 -13.05 11.77 33.19
N ALA I 92 -11.87 11.25 33.60
CA ALA I 92 -10.62 11.62 32.95
C ALA I 92 -10.57 11.10 31.51
N LEU I 93 -11.15 9.93 31.26
CA LEU I 93 -11.15 9.38 29.90
C LEU I 93 -11.92 10.29 28.95
N LYS I 94 -13.15 10.65 29.32
CA LYS I 94 -13.95 11.51 28.46
C LYS I 94 -13.28 12.87 28.26
N ALA I 95 -12.62 13.38 29.29
CA ALA I 95 -11.93 14.66 29.12
C ALA I 95 -10.74 14.53 28.17
N ALA I 96 -10.03 13.40 28.20
CA ALA I 96 -8.91 13.20 27.27
C ALA I 96 -9.39 13.01 25.84
N ARG I 97 -10.44 12.20 25.64
CA ARG I 97 -10.95 11.97 24.29
C ARG I 97 -11.56 13.24 23.70
N GLN I 98 -12.27 14.02 24.52
CA GLN I 98 -12.99 15.18 24.00
C GLN I 98 -12.08 16.37 23.74
N ARG I 99 -11.07 16.58 24.57
CA ARG I 99 -10.28 17.80 24.49
C ARG I 99 -8.83 17.57 24.10
N GLY I 100 -8.41 16.33 23.91
CA GLY I 100 -7.04 16.07 23.51
C GLY I 100 -6.03 16.52 24.54
N ILE I 101 -6.35 16.30 25.82
CA ILE I 101 -5.47 16.67 26.91
C ILE I 101 -4.89 15.40 27.53
N ALA I 102 -3.83 15.58 28.32
CA ALA I 102 -3.40 14.53 29.23
C ALA I 102 -4.08 14.72 30.57
N VAL I 103 -4.28 13.61 31.29
CA VAL I 103 -4.87 13.67 32.62
C VAL I 103 -4.05 12.78 33.55
N THR I 104 -3.71 13.32 34.72
CA THR I 104 -3.20 12.55 35.84
C THR I 104 -4.25 12.56 36.95
N GLY I 105 -4.61 11.37 37.43
CA GLY I 105 -5.62 11.22 38.46
C GLY I 105 -5.07 10.55 39.69
N VAL I 106 -5.49 11.03 40.86
CA VAL I 106 -5.04 10.47 42.13
C VAL I 106 -6.26 10.03 42.92
N ALA I 107 -6.10 8.92 43.65
CA ALA I 107 -7.10 8.44 44.59
C ALA I 107 -6.38 7.63 45.66
N VAL I 108 -7.06 7.44 46.79
CA VAL I 108 -6.48 6.70 47.90
C VAL I 108 -6.97 5.25 47.92
N SER I 109 -7.72 4.84 46.92
CA SER I 109 -8.23 3.48 46.82
C SER I 109 -7.43 2.74 45.75
N LYS I 110 -6.70 1.69 46.18
CA LYS I 110 -5.93 0.89 45.24
C LYS I 110 -6.84 0.20 44.23
N GLU I 111 -8.03 -0.23 44.66
CA GLU I 111 -8.96 -0.87 43.73
C GLU I 111 -9.39 0.08 42.63
N GLN I 112 -9.70 1.33 42.99
CA GLN I 112 -10.15 2.29 41.97
C GLN I 112 -9.03 2.64 41.00
N ILE I 113 -7.80 2.80 41.50
CA ILE I 113 -6.67 3.13 40.64
C ILE I 113 -6.35 1.97 39.71
N ALA I 114 -6.48 0.74 40.20
CA ALA I 114 -6.26 -0.44 39.36
C ALA I 114 -7.29 -0.53 38.25
N ALA I 115 -8.54 -0.16 38.55
CA ALA I 115 -9.57 -0.15 37.51
C ALA I 115 -9.36 0.98 36.51
N ALA I 116 -8.96 2.17 37.00
CA ALA I 116 -8.76 3.31 36.12
C ALA I 116 -7.63 3.05 35.13
N ASN I 117 -6.55 2.41 35.58
CA ASN I 117 -5.47 2.06 34.67
C ASN I 117 -5.90 0.99 33.67
N ARG I 118 -6.77 0.05 34.07
N ARG I 118 -6.77 0.05 34.07
CA ARG I 118 -7.33 -0.87 33.08
CA ARG I 118 -7.33 -0.87 33.10
C ARG I 118 -8.17 -0.13 32.07
C ARG I 118 -8.17 -0.13 32.07
N LEU I 119 -8.88 0.90 32.51
CA LEU I 119 -9.69 1.70 31.59
C LEU I 119 -8.82 2.39 30.56
N ALA I 120 -7.71 3.00 31.00
CA ALA I 120 -6.82 3.68 30.07
C ALA I 120 -6.24 2.71 29.06
N ALA I 121 -5.92 1.49 29.49
CA ALA I 121 -5.32 0.52 28.58
C ALA I 121 -6.33 -0.01 27.57
N GLY I 122 -7.58 -0.24 28.02
CA GLY I 122 -8.60 -0.70 27.09
C GLY I 122 -8.88 0.28 25.97
N HIS I 123 -8.78 1.58 26.25
CA HIS I 123 -8.99 2.59 25.23
C HIS I 123 -7.70 3.02 24.57
N GLY I 124 -6.60 2.31 24.82
CA GLY I 124 -5.32 2.68 24.24
C GLY I 124 -4.87 4.09 24.57
N LEU I 125 -5.12 4.54 25.81
CA LEU I 125 -4.78 5.90 26.20
C LEU I 125 -3.82 5.93 27.39
N THR I 126 -2.97 4.91 27.52
CA THR I 126 -2.06 4.88 28.67
C THR I 126 -1.05 6.03 28.63
N GLU I 127 -0.72 6.53 27.44
CA GLU I 127 0.23 7.63 27.35
C GLU I 127 -0.36 8.93 27.88
N ARG I 128 -1.66 9.15 27.68
CA ARG I 128 -2.30 10.40 28.07
C ARG I 128 -3.09 10.30 29.38
N LEU I 129 -3.32 9.09 29.88
CA LEU I 129 -4.05 8.87 31.12
C LEU I 129 -3.13 8.20 32.13
N THR I 130 -2.87 8.88 33.25
CA THR I 130 -1.99 8.38 34.30
C THR I 130 -2.78 8.38 35.60
N PHE I 131 -2.87 7.23 36.25
CA PHE I 131 -3.63 7.09 37.49
C PHE I 131 -2.73 6.54 38.59
N GLU I 132 -2.65 7.25 39.71
CA GLU I 132 -1.75 6.88 40.79
C GLU I 132 -2.51 6.88 42.12
N VAL I 133 -2.16 5.93 42.98
CA VAL I 133 -2.60 5.93 44.37
C VAL I 133 -1.81 7.01 45.09
N ALA I 134 -2.48 8.08 45.52
CA ALA I 134 -1.81 9.15 46.23
C ALA I 134 -2.83 9.96 47.02
N ASP I 135 -2.35 10.71 47.99
CA ASP I 135 -3.19 11.51 48.89
C ASP I 135 -3.21 12.95 48.42
N ALA I 136 -4.40 13.46 48.11
CA ALA I 136 -4.54 14.85 47.68
C ALA I 136 -4.07 15.85 48.71
N MET I 137 -3.99 15.45 49.98
CA MET I 137 -3.54 16.35 51.04
C MET I 137 -2.02 16.40 51.16
N ARG I 138 -1.29 15.61 50.36
CA ARG I 138 0.18 15.66 50.21
C ARG I 138 0.48 15.13 48.80
N LEU I 139 0.21 15.95 47.79
CA LEU I 139 0.40 15.52 46.41
C LEU I 139 1.89 15.34 46.13
N PRO I 140 2.29 14.23 45.49
CA PRO I 140 3.71 13.99 45.22
C PRO I 140 4.28 14.78 44.05
N TYR I 141 3.50 15.69 43.45
CA TYR I 141 3.90 16.35 42.21
C TYR I 141 4.59 17.68 42.49
N GLU I 142 5.50 18.05 41.59
CA GLU I 142 6.21 19.31 41.72
C GLU I 142 5.24 20.48 41.58
N ASP I 143 5.67 21.64 42.07
CA ASP I 143 4.86 22.84 41.96
C ASP I 143 4.66 23.22 40.51
N GLU I 144 3.48 23.80 40.21
CA GLU I 144 3.16 24.29 38.87
C GLU I 144 3.37 23.21 37.83
N SER I 145 2.80 22.03 38.08
CA SER I 145 2.90 20.90 37.17
C SER I 145 1.72 20.80 36.21
N PHE I 146 0.57 21.34 36.57
CA PHE I 146 -0.67 21.08 35.86
C PHE I 146 -1.30 22.40 35.41
N ASP I 147 -1.83 22.39 34.20
CA ASP I 147 -2.47 23.60 33.69
C ASP I 147 -3.80 23.83 34.38
N CYS I 148 -4.52 22.76 34.70
CA CYS I 148 -5.82 22.86 35.34
C CYS I 148 -6.04 21.60 36.18
N ALA I 149 -7.14 21.60 36.91
CA ALA I 149 -7.47 20.47 37.77
C ALA I 149 -8.95 20.52 38.13
N TRP I 150 -9.49 19.37 38.50
CA TRP I 150 -10.83 19.36 39.09
C TRP I 150 -10.88 18.38 40.25
N ALA I 151 -11.76 18.68 41.20
CA ALA I 151 -12.03 17.86 42.37
C ALA I 151 -13.53 17.62 42.37
N ILE I 152 -13.94 16.49 41.83
CA ILE I 152 -15.35 16.20 41.54
C ILE I 152 -15.87 15.32 42.67
N GLU I 153 -16.53 15.94 43.64
CA GLU I 153 -17.21 15.22 44.71
C GLU I 153 -16.24 14.38 45.53
N SER I 154 -15.05 14.92 45.77
CA SER I 154 -14.00 14.27 46.53
C SER I 154 -13.50 15.08 47.71
N LEU I 155 -13.72 16.39 47.74
CA LEU I 155 -13.23 17.20 48.85
C LEU I 155 -13.89 16.84 50.17
N CYS I 156 -15.08 16.24 50.14
CA CYS I 156 -15.76 15.86 51.38
C CYS I 156 -15.01 14.79 52.17
N HIS I 157 -14.12 14.04 51.51
CA HIS I 157 -13.33 13.01 52.20
C HIS I 157 -12.04 13.56 52.78
N MET I 158 -11.77 14.85 52.68
CA MET I 158 -10.44 15.39 52.91
C MET I 158 -10.50 16.53 53.92
N ASP I 159 -9.32 16.93 54.38
CA ASP I 159 -9.15 18.22 55.04
C ASP I 159 -9.07 19.26 53.93
N ARG I 160 -10.16 20.00 53.75
CA ARG I 160 -10.30 20.85 52.57
C ARG I 160 -9.20 21.90 52.46
N ALA I 161 -8.69 22.40 53.59
CA ALA I 161 -7.62 23.40 53.53
C ALA I 161 -6.33 22.78 52.98
N LYS I 162 -5.96 21.60 53.49
CA LYS I 162 -4.76 20.94 52.99
C LYS I 162 -4.88 20.60 51.51
N ALA I 163 -6.01 20.02 51.11
CA ALA I 163 -6.18 19.63 49.72
C ALA I 163 -6.17 20.85 48.80
N LEU I 164 -6.92 21.89 49.15
CA LEU I 164 -6.98 23.06 48.29
C LEU I 164 -5.63 23.78 48.24
N GLY I 165 -4.96 23.89 49.39
CA GLY I 165 -3.63 24.47 49.39
C GLY I 165 -2.66 23.67 48.53
N GLU I 166 -2.81 22.35 48.52
CA GLU I 166 -1.92 21.51 47.75
C GLU I 166 -2.24 21.58 46.26
N ALA I 167 -3.53 21.70 45.90
CA ALA I 167 -3.90 21.94 44.51
C ALA I 167 -3.37 23.26 44.02
N TRP I 168 -3.39 24.29 44.87
CA TRP I 168 -2.83 25.59 44.48
C TRP I 168 -1.34 25.45 44.16
N ARG I 169 -0.63 24.63 44.93
CA ARG I 169 0.81 24.50 44.72
C ARG I 169 1.12 23.86 43.37
N VAL I 170 0.31 22.89 42.94
CA VAL I 170 0.62 22.16 41.71
C VAL I 170 0.00 22.79 40.47
N LEU I 171 -0.90 23.74 40.63
CA LEU I 171 -1.43 24.48 39.50
C LEU I 171 -0.41 25.52 39.03
N LYS I 172 -0.32 25.70 37.72
CA LYS I 172 0.45 26.81 37.20
C LYS I 172 -0.33 28.11 37.44
N PRO I 173 0.38 29.21 37.68
CA PRO I 173 -0.32 30.49 37.83
C PRO I 173 -1.17 30.78 36.60
N GLY I 174 -2.39 31.24 36.86
CA GLY I 174 -3.37 31.46 35.82
C GLY I 174 -4.32 30.29 35.59
N GLY I 175 -3.99 29.10 36.09
CA GLY I 175 -4.82 27.93 35.90
C GLY I 175 -6.03 27.91 36.81
N ASP I 176 -7.01 27.09 36.43
CA ASP I 176 -8.28 27.00 37.13
C ASP I 176 -8.44 25.65 37.82
N LEU I 177 -9.15 25.67 38.94
CA LEU I 177 -9.56 24.45 39.64
C LEU I 177 -11.07 24.44 39.71
N LEU I 178 -11.67 23.37 39.17
CA LEU I 178 -13.11 23.17 39.25
C LEU I 178 -13.44 22.28 40.43
N VAL I 179 -14.40 22.71 41.25
CA VAL I 179 -14.72 22.04 42.50
C VAL I 179 -16.22 21.78 42.54
N LEU I 180 -16.59 20.55 42.90
CA LEU I 180 -17.96 20.17 43.18
C LEU I 180 -18.04 19.83 44.67
N GLU I 181 -18.60 20.74 45.45
CA GLU I 181 -18.54 20.67 46.90
C GLU I 181 -19.93 20.89 47.49
N SER I 182 -20.16 20.30 48.66
CA SER I 182 -21.35 20.56 49.45
C SER I 182 -21.04 21.56 50.55
N VAL I 183 -22.10 22.21 51.03
CA VAL I 183 -21.98 23.24 52.07
C VAL I 183 -23.26 23.20 52.89
N VAL I 184 -23.13 23.41 54.21
CA VAL I 184 -24.31 23.44 55.07
C VAL I 184 -24.93 24.82 55.04
N THR I 185 -26.26 24.87 55.19
CA THR I 185 -26.98 26.11 55.44
C THR I 185 -27.50 26.18 56.87
N GLU I 186 -27.46 25.08 57.62
CA GLU I 186 -27.91 25.01 58.99
C GLU I 186 -26.70 24.74 59.90
N GLU I 187 -26.93 24.07 61.03
CA GLU I 187 -25.88 23.81 62.00
C GLU I 187 -25.54 22.33 62.16
N LEU I 188 -26.45 21.43 61.78
CA LEU I 188 -26.25 19.98 61.81
C LEU I 188 -26.21 19.45 63.23
N THR I 189 -27.11 18.51 63.55
CA THR I 189 -27.07 17.82 64.82
C THR I 189 -25.97 16.76 64.80
N GLU I 190 -25.64 16.26 65.97
CA GLU I 190 -24.55 15.30 66.11
C GLU I 190 -24.86 13.96 65.43
N PRO I 191 -26.11 13.48 65.43
CA PRO I 191 -26.42 12.32 64.57
C PRO I 191 -26.25 12.61 63.10
N GLU I 192 -26.64 13.80 62.64
CA GLU I 192 -26.44 14.16 61.23
C GLU I 192 -24.95 14.21 60.88
N THR I 193 -24.13 14.74 61.78
CA THR I 193 -22.70 14.81 61.50
C THR I 193 -22.08 13.42 61.41
N ALA I 194 -22.58 12.48 62.22
CA ALA I 194 -22.01 11.14 62.24
C ALA I 194 -22.44 10.32 61.03
N LEU I 195 -23.64 10.59 60.48
CA LEU I 195 -24.09 9.88 59.30
C LEU I 195 -23.15 10.08 58.12
N PHE I 196 -22.48 11.24 58.03
CA PHE I 196 -21.53 11.46 56.95
C PHE I 196 -20.36 10.48 57.04
N GLU I 197 -19.99 10.09 58.25
CA GLU I 197 -18.87 9.17 58.41
C GLU I 197 -19.31 7.72 58.25
N THR I 198 -20.48 7.36 58.77
CA THR I 198 -20.85 5.95 58.79
C THR I 198 -21.44 5.49 57.46
N LEU I 199 -22.15 6.38 56.75
CA LEU I 199 -22.73 6.00 55.46
C LEU I 199 -21.70 6.14 54.34
N TYR I 200 -21.01 7.29 54.29
CA TYR I 200 -20.17 7.65 53.15
C TYR I 200 -18.68 7.71 53.45
N ALA I 201 -18.27 7.59 54.71
CA ALA I 201 -16.87 7.79 55.09
C ALA I 201 -16.39 9.19 54.68
N ALA I 202 -17.24 10.18 54.91
CA ALA I 202 -16.97 11.55 54.51
C ALA I 202 -17.10 12.47 55.69
N ASN I 203 -16.43 13.63 55.58
CA ASN I 203 -16.56 14.68 56.57
C ASN I 203 -17.86 15.46 56.36
N VAL I 204 -18.23 16.24 57.36
CA VAL I 204 -19.35 17.17 57.25
C VAL I 204 -18.92 18.34 56.37
N PRO I 205 -19.83 18.91 55.58
CA PRO I 205 -19.46 20.07 54.76
C PRO I 205 -19.35 21.32 55.60
N PRO I 206 -18.53 22.27 55.18
CA PRO I 206 -18.42 23.54 55.91
C PRO I 206 -19.58 24.45 55.57
N ARG I 207 -19.57 25.63 56.18
CA ARG I 207 -20.49 26.68 55.77
C ARG I 207 -19.96 27.38 54.52
N LEU I 208 -20.86 28.11 53.84
CA LEU I 208 -20.48 28.77 52.59
C LEU I 208 -19.37 29.78 52.83
N GLY I 209 -19.54 30.65 53.81
CA GLY I 209 -18.49 31.60 54.13
C GLY I 209 -17.24 30.92 54.64
N GLU I 210 -17.41 29.83 55.40
CA GLU I 210 -16.25 29.08 55.90
C GLU I 210 -15.49 28.44 54.75
N PHE I 211 -16.21 27.87 53.78
CA PHE I 211 -15.55 27.25 52.63
C PHE I 211 -14.74 28.28 51.84
N PHE I 212 -15.28 29.49 51.68
CA PHE I 212 -14.60 30.49 50.88
C PHE I 212 -13.46 31.18 51.63
N ASP I 213 -13.49 31.19 52.96
CA ASP I 213 -12.30 31.58 53.70
C ASP I 213 -11.18 30.58 53.48
N ILE I 214 -11.53 29.30 53.36
CA ILE I 214 -10.53 28.29 53.02
C ILE I 214 -10.02 28.51 51.61
N VAL I 215 -10.93 28.72 50.66
CA VAL I 215 -10.55 28.99 49.28
C VAL I 215 -9.64 30.21 49.21
N SER I 216 -10.01 31.28 49.92
CA SER I 216 -9.16 32.48 49.93
C SER I 216 -7.82 32.19 50.60
N GLY I 217 -7.86 31.53 51.77
CA GLY I 217 -6.63 31.27 52.51
C GLY I 217 -5.64 30.40 51.79
N ALA I 218 -6.11 29.59 50.84
CA ALA I 218 -5.22 28.79 50.02
C ALA I 218 -4.63 29.59 48.85
N GLY I 219 -5.22 30.73 48.52
CA GLY I 219 -4.73 31.59 47.47
C GLY I 219 -5.54 31.61 46.20
N PHE I 220 -6.76 31.09 46.20
CA PHE I 220 -7.58 31.04 44.99
C PHE I 220 -8.50 32.26 44.92
N HIS I 221 -8.75 32.70 43.70
CA HIS I 221 -9.83 33.63 43.41
C HIS I 221 -11.04 32.83 42.91
N THR I 222 -12.22 33.24 43.36
CA THR I 222 -13.46 32.57 42.96
C THR I 222 -14.02 33.25 41.72
N LEU I 223 -14.13 32.50 40.62
CA LEU I 223 -14.63 33.06 39.37
C LEU I 223 -16.12 32.80 39.14
N SER I 224 -16.66 31.69 39.66
CA SER I 224 -18.05 31.36 39.42
C SER I 224 -18.52 30.34 40.45
N LEU I 225 -19.84 30.27 40.61
CA LEU I 225 -20.49 29.30 41.47
C LEU I 225 -21.87 29.03 40.90
N LYS I 226 -22.25 27.76 40.82
CA LYS I 226 -23.56 27.40 40.31
C LYS I 226 -24.14 26.27 41.13
N ASP I 227 -25.34 26.49 41.65
CA ASP I 227 -26.02 25.49 42.47
C ASP I 227 -26.44 24.28 41.63
N LEU I 228 -26.07 23.09 42.11
CA LEU I 228 -26.47 21.82 41.49
C LEU I 228 -27.16 20.93 42.52
N SER I 229 -27.79 21.55 43.51
CA SER I 229 -28.36 20.79 44.62
C SER I 229 -29.42 19.81 44.14
N ALA I 230 -30.27 20.24 43.19
CA ALA I 230 -31.34 19.36 42.71
C ALA I 230 -30.77 18.12 42.04
N ASN I 231 -29.65 18.24 41.34
CA ASN I 231 -29.02 17.07 40.74
C ASN I 231 -28.56 16.10 41.81
N LEU I 232 -27.99 16.61 42.91
CA LEU I 232 -27.52 15.74 43.96
C LEU I 232 -28.69 15.09 44.70
N ALA I 233 -29.77 15.85 44.92
CA ALA I 233 -30.95 15.26 45.56
C ALA I 233 -31.53 14.15 44.71
N MET I 234 -31.65 14.36 43.40
CA MET I 234 -32.15 13.30 42.53
C MET I 234 -31.19 12.13 42.44
N THR I 235 -29.89 12.38 42.54
CA THR I 235 -28.94 11.28 42.51
C THR I 235 -29.05 10.41 43.76
N MET I 236 -29.23 11.04 44.92
CA MET I 236 -29.37 10.28 46.16
C MET I 236 -30.70 9.52 46.21
N ASN I 237 -31.73 10.03 45.55
CA ASN I 237 -32.97 9.27 45.41
C ASN I 237 -32.77 8.06 44.50
N VAL I 238 -32.03 8.23 43.40
CA VAL I 238 -31.72 7.08 42.53
C VAL I 238 -30.89 6.06 43.29
N PHE I 239 -29.93 6.53 44.09
CA PHE I 239 -29.12 5.63 44.91
C PHE I 239 -29.99 4.91 45.94
N ALA I 240 -30.84 5.65 46.65
CA ALA I 240 -31.68 5.06 47.69
C ALA I 240 -32.61 4.01 47.09
N LEU I 241 -33.26 4.35 45.98
CA LEU I 241 -34.17 3.41 45.33
C LEU I 241 -33.45 2.13 44.92
N GLY I 242 -32.24 2.27 44.37
CA GLY I 242 -31.48 1.09 44.00
C GLY I 242 -31.15 0.21 45.19
N VAL I 243 -30.78 0.82 46.31
CA VAL I 243 -30.46 0.06 47.52
C VAL I 243 -31.71 -0.58 48.09
N TYR I 244 -32.80 0.19 48.17
CA TYR I 244 -34.05 -0.33 48.70
C TYR I 244 -34.53 -1.54 47.88
N SER I 245 -34.57 -1.39 46.57
CA SER I 245 -35.16 -2.42 45.72
C SER I 245 -34.22 -3.58 45.45
N ARG I 246 -32.96 -3.50 45.89
CA ARG I 246 -31.98 -4.55 45.65
C ARG I 246 -31.27 -4.91 46.94
N ARG I 247 -32.03 -5.05 48.03
CA ARG I 247 -31.42 -5.31 49.33
C ARG I 247 -30.66 -6.64 49.34
N ALA I 248 -31.28 -7.70 48.80
CA ALA I 248 -30.67 -9.02 48.86
C ALA I 248 -29.38 -9.08 48.06
N GLU I 249 -29.40 -8.55 46.83
CA GLU I 249 -28.19 -8.55 46.00
C GLU I 249 -27.03 -7.88 46.73
N PHE I 250 -27.27 -6.71 47.32
CA PHE I 250 -26.19 -5.92 47.90
C PHE I 250 -25.70 -6.50 49.22
N THR I 251 -26.57 -7.21 49.95
CA THR I 251 -26.12 -7.89 51.16
C THR I 251 -25.20 -9.05 50.83
N GLU I 252 -25.58 -9.87 49.84
CA GLU I 252 -24.71 -10.93 49.36
C GLU I 252 -23.42 -10.39 48.74
N ARG I 253 -23.42 -9.15 48.26
CA ARG I 253 -22.25 -8.55 47.63
C ARG I 253 -21.35 -7.84 48.64
N PHE I 254 -21.93 -7.05 49.54
CA PHE I 254 -21.16 -6.22 50.46
C PHE I 254 -21.34 -6.60 51.92
N GLY I 255 -22.35 -7.37 52.26
CA GLY I 255 -22.55 -7.74 53.66
C GLY I 255 -23.77 -7.04 54.21
N ALA I 256 -24.50 -7.74 55.09
CA ALA I 256 -25.70 -7.18 55.67
C ALA I 256 -25.41 -5.98 56.55
N GLU I 257 -24.24 -5.93 57.19
CA GLU I 257 -23.93 -4.79 58.04
C GLU I 257 -23.86 -3.50 57.23
N PHE I 258 -23.21 -3.56 56.06
CA PHE I 258 -23.13 -2.38 55.20
C PHE I 258 -24.51 -1.97 54.70
N VAL I 259 -25.27 -2.94 54.18
CA VAL I 259 -26.54 -2.60 53.55
C VAL I 259 -27.56 -2.15 54.60
N ASP I 260 -27.63 -2.86 55.73
CA ASP I 260 -28.54 -2.44 56.80
C ASP I 260 -28.26 -1.02 57.24
N GLY I 261 -26.98 -0.63 57.28
CA GLY I 261 -26.65 0.74 57.62
C GLY I 261 -27.22 1.73 56.62
N LEU I 262 -27.04 1.45 55.32
CA LEU I 262 -27.63 2.30 54.29
C LEU I 262 -29.15 2.35 54.44
N LEU I 263 -29.79 1.17 54.54
CA LEU I 263 -31.25 1.13 54.65
C LEU I 263 -31.75 1.95 55.83
N ALA I 264 -30.97 2.03 56.91
CA ALA I 264 -31.38 2.76 58.10
C ALA I 264 -31.08 4.24 58.03
N GLY I 265 -30.07 4.65 57.27
CA GLY I 265 -29.63 6.03 57.28
C GLY I 265 -30.00 6.86 56.07
N LEU I 266 -30.39 6.21 54.97
CA LEU I 266 -30.61 6.93 53.71
C LEU I 266 -31.78 7.90 53.82
N GLY I 267 -32.86 7.49 54.49
CA GLY I 267 -34.00 8.40 54.65
C GLY I 267 -33.65 9.63 55.47
N SER I 268 -32.84 9.45 56.52
CA SER I 268 -32.47 10.57 57.38
C SER I 268 -31.40 11.43 56.73
N ALA I 269 -30.44 10.82 56.02
CA ALA I 269 -29.45 11.60 55.30
C ALA I 269 -30.09 12.40 54.17
N GLN I 270 -31.12 11.84 53.53
CA GLN I 270 -31.81 12.56 52.47
C GLN I 270 -32.52 13.79 53.01
N GLU I 271 -33.13 13.68 54.18
CA GLU I 271 -33.80 14.84 54.78
C GLU I 271 -32.80 15.93 55.13
N THR I 272 -31.62 15.55 55.64
CA THR I 272 -30.60 16.53 55.95
C THR I 272 -30.12 17.24 54.69
N LEU I 273 -29.92 16.46 53.61
CA LEU I 273 -29.52 17.04 52.34
C LEU I 273 -30.53 18.07 51.85
N ILE I 274 -31.80 17.68 51.80
CA ILE I 274 -32.86 18.57 51.33
C ILE I 274 -32.88 19.87 52.13
N ARG I 275 -32.84 19.76 53.45
CA ARG I 275 -33.17 20.88 54.31
C ARG I 275 -31.96 21.66 54.82
N LYS I 276 -30.77 21.07 54.85
CA LYS I 276 -29.65 21.70 55.53
C LYS I 276 -28.40 21.90 54.69
N THR I 277 -28.35 21.39 53.46
CA THR I 277 -27.14 21.51 52.65
C THR I 277 -27.50 21.93 51.24
N ARG I 278 -26.54 22.57 50.58
CA ARG I 278 -26.60 22.85 49.15
C ARG I 278 -25.32 22.33 48.51
N PHE I 279 -25.38 22.15 47.19
CA PHE I 279 -24.30 21.55 46.42
C PHE I 279 -24.09 22.40 45.18
N PHE I 280 -22.83 22.73 44.89
CA PHE I 280 -22.54 23.68 43.82
C PHE I 280 -21.28 23.27 43.07
N MET I 281 -21.19 23.78 41.85
CA MET I 281 -19.96 23.78 41.06
C MET I 281 -19.30 25.14 41.20
N ALA I 282 -17.99 25.15 41.42
CA ALA I 282 -17.28 26.41 41.59
C ALA I 282 -15.96 26.36 40.82
N THR I 283 -15.68 27.43 40.08
CA THR I 283 -14.42 27.59 39.36
C THR I 283 -13.49 28.46 40.21
N LEU I 284 -12.36 27.89 40.62
CA LEU I 284 -11.38 28.61 41.43
C LEU I 284 -10.14 28.90 40.59
N ARG I 285 -9.57 30.09 40.77
CA ARG I 285 -8.44 30.52 39.96
C ARG I 285 -7.21 30.80 40.81
N LYS I 286 -6.08 30.26 40.38
CA LYS I 286 -4.78 30.65 40.91
C LYS I 286 -4.31 31.88 40.15
N PRO I 287 -4.18 33.04 40.79
CA PRO I 287 -3.83 34.26 40.06
C PRO I 287 -2.52 34.11 39.29
N ALA I 288 -2.46 34.73 38.12
CA ALA I 288 -1.24 34.78 37.34
C ALA I 288 -0.34 35.91 37.86
N VAL I 289 0.84 36.03 37.26
CA VAL I 289 1.79 37.07 37.68
C VAL I 289 2.05 38.09 36.58
N GLN J 9 -12.36 19.94 61.10
CA GLN J 9 -11.49 18.82 61.44
C GLN J 9 -11.82 17.61 60.56
N GLN J 10 -10.90 16.65 60.53
CA GLN J 10 -11.08 15.44 59.73
C GLN J 10 -11.85 14.42 60.56
N GLN J 11 -13.08 14.12 60.13
CA GLN J 11 -13.83 13.03 60.75
C GLN J 11 -13.30 11.66 60.33
N VAL J 12 -12.63 11.57 59.18
CA VAL J 12 -12.11 10.32 58.65
C VAL J 12 -10.69 10.58 58.15
N THR J 13 -9.92 9.51 58.03
CA THR J 13 -8.57 9.59 57.49
C THR J 13 -8.56 9.14 56.04
N ALA J 14 -7.44 9.40 55.36
CA ALA J 14 -7.28 8.96 53.98
C ALA J 14 -7.28 7.44 53.90
N ASP J 15 -6.57 6.77 54.81
CA ASP J 15 -6.53 5.31 54.83
C ASP J 15 -7.93 4.73 55.01
N GLU J 16 -8.75 5.34 55.87
CA GLU J 16 -10.11 4.83 56.07
C GLU J 16 -10.93 4.98 54.79
N VAL J 17 -10.81 6.11 54.10
CA VAL J 17 -11.53 6.32 52.85
C VAL J 17 -11.07 5.33 51.79
N GLY J 18 -9.75 5.13 51.67
CA GLY J 18 -9.25 4.16 50.71
C GLY J 18 -9.81 2.78 50.94
N ASP J 19 -9.84 2.32 52.19
CA ASP J 19 -10.41 1.02 52.50
C ASP J 19 -11.90 0.98 52.21
N TRP J 20 -12.60 2.09 52.46
CA TRP J 20 -14.03 2.13 52.17
C TRP J 20 -14.28 1.90 50.68
N TYR J 21 -13.62 2.66 49.81
CA TYR J 21 -13.83 2.49 48.37
C TYR J 21 -13.30 1.15 47.89
N ASP J 22 -12.28 0.60 48.56
CA ASP J 22 -11.82 -0.74 48.22
C ASP J 22 -12.91 -1.77 48.45
N LYS J 23 -13.66 -1.63 49.53
CA LYS J 23 -14.66 -2.62 49.91
C LYS J 23 -16.00 -2.38 49.23
N PHE J 24 -16.48 -1.14 49.25
CA PHE J 24 -17.85 -0.83 48.87
C PHE J 24 -17.97 0.08 47.67
N GLY J 25 -16.86 0.47 47.04
CA GLY J 25 -16.91 1.46 45.98
C GLY J 25 -17.83 1.09 44.83
N GLU J 26 -18.01 -0.21 44.57
CA GLU J 26 -18.84 -0.67 43.47
C GLU J 26 -20.33 -0.52 43.70
N VAL J 27 -20.78 -0.21 44.92
CA VAL J 27 -22.20 0.04 45.12
C VAL J 27 -22.62 1.28 44.35
N TYR J 28 -21.71 2.21 44.11
CA TYR J 28 -22.02 3.38 43.30
C TYR J 28 -22.11 3.00 41.83
N HIS J 29 -21.25 2.09 41.38
CA HIS J 29 -21.30 1.67 39.98
C HIS J 29 -22.52 0.79 39.71
N LEU J 30 -23.02 0.09 40.73
CA LEU J 30 -24.20 -0.75 40.56
C LEU J 30 -25.48 0.07 40.53
N THR J 31 -25.54 1.19 41.23
CA THR J 31 -26.74 2.01 41.32
C THR J 31 -26.71 3.26 40.45
N LEU J 32 -25.56 3.92 40.34
CA LEU J 32 -25.49 5.23 39.70
C LEU J 32 -24.91 5.21 38.29
N GLY J 33 -24.01 4.28 37.98
CA GLY J 33 -23.54 4.12 36.62
C GLY J 33 -22.03 3.99 36.59
N GLU J 34 -21.46 4.26 35.40
CA GLU J 34 -20.05 3.98 35.16
C GLU J 34 -19.11 4.98 35.81
N SER J 35 -19.64 5.99 36.48
CA SER J 35 -18.86 7.00 37.19
C SER J 35 -19.25 6.95 38.66
N VAL J 36 -18.59 7.77 39.47
CA VAL J 36 -18.91 7.89 40.89
C VAL J 36 -19.23 9.33 41.23
N HIS J 37 -20.21 9.90 40.53
CA HIS J 37 -20.63 11.27 40.77
C HIS J 37 -22.08 11.43 40.35
N CYS J 38 -22.58 12.66 40.44
CA CYS J 38 -24.00 12.93 40.21
C CYS J 38 -24.35 12.78 38.73
N GLY J 39 -25.65 12.85 38.48
CA GLY J 39 -26.19 12.89 37.13
C GLY J 39 -26.80 14.24 36.84
N LEU J 40 -26.65 14.71 35.61
CA LEU J 40 -27.25 15.97 35.19
C LEU J 40 -28.72 15.70 34.87
N TRP J 41 -29.52 15.57 35.93
CA TRP J 41 -30.94 15.34 35.76
C TRP J 41 -31.70 16.61 35.44
N PHE J 42 -31.12 17.76 35.73
CA PHE J 42 -31.71 19.04 35.39
C PHE J 42 -30.78 19.78 34.46
N PRO J 43 -31.28 20.35 33.36
CA PRO J 43 -30.41 21.10 32.48
C PRO J 43 -29.83 22.30 33.19
N PRO J 44 -28.59 22.69 32.86
CA PRO J 44 -27.97 23.82 33.55
C PRO J 44 -28.79 25.12 33.50
N ASP J 45 -29.56 25.36 32.45
CA ASP J 45 -30.36 26.57 32.38
C ASP J 45 -31.65 26.49 33.19
N ALA J 46 -31.98 25.33 33.75
CA ALA J 46 -33.20 25.21 34.52
C ALA J 46 -33.06 25.97 35.84
N PRO J 47 -34.15 26.48 36.39
CA PRO J 47 -34.06 27.24 37.64
C PRO J 47 -33.96 26.31 38.84
N VAL J 48 -33.34 26.82 39.90
CA VAL J 48 -33.27 26.08 41.16
C VAL J 48 -34.68 25.92 41.72
N PRO J 49 -35.11 24.72 42.07
CA PRO J 49 -36.48 24.53 42.57
C PRO J 49 -36.70 25.29 43.87
N GLN J 50 -37.97 25.39 44.26
CA GLN J 50 -38.30 26.03 45.52
C GLN J 50 -37.78 25.23 46.72
N ASP J 51 -37.77 23.91 46.62
CA ASP J 51 -37.19 23.05 47.65
C ASP J 51 -36.79 21.73 47.00
N MET J 52 -36.03 20.93 47.74
CA MET J 52 -35.44 19.72 47.19
C MET J 52 -36.31 18.49 47.38
N GLU J 53 -37.60 18.67 47.67
CA GLU J 53 -38.50 17.53 47.79
C GLU J 53 -38.63 16.81 46.45
N LEU J 54 -38.81 15.48 46.51
CA LEU J 54 -38.93 14.70 45.28
C LEU J 54 -40.14 15.15 44.47
N VAL J 55 -41.26 15.42 45.15
CA VAL J 55 -42.45 15.85 44.43
C VAL J 55 -42.23 17.21 43.77
N THR J 56 -41.41 18.07 44.39
CA THR J 56 -41.18 19.39 43.83
C THR J 56 -40.27 19.32 42.61
N MET J 57 -39.16 18.59 42.72
CA MET J 57 -38.27 18.39 41.58
C MET J 57 -39.02 17.75 40.42
N SER J 58 -39.77 16.70 40.70
CA SER J 58 -40.52 16.02 39.65
C SER J 58 -41.59 16.94 39.06
N SER J 59 -42.05 17.93 39.83
CA SER J 59 -43.02 18.87 39.29
C SER J 59 -42.36 19.80 38.27
N GLN J 60 -41.14 20.27 38.55
CA GLN J 60 -40.43 21.09 37.59
C GLN J 60 -40.11 20.31 36.33
N ALA J 61 -39.78 19.02 36.48
CA ALA J 61 -39.56 18.18 35.31
C ALA J 61 -40.87 17.98 34.52
N GLN J 62 -42.01 18.06 35.19
CA GLN J 62 -43.29 18.02 34.48
C GLN J 62 -43.52 19.31 33.70
N ASP J 63 -43.23 20.46 34.32
CA ASP J 63 -43.43 21.73 33.62
C ASP J 63 -42.48 21.89 32.44
N ARG J 64 -41.27 21.33 32.53
CA ARG J 64 -40.39 21.34 31.37
C ARG J 64 -40.87 20.36 30.31
N TYR J 65 -41.48 19.25 30.75
CA TYR J 65 -42.16 18.35 29.82
C TYR J 65 -43.28 19.05 29.09
N THR J 66 -44.08 19.82 29.82
CA THR J 66 -45.18 20.57 29.21
C THR J 66 -44.66 21.60 28.21
N ASP J 67 -43.60 22.32 28.56
CA ASP J 67 -43.04 23.31 27.65
C ASP J 67 -42.62 22.67 26.34
N TYR J 68 -42.04 21.47 26.41
CA TYR J 68 -41.63 20.76 25.22
C TYR J 68 -42.82 20.38 24.34
N LEU J 69 -43.90 19.92 24.96
CA LEU J 69 -45.12 19.61 24.20
C LEU J 69 -45.64 20.86 23.50
N ILE J 70 -45.69 21.99 24.22
CA ILE J 70 -46.09 23.24 23.61
C ILE J 70 -45.19 23.58 22.43
N GLU J 71 -43.88 23.48 22.64
CA GLU J 71 -42.93 23.80 21.59
C GLU J 71 -43.08 22.84 20.41
N THR J 72 -43.41 21.58 20.67
CA THR J 72 -43.52 20.59 19.60
C THR J 72 -44.77 20.83 18.76
N LEU J 73 -45.95 20.81 19.40
CA LEU J 73 -47.19 21.04 18.66
C LEU J 73 -47.23 22.45 18.07
N ASP J 74 -46.64 23.42 18.76
CA ASP J 74 -46.56 24.81 18.33
C ASP J 74 -47.94 25.38 18.05
N PRO J 75 -48.74 25.67 19.09
CA PRO J 75 -50.03 26.33 18.86
C PRO J 75 -49.84 27.82 18.61
N LYS J 76 -50.60 28.34 17.66
CA LYS J 76 -50.48 29.75 17.27
C LYS J 76 -51.47 30.60 18.05
N ALA J 77 -51.09 31.86 18.27
CA ALA J 77 -51.92 32.77 19.06
C ALA J 77 -53.26 33.00 18.39
N GLY J 78 -54.34 32.80 19.14
CA GLY J 78 -55.69 32.92 18.65
C GLY J 78 -56.39 31.62 18.40
N GLN J 79 -55.64 30.51 18.29
CA GLN J 79 -56.23 29.22 18.01
C GLN J 79 -56.96 28.67 19.24
N HIS J 80 -57.61 27.53 19.06
CA HIS J 80 -58.34 26.86 20.12
C HIS J 80 -57.89 25.41 20.18
N LEU J 81 -57.34 25.00 21.32
CA LEU J 81 -56.78 23.67 21.50
C LEU J 81 -57.72 22.82 22.33
N LEU J 82 -57.82 21.53 21.99
CA LEU J 82 -58.61 20.57 22.73
C LEU J 82 -57.66 19.67 23.51
N ASP J 83 -57.81 19.66 24.84
CA ASP J 83 -56.98 18.83 25.71
C ASP J 83 -57.76 17.55 26.00
N ILE J 84 -57.50 16.52 25.21
CA ILE J 84 -58.14 15.21 25.38
C ILE J 84 -57.55 14.56 26.63
N GLY J 85 -58.36 14.43 27.67
CA GLY J 85 -57.87 13.94 28.95
C GLY J 85 -57.08 15.01 29.68
N CYS J 86 -57.76 16.10 30.05
CA CYS J 86 -57.07 17.28 30.54
C CYS J 86 -56.54 17.14 31.96
N GLY J 87 -57.01 16.16 32.72
CA GLY J 87 -56.56 16.04 34.10
C GLY J 87 -56.97 17.26 34.91
N THR J 88 -56.02 17.80 35.68
CA THR J 88 -56.28 18.96 36.53
C THR J 88 -55.95 20.28 35.84
N GLY J 89 -55.61 20.26 34.55
CA GLY J 89 -55.62 21.45 33.73
C GLY J 89 -54.36 22.29 33.74
N ARG J 90 -53.30 21.88 34.46
CA ARG J 90 -52.07 22.67 34.43
C ARG J 90 -51.49 22.75 33.03
N THR J 91 -51.60 21.66 32.26
CA THR J 91 -51.09 21.68 30.89
C THR J 91 -51.86 22.68 30.03
N ALA J 92 -53.18 22.71 30.20
CA ALA J 92 -53.97 23.71 29.49
C ALA J 92 -53.65 25.12 29.96
N LEU J 93 -53.33 25.29 31.25
CA LEU J 93 -53.00 26.61 31.79
C LEU J 93 -51.73 27.15 31.15
N LYS J 94 -50.62 26.40 31.26
CA LYS J 94 -49.36 26.86 30.69
C LYS J 94 -49.46 27.08 29.19
N ALA J 95 -50.26 26.27 28.49
CA ALA J 95 -50.45 26.46 27.06
C ALA J 95 -51.12 27.80 26.78
N ALA J 96 -52.17 28.12 27.53
CA ALA J 96 -52.89 29.36 27.29
C ALA J 96 -52.05 30.58 27.65
N ARG J 97 -51.26 30.49 28.72
CA ARG J 97 -50.44 31.62 29.15
C ARG J 97 -49.21 31.85 28.29
N GLN J 98 -48.74 30.84 27.56
CA GLN J 98 -47.51 30.96 26.80
C GLN J 98 -47.73 31.26 25.32
N ARG J 99 -48.89 30.92 24.78
CA ARG J 99 -49.16 31.10 23.36
C ARG J 99 -50.36 32.01 23.10
N GLY J 100 -51.06 32.47 24.13
CA GLY J 100 -52.23 33.30 23.92
C GLY J 100 -53.34 32.58 23.19
N ILE J 101 -53.66 31.36 23.61
CA ILE J 101 -54.65 30.53 22.96
C ILE J 101 -55.76 30.22 23.94
N ALA J 102 -56.91 29.81 23.41
CA ALA J 102 -57.98 29.24 24.20
C ALA J 102 -57.84 27.72 24.19
N VAL J 103 -58.12 27.10 25.33
CA VAL J 103 -58.02 25.65 25.47
C VAL J 103 -59.33 25.14 26.07
N THR J 104 -59.83 24.04 25.50
CA THR J 104 -60.99 23.34 26.02
C THR J 104 -60.57 21.90 26.33
N GLY J 105 -60.68 21.51 27.60
CA GLY J 105 -60.20 20.23 28.06
C GLY J 105 -61.33 19.35 28.57
N VAL J 106 -61.20 18.05 28.32
CA VAL J 106 -62.22 17.08 28.71
C VAL J 106 -61.55 15.94 29.46
N ALA J 107 -62.32 15.31 30.35
CA ALA J 107 -61.92 14.08 31.03
C ALA J 107 -63.14 13.57 31.78
N VAL J 108 -63.04 12.34 32.27
CA VAL J 108 -64.20 11.62 32.78
C VAL J 108 -64.31 11.70 34.31
N SER J 109 -63.51 12.56 34.94
CA SER J 109 -63.47 12.68 36.39
C SER J 109 -64.06 14.02 36.80
N LYS J 110 -65.14 13.98 37.60
CA LYS J 110 -65.71 15.23 38.11
C LYS J 110 -64.73 15.96 39.02
N GLU J 111 -63.97 15.20 39.82
CA GLU J 111 -63.01 15.82 40.73
C GLU J 111 -61.96 16.61 39.97
N GLN J 112 -61.42 16.02 38.89
CA GLN J 112 -60.37 16.69 38.14
C GLN J 112 -60.90 17.94 37.45
N ILE J 113 -62.12 17.88 36.93
CA ILE J 113 -62.67 19.05 36.24
C ILE J 113 -62.95 20.17 37.24
N ALA J 114 -63.45 19.83 38.43
CA ALA J 114 -63.65 20.85 39.46
C ALA J 114 -62.34 21.51 39.83
N ALA J 115 -61.28 20.73 40.03
CA ALA J 115 -59.97 21.32 40.32
C ALA J 115 -59.43 22.11 39.14
N ALA J 116 -59.73 21.68 37.91
CA ALA J 116 -59.28 22.41 36.73
C ALA J 116 -59.98 23.76 36.63
N ASN J 117 -61.30 23.77 36.77
CA ASN J 117 -62.04 25.04 36.79
C ASN J 117 -61.60 25.91 37.96
N ARG J 118 -61.27 25.28 39.10
CA ARG J 118 -60.71 26.03 40.22
C ARG J 118 -59.40 26.69 39.81
N LEU J 119 -58.52 25.93 39.15
CA LEU J 119 -57.29 26.52 38.62
C LEU J 119 -57.59 27.59 37.58
N ALA J 120 -58.56 27.33 36.70
CA ALA J 120 -58.93 28.31 35.69
C ALA J 120 -59.41 29.61 36.30
N ALA J 121 -60.05 29.54 37.47
CA ALA J 121 -60.50 30.74 38.16
C ALA J 121 -59.40 31.38 39.00
N GLY J 122 -58.40 30.62 39.45
CA GLY J 122 -57.34 31.21 40.24
C GLY J 122 -56.56 32.28 39.51
N HIS J 123 -56.07 31.96 38.31
CA HIS J 123 -55.31 32.90 37.51
C HIS J 123 -56.21 33.78 36.65
N GLY J 124 -57.52 33.73 36.85
CA GLY J 124 -58.44 34.54 36.08
C GLY J 124 -58.37 34.29 34.58
N LEU J 125 -58.57 33.04 34.17
CA LEU J 125 -58.52 32.67 32.76
C LEU J 125 -59.71 31.81 32.38
N THR J 126 -60.86 32.02 33.04
CA THR J 126 -62.05 31.25 32.74
C THR J 126 -62.65 31.58 31.38
N GLU J 127 -62.21 32.67 30.75
CA GLU J 127 -62.67 32.97 29.40
C GLU J 127 -61.90 32.16 28.36
N ARG J 128 -60.61 31.90 28.60
CA ARG J 128 -59.77 31.18 27.65
C ARG J 128 -59.43 29.76 28.12
N LEU J 129 -60.07 29.29 29.19
CA LEU J 129 -59.89 27.93 29.68
C LEU J 129 -61.25 27.37 30.05
N THR J 130 -61.68 26.32 29.34
CA THR J 130 -62.96 25.67 29.57
C THR J 130 -62.72 24.20 29.84
N PHE J 131 -63.21 23.72 30.99
CA PHE J 131 -63.05 22.34 31.41
C PHE J 131 -64.42 21.73 31.65
N GLU J 132 -64.71 20.63 30.96
CA GLU J 132 -66.02 19.98 31.03
C GLU J 132 -65.85 18.48 31.16
N VAL J 133 -66.85 17.84 31.77
CA VAL J 133 -66.87 16.40 31.94
C VAL J 133 -67.49 15.78 30.68
N ALA J 134 -66.67 15.07 29.91
CA ALA J 134 -67.15 14.44 28.69
C ALA J 134 -66.21 13.31 28.32
N ASP J 135 -66.70 12.42 27.46
CA ASP J 135 -65.90 11.31 26.96
C ASP J 135 -65.22 11.70 25.66
N ALA J 136 -63.95 11.29 25.52
CA ALA J 136 -63.20 11.55 24.29
C ALA J 136 -63.62 10.64 23.15
N MET J 137 -64.20 9.48 23.45
CA MET J 137 -64.72 8.60 22.42
C MET J 137 -66.09 9.06 21.91
N ARG J 138 -66.73 10.00 22.61
CA ARG J 138 -67.99 10.62 22.18
C ARG J 138 -67.94 12.08 22.62
N LEU J 139 -67.18 12.90 21.87
CA LEU J 139 -67.01 14.30 22.23
C LEU J 139 -68.27 15.10 21.87
N PRO J 140 -68.72 15.98 22.76
CA PRO J 140 -69.97 16.72 22.52
C PRO J 140 -69.83 17.90 21.58
N TYR J 141 -68.66 18.10 20.98
CA TYR J 141 -68.42 19.26 20.14
C TYR J 141 -68.67 18.92 18.67
N GLU J 142 -68.87 19.97 17.88
CA GLU J 142 -69.23 19.80 16.48
C GLU J 142 -68.01 19.38 15.66
N ASP J 143 -68.12 19.47 14.34
CA ASP J 143 -67.05 19.12 13.45
C ASP J 143 -66.22 20.36 13.11
N GLU J 144 -64.90 20.17 12.99
CA GLU J 144 -63.98 21.23 12.59
C GLU J 144 -64.02 22.41 13.58
N SER J 145 -64.02 22.08 14.87
CA SER J 145 -64.11 23.08 15.92
C SER J 145 -62.76 23.54 16.45
N PHE J 146 -61.75 22.68 16.47
CA PHE J 146 -60.48 22.97 17.12
C PHE J 146 -59.36 23.07 16.10
N ASP J 147 -58.44 24.02 16.33
CA ASP J 147 -57.29 24.17 15.45
C ASP J 147 -56.26 23.07 15.66
N CYS J 148 -56.12 22.61 16.91
CA CYS J 148 -55.20 21.54 17.24
C CYS J 148 -55.66 20.90 18.54
N ALA J 149 -55.06 19.76 18.87
CA ALA J 149 -55.42 19.04 20.07
C ALA J 149 -54.26 18.16 20.48
N TRP J 150 -54.32 17.66 21.71
CA TRP J 150 -53.33 16.71 22.18
C TRP J 150 -53.97 15.77 23.19
N ALA J 151 -53.48 14.53 23.21
CA ALA J 151 -53.93 13.49 24.14
C ALA J 151 -52.71 13.07 24.95
N ILE J 152 -52.42 13.84 25.99
CA ILE J 152 -51.18 13.69 26.76
C ILE J 152 -51.41 12.57 27.77
N GLU J 153 -50.93 11.37 27.44
CA GLU J 153 -50.96 10.21 28.33
C GLU J 153 -52.38 9.93 28.81
N SER J 154 -53.30 9.88 27.85
CA SER J 154 -54.71 9.62 28.15
C SER J 154 -55.35 8.59 27.24
N LEU J 155 -54.76 8.27 26.08
CA LEU J 155 -55.35 7.28 25.19
C LEU J 155 -55.32 5.88 25.76
N CYS J 156 -54.47 5.61 26.75
CA CYS J 156 -54.41 4.28 27.35
C CYS J 156 -55.65 3.95 28.16
N HIS J 157 -56.42 4.97 28.57
CA HIS J 157 -57.68 4.74 29.28
C HIS J 157 -58.87 4.59 28.35
N MET J 158 -58.73 4.91 27.07
CA MET J 158 -59.83 4.91 26.13
C MET J 158 -59.60 3.86 25.04
N ASP J 159 -60.61 3.71 24.19
CA ASP J 159 -60.49 2.92 22.97
C ASP J 159 -59.88 3.82 21.91
N ARG J 160 -58.58 3.62 21.64
CA ARG J 160 -57.84 4.53 20.77
C ARG J 160 -58.49 4.68 19.39
N ALA J 161 -59.18 3.65 18.92
CA ALA J 161 -59.86 3.75 17.64
C ALA J 161 -60.97 4.80 17.68
N LYS J 162 -61.82 4.73 18.71
CA LYS J 162 -62.91 5.69 18.82
C LYS J 162 -62.40 7.07 19.19
N ALA J 163 -61.36 7.15 20.02
CA ALA J 163 -60.84 8.44 20.43
C ALA J 163 -60.19 9.16 19.25
N LEU J 164 -59.33 8.48 18.51
CA LEU J 164 -58.64 9.11 17.39
C LEU J 164 -59.61 9.44 16.25
N GLY J 165 -60.64 8.61 16.06
CA GLY J 165 -61.67 8.96 15.09
C GLY J 165 -62.47 10.16 15.53
N GLU J 166 -62.79 10.24 16.82
CA GLU J 166 -63.45 11.42 17.36
C GLU J 166 -62.53 12.64 17.29
N ALA J 167 -61.24 12.45 17.55
CA ALA J 167 -60.29 13.54 17.43
C ALA J 167 -60.17 14.04 16.00
N TRP J 168 -60.29 13.13 15.03
CA TRP J 168 -60.22 13.52 13.63
C TRP J 168 -61.47 14.30 13.19
N ARG J 169 -62.59 14.11 13.88
CA ARG J 169 -63.84 14.77 13.47
C ARG J 169 -63.91 16.20 13.95
N VAL J 170 -63.42 16.48 15.16
CA VAL J 170 -63.51 17.83 15.71
C VAL J 170 -62.37 18.73 15.27
N LEU J 171 -61.37 18.19 14.57
CA LEU J 171 -60.23 18.98 14.12
C LEU J 171 -60.50 19.61 12.77
N LYS J 172 -60.02 20.84 12.59
CA LYS J 172 -60.11 21.50 11.30
C LYS J 172 -59.10 20.88 10.33
N PRO J 173 -59.41 20.88 9.03
CA PRO J 173 -58.50 20.26 8.06
C PRO J 173 -57.19 21.04 8.00
N GLY J 174 -56.08 20.34 8.22
CA GLY J 174 -54.78 20.94 8.32
C GLY J 174 -54.25 21.04 9.73
N GLY J 175 -55.13 20.95 10.73
CA GLY J 175 -54.68 20.96 12.11
C GLY J 175 -53.96 19.68 12.50
N ASP J 176 -53.33 19.72 13.66
CA ASP J 176 -52.48 18.63 14.11
C ASP J 176 -52.92 18.13 15.48
N LEU J 177 -52.58 16.88 15.76
CA LEU J 177 -52.91 16.23 17.03
C LEU J 177 -51.64 15.65 17.63
N LEU J 178 -51.31 16.05 18.86
CA LEU J 178 -50.12 15.59 19.55
C LEU J 178 -50.50 14.43 20.46
N VAL J 179 -49.99 13.24 20.15
CA VAL J 179 -50.34 12.02 20.88
C VAL J 179 -49.11 11.51 21.62
N LEU J 180 -49.30 11.21 22.91
CA LEU J 180 -48.26 10.65 23.76
C LEU J 180 -48.75 9.26 24.22
N GLU J 181 -48.27 8.21 23.55
CA GLU J 181 -48.83 6.88 23.68
C GLU J 181 -47.73 5.86 23.98
N SER J 182 -48.11 4.79 24.66
CA SER J 182 -47.25 3.64 24.89
C SER J 182 -47.60 2.52 23.92
N VAL J 183 -46.63 1.65 23.67
CA VAL J 183 -46.78 0.56 22.70
C VAL J 183 -45.93 -0.62 23.17
N VAL J 184 -46.45 -1.83 22.98
CA VAL J 184 -45.71 -3.04 23.37
C VAL J 184 -44.76 -3.45 22.25
N THR J 185 -43.59 -3.93 22.64
CA THR J 185 -42.63 -4.50 21.72
C THR J 185 -42.51 -6.02 21.84
N GLU J 186 -42.94 -6.59 22.95
CA GLU J 186 -42.95 -8.03 23.18
C GLU J 186 -44.38 -8.50 23.43
N GLU J 187 -44.52 -9.80 23.69
CA GLU J 187 -45.81 -10.44 23.90
C GLU J 187 -46.11 -10.41 25.39
N LEU J 188 -47.08 -9.58 25.79
CA LEU J 188 -47.43 -9.46 27.20
C LEU J 188 -48.11 -10.73 27.71
N THR J 189 -47.65 -11.23 28.84
CA THR J 189 -48.35 -12.31 29.51
C THR J 189 -49.66 -11.81 30.10
N GLU J 190 -50.52 -12.75 30.50
CA GLU J 190 -51.82 -12.39 31.03
C GLU J 190 -51.72 -11.69 32.39
N PRO J 191 -50.85 -12.13 33.32
CA PRO J 191 -50.71 -11.37 34.57
C PRO J 191 -50.25 -9.94 34.37
N GLU J 192 -49.39 -9.69 33.37
CA GLU J 192 -48.96 -8.33 33.10
C GLU J 192 -50.11 -7.48 32.57
N THR J 193 -50.91 -8.03 31.67
CA THR J 193 -52.09 -7.32 31.18
C THR J 193 -53.05 -7.00 32.31
N ALA J 194 -53.13 -7.88 33.31
CA ALA J 194 -54.02 -7.62 34.45
C ALA J 194 -53.50 -6.48 35.32
N LEU J 195 -52.18 -6.33 35.41
CA LEU J 195 -51.62 -5.22 36.18
C LEU J 195 -51.97 -3.88 35.56
N PHE J 196 -52.14 -3.82 34.24
CA PHE J 196 -52.54 -2.58 33.59
C PHE J 196 -53.90 -2.10 34.07
N GLU J 197 -54.78 -3.02 34.46
CA GLU J 197 -56.10 -2.66 34.96
C GLU J 197 -56.12 -2.51 36.47
N THR J 198 -55.45 -3.39 37.21
CA THR J 198 -55.47 -3.33 38.65
C THR J 198 -54.69 -2.14 39.19
N LEU J 199 -53.62 -1.74 38.50
CA LEU J 199 -52.78 -0.65 38.98
C LEU J 199 -53.21 0.71 38.43
N TYR J 200 -53.13 0.89 37.12
CA TYR J 200 -53.36 2.18 36.50
C TYR J 200 -54.75 2.33 35.89
N ALA J 201 -55.56 1.26 35.90
CA ALA J 201 -56.92 1.26 35.36
C ALA J 201 -56.93 1.71 33.89
N ALA J 202 -56.28 0.92 33.05
CA ALA J 202 -56.12 1.27 31.65
C ALA J 202 -55.96 -0.01 30.83
N ASN J 203 -56.13 0.14 29.51
CA ASN J 203 -56.01 -0.96 28.58
C ASN J 203 -54.53 -1.21 28.25
N VAL J 204 -54.27 -2.36 27.66
CA VAL J 204 -52.91 -2.73 27.27
C VAL J 204 -52.53 -1.95 26.03
N PRO J 205 -51.29 -1.45 25.93
CA PRO J 205 -50.90 -0.69 24.76
C PRO J 205 -50.84 -1.59 23.53
N PRO J 206 -51.17 -1.08 22.36
CA PRO J 206 -51.13 -1.87 21.14
C PRO J 206 -49.71 -1.99 20.59
N ARG J 207 -49.57 -2.75 19.52
CA ARG J 207 -48.29 -2.84 18.83
C ARG J 207 -48.08 -1.61 17.95
N LEU J 208 -46.82 -1.40 17.55
CA LEU J 208 -46.48 -0.21 16.78
C LEU J 208 -47.25 -0.19 15.46
N GLY J 209 -47.10 -1.22 14.64
CA GLY J 209 -47.86 -1.31 13.41
C GLY J 209 -49.37 -1.30 13.65
N GLU J 210 -49.80 -1.92 14.75
CA GLU J 210 -51.22 -1.92 15.10
C GLU J 210 -51.70 -0.51 15.42
N PHE J 211 -50.88 0.27 16.13
CA PHE J 211 -51.28 1.62 16.52
C PHE J 211 -51.43 2.52 15.30
N PHE J 212 -50.49 2.46 14.36
CA PHE J 212 -50.52 3.34 13.20
C PHE J 212 -51.52 2.89 12.14
N ASP J 213 -51.94 1.63 12.17
CA ASP J 213 -53.11 1.25 11.36
C ASP J 213 -54.37 1.91 11.89
N ILE J 214 -54.45 2.13 13.20
CA ILE J 214 -55.57 2.88 13.77
C ILE J 214 -55.42 4.36 13.46
N VAL J 215 -54.18 4.87 13.49
CA VAL J 215 -53.94 6.27 13.15
C VAL J 215 -54.26 6.52 11.67
N SER J 216 -53.84 5.61 10.78
CA SER J 216 -54.23 5.71 9.39
C SER J 216 -55.72 5.50 9.23
N GLY J 217 -56.28 4.53 9.97
CA GLY J 217 -57.71 4.27 9.87
C GLY J 217 -58.56 5.45 10.32
N ALA J 218 -58.07 6.24 11.28
CA ALA J 218 -58.76 7.44 11.67
C ALA J 218 -58.65 8.56 10.63
N GLY J 219 -57.86 8.34 9.58
CA GLY J 219 -57.65 9.36 8.57
C GLY J 219 -56.54 10.34 8.86
N PHE J 220 -55.58 9.97 9.69
CA PHE J 220 -54.48 10.84 10.06
C PHE J 220 -53.22 10.48 9.27
N HIS J 221 -52.42 11.50 8.96
CA HIS J 221 -51.05 11.31 8.51
C HIS J 221 -50.11 11.44 9.69
N THR J 222 -49.03 10.67 9.66
CA THR J 222 -48.02 10.69 10.70
C THR J 222 -46.91 11.64 10.29
N LEU J 223 -46.77 12.75 11.02
CA LEU J 223 -45.74 13.73 10.70
C LEU J 223 -44.43 13.43 11.42
N SER J 224 -44.48 13.12 12.71
CA SER J 224 -43.27 12.89 13.46
C SER J 224 -43.52 11.90 14.59
N LEU J 225 -42.43 11.34 15.11
CA LEU J 225 -42.45 10.46 16.26
C LEU J 225 -41.09 10.57 16.95
N LYS J 226 -41.10 10.47 18.27
CA LYS J 226 -39.86 10.56 19.05
C LYS J 226 -39.98 9.72 20.31
N ASP J 227 -39.04 8.80 20.50
CA ASP J 227 -39.05 7.94 21.67
C ASP J 227 -38.81 8.77 22.93
N LEU J 228 -39.65 8.54 23.95
CA LEU J 228 -39.52 9.20 25.25
C LEU J 228 -39.54 8.19 26.37
N SER J 229 -39.11 6.95 26.08
CA SER J 229 -39.29 5.85 27.04
C SER J 229 -38.52 6.09 28.33
N ALA J 230 -37.29 6.59 28.23
CA ALA J 230 -36.50 6.81 29.44
C ALA J 230 -37.16 7.80 30.38
N ASN J 231 -37.87 8.79 29.82
CA ASN J 231 -38.61 9.73 30.66
C ASN J 231 -39.70 9.01 31.44
N LEU J 232 -40.40 8.07 30.79
CA LEU J 232 -41.44 7.31 31.49
C LEU J 232 -40.83 6.38 32.53
N ALA J 233 -39.75 5.68 32.16
CA ALA J 233 -39.10 4.77 33.11
C ALA J 233 -38.55 5.52 34.32
N MET J 234 -38.10 6.76 34.13
CA MET J 234 -37.65 7.57 35.26
C MET J 234 -38.83 8.14 36.04
N THR J 235 -39.90 8.52 35.34
CA THR J 235 -41.10 8.99 36.03
C THR J 235 -41.67 7.91 36.93
N MET J 236 -41.71 6.67 36.44
CA MET J 236 -42.25 5.57 37.24
C MET J 236 -41.34 5.25 38.43
N ASN J 237 -40.02 5.36 38.25
CA ASN J 237 -39.11 5.15 39.36
C ASN J 237 -39.31 6.22 40.43
N VAL J 238 -39.61 7.45 40.03
CA VAL J 238 -39.94 8.49 41.01
C VAL J 238 -41.26 8.18 41.69
N PHE J 239 -42.23 7.66 40.94
CA PHE J 239 -43.51 7.30 41.51
C PHE J 239 -43.36 6.13 42.49
N ALA J 240 -42.56 5.13 42.13
CA ALA J 240 -42.41 3.96 43.00
C ALA J 240 -41.68 4.32 44.28
N LEU J 241 -40.62 5.13 44.18
CA LEU J 241 -39.89 5.54 45.38
C LEU J 241 -40.76 6.39 46.30
N GLY J 242 -41.65 7.22 45.73
CA GLY J 242 -42.58 7.97 46.54
C GLY J 242 -43.55 7.09 47.30
N VAL J 243 -44.02 6.02 46.66
CA VAL J 243 -44.97 5.11 47.31
C VAL J 243 -44.26 4.29 48.39
N TYR J 244 -43.09 3.74 48.05
CA TYR J 244 -42.35 2.92 49.01
C TYR J 244 -42.01 3.70 50.27
N SER J 245 -41.56 4.96 50.11
CA SER J 245 -41.06 5.73 51.24
C SER J 245 -42.17 6.38 52.07
N ARG J 246 -43.38 6.45 51.55
CA ARG J 246 -44.49 7.10 52.25
C ARG J 246 -45.72 6.19 52.29
N ARG J 247 -45.52 4.95 52.71
CA ARG J 247 -46.64 4.02 52.81
C ARG J 247 -47.64 4.46 53.87
N ALA J 248 -47.16 4.96 55.01
CA ALA J 248 -48.06 5.34 56.09
C ALA J 248 -48.94 6.52 55.68
N GLU J 249 -48.34 7.53 55.03
CA GLU J 249 -49.14 8.67 54.59
C GLU J 249 -50.15 8.26 53.51
N PHE J 250 -49.77 7.34 52.63
CA PHE J 250 -50.63 6.99 51.51
C PHE J 250 -51.71 5.99 51.92
N THR J 251 -51.42 5.08 52.85
CA THR J 251 -52.44 4.18 53.35
C THR J 251 -53.56 4.95 54.04
N GLU J 252 -53.20 5.96 54.84
CA GLU J 252 -54.20 6.69 55.62
C GLU J 252 -55.10 7.53 54.73
N ARG J 253 -54.62 7.90 53.54
CA ARG J 253 -55.41 8.75 52.64
C ARG J 253 -55.99 7.98 51.46
N PHE J 254 -55.49 6.79 51.16
CA PHE J 254 -56.00 6.00 50.06
C PHE J 254 -56.39 4.58 50.44
N GLY J 255 -56.34 4.24 51.73
CA GLY J 255 -56.65 2.89 52.15
C GLY J 255 -55.50 1.93 51.94
N ALA J 256 -55.50 0.85 52.72
CA ALA J 256 -54.48 -0.18 52.57
C ALA J 256 -54.68 -1.02 51.31
N GLU J 257 -55.92 -1.15 50.82
CA GLU J 257 -56.16 -1.91 49.60
C GLU J 257 -55.43 -1.30 48.41
N PHE J 258 -55.42 0.03 48.32
CA PHE J 258 -54.82 0.71 47.18
C PHE J 258 -53.29 0.73 47.28
N VAL J 259 -52.76 1.01 48.47
CA VAL J 259 -51.32 1.15 48.62
C VAL J 259 -50.63 -0.22 48.56
N ASP J 260 -51.20 -1.24 49.21
CA ASP J 260 -50.60 -2.55 49.17
C ASP J 260 -50.60 -3.15 47.76
N GLY J 261 -51.58 -2.75 46.94
CA GLY J 261 -51.58 -3.19 45.55
C GLY J 261 -50.43 -2.58 44.76
N LEU J 262 -50.15 -1.30 44.98
CA LEU J 262 -49.01 -0.67 44.33
C LEU J 262 -47.71 -1.30 44.78
N LEU J 263 -47.56 -1.54 46.09
CA LEU J 263 -46.33 -2.10 46.62
C LEU J 263 -46.07 -3.49 46.04
N ALA J 264 -47.12 -4.26 45.78
CA ALA J 264 -46.97 -5.58 45.21
C ALA J 264 -46.88 -5.58 43.69
N GLY J 265 -47.35 -4.51 43.04
CA GLY J 265 -47.42 -4.48 41.59
C GLY J 265 -46.36 -3.65 40.90
N LEU J 266 -45.93 -2.56 41.55
CA LEU J 266 -45.01 -1.63 40.89
C LEU J 266 -43.73 -2.32 40.44
N GLY J 267 -43.23 -3.26 41.24
CA GLY J 267 -42.00 -3.94 40.87
C GLY J 267 -42.14 -4.72 39.57
N SER J 268 -43.25 -5.46 39.44
CA SER J 268 -43.49 -6.20 38.21
C SER J 268 -43.85 -5.28 37.06
N ALA J 269 -44.62 -4.22 37.34
CA ALA J 269 -45.00 -3.29 36.30
C ALA J 269 -43.79 -2.57 35.71
N GLN J 270 -42.83 -2.21 36.56
CA GLN J 270 -41.62 -1.54 36.09
C GLN J 270 -40.81 -2.45 35.18
N GLU J 271 -40.62 -3.71 35.60
CA GLU J 271 -39.83 -4.64 34.79
C GLU J 271 -40.52 -4.94 33.47
N THR J 272 -41.85 -4.94 33.46
CA THR J 272 -42.58 -5.02 32.19
C THR J 272 -42.34 -3.79 31.35
N LEU J 273 -42.46 -2.61 31.98
CA LEU J 273 -42.22 -1.35 31.28
C LEU J 273 -40.82 -1.30 30.67
N ILE J 274 -39.83 -1.82 31.39
CA ILE J 274 -38.44 -1.74 30.92
C ILE J 274 -38.22 -2.63 29.70
N ARG J 275 -38.85 -3.81 29.68
CA ARG J 275 -38.46 -4.84 28.72
C ARG J 275 -39.45 -5.01 27.58
N LYS J 276 -40.71 -4.59 27.73
CA LYS J 276 -41.72 -4.92 26.74
C LYS J 276 -42.46 -3.72 26.15
N THR J 277 -42.25 -2.50 26.64
CA THR J 277 -43.01 -1.35 26.16
C THR J 277 -42.07 -0.21 25.79
N ARG J 278 -42.58 0.67 24.93
CA ARG J 278 -41.91 1.92 24.59
C ARG J 278 -42.93 3.05 24.59
N PHE J 279 -42.48 4.23 25.00
CA PHE J 279 -43.31 5.41 25.10
C PHE J 279 -42.80 6.46 24.12
N PHE J 280 -43.71 7.14 23.42
CA PHE J 280 -43.28 8.07 22.39
C PHE J 280 -44.25 9.23 22.26
N MET J 281 -43.76 10.30 21.63
CA MET J 281 -44.55 11.46 21.28
C MET J 281 -44.67 11.51 19.76
N ALA J 282 -45.90 11.63 19.26
CA ALA J 282 -46.16 11.60 17.83
C ALA J 282 -47.03 12.78 17.43
N THR J 283 -46.72 13.38 16.29
CA THR J 283 -47.51 14.45 15.71
C THR J 283 -48.30 13.90 14.53
N LEU J 284 -49.62 13.98 14.62
CA LEU J 284 -50.52 13.50 13.58
C LEU J 284 -51.22 14.68 12.93
N ARG J 285 -51.38 14.63 11.61
CA ARG J 285 -51.97 15.72 10.85
C ARG J 285 -53.24 15.25 10.15
N LYS J 286 -54.33 15.97 10.38
CA LYS J 286 -55.53 15.78 9.58
C LYS J 286 -55.34 16.49 8.25
N PRO J 287 -55.43 15.79 7.12
CA PRO J 287 -55.12 16.41 5.83
C PRO J 287 -56.05 17.58 5.54
N ALA J 288 -55.49 18.58 4.85
CA ALA J 288 -56.24 19.74 4.42
C ALA J 288 -56.72 19.55 2.98
N VAL J 289 -57.78 20.29 2.63
CA VAL J 289 -58.34 20.21 1.29
C VAL J 289 -57.88 21.40 0.44
N GLN K 10 -20.70 52.32 57.24
CA GLN K 10 -19.59 52.29 58.19
C GLN K 10 -18.44 53.17 57.75
N GLN K 11 -18.73 54.07 56.80
CA GLN K 11 -17.74 55.00 56.28
C GLN K 11 -18.44 56.24 55.72
N VAL K 12 -19.63 56.04 55.16
CA VAL K 12 -20.45 57.13 54.64
C VAL K 12 -21.88 56.91 55.09
N THR K 13 -22.63 58.00 55.16
CA THR K 13 -24.04 57.96 55.52
C THR K 13 -24.92 58.09 54.27
N ALA K 14 -26.18 57.72 54.43
CA ALA K 14 -27.12 57.84 53.31
C ALA K 14 -27.28 59.29 52.87
N ASP K 15 -27.11 60.24 53.78
CA ASP K 15 -27.12 61.65 53.40
C ASP K 15 -25.91 61.99 52.54
N GLU K 16 -24.72 61.54 52.97
CA GLU K 16 -23.50 61.83 52.22
C GLU K 16 -23.55 61.24 50.83
N VAL K 17 -24.20 60.08 50.66
CA VAL K 17 -24.30 59.46 49.34
C VAL K 17 -25.33 60.18 48.49
N GLY K 18 -26.46 60.57 49.09
CA GLY K 18 -27.47 61.30 48.34
C GLY K 18 -26.96 62.65 47.85
N ASP K 19 -26.21 63.36 48.70
CA ASP K 19 -25.64 64.64 48.28
C ASP K 19 -24.62 64.47 47.18
N TRP K 20 -23.78 63.44 47.28
CA TRP K 20 -22.78 63.19 46.25
C TRP K 20 -23.45 62.95 44.90
N TYR K 21 -24.44 62.07 44.86
CA TYR K 21 -25.17 61.82 43.61
C TYR K 21 -26.08 62.98 43.22
N ASP K 22 -26.49 63.80 44.19
CA ASP K 22 -27.21 65.02 43.83
C ASP K 22 -26.31 66.02 43.11
N LYS K 23 -25.01 66.00 43.41
CA LYS K 23 -24.07 66.95 42.87
C LYS K 23 -23.26 66.40 41.69
N PHE K 24 -22.85 65.14 41.75
CA PHE K 24 -22.00 64.57 40.71
C PHE K 24 -22.56 63.32 40.07
N GLY K 25 -23.77 62.89 40.45
CA GLY K 25 -24.35 61.68 39.89
C GLY K 25 -24.50 61.71 38.38
N GLU K 26 -24.49 62.90 37.79
CA GLU K 26 -24.64 63.04 36.35
C GLU K 26 -23.31 62.95 35.61
N VAL K 27 -22.18 62.89 36.32
CA VAL K 27 -20.91 62.68 35.65
C VAL K 27 -20.82 61.27 35.08
N TYR K 28 -21.55 60.32 35.68
CA TYR K 28 -21.60 58.97 35.13
C TYR K 28 -22.38 58.94 33.82
N HIS K 29 -23.42 59.75 33.70
CA HIS K 29 -24.17 59.83 32.45
C HIS K 29 -23.41 60.59 31.37
N LEU K 30 -22.44 61.42 31.74
CA LEU K 30 -21.62 62.10 30.75
C LEU K 30 -20.48 61.24 30.24
N THR K 31 -20.07 60.22 31.00
CA THR K 31 -18.94 59.38 30.62
C THR K 31 -19.34 57.95 30.29
N LEU K 32 -20.33 57.39 30.96
CA LEU K 32 -20.65 55.98 30.81
C LEU K 32 -21.93 55.70 30.04
N GLY K 33 -22.92 56.57 30.11
CA GLY K 33 -24.11 56.40 29.30
C GLY K 33 -25.38 56.62 30.10
N GLU K 34 -26.50 56.15 29.52
CA GLU K 34 -27.83 56.45 30.04
C GLU K 34 -28.14 55.73 31.34
N SER K 35 -27.30 54.82 31.79
CA SER K 35 -27.46 54.17 33.09
C SER K 35 -26.28 54.52 33.99
N VAL K 36 -26.30 53.99 35.21
CA VAL K 36 -25.22 54.23 36.16
C VAL K 36 -24.64 52.89 36.60
N HIS K 37 -24.20 52.09 35.63
CA HIS K 37 -23.57 50.81 35.95
C HIS K 37 -22.61 50.42 34.83
N CYS K 38 -21.96 49.27 35.01
CA CYS K 38 -20.94 48.81 34.07
C CYS K 38 -21.53 48.53 32.70
N GLY K 39 -20.65 48.48 31.70
CA GLY K 39 -20.99 47.99 30.38
C GLY K 39 -20.59 46.53 30.23
N LEU K 40 -21.38 45.80 29.44
CA LEU K 40 -21.08 44.38 29.17
C LEU K 40 -20.07 44.32 28.02
N TRP K 41 -18.84 44.72 28.34
CA TRP K 41 -17.79 44.76 27.34
C TRP K 41 -17.32 43.37 26.94
N PHE K 42 -17.44 42.41 27.86
CA PHE K 42 -17.05 41.05 27.57
C PHE K 42 -18.28 40.15 27.63
N PRO K 43 -18.56 39.37 26.59
CA PRO K 43 -19.72 38.50 26.61
C PRO K 43 -19.64 37.52 27.76
N PRO K 44 -20.78 37.11 28.32
CA PRO K 44 -20.75 36.28 29.53
C PRO K 44 -20.02 34.95 29.37
N ASP K 45 -20.03 34.35 28.19
CA ASP K 45 -19.36 33.08 28.01
C ASP K 45 -17.85 33.20 27.84
N ALA K 46 -17.33 34.43 27.73
CA ALA K 46 -15.92 34.61 27.53
C ALA K 46 -15.15 34.33 28.82
N PRO K 47 -13.94 33.81 28.73
CA PRO K 47 -13.19 33.50 29.95
C PRO K 47 -12.73 34.75 30.68
N VAL K 48 -12.61 34.62 31.99
CA VAL K 48 -11.98 35.68 32.79
C VAL K 48 -10.55 35.87 32.32
N PRO K 49 -10.10 37.09 32.07
CA PRO K 49 -8.71 37.29 31.62
C PRO K 49 -7.71 36.81 32.67
N GLN K 50 -6.47 36.65 32.21
CA GLN K 50 -5.39 36.32 33.13
C GLN K 50 -5.15 37.45 34.14
N ASP K 51 -5.19 38.70 33.69
CA ASP K 51 -5.12 39.84 34.59
C ASP K 51 -6.04 40.93 34.05
N MET K 52 -6.12 42.04 34.79
CA MET K 52 -7.03 43.13 34.47
C MET K 52 -6.32 44.33 33.83
N GLU K 53 -5.06 44.17 33.42
CA GLU K 53 -4.39 45.24 32.70
C GLU K 53 -5.15 45.56 31.41
N LEU K 54 -5.09 46.83 31.01
CA LEU K 54 -5.80 47.26 29.81
C LEU K 54 -5.35 46.49 28.58
N VAL K 55 -4.04 46.33 28.41
CA VAL K 55 -3.52 45.60 27.25
C VAL K 55 -3.97 44.14 27.26
N THR K 56 -4.10 43.54 28.45
CA THR K 56 -4.47 42.13 28.52
C THR K 56 -5.93 41.93 28.15
N MET K 57 -6.82 42.76 28.70
CA MET K 57 -8.22 42.69 28.32
C MET K 57 -8.40 42.94 26.83
N SER K 58 -7.69 43.94 26.30
CA SER K 58 -7.78 44.25 24.86
C SER K 58 -7.25 43.10 24.02
N SER K 59 -6.22 42.40 24.51
CA SER K 59 -5.66 41.29 23.76
C SER K 59 -6.67 40.16 23.60
N GLN K 60 -7.49 39.93 24.63
CA GLN K 60 -8.53 38.92 24.52
C GLN K 60 -9.60 39.36 23.56
N ALA K 61 -9.93 40.65 23.56
CA ALA K 61 -10.87 41.17 22.57
C ALA K 61 -10.28 41.06 21.17
N GLN K 62 -8.95 41.18 21.04
CA GLN K 62 -8.30 40.93 19.77
C GLN K 62 -8.48 39.48 19.32
N ASP K 63 -8.33 38.53 20.25
CA ASP K 63 -8.38 37.12 19.87
C ASP K 63 -9.80 36.70 19.48
N ARG K 64 -10.79 37.11 20.27
CA ARG K 64 -12.18 36.85 19.89
C ARG K 64 -12.52 37.49 18.55
N TYR K 65 -11.92 38.65 18.27
CA TYR K 65 -12.03 39.27 16.96
C TYR K 65 -11.44 38.39 15.86
N THR K 66 -10.32 37.73 16.15
CA THR K 66 -9.75 36.79 15.20
C THR K 66 -10.64 35.57 15.02
N ASP K 67 -11.23 35.06 16.11
CA ASP K 67 -12.13 33.93 15.99
C ASP K 67 -13.29 34.24 15.05
N TYR K 68 -13.78 35.48 15.09
CA TYR K 68 -14.91 35.84 14.26
C TYR K 68 -14.52 35.91 12.79
N LEU K 69 -13.34 36.47 12.49
CA LEU K 69 -12.87 36.49 11.11
C LEU K 69 -12.67 35.09 10.56
N ILE K 70 -12.14 34.18 11.38
CA ILE K 70 -12.00 32.78 10.97
C ILE K 70 -13.37 32.19 10.68
N GLU K 71 -14.32 32.43 11.59
CA GLU K 71 -15.67 31.90 11.39
C GLU K 71 -16.31 32.46 10.13
N THR K 72 -16.07 33.74 9.85
CA THR K 72 -16.68 34.38 8.68
C THR K 72 -16.08 33.84 7.39
N LEU K 73 -14.76 33.86 7.29
CA LEU K 73 -14.12 33.35 6.07
C LEU K 73 -14.33 31.85 5.93
N ASP K 74 -14.26 31.11 7.03
CA ASP K 74 -14.51 29.67 7.07
C ASP K 74 -13.54 28.90 6.18
N PRO K 75 -12.25 28.89 6.48
CA PRO K 75 -11.32 28.09 5.68
C PRO K 75 -11.38 26.62 6.07
N LYS K 76 -11.39 25.76 5.07
CA LYS K 76 -11.55 24.33 5.27
C LYS K 76 -10.19 23.66 5.48
N ALA K 77 -10.21 22.51 6.15
CA ALA K 77 -8.98 21.78 6.42
C ALA K 77 -8.33 21.36 5.11
N GLY K 78 -7.00 21.48 5.07
CA GLY K 78 -6.23 21.16 3.89
C GLY K 78 -6.01 22.31 2.93
N GLN K 79 -6.63 23.46 3.16
CA GLN K 79 -6.47 24.61 2.29
C GLN K 79 -5.24 25.42 2.68
N HIS K 80 -4.88 26.37 1.81
CA HIS K 80 -3.74 27.24 2.01
C HIS K 80 -4.21 28.68 1.94
N LEU K 81 -3.96 29.44 3.00
CA LEU K 81 -4.46 30.81 3.14
C LEU K 81 -3.32 31.81 3.02
N LEU K 82 -3.61 32.96 2.42
CA LEU K 82 -2.66 34.04 2.26
C LEU K 82 -3.04 35.20 3.17
N ASP K 83 -2.14 35.59 4.05
CA ASP K 83 -2.36 36.71 4.96
C ASP K 83 -1.66 37.94 4.38
N ILE K 84 -2.45 38.90 3.91
CA ILE K 84 -1.94 40.12 3.29
C ILE K 84 -1.69 41.14 4.38
N GLY K 85 -0.42 41.44 4.65
CA GLY K 85 -0.07 42.28 5.78
C GLY K 85 -0.29 41.55 7.10
N CYS K 86 0.55 40.54 7.35
CA CYS K 86 0.30 39.55 8.40
C CYS K 86 0.73 40.00 9.79
N GLY K 87 1.40 41.14 9.91
CA GLY K 87 1.81 41.61 11.23
C GLY K 87 2.79 40.65 11.87
N THR K 88 2.55 40.34 13.15
CA THR K 88 3.42 39.45 13.91
C THR K 88 2.97 38.00 13.86
N GLY K 89 1.91 37.68 13.12
CA GLY K 89 1.57 36.30 12.81
C GLY K 89 0.58 35.61 13.72
N ARG K 90 0.06 36.29 14.75
CA ARG K 90 -0.83 35.60 15.68
C ARG K 90 -2.15 35.23 15.02
N THR K 91 -2.66 36.09 14.13
CA THR K 91 -3.89 35.78 13.41
C THR K 91 -3.73 34.52 12.58
N ALA K 92 -2.56 34.35 11.95
CA ALA K 92 -2.29 33.16 11.15
C ALA K 92 -2.16 31.91 12.03
N LEU K 93 -1.59 32.07 13.22
CA LEU K 93 -1.41 30.92 14.12
C LEU K 93 -2.75 30.36 14.56
N LYS K 94 -3.67 31.24 14.97
CA LYS K 94 -4.98 30.78 15.43
C LYS K 94 -5.78 30.17 14.30
N ALA K 95 -5.67 30.74 13.10
CA ALA K 95 -6.37 30.16 11.95
C ALA K 95 -5.84 28.76 11.64
N ALA K 96 -4.52 28.58 11.76
CA ALA K 96 -3.93 27.28 11.42
C ALA K 96 -4.26 26.22 12.46
N ARG K 97 -4.29 26.59 13.75
CA ARG K 97 -4.60 25.61 14.78
C ARG K 97 -6.07 25.23 14.79
N GLN K 98 -6.96 26.18 14.49
CA GLN K 98 -8.39 25.91 14.58
C GLN K 98 -8.89 25.13 13.36
N ARG K 99 -8.36 25.40 12.18
CA ARG K 99 -8.90 24.85 10.94
C ARG K 99 -8.00 23.84 10.25
N GLY K 100 -6.76 23.68 10.70
CA GLY K 100 -5.84 22.77 10.04
C GLY K 100 -5.47 23.19 8.63
N ILE K 101 -5.09 24.46 8.46
CA ILE K 101 -4.74 25.00 7.16
C ILE K 101 -3.29 25.45 7.19
N ALA K 102 -2.69 25.51 6.01
CA ALA K 102 -1.42 26.18 5.85
C ALA K 102 -1.67 27.66 5.58
N VAL K 103 -0.78 28.50 6.09
CA VAL K 103 -0.92 29.94 5.96
C VAL K 103 0.39 30.52 5.47
N THR K 104 0.32 31.41 4.49
CA THR K 104 1.46 32.18 4.02
C THR K 104 1.18 33.65 4.27
N GLY K 105 2.00 34.29 5.10
CA GLY K 105 1.83 35.69 5.44
C GLY K 105 2.96 36.52 4.85
N VAL K 106 2.61 37.72 4.37
CA VAL K 106 3.59 38.64 3.82
C VAL K 106 3.45 39.98 4.53
N ALA K 107 4.58 40.68 4.66
CA ALA K 107 4.58 42.01 5.24
C ALA K 107 5.85 42.73 4.82
N VAL K 108 5.80 44.06 4.82
CA VAL K 108 6.95 44.87 4.41
C VAL K 108 7.88 45.18 5.58
N SER K 109 7.60 44.67 6.77
CA SER K 109 8.43 44.89 7.93
C SER K 109 9.25 43.63 8.20
N LYS K 110 10.57 43.77 8.17
CA LYS K 110 11.45 42.63 8.46
C LYS K 110 11.36 42.24 9.93
N GLU K 111 11.19 43.22 10.83
CA GLU K 111 11.04 42.93 12.24
C GLU K 111 9.77 42.14 12.50
N GLN K 112 8.68 42.49 11.81
CA GLN K 112 7.44 41.74 12.00
C GLN K 112 7.54 40.34 11.42
N ILE K 113 8.13 40.20 10.23
CA ILE K 113 8.26 38.88 9.62
C ILE K 113 9.16 37.99 10.45
N ALA K 114 10.18 38.57 11.09
CA ALA K 114 11.01 37.80 12.01
C ALA K 114 10.19 37.30 13.19
N ALA K 115 9.47 38.21 13.86
CA ALA K 115 8.66 37.83 15.01
C ALA K 115 7.64 36.75 14.64
N ALA K 116 7.08 36.85 13.44
CA ALA K 116 6.08 35.88 13.00
C ALA K 116 6.69 34.51 12.76
N ASN K 117 7.89 34.46 12.17
CA ASN K 117 8.56 33.18 12.01
C ASN K 117 9.04 32.63 13.34
N ARG K 118 9.35 33.52 14.29
CA ARG K 118 9.71 33.07 15.63
C ARG K 118 8.51 32.51 16.36
N LEU K 119 7.32 33.02 16.06
CA LEU K 119 6.09 32.47 16.64
C LEU K 119 5.79 31.09 16.07
N ALA K 120 5.92 30.94 14.75
CA ALA K 120 5.64 29.66 14.11
C ALA K 120 6.63 28.59 14.54
N ALA K 121 7.87 28.98 14.82
CA ALA K 121 8.82 28.02 15.38
C ALA K 121 8.44 27.63 16.80
N GLY K 122 7.94 28.59 17.58
CA GLY K 122 7.64 28.30 18.98
C GLY K 122 6.45 27.37 19.15
N HIS K 123 5.57 27.31 18.16
CA HIS K 123 4.40 26.44 18.21
C HIS K 123 4.54 25.21 17.32
N GLY K 124 5.76 24.88 16.90
CA GLY K 124 6.00 23.76 16.00
C GLY K 124 5.12 23.74 14.77
N LEU K 125 5.03 24.86 14.07
CA LEU K 125 4.16 24.96 12.89
C LEU K 125 4.88 25.63 11.72
N THR K 126 6.19 25.39 11.59
CA THR K 126 6.91 25.98 10.47
C THR K 126 6.56 25.31 9.15
N GLU K 127 6.09 24.07 9.18
CA GLU K 127 5.66 23.43 7.93
C GLU K 127 4.36 24.02 7.40
N ARG K 128 3.54 24.58 8.29
CA ARG K 128 2.23 25.11 7.90
C ARG K 128 2.13 26.62 8.03
N LEU K 129 3.19 27.30 8.49
CA LEU K 129 3.20 28.75 8.60
C LEU K 129 4.44 29.28 7.89
N THR K 130 4.23 30.11 6.87
CA THR K 130 5.30 30.75 6.13
C THR K 130 5.12 32.26 6.18
N PHE K 131 6.17 32.97 6.55
CA PHE K 131 6.14 34.43 6.66
C PHE K 131 7.31 35.00 5.88
N GLU K 132 7.01 35.83 4.88
CA GLU K 132 8.04 36.38 4.00
C GLU K 132 7.88 37.88 3.90
N VAL K 133 9.01 38.58 3.81
CA VAL K 133 9.02 40.02 3.55
C VAL K 133 8.73 40.20 2.06
N ALA K 134 7.49 40.56 1.74
CA ALA K 134 7.08 40.72 0.34
C ALA K 134 6.04 41.83 0.26
N ASP K 135 6.01 42.49 -0.89
CA ASP K 135 5.06 43.58 -1.12
C ASP K 135 3.72 43.01 -1.56
N ALA K 136 2.65 43.44 -0.89
CA ALA K 136 1.33 42.98 -1.28
C ALA K 136 0.95 43.50 -2.66
N MET K 137 1.46 44.69 -3.03
CA MET K 137 1.18 45.25 -4.34
C MET K 137 1.99 44.59 -5.44
N ARG K 138 3.00 43.79 -5.09
CA ARG K 138 3.75 42.98 -6.05
C ARG K 138 4.04 41.63 -5.38
N LEU K 139 3.02 40.78 -5.34
CA LEU K 139 3.19 39.47 -4.71
C LEU K 139 4.09 38.60 -5.57
N PRO K 140 5.16 38.03 -5.00
CA PRO K 140 6.05 37.15 -5.76
C PRO K 140 5.51 35.75 -6.00
N TYR K 141 4.25 35.48 -5.66
CA TYR K 141 3.70 34.13 -5.80
C TYR K 141 3.04 33.96 -7.17
N GLU K 142 2.79 32.70 -7.52
CA GLU K 142 2.23 32.36 -8.81
C GLU K 142 0.73 32.65 -8.86
N ASP K 143 0.12 32.38 -10.01
CA ASP K 143 -1.31 32.55 -10.18
C ASP K 143 -2.06 31.36 -9.62
N GLU K 144 -3.23 31.63 -9.04
CA GLU K 144 -4.13 30.60 -8.54
C GLU K 144 -3.40 29.64 -7.58
N SER K 145 -2.74 30.23 -6.58
CA SER K 145 -1.92 29.49 -5.64
C SER K 145 -2.63 29.19 -4.31
N PHE K 146 -3.46 30.11 -3.83
CA PHE K 146 -4.10 29.98 -2.54
C PHE K 146 -5.59 29.70 -2.71
N ASP K 147 -6.15 28.96 -1.75
CA ASP K 147 -7.58 28.71 -1.72
C ASP K 147 -8.35 29.92 -1.21
N CYS K 148 -7.73 30.75 -0.36
CA CYS K 148 -8.39 31.91 0.22
C CYS K 148 -7.33 32.85 0.77
N ALA K 149 -7.77 34.04 1.17
CA ALA K 149 -6.87 35.06 1.69
C ALA K 149 -7.65 36.02 2.57
N TRP K 150 -6.92 36.86 3.31
CA TRP K 150 -7.53 37.97 4.01
C TRP K 150 -6.52 39.09 4.20
N ALA K 151 -7.03 40.31 4.32
CA ALA K 151 -6.21 41.51 4.52
C ALA K 151 -6.85 42.28 5.67
N ILE K 152 -6.32 42.08 6.87
CA ILE K 152 -6.93 42.58 8.10
C ILE K 152 -6.22 43.89 8.44
N GLU K 153 -6.89 45.01 8.14
CA GLU K 153 -6.43 46.35 8.50
C GLU K 153 -5.08 46.69 7.88
N SER K 154 -4.78 46.11 6.71
CA SER K 154 -3.52 46.37 6.03
C SER K 154 -3.67 47.11 4.71
N LEU K 155 -4.87 47.13 4.12
CA LEU K 155 -5.06 47.82 2.85
C LEU K 155 -4.89 49.33 2.97
N CYS K 156 -5.10 49.89 4.16
CA CYS K 156 -4.93 51.32 4.36
C CYS K 156 -3.49 51.77 4.16
N HIS K 157 -2.53 50.85 4.09
CA HIS K 157 -1.14 51.22 3.85
C HIS K 157 -0.76 51.13 2.38
N MET K 158 -1.51 50.40 1.58
CA MET K 158 -1.12 50.08 0.22
C MET K 158 -1.90 50.92 -0.78
N ASP K 159 -1.58 50.73 -2.06
CA ASP K 159 -2.45 51.16 -3.15
C ASP K 159 -3.51 50.08 -3.33
N ARG K 160 -4.74 50.36 -2.88
CA ARG K 160 -5.77 49.34 -2.85
C ARG K 160 -6.04 48.73 -4.22
N ALA K 161 -5.93 49.52 -5.29
CA ALA K 161 -6.11 48.99 -6.63
C ALA K 161 -5.05 47.93 -6.94
N LYS K 162 -3.77 48.29 -6.81
CA LYS K 162 -2.72 47.32 -7.04
C LYS K 162 -2.82 46.14 -6.08
N ALA K 163 -3.15 46.42 -4.81
CA ALA K 163 -3.19 45.36 -3.81
C ALA K 163 -4.31 44.36 -4.11
N LEU K 164 -5.54 44.86 -4.27
CA LEU K 164 -6.66 43.96 -4.52
C LEU K 164 -6.49 43.25 -5.86
N GLY K 165 -5.98 43.97 -6.87
CA GLY K 165 -5.68 43.33 -8.14
C GLY K 165 -4.62 42.25 -7.99
N GLU K 166 -3.57 42.54 -7.21
CA GLU K 166 -2.58 41.52 -6.91
C GLU K 166 -3.18 40.40 -6.08
N ALA K 167 -4.20 40.70 -5.28
CA ALA K 167 -4.87 39.67 -4.49
C ALA K 167 -5.87 38.85 -5.29
N TRP K 168 -6.13 39.22 -6.54
CA TRP K 168 -7.06 38.46 -7.38
C TRP K 168 -6.38 37.36 -8.19
N ARG K 169 -5.13 37.57 -8.60
CA ARG K 169 -4.45 36.61 -9.47
C ARG K 169 -3.95 35.38 -8.72
N VAL K 170 -3.34 35.57 -7.54
CA VAL K 170 -2.73 34.49 -6.78
C VAL K 170 -3.83 33.67 -6.10
N LEU K 171 -5.08 34.11 -6.22
CA LEU K 171 -6.21 33.36 -5.72
C LEU K 171 -6.75 32.42 -6.79
N LYS K 172 -7.08 31.20 -6.37
CA LYS K 172 -7.73 30.26 -7.28
C LYS K 172 -9.17 30.72 -7.53
N PRO K 173 -9.68 30.51 -8.74
CA PRO K 173 -11.06 30.88 -9.03
C PRO K 173 -12.05 30.12 -8.15
N GLY K 174 -12.90 30.88 -7.45
CA GLY K 174 -13.84 30.32 -6.50
C GLY K 174 -13.48 30.54 -5.05
N GLY K 175 -12.24 30.93 -4.75
CA GLY K 175 -11.86 31.24 -3.40
C GLY K 175 -12.33 32.62 -2.99
N ASP K 176 -12.18 32.91 -1.69
CA ASP K 176 -12.69 34.15 -1.13
C ASP K 176 -11.57 34.99 -0.52
N LEU K 177 -11.85 36.28 -0.41
CA LEU K 177 -10.94 37.24 0.22
C LEU K 177 -11.71 38.01 1.26
N LEU K 178 -11.30 37.89 2.52
CA LEU K 178 -11.89 38.66 3.60
C LEU K 178 -11.12 39.96 3.74
N VAL K 179 -11.85 41.07 3.82
CA VAL K 179 -11.24 42.39 3.84
C VAL K 179 -11.79 43.17 5.02
N LEU K 180 -10.89 43.83 5.75
CA LEU K 180 -11.25 44.72 6.86
C LEU K 180 -10.67 46.09 6.53
N GLU K 181 -11.52 47.00 6.07
CA GLU K 181 -11.10 48.26 5.47
C GLU K 181 -11.93 49.41 6.01
N SER K 182 -11.31 50.58 6.10
CA SER K 182 -11.99 51.81 6.47
C SER K 182 -12.39 52.59 5.21
N VAL K 183 -13.36 53.48 5.39
CA VAL K 183 -13.94 54.24 4.28
C VAL K 183 -14.43 55.57 4.82
N VAL K 184 -14.27 56.63 4.02
CA VAL K 184 -14.70 57.97 4.41
C VAL K 184 -16.18 58.17 4.09
N THR K 185 -16.89 58.80 5.01
CA THR K 185 -18.24 59.28 4.75
C THR K 185 -18.27 60.76 4.37
N GLU K 186 -17.38 61.57 4.95
CA GLU K 186 -17.24 62.96 4.54
C GLU K 186 -16.23 63.08 3.41
N GLU K 187 -15.42 64.15 3.44
CA GLU K 187 -14.40 64.36 2.42
C GLU K 187 -13.03 64.70 2.98
N LEU K 188 -12.90 64.90 4.29
CA LEU K 188 -11.61 65.09 4.96
C LEU K 188 -10.90 66.39 4.56
N THR K 189 -10.52 67.18 5.54
CA THR K 189 -9.70 68.35 5.26
C THR K 189 -8.25 67.94 5.06
N GLU K 190 -7.42 68.91 4.68
CA GLU K 190 -6.00 68.66 4.46
C GLU K 190 -5.25 68.30 5.74
N PRO K 191 -5.51 68.95 6.88
CA PRO K 191 -4.83 68.51 8.12
C PRO K 191 -5.23 67.10 8.54
N GLU K 192 -6.48 66.70 8.31
CA GLU K 192 -6.90 65.35 8.66
C GLU K 192 -6.18 64.32 7.80
N THR K 193 -6.17 64.51 6.48
CA THR K 193 -5.45 63.61 5.60
C THR K 193 -3.98 63.55 5.96
N ALA K 194 -3.41 64.67 6.43
CA ALA K 194 -2.02 64.67 6.87
C ALA K 194 -1.83 63.86 8.14
N LEU K 195 -2.83 63.84 9.01
CA LEU K 195 -2.73 63.06 10.24
C LEU K 195 -2.63 61.56 9.94
N PHE K 196 -3.22 61.12 8.83
CA PHE K 196 -3.12 59.70 8.47
C PHE K 196 -1.68 59.29 8.17
N GLU K 197 -0.87 60.21 7.65
CA GLU K 197 0.52 59.92 7.35
C GLU K 197 1.43 60.14 8.55
N THR K 198 1.19 61.21 9.32
CA THR K 198 2.07 61.52 10.44
C THR K 198 1.87 60.57 11.60
N LEU K 199 0.64 60.12 11.84
CA LEU K 199 0.35 59.22 12.96
C LEU K 199 0.43 57.76 12.51
N TYR K 200 -0.49 57.35 11.63
CA TYR K 200 -0.65 55.96 11.25
C TYR K 200 0.28 55.53 10.12
N ALA K 201 0.91 56.47 9.42
CA ALA K 201 1.74 56.18 8.25
C ALA K 201 0.98 55.37 7.21
N ALA K 202 -0.27 55.77 6.97
CA ALA K 202 -1.16 55.08 6.05
C ALA K 202 -1.86 56.09 5.14
N ASN K 203 -2.45 55.57 4.07
CA ASN K 203 -3.20 56.40 3.14
C ASN K 203 -4.55 56.81 3.73
N VAL K 204 -5.26 57.67 3.02
CA VAL K 204 -6.61 58.06 3.40
C VAL K 204 -7.58 57.03 2.83
N PRO K 205 -8.66 56.69 3.55
CA PRO K 205 -9.57 55.67 3.03
C PRO K 205 -10.42 56.22 1.90
N PRO K 206 -10.82 55.37 0.96
CA PRO K 206 -11.66 55.82 -0.15
C PRO K 206 -13.11 55.92 0.30
N ARG K 207 -13.96 56.40 -0.62
CA ARG K 207 -15.40 56.40 -0.37
C ARG K 207 -15.96 55.00 -0.57
N LEU K 208 -17.18 54.81 -0.06
CA LEU K 208 -17.84 53.50 -0.19
C LEU K 208 -18.02 53.14 -1.67
N GLY K 209 -18.58 54.06 -2.46
CA GLY K 209 -18.73 53.80 -3.88
C GLY K 209 -17.40 53.63 -4.59
N GLU K 210 -16.37 54.34 -4.13
CA GLU K 210 -15.06 54.23 -4.77
C GLU K 210 -14.39 52.92 -4.45
N PHE K 211 -14.57 52.41 -3.22
CA PHE K 211 -13.92 51.16 -2.83
C PHE K 211 -14.42 50.01 -3.67
N PHE K 212 -15.74 49.90 -3.86
CA PHE K 212 -16.27 48.78 -4.60
C PHE K 212 -16.08 48.92 -6.10
N ASP K 213 -15.83 50.13 -6.60
CA ASP K 213 -15.35 50.28 -7.96
C ASP K 213 -13.98 49.62 -8.13
N ILE K 214 -13.10 49.82 -7.15
CA ILE K 214 -11.81 49.14 -7.15
C ILE K 214 -12.01 47.63 -7.07
N VAL K 215 -12.92 47.18 -6.19
CA VAL K 215 -13.16 45.76 -6.02
C VAL K 215 -13.73 45.16 -7.30
N SER K 216 -14.71 45.82 -7.91
CA SER K 216 -15.25 45.36 -9.18
C SER K 216 -14.18 45.36 -10.26
N GLY K 217 -13.38 46.43 -10.33
CA GLY K 217 -12.36 46.51 -11.35
C GLY K 217 -11.31 45.42 -11.25
N ALA K 218 -10.99 45.01 -10.02
CA ALA K 218 -10.06 43.89 -9.84
C ALA K 218 -10.66 42.56 -10.25
N GLY K 219 -11.96 42.49 -10.46
CA GLY K 219 -12.61 41.25 -10.83
C GLY K 219 -13.25 40.50 -9.69
N PHE K 220 -13.52 41.15 -8.56
CA PHE K 220 -14.11 40.51 -7.40
C PHE K 220 -15.61 40.75 -7.35
N HIS K 221 -16.36 39.69 -7.03
CA HIS K 221 -17.74 39.84 -6.60
C HIS K 221 -17.79 40.15 -5.11
N THR K 222 -18.83 40.86 -4.70
CA THR K 222 -19.03 41.21 -3.29
C THR K 222 -20.09 40.29 -2.71
N LEU K 223 -19.72 39.57 -1.65
CA LEU K 223 -20.63 38.64 -1.01
C LEU K 223 -21.22 39.15 0.29
N SER K 224 -20.48 39.98 1.03
CA SER K 224 -20.98 40.43 2.32
C SER K 224 -20.24 41.69 2.77
N LEU K 225 -20.94 42.51 3.55
CA LEU K 225 -20.35 43.64 4.26
C LEU K 225 -21.00 43.73 5.63
N LYS K 226 -20.23 44.21 6.60
CA LYS K 226 -20.74 44.37 7.97
C LYS K 226 -19.94 45.45 8.67
N ASP K 227 -20.64 46.48 9.15
CA ASP K 227 -19.98 47.58 9.84
C ASP K 227 -19.43 47.12 11.19
N LEU K 228 -18.19 47.50 11.47
CA LEU K 228 -17.52 47.23 12.74
C LEU K 228 -16.89 48.49 13.29
N SER K 229 -17.49 49.64 12.99
CA SER K 229 -16.86 50.92 13.29
C SER K 229 -16.77 51.16 14.79
N ALA K 230 -17.80 50.76 15.54
CA ALA K 230 -17.74 50.87 17.00
C ALA K 230 -16.53 50.13 17.55
N ASN K 231 -16.25 48.93 17.01
CA ASN K 231 -15.06 48.19 17.43
C ASN K 231 -13.78 48.98 17.18
N LEU K 232 -13.69 49.67 16.03
CA LEU K 232 -12.50 50.46 15.76
C LEU K 232 -12.47 51.71 16.64
N ALA K 233 -13.62 52.29 16.92
CA ALA K 233 -13.66 53.46 17.79
C ALA K 233 -13.25 53.09 19.21
N MET K 234 -13.62 51.90 19.67
CA MET K 234 -13.23 51.46 21.00
C MET K 234 -11.73 51.16 21.07
N THR K 235 -11.22 50.42 20.08
CA THR K 235 -9.80 50.11 20.08
C THR K 235 -8.94 51.37 20.06
N MET K 236 -9.30 52.34 19.22
CA MET K 236 -8.56 53.60 19.18
C MET K 236 -8.62 54.32 20.53
N ASN K 237 -9.74 54.23 21.24
CA ASN K 237 -9.81 54.75 22.61
C ASN K 237 -8.84 54.00 23.53
N VAL K 238 -8.80 52.67 23.41
CA VAL K 238 -7.86 51.88 24.20
C VAL K 238 -6.43 52.30 23.90
N PHE K 239 -6.12 52.54 22.62
CA PHE K 239 -4.77 52.97 22.25
C PHE K 239 -4.47 54.34 22.82
N ALA K 240 -5.41 55.27 22.74
CA ALA K 240 -5.19 56.61 23.27
C ALA K 240 -4.93 56.58 24.77
N LEU K 241 -5.78 55.87 25.52
CA LEU K 241 -5.61 55.80 26.96
C LEU K 241 -4.28 55.15 27.34
N GLY K 242 -3.80 54.22 26.53
CA GLY K 242 -2.50 53.63 26.78
C GLY K 242 -1.37 54.61 26.51
N VAL K 243 -1.51 55.42 25.46
CA VAL K 243 -0.48 56.42 25.16
C VAL K 243 -0.52 57.54 26.19
N TYR K 244 -1.72 57.99 26.56
CA TYR K 244 -1.84 59.09 27.51
C TYR K 244 -1.26 58.71 28.87
N SER K 245 -1.66 57.57 29.40
CA SER K 245 -1.26 57.21 30.76
C SER K 245 0.20 56.80 30.84
N ARG K 246 0.75 56.26 29.75
CA ARG K 246 2.13 55.79 29.78
C ARG K 246 2.98 56.61 28.82
N ARG K 247 2.99 57.93 29.00
CA ARG K 247 3.77 58.79 28.12
C ARG K 247 5.27 58.62 28.37
N ALA K 248 5.70 58.77 29.63
CA ALA K 248 7.12 58.68 29.94
C ALA K 248 7.70 57.33 29.55
N GLU K 249 6.90 56.27 29.67
CA GLU K 249 7.37 54.93 29.30
C GLU K 249 7.58 54.81 27.81
N PHE K 250 6.66 55.35 27.01
CA PHE K 250 6.79 55.24 25.56
C PHE K 250 7.80 56.21 24.99
N THR K 251 8.02 57.35 25.66
CA THR K 251 9.04 58.29 25.18
C THR K 251 10.44 57.69 25.30
N GLU K 252 10.69 56.93 26.37
CA GLU K 252 11.96 56.23 26.48
C GLU K 252 12.05 55.06 25.51
N ARG K 253 10.92 54.51 25.09
CA ARG K 253 10.89 53.35 24.20
C ARG K 253 11.03 53.72 22.73
N PHE K 254 10.33 54.76 22.28
CA PHE K 254 10.31 55.14 20.87
C PHE K 254 10.85 56.53 20.58
N GLY K 255 11.07 57.34 21.60
CA GLY K 255 11.53 58.70 21.38
C GLY K 255 10.42 59.70 21.71
N ALA K 256 10.83 60.89 22.11
CA ALA K 256 9.86 61.93 22.44
C ALA K 256 9.14 62.43 21.20
N GLU K 257 9.84 62.44 20.05
CA GLU K 257 9.22 62.95 18.82
C GLU K 257 8.02 62.12 18.41
N PHE K 258 8.13 60.80 18.49
CA PHE K 258 7.03 59.94 18.07
C PHE K 258 5.86 60.01 19.05
N VAL K 259 6.15 60.06 20.35
CA VAL K 259 5.09 60.04 21.35
C VAL K 259 4.37 61.39 21.41
N ASP K 260 5.13 62.49 21.34
CA ASP K 260 4.50 63.81 21.37
C ASP K 260 3.64 64.04 20.13
N GLY K 261 4.01 63.45 19.00
CA GLY K 261 3.15 63.52 17.83
C GLY K 261 1.83 62.81 18.06
N LEU K 262 1.88 61.64 18.70
CA LEU K 262 0.65 60.93 19.03
C LEU K 262 -0.19 61.70 20.04
N LEU K 263 0.44 62.15 21.13
CA LEU K 263 -0.29 62.89 22.16
C LEU K 263 -0.98 64.12 21.62
N ALA K 264 -0.47 64.68 20.53
CA ALA K 264 -1.08 65.88 19.94
C ALA K 264 -2.15 65.56 18.92
N GLY K 265 -2.03 64.44 18.20
CA GLY K 265 -2.93 64.16 17.09
C GLY K 265 -4.01 63.14 17.35
N LEU K 266 -3.87 62.35 18.42
CA LEU K 266 -4.85 61.29 18.69
C LEU K 266 -6.24 61.85 18.93
N GLY K 267 -6.33 63.00 19.61
CA GLY K 267 -7.63 63.59 19.86
C GLY K 267 -8.33 63.99 18.58
N SER K 268 -7.63 64.73 17.72
CA SER K 268 -8.22 65.13 16.45
C SER K 268 -8.47 63.93 15.55
N ALA K 269 -7.55 62.97 15.54
CA ALA K 269 -7.74 61.77 14.71
C ALA K 269 -8.92 60.94 15.18
N GLN K 270 -9.21 60.95 16.49
CA GLN K 270 -10.38 60.25 16.99
C GLN K 270 -11.67 60.90 16.49
N GLU K 271 -11.77 62.23 16.63
CA GLU K 271 -12.96 62.93 16.18
C GLU K 271 -13.15 62.77 14.66
N THR K 272 -12.04 62.78 13.91
CA THR K 272 -12.13 62.51 12.49
C THR K 272 -12.66 61.10 12.23
N LEU K 273 -12.14 60.12 12.96
CA LEU K 273 -12.66 58.77 12.84
C LEU K 273 -14.12 58.70 13.28
N ILE K 274 -14.46 59.40 14.36
CA ILE K 274 -15.82 59.36 14.90
C ILE K 274 -16.82 59.89 13.90
N ARG K 275 -16.50 61.01 13.24
CA ARG K 275 -17.50 61.76 12.48
C ARG K 275 -17.41 61.55 10.97
N LYS K 276 -16.29 61.07 10.45
CA LYS K 276 -16.08 61.10 9.01
C LYS K 276 -15.79 59.75 8.36
N THR K 277 -15.47 58.72 9.13
CA THR K 277 -15.09 57.44 8.56
C THR K 277 -15.96 56.31 9.08
N ARG K 278 -15.89 55.17 8.41
CA ARG K 278 -16.53 53.94 8.86
C ARG K 278 -15.60 52.77 8.59
N PHE K 279 -15.71 51.75 9.43
CA PHE K 279 -14.90 50.54 9.36
C PHE K 279 -15.82 49.35 9.16
N PHE K 280 -15.46 48.45 8.25
CA PHE K 280 -16.34 47.32 7.95
C PHE K 280 -15.52 46.10 7.59
N MET K 281 -16.22 44.97 7.49
CA MET K 281 -15.66 43.69 7.10
C MET K 281 -16.39 43.20 5.85
N ALA K 282 -15.64 42.82 4.83
CA ALA K 282 -16.22 42.46 3.54
C ALA K 282 -15.65 41.14 3.05
N THR K 283 -16.52 40.28 2.52
CA THR K 283 -16.12 39.03 1.90
C THR K 283 -16.21 39.19 0.39
N LEU K 284 -15.06 39.27 -0.27
CA LEU K 284 -14.97 39.40 -1.72
C LEU K 284 -14.62 38.04 -2.32
N ARG K 285 -15.27 37.70 -3.43
CA ARG K 285 -15.04 36.42 -4.08
C ARG K 285 -14.42 36.62 -5.46
N LYS K 286 -13.43 35.78 -5.77
CA LYS K 286 -12.97 35.62 -7.15
C LYS K 286 -13.87 34.60 -7.83
N PRO K 287 -14.55 34.95 -8.92
CA PRO K 287 -15.57 34.05 -9.47
C PRO K 287 -14.97 32.74 -9.97
N ALA K 288 -15.79 31.71 -9.95
CA ALA K 288 -15.46 30.42 -10.55
C ALA K 288 -16.05 30.34 -11.96
N VAL K 289 -15.37 29.63 -12.85
CA VAL K 289 -15.75 29.54 -14.24
C VAL K 289 -15.91 28.08 -14.64
N LEU K 290 -17.06 27.74 -15.22
CA LEU K 290 -17.31 26.41 -15.76
C LEU K 290 -18.39 26.46 -16.83
N GLN L 10 -1.08 55.66 -2.19
CA GLN L 10 0.07 56.31 -2.81
C GLN L 10 0.69 57.35 -1.89
N GLN L 11 -0.04 57.69 -0.82
CA GLN L 11 0.44 58.71 0.12
C GLN L 11 1.73 58.27 0.80
N VAL L 12 1.95 56.96 0.93
CA VAL L 12 3.18 56.41 1.47
C VAL L 12 3.58 55.20 0.66
N THR L 13 4.85 54.84 0.76
CA THR L 13 5.42 53.70 0.04
C THR L 13 5.65 52.52 0.97
N ALA L 14 5.90 51.36 0.36
CA ALA L 14 6.12 50.14 1.14
C ALA L 14 7.35 50.28 2.03
N ASP L 15 8.40 50.93 1.54
CA ASP L 15 9.60 51.14 2.34
C ASP L 15 9.30 52.00 3.56
N GLU L 16 8.49 53.03 3.39
CA GLU L 16 8.13 53.89 4.52
C GLU L 16 7.38 53.11 5.58
N VAL L 17 6.39 52.32 5.16
CA VAL L 17 5.59 51.55 6.11
C VAL L 17 6.44 50.48 6.77
N GLY L 18 7.31 49.82 6.00
CA GLY L 18 8.20 48.83 6.57
C GLY L 18 9.09 49.40 7.65
N ASP L 19 9.65 50.59 7.41
CA ASP L 19 10.49 51.22 8.42
C ASP L 19 9.68 51.72 9.61
N TRP L 20 8.40 52.03 9.41
CA TRP L 20 7.58 52.51 10.52
C TRP L 20 7.27 51.39 11.50
N TYR L 21 6.80 50.25 11.00
CA TYR L 21 6.50 49.13 11.89
C TYR L 21 7.76 48.53 12.50
N ASP L 22 8.91 48.70 11.83
CA ASP L 22 10.17 48.24 12.42
C ASP L 22 10.52 49.05 13.65
N LYS L 23 10.19 50.34 13.67
CA LYS L 23 10.56 51.23 14.76
C LYS L 23 9.45 51.44 15.79
N PHE L 24 8.18 51.37 15.38
CA PHE L 24 7.07 51.66 16.28
C PHE L 24 6.02 50.56 16.34
N GLY L 25 6.10 49.53 15.49
CA GLY L 25 5.08 48.49 15.43
C GLY L 25 4.80 47.81 16.76
N GLU L 26 5.74 47.91 17.70
CA GLU L 26 5.53 47.30 19.00
C GLU L 26 4.67 48.14 19.93
N VAL L 27 4.36 49.39 19.56
CA VAL L 27 3.49 50.21 20.39
C VAL L 27 2.06 49.69 20.37
N TYR L 28 1.67 48.98 19.31
CA TYR L 28 0.35 48.35 19.27
C TYR L 28 0.28 47.20 20.27
N HIS L 29 1.34 46.38 20.34
CA HIS L 29 1.35 45.26 21.27
C HIS L 29 1.39 45.72 22.71
N LEU L 30 1.95 46.90 22.97
CA LEU L 30 1.97 47.44 24.32
C LEU L 30 0.62 47.98 24.75
N THR L 31 -0.24 48.34 23.80
CA THR L 31 -1.51 48.97 24.10
C THR L 31 -2.71 48.12 23.76
N LEU L 32 -2.64 47.33 22.69
CA LEU L 32 -3.80 46.60 22.19
C LEU L 32 -3.72 45.09 22.40
N GLY L 33 -2.54 44.50 22.33
CA GLY L 33 -2.39 43.10 22.66
C GLY L 33 -1.45 42.41 21.68
N GLU L 34 -1.45 41.08 21.75
CA GLU L 34 -0.55 40.26 20.95
C GLU L 34 -0.84 40.31 19.46
N SER L 35 -1.90 40.99 19.03
CA SER L 35 -2.24 41.12 17.62
C SER L 35 -2.18 42.60 17.24
N VAL L 36 -2.29 42.86 15.93
CA VAL L 36 -2.25 44.23 15.43
C VAL L 36 -3.55 44.52 14.69
N HIS L 37 -4.68 44.44 15.39
CA HIS L 37 -5.99 44.74 14.80
C HIS L 37 -6.95 45.12 15.93
N CYS L 38 -8.22 45.32 15.61
CA CYS L 38 -9.13 45.77 16.65
C CYS L 38 -9.53 44.62 17.58
N GLY L 39 -10.22 45.00 18.64
CA GLY L 39 -10.85 44.05 19.53
C GLY L 39 -12.33 44.02 19.27
N LEU L 40 -12.92 42.83 19.44
CA LEU L 40 -14.35 42.65 19.24
C LEU L 40 -15.09 43.08 20.52
N TRP L 41 -15.07 44.39 20.75
CA TRP L 41 -15.68 44.94 21.96
C TRP L 41 -17.21 44.83 21.92
N PHE L 42 -17.80 44.69 20.75
CA PHE L 42 -19.22 44.50 20.60
C PHE L 42 -19.50 43.20 19.87
N PRO L 43 -20.46 42.39 20.34
CA PRO L 43 -20.75 41.13 19.66
C PRO L 43 -21.32 41.39 18.27
N PRO L 44 -21.09 40.48 17.32
CA PRO L 44 -21.56 40.72 15.95
C PRO L 44 -23.05 40.98 15.83
N ASP L 45 -23.88 40.42 16.72
CA ASP L 45 -25.32 40.61 16.61
C ASP L 45 -25.77 41.95 17.19
N ALA L 46 -24.88 42.73 17.80
CA ALA L 46 -25.27 44.00 18.40
C ALA L 46 -25.51 45.05 17.32
N PRO L 47 -26.51 45.90 17.48
CA PRO L 47 -26.81 46.89 16.45
C PRO L 47 -25.76 47.98 16.41
N VAL L 48 -25.67 48.62 15.25
CA VAL L 48 -24.71 49.72 15.07
C VAL L 48 -25.14 50.89 15.95
N PRO L 49 -24.22 51.49 16.71
CA PRO L 49 -24.62 52.63 17.54
C PRO L 49 -24.96 53.86 16.71
N GLN L 50 -25.73 54.75 17.31
CA GLN L 50 -26.08 56.01 16.64
C GLN L 50 -24.85 56.89 16.42
N ASP L 51 -23.89 56.85 17.34
CA ASP L 51 -22.64 57.59 17.21
C ASP L 51 -21.51 56.72 17.73
N MET L 52 -20.30 57.04 17.29
CA MET L 52 -19.10 56.41 17.81
C MET L 52 -18.50 57.19 18.98
N GLU L 53 -19.27 58.10 19.57
CA GLU L 53 -18.86 58.79 20.77
C GLU L 53 -18.70 57.80 21.92
N LEU L 54 -17.65 58.00 22.73
CA LEU L 54 -17.34 57.05 23.79
C LEU L 54 -18.50 56.87 24.76
N VAL L 55 -19.21 57.95 25.06
CA VAL L 55 -20.35 57.86 25.96
C VAL L 55 -21.46 57.04 25.33
N THR L 56 -21.64 57.15 24.00
CA THR L 56 -22.75 56.47 23.34
C THR L 56 -22.51 54.98 23.23
N MET L 57 -21.30 54.58 22.86
CA MET L 57 -20.97 53.16 22.78
C MET L 57 -21.02 52.52 24.17
N SER L 58 -20.49 53.21 25.18
CA SER L 58 -20.56 52.72 26.55
C SER L 58 -22.01 52.62 27.02
N SER L 59 -22.89 53.49 26.51
CA SER L 59 -24.30 53.41 26.89
C SER L 59 -24.94 52.14 26.32
N GLN L 60 -24.57 51.76 25.10
CA GLN L 60 -25.08 50.51 24.55
C GLN L 60 -24.54 49.31 25.32
N ALA L 61 -23.31 49.40 25.81
CA ALA L 61 -22.78 48.34 26.65
C ALA L 61 -23.52 48.26 27.98
N GLN L 62 -23.99 49.40 28.49
CA GLN L 62 -24.84 49.38 29.69
C GLN L 62 -26.19 48.73 29.40
N ASP L 63 -26.77 49.00 28.23
CA ASP L 63 -28.03 48.37 27.85
C ASP L 63 -27.89 46.86 27.83
N ARG L 64 -26.91 46.36 27.10
CA ARG L 64 -26.68 44.91 27.03
C ARG L 64 -26.38 44.36 28.42
N TYR L 65 -25.68 45.15 29.25
CA TYR L 65 -25.46 44.78 30.64
C TYR L 65 -26.78 44.60 31.38
N THR L 66 -27.71 45.55 31.21
CA THR L 66 -29.01 45.43 31.85
C THR L 66 -29.80 44.25 31.30
N ASP L 67 -29.70 44.00 29.99
CA ASP L 67 -30.38 42.84 29.40
C ASP L 67 -29.90 41.54 30.02
N TYR L 68 -28.60 41.46 30.34
CA TYR L 68 -28.04 40.23 30.89
C TYR L 68 -28.50 40.00 32.32
N LEU L 69 -28.63 41.08 33.11
CA LEU L 69 -29.16 40.93 34.47
C LEU L 69 -30.62 40.55 34.43
N ILE L 70 -31.40 41.16 33.55
CA ILE L 70 -32.81 40.77 33.38
C ILE L 70 -32.89 39.29 33.03
N GLU L 71 -32.08 38.86 32.06
CA GLU L 71 -32.07 37.46 31.67
C GLU L 71 -31.64 36.56 32.82
N THR L 72 -30.74 37.04 33.68
CA THR L 72 -30.28 36.22 34.79
C THR L 72 -31.35 36.07 35.86
N LEU L 73 -31.84 37.19 36.38
CA LEU L 73 -32.85 37.12 37.45
C LEU L 73 -34.14 36.49 36.94
N ASP L 74 -34.49 36.72 35.68
CA ASP L 74 -35.66 36.15 35.02
C ASP L 74 -36.96 36.50 35.75
N PRO L 75 -37.36 37.78 35.78
CA PRO L 75 -38.64 38.12 36.43
C PRO L 75 -39.81 37.77 35.53
N LYS L 76 -40.79 37.06 36.10
CA LYS L 76 -41.94 36.64 35.32
C LYS L 76 -42.98 37.76 35.24
N ALA L 77 -43.76 37.74 34.18
CA ALA L 77 -44.75 38.78 33.96
C ALA L 77 -45.76 38.81 35.09
N GLY L 78 -46.09 40.02 35.56
CA GLY L 78 -47.00 40.19 36.66
C GLY L 78 -46.35 40.23 38.03
N GLN L 79 -45.03 40.12 38.11
CA GLN L 79 -44.32 40.19 39.38
C GLN L 79 -43.97 41.64 39.71
N HIS L 80 -43.56 41.86 40.96
CA HIS L 80 -43.13 43.17 41.42
C HIS L 80 -41.66 43.08 41.84
N LEU L 81 -40.85 44.00 41.32
CA LEU L 81 -39.42 43.99 41.52
C LEU L 81 -38.99 45.23 42.30
N LEU L 82 -38.00 45.06 43.18
CA LEU L 82 -37.49 46.15 44.01
C LEU L 82 -36.08 46.49 43.55
N ASP L 83 -35.90 47.69 43.00
CA ASP L 83 -34.60 48.15 42.52
C ASP L 83 -33.91 48.91 43.64
N ILE L 84 -33.15 48.20 44.45
CA ILE L 84 -32.43 48.78 45.58
C ILE L 84 -31.30 49.65 45.04
N GLY L 85 -31.43 50.95 45.17
CA GLY L 85 -30.47 51.88 44.58
C GLY L 85 -30.72 52.06 43.10
N CYS L 86 -31.89 52.58 42.75
CA CYS L 86 -32.33 52.56 41.36
C CYS L 86 -31.61 53.56 40.48
N GLY L 87 -31.04 54.62 41.05
CA GLY L 87 -30.41 55.63 40.22
C GLY L 87 -31.45 56.42 39.45
N THR L 88 -31.28 56.51 38.13
CA THR L 88 -32.16 57.29 37.28
C THR L 88 -33.24 56.44 36.60
N GLY L 89 -33.24 55.12 36.80
CA GLY L 89 -34.39 54.30 36.48
C GLY L 89 -34.43 53.67 35.11
N ARG L 90 -33.38 53.78 34.30
CA ARG L 90 -33.43 53.11 33.00
C ARG L 90 -33.39 51.60 33.16
N THR L 91 -32.66 51.10 34.17
CA THR L 91 -32.68 49.67 34.46
C THR L 91 -34.08 49.21 34.78
N ALA L 92 -34.77 49.91 35.69
CA ALA L 92 -36.15 49.58 36.00
C ALA L 92 -37.07 49.74 34.79
N LEU L 93 -36.78 50.73 33.94
CA LEU L 93 -37.58 50.94 32.74
C LEU L 93 -37.45 49.76 31.77
N LYS L 94 -36.20 49.35 31.49
CA LYS L 94 -36.00 48.26 30.53
C LYS L 94 -36.58 46.96 31.04
N ALA L 95 -36.51 46.71 32.35
CA ALA L 95 -37.08 45.50 32.91
C ALA L 95 -38.60 45.47 32.74
N ALA L 96 -39.26 46.59 33.04
CA ALA L 96 -40.72 46.63 32.95
C ALA L 96 -41.20 46.45 31.52
N ARG L 97 -40.47 47.00 30.55
CA ARG L 97 -40.87 46.84 29.15
C ARG L 97 -40.63 45.43 28.66
N GLN L 98 -39.51 44.82 29.04
CA GLN L 98 -39.14 43.53 28.49
C GLN L 98 -39.90 42.37 29.12
N ARG L 99 -40.22 42.45 30.41
CA ARG L 99 -40.87 41.35 31.10
C ARG L 99 -42.30 41.65 31.53
N GLY L 100 -42.77 42.89 31.37
CA GLY L 100 -44.11 43.25 31.80
C GLY L 100 -44.29 43.11 33.30
N ILE L 101 -43.42 43.77 34.06
CA ILE L 101 -43.42 43.68 35.51
C ILE L 101 -43.52 45.07 36.10
N ALA L 102 -44.11 45.15 37.29
CA ALA L 102 -44.05 46.38 38.07
C ALA L 102 -42.73 46.43 38.82
N VAL L 103 -42.10 47.60 38.81
CA VAL L 103 -40.82 47.79 39.48
C VAL L 103 -40.92 48.99 40.41
N THR L 104 -40.40 48.83 41.62
CA THR L 104 -40.33 49.91 42.60
C THR L 104 -38.86 50.16 42.91
N GLY L 105 -38.37 51.36 42.59
CA GLY L 105 -36.98 51.72 42.78
C GLY L 105 -36.83 52.78 43.87
N VAL L 106 -35.80 52.63 44.69
CA VAL L 106 -35.52 53.53 45.80
C VAL L 106 -34.09 54.01 45.72
N ALA L 107 -33.87 55.26 46.12
CA ALA L 107 -32.54 55.85 46.12
C ALA L 107 -32.49 56.95 47.18
N VAL L 108 -31.27 57.37 47.51
CA VAL L 108 -31.05 58.43 48.48
C VAL L 108 -30.82 59.79 47.82
N SER L 109 -30.85 59.85 46.49
CA SER L 109 -30.61 61.09 45.76
C SER L 109 -31.94 61.65 45.28
N LYS L 110 -32.15 62.96 45.47
CA LYS L 110 -33.39 63.58 45.03
C LYS L 110 -33.43 63.75 43.52
N GLU L 111 -32.30 64.12 42.91
CA GLU L 111 -32.26 64.32 41.47
C GLU L 111 -32.52 63.02 40.72
N GLN L 112 -31.89 61.93 41.17
CA GLN L 112 -32.02 60.66 40.47
C GLN L 112 -33.46 60.15 40.50
N ILE L 113 -34.12 60.25 41.66
CA ILE L 113 -35.52 59.84 41.75
C ILE L 113 -36.39 60.71 40.87
N ALA L 114 -36.12 62.02 40.86
CA ALA L 114 -36.89 62.93 40.01
C ALA L 114 -36.67 62.61 38.53
N ALA L 115 -35.42 62.39 38.14
CA ALA L 115 -35.14 62.03 36.74
C ALA L 115 -35.75 60.69 36.38
N ALA L 116 -35.92 59.80 37.36
CA ALA L 116 -36.54 58.51 37.08
C ALA L 116 -38.04 58.65 36.86
N ASN L 117 -38.71 59.45 37.69
CA ASN L 117 -40.13 59.66 37.51
C ASN L 117 -40.44 60.38 36.19
N ARG L 118 -39.54 61.25 35.74
CA ARG L 118 -39.69 61.85 34.42
C ARG L 118 -39.57 60.78 33.34
N LEU L 119 -38.65 59.83 33.52
CA LEU L 119 -38.48 58.76 32.55
C LEU L 119 -39.72 57.88 32.50
N ALA L 120 -40.29 57.56 33.67
CA ALA L 120 -41.51 56.76 33.71
C ALA L 120 -42.67 57.51 33.06
N ALA L 121 -42.81 58.80 33.37
CA ALA L 121 -43.84 59.60 32.72
C ALA L 121 -43.58 59.74 31.24
N GLY L 122 -42.31 59.94 30.84
CA GLY L 122 -41.99 60.08 29.44
C GLY L 122 -42.35 58.85 28.62
N HIS L 123 -42.22 57.66 29.21
CA HIS L 123 -42.63 56.43 28.56
C HIS L 123 -44.05 56.01 28.94
N GLY L 124 -44.75 56.82 29.73
CA GLY L 124 -46.10 56.47 30.14
C GLY L 124 -46.17 55.19 30.95
N LEU L 125 -45.26 55.01 31.90
CA LEU L 125 -45.22 53.80 32.71
C LEU L 125 -45.22 54.14 34.20
N THR L 126 -45.90 55.23 34.58
CA THR L 126 -45.96 55.63 35.97
C THR L 126 -46.82 54.71 36.81
N GLU L 127 -47.70 53.92 36.19
CA GLU L 127 -48.45 52.91 36.95
C GLU L 127 -47.59 51.70 37.27
N ARG L 128 -46.59 51.41 36.44
CA ARG L 128 -45.72 50.26 36.63
C ARG L 128 -44.30 50.64 37.02
N LEU L 129 -44.03 51.93 37.21
CA LEU L 129 -42.73 52.41 37.68
C LEU L 129 -42.96 53.38 38.82
N THR L 130 -42.49 53.01 40.01
CA THR L 130 -42.62 53.83 41.21
C THR L 130 -41.23 54.11 41.75
N PHE L 131 -40.86 55.38 41.81
CA PHE L 131 -39.54 55.80 42.29
C PHE L 131 -39.72 56.71 43.51
N GLU L 132 -39.12 56.32 44.63
CA GLU L 132 -39.26 57.05 45.88
C GLU L 132 -37.88 57.24 46.51
N VAL L 133 -37.75 58.30 47.30
CA VAL L 133 -36.51 58.59 48.02
C VAL L 133 -36.59 57.85 49.35
N ALA L 134 -35.97 56.69 49.42
CA ALA L 134 -35.98 55.87 50.63
C ALA L 134 -34.60 55.25 50.82
N ASP L 135 -34.31 54.88 52.06
CA ASP L 135 -33.06 54.23 52.41
C ASP L 135 -33.25 52.72 52.34
N ALA L 136 -32.28 52.03 51.72
CA ALA L 136 -32.35 50.58 51.67
C ALA L 136 -32.11 49.97 53.05
N MET L 137 -31.28 50.61 53.88
CA MET L 137 -31.03 50.11 55.23
C MET L 137 -32.26 50.24 56.11
N ARG L 138 -33.20 51.12 55.77
CA ARG L 138 -34.50 51.23 56.47
C ARG L 138 -35.57 51.42 55.40
N LEU L 139 -35.93 50.32 54.73
CA LEU L 139 -36.96 50.38 53.70
C LEU L 139 -38.32 50.62 54.34
N PRO L 140 -39.14 51.50 53.75
CA PRO L 140 -40.47 51.77 54.31
C PRO L 140 -41.54 50.78 53.88
N TYR L 141 -41.19 49.75 53.11
CA TYR L 141 -42.18 48.81 52.61
C TYR L 141 -42.42 47.70 53.63
N GLU L 142 -43.52 46.96 53.41
CA GLU L 142 -43.94 45.92 54.32
C GLU L 142 -43.13 44.64 54.11
N ASP L 143 -43.48 43.61 54.86
CA ASP L 143 -42.82 42.32 54.76
C ASP L 143 -43.46 41.50 53.66
N GLU L 144 -42.60 40.81 52.88
CA GLU L 144 -43.05 39.93 51.79
C GLU L 144 -43.86 40.69 50.75
N SER L 145 -43.30 41.79 50.27
CA SER L 145 -43.99 42.68 49.33
C SER L 145 -43.63 42.42 47.88
N PHE L 146 -42.37 42.06 47.59
CA PHE L 146 -41.88 41.95 46.24
C PHE L 146 -41.56 40.49 45.88
N ASP L 147 -41.67 40.18 44.60
CA ASP L 147 -41.35 38.84 44.12
C ASP L 147 -39.86 38.65 43.90
N CYS L 148 -39.14 39.73 43.60
CA CYS L 148 -37.71 39.66 43.35
C CYS L 148 -37.13 41.05 43.53
N ALA L 149 -35.80 41.13 43.58
CA ALA L 149 -35.13 42.40 43.77
C ALA L 149 -33.71 42.31 43.23
N TRP L 150 -33.07 43.48 43.08
CA TRP L 150 -31.67 43.52 42.71
C TRP L 150 -31.03 44.79 43.25
N ALA L 151 -29.74 44.69 43.55
CA ALA L 151 -28.95 45.81 44.08
C ALA L 151 -27.72 45.96 43.18
N ILE L 152 -27.89 46.73 42.11
CA ILE L 152 -26.90 46.82 41.04
C ILE L 152 -25.89 47.90 41.43
N GLU L 153 -24.73 47.47 41.91
CA GLU L 153 -23.62 48.36 42.25
C GLU L 153 -24.05 49.43 43.26
N SER L 154 -24.90 49.06 44.20
CA SER L 154 -25.43 49.99 45.19
C SER L 154 -25.09 49.63 46.62
N LEU L 155 -24.73 48.38 46.91
CA LEU L 155 -24.39 48.00 48.28
C LEU L 155 -23.08 48.61 48.76
N CYS L 156 -22.21 49.03 47.84
CA CYS L 156 -20.94 49.63 48.22
C CYS L 156 -21.12 50.91 49.03
N HIS L 157 -22.25 51.60 48.86
CA HIS L 157 -22.53 52.80 49.65
C HIS L 157 -23.21 52.50 50.98
N MET L 158 -23.66 51.27 51.20
CA MET L 158 -24.48 50.93 52.36
C MET L 158 -23.70 50.07 53.34
N ASP L 159 -24.27 49.93 54.53
CA ASP L 159 -23.88 48.88 55.46
C ASP L 159 -24.54 47.60 54.99
N ARG L 160 -23.74 46.70 54.41
CA ARG L 160 -24.29 45.56 53.67
C ARG L 160 -25.18 44.69 54.55
N ALA L 161 -24.82 44.52 55.82
CA ALA L 161 -25.62 43.67 56.70
C ALA L 161 -27.03 44.20 56.85
N LYS L 162 -27.17 45.51 57.07
CA LYS L 162 -28.51 46.10 57.22
C LYS L 162 -29.31 45.96 55.94
N ALA L 163 -28.72 46.39 54.82
CA ALA L 163 -29.46 46.40 53.56
C ALA L 163 -29.90 44.99 53.16
N LEU L 164 -28.99 44.01 53.27
CA LEU L 164 -29.35 42.65 52.91
C LEU L 164 -30.42 42.09 53.83
N GLY L 165 -30.31 42.35 55.13
CA GLY L 165 -31.35 41.92 56.05
C GLY L 165 -32.67 42.63 55.80
N GLU L 166 -32.62 43.86 55.29
CA GLU L 166 -33.83 44.57 54.96
C GLU L 166 -34.46 44.03 53.69
N ALA L 167 -33.64 43.70 52.69
CA ALA L 167 -34.16 43.13 51.45
C ALA L 167 -34.74 41.74 51.70
N TRP L 168 -34.11 40.95 52.57
CA TRP L 168 -34.67 39.66 52.93
C TRP L 168 -36.03 39.80 53.59
N ARG L 169 -36.25 40.91 54.30
CA ARG L 169 -37.53 41.12 54.97
C ARG L 169 -38.64 41.44 53.96
N VAL L 170 -38.36 42.34 53.02
CA VAL L 170 -39.38 42.77 52.06
C VAL L 170 -39.62 41.76 50.95
N LEU L 171 -38.79 40.73 50.83
CA LEU L 171 -38.95 39.73 49.79
C LEU L 171 -39.91 38.64 50.25
N LYS L 172 -40.57 38.04 49.28
CA LYS L 172 -41.40 36.87 49.55
C LYS L 172 -40.52 35.62 49.69
N PRO L 173 -40.93 34.66 50.52
CA PRO L 173 -40.14 33.41 50.65
C PRO L 173 -40.12 32.65 49.34
N GLY L 174 -38.91 32.42 48.81
CA GLY L 174 -38.74 31.78 47.53
C GLY L 174 -38.28 32.71 46.42
N GLY L 175 -38.44 34.02 46.60
CA GLY L 175 -37.97 34.97 45.63
C GLY L 175 -36.47 35.12 45.65
N ASP L 176 -35.95 35.87 44.68
CA ASP L 176 -34.53 35.98 44.47
C ASP L 176 -34.06 37.43 44.52
N LEU L 177 -32.78 37.61 44.84
CA LEU L 177 -32.15 38.92 44.93
C LEU L 177 -30.85 38.89 44.13
N LEU L 178 -30.76 39.72 43.10
CA LEU L 178 -29.59 39.76 42.22
C LEU L 178 -28.64 40.84 42.71
N VAL L 179 -27.47 40.43 43.19
CA VAL L 179 -26.51 41.34 43.79
C VAL L 179 -25.33 41.52 42.86
N LEU L 180 -24.96 42.77 42.59
CA LEU L 180 -23.75 43.12 41.83
C LEU L 180 -22.83 43.86 42.79
N GLU L 181 -21.81 43.16 43.29
CA GLU L 181 -20.99 43.60 44.41
C GLU L 181 -19.52 43.44 44.06
N SER L 182 -18.68 44.23 44.73
CA SER L 182 -17.25 44.06 44.69
C SER L 182 -16.74 43.43 45.99
N VAL L 183 -15.53 42.90 45.94
CA VAL L 183 -14.91 42.24 47.07
C VAL L 183 -13.40 42.41 46.94
N VAL L 184 -12.71 42.50 48.08
CA VAL L 184 -11.26 42.65 48.10
C VAL L 184 -10.61 41.28 48.17
N THR L 185 -9.50 41.13 47.45
CA THR L 185 -8.68 39.92 47.52
C THR L 185 -7.38 40.14 48.28
N GLU L 186 -6.99 41.38 48.53
CA GLU L 186 -5.83 41.70 49.36
C GLU L 186 -6.30 42.29 50.69
N GLU L 187 -5.57 43.28 51.20
CA GLU L 187 -5.88 43.85 52.50
C GLU L 187 -6.26 45.33 52.46
N LEU L 188 -5.96 46.04 51.37
CA LEU L 188 -6.25 47.47 51.23
C LEU L 188 -5.47 48.33 52.20
N THR L 189 -4.50 49.08 51.69
CA THR L 189 -3.80 50.06 52.52
C THR L 189 -4.76 51.19 52.89
N GLU L 190 -4.38 51.94 53.92
CA GLU L 190 -5.21 53.06 54.36
C GLU L 190 -5.40 54.14 53.31
N PRO L 191 -4.39 54.52 52.50
CA PRO L 191 -4.68 55.45 51.40
C PRO L 191 -5.67 54.89 50.39
N GLU L 192 -5.61 53.57 50.13
CA GLU L 192 -6.57 52.96 49.22
C GLU L 192 -7.98 53.01 49.80
N THR L 193 -8.13 52.71 51.09
CA THR L 193 -9.45 52.76 51.71
C THR L 193 -10.01 54.17 51.73
N ALA L 194 -9.14 55.19 51.81
CA ALA L 194 -9.62 56.56 51.81
C ALA L 194 -10.08 56.99 50.41
N LEU L 195 -9.38 56.51 49.37
CA LEU L 195 -9.79 56.82 48.00
C LEU L 195 -11.21 56.33 47.74
N PHE L 196 -11.63 55.27 48.42
CA PHE L 196 -13.01 54.80 48.26
C PHE L 196 -14.01 55.85 48.73
N GLU L 197 -13.59 56.74 49.63
CA GLU L 197 -14.46 57.81 50.13
C GLU L 197 -14.23 59.14 49.42
N THR L 198 -12.98 59.45 49.06
CA THR L 198 -12.71 60.72 48.39
C THR L 198 -13.13 60.71 46.93
N LEU L 199 -13.15 59.54 46.28
CA LEU L 199 -13.47 59.44 44.86
C LEU L 199 -14.94 59.10 44.63
N TYR L 200 -15.41 57.99 45.20
CA TYR L 200 -16.78 57.54 44.99
C TYR L 200 -17.65 57.64 46.22
N ALA L 201 -17.09 57.98 47.39
CA ALA L 201 -17.83 58.07 48.65
C ALA L 201 -18.58 56.78 48.94
N ALA L 202 -17.81 55.75 49.25
CA ALA L 202 -18.37 54.42 49.50
C ALA L 202 -17.49 53.67 50.47
N ASN L 203 -18.10 52.69 51.14
CA ASN L 203 -17.34 51.82 52.04
C ASN L 203 -16.43 50.90 51.22
N VAL L 204 -15.37 50.44 51.87
CA VAL L 204 -14.49 49.47 51.21
C VAL L 204 -15.22 48.14 51.09
N PRO L 205 -15.04 47.39 50.01
CA PRO L 205 -15.73 46.11 49.89
C PRO L 205 -15.17 45.11 50.88
N PRO L 206 -15.98 44.17 51.34
CA PRO L 206 -15.50 43.14 52.27
C PRO L 206 -14.76 42.04 51.53
N ARG L 207 -14.26 41.08 52.29
CA ARG L 207 -13.68 39.87 51.71
C ARG L 207 -14.80 38.92 51.30
N LEU L 208 -14.44 37.94 50.46
CA LEU L 208 -15.44 37.06 49.89
C LEU L 208 -16.16 36.25 50.97
N GLY L 209 -15.40 35.63 51.88
CA GLY L 209 -16.03 34.89 52.96
C GLY L 209 -16.77 35.79 53.92
N GLU L 210 -16.21 36.96 54.22
CA GLU L 210 -16.92 37.93 55.05
C GLU L 210 -18.22 38.36 54.41
N PHE L 211 -18.22 38.57 53.09
CA PHE L 211 -19.43 38.98 52.39
C PHE L 211 -20.51 37.91 52.45
N PHE L 212 -20.15 36.65 52.22
CA PHE L 212 -21.14 35.59 52.25
C PHE L 212 -21.56 35.22 53.67
N ASP L 213 -20.73 35.50 54.67
CA ASP L 213 -21.19 35.41 56.05
C ASP L 213 -22.33 36.38 56.31
N ILE L 214 -22.24 37.58 55.72
CA ILE L 214 -23.33 38.54 55.80
C ILE L 214 -24.54 38.04 55.02
N VAL L 215 -24.30 37.45 53.84
CA VAL L 215 -25.40 36.93 53.03
C VAL L 215 -26.11 35.78 53.74
N SER L 216 -25.34 34.80 54.24
CA SER L 216 -25.93 33.76 55.05
C SER L 216 -26.53 34.32 56.33
N GLY L 217 -25.94 35.39 56.87
CA GLY L 217 -26.46 35.96 58.10
C GLY L 217 -27.82 36.63 57.92
N ALA L 218 -28.03 37.24 56.76
CA ALA L 218 -29.37 37.76 56.45
C ALA L 218 -30.36 36.67 56.10
N GLY L 219 -29.92 35.42 56.00
CA GLY L 219 -30.82 34.33 55.69
C GLY L 219 -30.97 34.00 54.23
N PHE L 220 -29.94 34.25 53.42
CA PHE L 220 -30.00 33.99 51.99
C PHE L 220 -29.28 32.69 51.63
N HIS L 221 -29.87 31.94 50.71
CA HIS L 221 -29.17 30.86 50.03
C HIS L 221 -28.53 31.42 48.77
N THR L 222 -27.24 31.13 48.58
CA THR L 222 -26.53 31.56 47.38
C THR L 222 -26.72 30.52 46.29
N LEU L 223 -27.33 30.94 45.18
CA LEU L 223 -27.59 30.04 44.05
C LEU L 223 -26.58 30.17 42.93
N SER L 224 -25.93 31.33 42.80
CA SER L 224 -25.00 31.52 41.69
C SER L 224 -24.09 32.69 41.99
N LEU L 225 -22.88 32.63 41.43
CA LEU L 225 -21.95 33.73 41.41
C LEU L 225 -21.19 33.69 40.09
N LYS L 226 -20.89 34.87 39.56
CA LYS L 226 -20.18 34.94 38.28
C LYS L 226 -19.30 36.18 38.25
N ASP L 227 -18.01 35.99 37.94
CA ASP L 227 -17.10 37.12 37.92
C ASP L 227 -17.42 38.03 36.75
N LEU L 228 -17.51 39.33 37.03
CA LEU L 228 -17.64 40.37 36.01
C LEU L 228 -16.58 41.44 36.21
N SER L 229 -15.40 41.05 36.68
CA SER L 229 -14.38 42.03 37.04
C SER L 229 -13.78 42.70 35.81
N ALA L 230 -13.68 41.99 34.68
CA ALA L 230 -13.16 42.61 33.47
C ALA L 230 -14.10 43.70 32.97
N ASN L 231 -15.40 43.59 33.24
CA ASN L 231 -16.34 44.61 32.82
C ASN L 231 -16.21 45.87 33.68
N LEU L 232 -15.92 45.68 34.97
CA LEU L 232 -15.70 46.82 35.85
C LEU L 232 -14.37 47.50 35.55
N ALA L 233 -13.34 46.70 35.23
CA ALA L 233 -12.04 47.27 34.91
C ALA L 233 -12.12 48.12 33.64
N MET L 234 -12.87 47.65 32.64
CA MET L 234 -13.01 48.43 31.41
C MET L 234 -13.95 49.62 31.60
N THR L 235 -15.03 49.43 32.34
CA THR L 235 -15.93 50.55 32.63
C THR L 235 -15.18 51.66 33.34
N MET L 236 -14.33 51.31 34.31
CA MET L 236 -13.52 52.31 35.00
C MET L 236 -12.49 52.94 34.06
N ASN L 237 -12.05 52.18 33.05
CA ASN L 237 -11.14 52.75 32.05
C ASN L 237 -11.87 53.77 31.18
N VAL L 238 -13.11 53.47 30.80
CA VAL L 238 -13.89 54.41 29.98
C VAL L 238 -14.15 55.69 30.76
N PHE L 239 -14.45 55.56 32.06
CA PHE L 239 -14.69 56.73 32.89
C PHE L 239 -13.44 57.58 33.04
N ALA L 240 -12.27 56.93 33.21
CA ALA L 240 -11.04 57.68 33.37
C ALA L 240 -10.66 58.43 32.11
N LEU L 241 -10.79 57.79 30.95
CA LEU L 241 -10.48 58.45 29.68
C LEU L 241 -11.41 59.63 29.45
N GLY L 242 -12.67 59.52 29.85
CA GLY L 242 -13.59 60.64 29.68
C GLY L 242 -13.24 61.82 30.56
N VAL L 243 -12.80 61.55 31.79
CA VAL L 243 -12.38 62.63 32.67
C VAL L 243 -11.08 63.24 32.20
N TYR L 244 -10.17 62.41 31.70
CA TYR L 244 -8.87 62.92 31.25
C TYR L 244 -9.01 63.79 30.00
N SER L 245 -9.91 63.41 29.09
CA SER L 245 -10.05 64.11 27.83
C SER L 245 -10.99 65.30 27.89
N ARG L 246 -11.82 65.41 28.94
CA ARG L 246 -12.79 66.49 29.07
C ARG L 246 -12.65 67.18 30.42
N ARG L 247 -11.43 67.61 30.75
CA ARG L 247 -11.21 68.28 32.02
C ARG L 247 -11.88 69.64 32.06
N ALA L 248 -11.74 70.42 30.98
CA ALA L 248 -12.29 71.77 30.97
C ALA L 248 -13.82 71.74 31.07
N GLU L 249 -14.46 70.78 30.40
CA GLU L 249 -15.92 70.69 30.47
C GLU L 249 -16.39 70.34 31.87
N PHE L 250 -15.75 69.36 32.51
CA PHE L 250 -16.19 68.91 33.82
C PHE L 250 -15.82 69.90 34.91
N THR L 251 -14.73 70.65 34.75
CA THR L 251 -14.40 71.69 35.70
C THR L 251 -15.42 72.83 35.65
N GLU L 252 -15.98 73.09 34.47
CA GLU L 252 -17.06 74.07 34.35
C GLU L 252 -18.42 73.50 34.71
N ARG L 253 -18.53 72.18 34.80
CA ARG L 253 -19.78 71.50 35.13
C ARG L 253 -19.89 71.16 36.61
N PHE L 254 -18.81 70.67 37.22
CA PHE L 254 -18.84 70.24 38.62
C PHE L 254 -17.80 70.94 39.47
N GLY L 255 -17.10 71.94 38.93
CA GLY L 255 -16.07 72.63 39.66
C GLY L 255 -14.69 72.00 39.50
N ALA L 256 -13.67 72.79 39.80
CA ALA L 256 -12.30 72.31 39.66
C ALA L 256 -11.91 71.34 40.77
N GLU L 257 -12.48 71.50 41.96
CA GLU L 257 -12.10 70.63 43.08
C GLU L 257 -12.48 69.18 42.81
N PHE L 258 -13.69 68.94 42.31
CA PHE L 258 -14.14 67.57 42.07
C PHE L 258 -13.35 66.91 40.95
N VAL L 259 -13.01 67.67 39.91
CA VAL L 259 -12.28 67.09 38.79
C VAL L 259 -10.81 66.86 39.15
N ASP L 260 -10.19 67.83 39.83
CA ASP L 260 -8.81 67.65 40.26
C ASP L 260 -8.65 66.43 41.18
N GLY L 261 -9.66 66.16 42.01
CA GLY L 261 -9.61 64.97 42.84
C GLY L 261 -9.71 63.69 42.03
N LEU L 262 -10.52 63.70 40.96
CA LEU L 262 -10.59 62.55 40.07
C LEU L 262 -9.27 62.36 39.33
N LEU L 263 -8.74 63.44 38.75
CA LEU L 263 -7.49 63.35 38.01
C LEU L 263 -6.34 62.89 38.89
N ALA L 264 -6.41 63.13 40.19
CA ALA L 264 -5.37 62.75 41.12
C ALA L 264 -5.66 61.45 41.86
N GLY L 265 -6.80 60.81 41.59
CA GLY L 265 -7.15 59.60 42.30
C GLY L 265 -7.47 58.41 41.42
N LEU L 266 -7.82 58.65 40.15
CA LEU L 266 -8.24 57.56 39.27
C LEU L 266 -7.10 56.60 38.99
N GLY L 267 -5.88 57.12 38.81
CA GLY L 267 -4.74 56.26 38.53
C GLY L 267 -4.48 55.26 39.64
N SER L 268 -4.45 55.75 40.88
CA SER L 268 -4.24 54.86 42.02
C SER L 268 -5.45 53.98 42.28
N ALA L 269 -6.65 54.47 41.97
CA ALA L 269 -7.86 53.67 42.18
C ALA L 269 -7.94 52.53 41.18
N GLN L 270 -7.52 52.78 39.93
CA GLN L 270 -7.52 51.72 38.93
C GLN L 270 -6.54 50.60 39.28
N GLU L 271 -5.37 50.98 39.81
CA GLU L 271 -4.38 49.96 40.17
C GLU L 271 -4.86 49.13 41.36
N THR L 272 -5.56 49.77 42.30
CA THR L 272 -6.17 49.01 43.39
C THR L 272 -7.29 48.13 42.89
N LEU L 273 -8.02 48.58 41.88
CA LEU L 273 -9.09 47.78 41.29
C LEU L 273 -8.54 46.56 40.56
N ILE L 274 -7.45 46.74 39.82
CA ILE L 274 -6.89 45.64 39.03
C ILE L 274 -6.26 44.59 39.93
N ARG L 275 -5.54 45.02 40.96
CA ARG L 275 -4.66 44.13 41.72
C ARG L 275 -5.25 43.61 43.02
N LYS L 276 -6.31 44.23 43.55
CA LYS L 276 -6.77 43.88 44.89
C LYS L 276 -8.26 43.64 45.01
N THR L 277 -9.04 43.80 43.94
CA THR L 277 -10.49 43.64 44.03
C THR L 277 -11.00 42.76 42.90
N ARG L 278 -12.17 42.16 43.14
CA ARG L 278 -12.93 41.46 42.12
C ARG L 278 -14.39 41.90 42.21
N PHE L 279 -15.10 41.74 41.11
CA PHE L 279 -16.47 42.22 40.96
C PHE L 279 -17.30 41.08 40.37
N PHE L 280 -18.43 40.78 40.99
CA PHE L 280 -19.20 39.61 40.61
C PHE L 280 -20.70 39.89 40.67
N MET L 281 -21.45 38.96 40.09
CA MET L 281 -22.91 38.96 40.15
C MET L 281 -23.37 37.67 40.82
N ALA L 282 -24.11 37.81 41.91
CA ALA L 282 -24.53 36.69 42.72
C ALA L 282 -26.05 36.64 42.83
N THR L 283 -26.62 35.45 42.66
CA THR L 283 -28.05 35.23 42.83
C THR L 283 -28.30 34.68 44.23
N LEU L 284 -28.99 35.47 45.05
CA LEU L 284 -29.36 35.08 46.40
C LEU L 284 -30.85 34.76 46.43
N ARG L 285 -31.21 33.68 47.13
CA ARG L 285 -32.59 33.25 47.25
C ARG L 285 -33.02 33.28 48.71
N LYS L 286 -34.10 34.00 48.98
CA LYS L 286 -34.78 33.85 50.26
C LYS L 286 -35.49 32.50 50.26
N PRO L 287 -35.17 31.61 51.20
CA PRO L 287 -35.75 30.27 51.14
C PRO L 287 -37.27 30.30 51.25
N ALA L 288 -37.92 29.36 50.57
CA ALA L 288 -39.36 29.19 50.65
C ALA L 288 -39.72 28.24 51.79
N VAL L 289 -41.01 28.22 52.13
CA VAL L 289 -41.50 27.35 53.19
C VAL L 289 -42.38 26.24 52.60
N GLN M 9 29.63 -31.04 -52.12
CA GLN M 9 29.65 -29.60 -52.32
C GLN M 9 29.15 -29.25 -53.72
N GLN M 10 28.63 -28.02 -53.87
CA GLN M 10 28.14 -27.50 -55.14
C GLN M 10 26.99 -28.35 -55.71
N GLN M 11 25.76 -28.07 -55.27
CA GLN M 11 24.60 -28.81 -55.75
C GLN M 11 24.15 -28.36 -57.14
N VAL M 12 24.72 -27.28 -57.68
CA VAL M 12 24.32 -26.73 -58.97
C VAL M 12 25.58 -26.29 -59.71
N THR M 13 25.41 -25.99 -61.00
CA THR M 13 26.46 -25.45 -61.84
C THR M 13 26.08 -24.05 -62.29
N ALA M 14 27.04 -23.36 -62.90
CA ALA M 14 26.81 -21.98 -63.34
C ALA M 14 25.71 -21.91 -64.39
N ASP M 15 25.68 -22.88 -65.31
CA ASP M 15 24.63 -22.88 -66.34
C ASP M 15 23.27 -23.18 -65.74
N GLU M 16 23.21 -24.06 -64.74
CA GLU M 16 21.93 -24.39 -64.12
C GLU M 16 21.34 -23.19 -63.38
N VAL M 17 22.19 -22.43 -62.68
CA VAL M 17 21.72 -21.23 -62.01
C VAL M 17 21.31 -20.16 -63.02
N GLY M 18 22.10 -20.03 -64.11
CA GLY M 18 21.74 -19.08 -65.14
C GLY M 18 20.42 -19.41 -65.80
N ASP M 19 20.18 -20.70 -66.07
CA ASP M 19 18.90 -21.11 -66.64
C ASP M 19 17.76 -20.92 -65.65
N TRP M 20 18.06 -20.93 -64.35
CA TRP M 20 17.03 -20.72 -63.35
C TRP M 20 16.63 -19.25 -63.27
N TYR M 21 17.60 -18.35 -63.27
CA TYR M 21 17.28 -16.93 -63.22
C TYR M 21 16.80 -16.37 -64.57
N ASP M 22 16.95 -17.14 -65.66
CA ASP M 22 16.30 -16.73 -66.90
C ASP M 22 14.80 -17.02 -66.85
N LYS M 23 14.38 -18.05 -66.11
CA LYS M 23 12.99 -18.51 -66.10
C LYS M 23 12.18 -18.06 -64.89
N PHE M 24 12.81 -17.90 -63.71
CA PHE M 24 12.11 -17.53 -62.48
C PHE M 24 12.71 -16.30 -61.80
N GLY M 25 13.60 -15.56 -62.45
CA GLY M 25 14.24 -14.42 -61.84
C GLY M 25 13.32 -13.23 -61.62
N GLU M 26 12.16 -13.22 -62.29
CA GLU M 26 11.23 -12.11 -62.14
C GLU M 26 10.24 -12.31 -61.01
N VAL M 27 10.11 -13.54 -60.48
CA VAL M 27 9.23 -13.77 -59.34
C VAL M 27 9.76 -13.03 -58.12
N TYR M 28 11.06 -12.73 -58.08
CA TYR M 28 11.60 -11.90 -57.01
C TYR M 28 11.26 -10.43 -57.26
N HIS M 29 11.29 -9.99 -58.52
CA HIS M 29 10.91 -8.61 -58.81
C HIS M 29 9.42 -8.39 -58.62
N LEU M 30 8.61 -9.44 -58.78
CA LEU M 30 7.17 -9.31 -58.56
C LEU M 30 6.80 -9.27 -57.09
N THR M 31 7.61 -9.88 -56.23
CA THR M 31 7.28 -9.98 -54.81
C THR M 31 8.13 -9.08 -53.93
N LEU M 32 9.43 -8.96 -54.21
CA LEU M 32 10.35 -8.26 -53.32
C LEU M 32 10.73 -6.87 -53.79
N GLY M 33 10.58 -6.56 -55.07
CA GLY M 33 10.81 -5.20 -55.52
C GLY M 33 11.78 -5.18 -56.69
N GLU M 34 12.42 -4.02 -56.87
CA GLU M 34 13.16 -3.75 -58.09
C GLU M 34 14.56 -4.37 -58.12
N SER M 35 15.08 -4.84 -56.99
CA SER M 35 16.32 -5.59 -56.97
C SER M 35 16.03 -7.03 -56.56
N VAL M 36 17.10 -7.81 -56.34
CA VAL M 36 16.97 -9.20 -55.95
C VAL M 36 17.79 -9.45 -54.68
N HIS M 37 17.48 -8.71 -53.62
CA HIS M 37 18.11 -8.94 -52.32
C HIS M 37 17.11 -8.61 -51.22
N CYS M 38 17.56 -8.75 -49.97
CA CYS M 38 16.68 -8.55 -48.82
C CYS M 38 16.24 -7.09 -48.72
N GLY M 39 15.29 -6.86 -47.82
CA GLY M 39 14.93 -5.52 -47.41
C GLY M 39 15.58 -5.19 -46.08
N LEU M 40 15.87 -3.92 -45.87
CA LEU M 40 16.41 -3.45 -44.60
C LEU M 40 15.25 -3.10 -43.67
N TRP M 41 14.58 -4.15 -43.20
CA TRP M 41 13.38 -3.96 -42.38
C TRP M 41 13.71 -3.51 -40.96
N PHE M 42 14.95 -3.70 -40.51
CA PHE M 42 15.38 -3.29 -39.19
C PHE M 42 16.60 -2.39 -39.30
N PRO M 43 16.61 -1.23 -38.67
CA PRO M 43 17.75 -0.33 -38.81
C PRO M 43 19.00 -0.94 -38.22
N PRO M 44 20.18 -0.58 -38.72
CA PRO M 44 21.39 -1.27 -38.27
C PRO M 44 21.67 -1.16 -36.78
N ASP M 45 21.19 -0.11 -36.12
CA ASP M 45 21.41 0.01 -34.67
C ASP M 45 20.46 -0.85 -33.84
N ALA M 46 19.55 -1.59 -34.47
CA ALA M 46 18.60 -2.41 -33.74
C ALA M 46 19.28 -3.68 -33.24
N PRO M 47 18.95 -4.14 -32.04
CA PRO M 47 19.55 -5.38 -31.54
C PRO M 47 19.00 -6.60 -32.26
N VAL M 48 19.82 -7.64 -32.34
CA VAL M 48 19.38 -8.89 -32.94
C VAL M 48 18.32 -9.52 -32.04
N PRO M 49 17.16 -9.90 -32.58
CA PRO M 49 16.09 -10.41 -31.72
C PRO M 49 16.44 -11.75 -31.09
N GLN M 50 15.71 -12.08 -30.03
CA GLN M 50 15.88 -13.37 -29.37
C GLN M 50 15.47 -14.52 -30.29
N ASP M 51 14.32 -14.38 -30.95
CA ASP M 51 13.82 -15.35 -31.93
C ASP M 51 13.69 -14.70 -33.30
N MET M 52 13.65 -15.53 -34.33
N MET M 52 13.65 -15.55 -34.32
CA MET M 52 13.34 -15.09 -35.67
CA MET M 52 13.35 -15.14 -35.69
C MET M 52 11.87 -15.31 -36.03
C MET M 52 11.88 -15.34 -36.02
N GLU M 53 11.07 -15.76 -35.06
CA GLU M 53 9.65 -15.95 -35.29
C GLU M 53 9.00 -14.64 -35.71
N LEU M 54 7.98 -14.74 -36.56
CA LEU M 54 7.31 -13.54 -37.06
C LEU M 54 6.78 -12.68 -35.92
N VAL M 55 6.22 -13.32 -34.89
CA VAL M 55 5.69 -12.57 -33.76
C VAL M 55 6.79 -11.88 -32.99
N THR M 56 7.97 -12.50 -32.90
CA THR M 56 9.07 -11.90 -32.16
C THR M 56 9.58 -10.64 -32.86
N MET M 57 9.78 -10.73 -34.18
CA MET M 57 10.30 -9.59 -34.92
C MET M 57 9.29 -8.47 -35.00
N SER M 58 8.02 -8.81 -35.17
CA SER M 58 6.98 -7.79 -35.16
C SER M 58 6.90 -7.11 -33.80
N SER M 59 7.11 -7.89 -32.73
CA SER M 59 7.10 -7.31 -31.39
C SER M 59 8.22 -6.29 -31.22
N GLN M 60 9.39 -6.56 -31.79
CA GLN M 60 10.46 -5.58 -31.73
C GLN M 60 10.13 -4.35 -32.54
N ALA M 61 9.41 -4.52 -33.65
CA ALA M 61 8.94 -3.39 -34.43
C ALA M 61 7.87 -2.61 -33.69
N GLN M 62 7.07 -3.29 -32.86
CA GLN M 62 6.09 -2.59 -32.03
C GLN M 62 6.76 -1.74 -30.97
N ASP M 63 7.86 -2.22 -30.38
CA ASP M 63 8.52 -1.47 -29.33
C ASP M 63 9.25 -0.25 -29.89
N ARG M 64 9.90 -0.41 -31.05
CA ARG M 64 10.54 0.73 -31.70
C ARG M 64 9.51 1.76 -32.12
N TYR M 65 8.31 1.30 -32.46
CA TYR M 65 7.18 2.19 -32.67
C TYR M 65 6.85 2.96 -31.39
N THR M 66 6.82 2.25 -30.26
CA THR M 66 6.48 2.91 -29.00
C THR M 66 7.54 3.94 -28.61
N ASP M 67 8.82 3.61 -28.79
CA ASP M 67 9.87 4.58 -28.51
C ASP M 67 9.69 5.84 -29.36
N TYR M 68 9.25 5.67 -30.61
CA TYR M 68 9.04 6.83 -31.48
C TYR M 68 7.92 7.72 -30.94
N LEU M 69 6.78 7.12 -30.57
CA LEU M 69 5.68 7.92 -30.02
C LEU M 69 6.09 8.63 -28.73
N ILE M 70 6.80 7.92 -27.85
CA ILE M 70 7.27 8.55 -26.62
C ILE M 70 8.19 9.73 -26.94
N GLU M 71 9.07 9.55 -27.92
CA GLU M 71 9.97 10.62 -28.33
C GLU M 71 9.20 11.80 -28.93
N THR M 72 8.08 11.54 -29.61
CA THR M 72 7.37 12.60 -30.30
C THR M 72 6.49 13.42 -29.35
N LEU M 73 5.69 12.75 -28.52
CA LEU M 73 4.87 13.46 -27.54
C LEU M 73 5.71 14.05 -26.42
N ASP M 74 6.83 13.39 -26.08
CA ASP M 74 7.87 13.88 -25.18
C ASP M 74 7.33 14.20 -23.79
N PRO M 75 6.79 13.22 -23.07
CA PRO M 75 6.36 13.47 -21.68
C PRO M 75 7.56 13.72 -20.78
N LYS M 76 7.34 14.58 -19.79
CA LYS M 76 8.38 15.01 -18.86
C LYS M 76 8.22 14.32 -17.52
N ALA M 77 9.35 14.03 -16.88
CA ALA M 77 9.34 13.32 -15.61
C ALA M 77 8.47 14.04 -14.59
N GLY M 78 7.62 13.27 -13.91
CA GLY M 78 6.70 13.82 -12.96
C GLY M 78 5.29 14.01 -13.50
N GLN M 79 5.11 14.01 -14.81
CA GLN M 79 3.81 14.26 -15.39
C GLN M 79 2.94 13.00 -15.29
N HIS M 80 1.65 13.18 -15.57
CA HIS M 80 0.66 12.11 -15.51
C HIS M 80 -0.01 12.00 -16.88
N LEU M 81 0.20 10.90 -17.57
CA LEU M 81 -0.27 10.69 -18.93
C LEU M 81 -1.48 9.77 -18.95
N LEU M 82 -2.45 10.11 -19.79
CA LEU M 82 -3.67 9.32 -19.97
C LEU M 82 -3.56 8.51 -21.25
N ASP M 83 -3.62 7.20 -21.13
CA ASP M 83 -3.55 6.28 -22.28
C ASP M 83 -4.98 5.91 -22.63
N ILE M 84 -5.51 6.55 -23.68
CA ILE M 84 -6.90 6.41 -24.09
C ILE M 84 -7.01 5.17 -24.96
N GLY M 85 -7.45 4.05 -24.36
CA GLY M 85 -7.51 2.77 -25.06
C GLY M 85 -6.21 2.00 -24.92
N CYS M 86 -5.82 1.72 -23.68
CA CYS M 86 -4.45 1.31 -23.36
C CYS M 86 -4.12 -0.12 -23.76
N GLY M 87 -5.10 -0.93 -24.11
CA GLY M 87 -4.80 -2.33 -24.43
C GLY M 87 -4.33 -3.07 -23.20
N THR M 88 -3.18 -3.75 -23.33
CA THR M 88 -2.65 -4.57 -22.24
C THR M 88 -1.50 -3.92 -21.48
N GLY M 89 -1.19 -2.65 -21.74
CA GLY M 89 -0.37 -1.86 -20.85
C GLY M 89 1.09 -1.71 -21.22
N ARG M 90 1.61 -2.47 -22.19
CA ARG M 90 3.04 -2.41 -22.46
C ARG M 90 3.48 -1.02 -22.89
N THR M 91 2.66 -0.34 -23.71
CA THR M 91 3.00 1.02 -24.12
C THR M 91 3.05 1.96 -22.93
N ALA M 92 2.11 1.82 -22.00
CA ALA M 92 2.19 2.59 -20.76
C ALA M 92 3.40 2.18 -19.94
N LEU M 93 3.77 0.90 -19.99
CA LEU M 93 4.92 0.43 -19.23
C LEU M 93 6.20 1.08 -19.72
N LYS M 94 6.46 1.03 -21.03
CA LYS M 94 7.69 1.61 -21.57
C LYS M 94 7.75 3.11 -21.31
N ALA M 95 6.63 3.81 -21.45
CA ALA M 95 6.60 5.24 -21.20
C ALA M 95 6.98 5.55 -19.76
N ALA M 96 6.41 4.80 -18.81
CA ALA M 96 6.67 5.05 -17.40
C ALA M 96 8.13 4.82 -17.05
N ARG M 97 8.72 3.74 -17.57
CA ARG M 97 10.12 3.45 -17.27
C ARG M 97 11.05 4.44 -17.97
N GLN M 98 10.77 4.80 -19.22
CA GLN M 98 11.72 5.62 -19.96
C GLN M 98 11.66 7.08 -19.55
N ARG M 99 10.49 7.58 -19.14
CA ARG M 99 10.32 9.01 -18.90
C ARG M 99 10.05 9.36 -17.43
N GLY M 100 9.87 8.38 -16.56
CA GLY M 100 9.68 8.67 -15.15
C GLY M 100 8.35 9.32 -14.83
N ILE M 101 7.28 8.90 -15.50
CA ILE M 101 5.99 9.55 -15.39
C ILE M 101 4.97 8.55 -14.85
N ALA M 102 3.83 9.08 -14.42
CA ALA M 102 2.68 8.27 -14.09
C ALA M 102 1.80 8.11 -15.33
N VAL M 103 1.17 6.95 -15.46
CA VAL M 103 0.30 6.65 -16.58
C VAL M 103 -1.01 6.08 -16.04
N THR M 104 -2.13 6.60 -16.54
CA THR M 104 -3.44 6.01 -16.31
C THR M 104 -4.00 5.58 -17.66
N GLY M 105 -4.31 4.29 -17.78
CA GLY M 105 -4.81 3.76 -19.04
C GLY M 105 -6.19 3.16 -18.91
N VAL M 106 -7.10 3.53 -19.81
CA VAL M 106 -8.48 3.06 -19.77
C VAL M 106 -8.73 2.23 -21.02
N ALA M 107 -9.50 1.15 -20.86
CA ALA M 107 -9.92 0.32 -21.97
C ALA M 107 -11.25 -0.33 -21.59
N VAL M 108 -12.08 -0.60 -22.60
CA VAL M 108 -13.40 -1.15 -22.38
C VAL M 108 -13.39 -2.66 -22.17
N SER M 109 -12.23 -3.31 -22.31
CA SER M 109 -12.13 -4.75 -22.18
C SER M 109 -11.66 -5.13 -20.79
N LYS M 110 -12.44 -5.99 -20.11
CA LYS M 110 -12.07 -6.40 -18.77
C LYS M 110 -10.81 -7.26 -18.77
N GLU M 111 -10.62 -8.08 -19.81
CA GLU M 111 -9.45 -8.95 -19.86
C GLU M 111 -8.17 -8.16 -20.15
N GLN M 112 -8.27 -7.09 -20.95
CA GLN M 112 -7.08 -6.29 -21.21
C GLN M 112 -6.66 -5.51 -19.97
N ILE M 113 -7.63 -4.94 -19.25
CA ILE M 113 -7.30 -4.17 -18.05
C ILE M 113 -6.72 -5.08 -16.97
N ALA M 114 -7.31 -6.26 -16.78
CA ALA M 114 -6.75 -7.21 -15.84
C ALA M 114 -5.33 -7.60 -16.22
N ALA M 115 -5.10 -7.83 -17.51
CA ALA M 115 -3.76 -8.20 -17.97
C ALA M 115 -2.77 -7.05 -17.77
N ALA M 116 -3.24 -5.81 -17.90
CA ALA M 116 -2.35 -4.67 -17.70
C ALA M 116 -1.98 -4.51 -16.23
N ASN M 117 -2.95 -4.71 -15.34
CA ASN M 117 -2.66 -4.62 -13.91
C ASN M 117 -1.66 -5.68 -13.48
N ARG M 118 -1.78 -6.90 -14.02
CA ARG M 118 -0.79 -7.93 -13.75
C ARG M 118 0.57 -7.56 -14.31
N LEU M 119 0.60 -6.80 -15.41
CA LEU M 119 1.87 -6.33 -15.96
C LEU M 119 2.51 -5.31 -15.03
N ALA M 120 1.72 -4.33 -14.57
CA ALA M 120 2.26 -3.34 -13.63
C ALA M 120 2.68 -4.00 -12.32
N ALA M 121 1.96 -5.04 -11.89
CA ALA M 121 2.34 -5.74 -10.66
C ALA M 121 3.63 -6.51 -10.86
N GLY M 122 3.83 -7.11 -12.03
CA GLY M 122 5.04 -7.86 -12.31
C GLY M 122 6.28 -6.99 -12.47
N HIS M 123 6.10 -5.72 -12.83
CA HIS M 123 7.22 -4.79 -12.93
C HIS M 123 7.33 -3.85 -11.72
N GLY M 124 6.56 -4.11 -10.65
CA GLY M 124 6.63 -3.28 -9.47
C GLY M 124 6.30 -1.83 -9.69
N LEU M 125 5.42 -1.53 -10.65
CA LEU M 125 5.04 -0.16 -10.99
C LEU M 125 3.56 0.09 -10.75
N THR M 126 3.02 -0.46 -9.67
CA THR M 126 1.59 -0.34 -9.40
C THR M 126 1.19 1.06 -8.94
N GLU M 127 2.10 1.80 -8.28
CA GLU M 127 1.78 3.20 -7.94
C GLU M 127 1.86 4.12 -9.15
N ARG M 128 2.70 3.80 -10.14
CA ARG M 128 2.87 4.65 -11.31
C ARG M 128 2.01 4.23 -12.49
N LEU M 129 1.50 3.00 -12.50
CA LEU M 129 0.66 2.50 -13.57
C LEU M 129 -0.70 2.14 -12.98
N THR M 130 -1.76 2.74 -13.52
CA THR M 130 -3.12 2.52 -13.04
C THR M 130 -4.01 2.26 -14.26
N PHE M 131 -4.59 1.06 -14.31
CA PHE M 131 -5.41 0.63 -15.44
C PHE M 131 -6.84 0.38 -14.97
N GLU M 132 -7.80 0.98 -15.66
CA GLU M 132 -9.20 0.92 -15.28
C GLU M 132 -10.07 0.63 -16.49
N VAL M 133 -11.19 -0.02 -16.23
CA VAL M 133 -12.21 -0.27 -17.25
C VAL M 133 -13.11 0.96 -17.30
N ALA M 134 -13.01 1.72 -18.39
CA ALA M 134 -13.83 2.92 -18.54
C ALA M 134 -14.02 3.19 -20.03
N ASP M 135 -14.94 4.10 -20.33
CA ASP M 135 -15.24 4.51 -21.70
C ASP M 135 -14.57 5.83 -21.98
N ALA M 136 -13.78 5.87 -23.06
CA ALA M 136 -13.12 7.12 -23.45
C ALA M 136 -14.14 8.19 -23.80
N MET M 137 -15.31 7.79 -24.27
CA MET M 137 -16.38 8.73 -24.61
C MET M 137 -17.10 9.28 -23.38
N ARG M 138 -16.85 8.68 -22.20
CA ARG M 138 -17.36 9.18 -20.92
C ARG M 138 -16.29 8.86 -19.86
N LEU M 139 -15.24 9.68 -19.85
CA LEU M 139 -14.15 9.44 -18.92
C LEU M 139 -14.57 9.83 -17.50
N PRO M 140 -14.25 9.01 -16.49
CA PRO M 140 -14.65 9.32 -15.12
C PRO M 140 -13.78 10.35 -14.42
N TYR M 141 -12.77 10.88 -15.09
CA TYR M 141 -11.78 11.73 -14.45
C TYR M 141 -12.20 13.20 -14.52
N GLU M 142 -11.68 13.99 -13.57
CA GLU M 142 -12.03 15.39 -13.47
C GLU M 142 -11.42 16.19 -14.62
N ASP M 143 -11.85 17.45 -14.72
CA ASP M 143 -11.29 18.35 -15.70
C ASP M 143 -9.85 18.67 -15.36
N GLU M 144 -9.00 18.74 -16.40
CA GLU M 144 -7.59 19.13 -16.26
C GLU M 144 -6.88 18.23 -15.25
N SER M 145 -6.98 16.92 -15.46
CA SER M 145 -6.35 15.95 -14.59
C SER M 145 -4.99 15.47 -15.10
N PHE M 146 -4.76 15.52 -16.40
CA PHE M 146 -3.57 14.94 -17.00
C PHE M 146 -2.78 16.00 -17.77
N ASP M 147 -1.47 15.83 -17.80
CA ASP M 147 -0.60 16.77 -18.51
C ASP M 147 -0.58 16.49 -20.01
N CYS M 148 -0.75 15.23 -20.39
CA CYS M 148 -0.66 14.82 -21.78
C CYS M 148 -1.43 13.52 -21.92
N ALA M 149 -1.70 13.15 -23.17
CA ALA M 149 -2.43 11.91 -23.43
C ALA M 149 -2.11 11.43 -24.84
N TRP M 150 -2.44 10.16 -25.09
CA TRP M 150 -2.34 9.65 -26.45
C TRP M 150 -3.43 8.61 -26.68
N ALA M 151 -3.92 8.58 -27.90
CA ALA M 151 -4.91 7.60 -28.37
C ALA M 151 -4.23 6.84 -29.49
N ILE M 152 -3.61 5.72 -29.14
CA ILE M 152 -2.81 4.94 -30.08
C ILE M 152 -3.74 3.90 -30.71
N GLU M 153 -4.24 4.22 -31.91
CA GLU M 153 -5.03 3.28 -32.73
C GLU M 153 -6.25 2.76 -31.98
N SER M 154 -6.88 3.63 -31.21
CA SER M 154 -8.12 3.29 -30.51
C SER M 154 -9.30 4.15 -30.91
N LEU M 155 -9.08 5.29 -31.58
CA LEU M 155 -10.18 6.16 -31.96
C LEU M 155 -11.13 5.51 -32.96
N CYS M 156 -10.68 4.49 -33.69
CA CYS M 156 -11.55 3.85 -34.67
C CYS M 156 -12.72 3.12 -34.03
N HIS M 157 -12.60 2.74 -32.76
CA HIS M 157 -13.68 2.06 -32.05
C HIS M 157 -14.70 3.01 -31.43
N MET M 158 -14.44 4.31 -31.45
CA MET M 158 -15.22 5.27 -30.68
C MET M 158 -15.88 6.29 -31.60
N ASP M 159 -16.82 7.03 -31.00
CA ASP M 159 -17.27 8.28 -31.59
C ASP M 159 -16.17 9.32 -31.40
N ARG M 160 -15.53 9.71 -32.50
CA ARG M 160 -14.35 10.56 -32.40
C ARG M 160 -14.68 11.92 -31.80
N ALA M 161 -15.87 12.45 -32.06
CA ALA M 161 -16.25 13.74 -31.49
C ALA M 161 -16.31 13.67 -29.97
N LYS M 162 -16.96 12.62 -29.44
CA LYS M 162 -17.10 12.51 -27.99
C LYS M 162 -15.77 12.24 -27.31
N ALA M 163 -14.97 11.33 -27.87
CA ALA M 163 -13.69 10.99 -27.24
C ALA M 163 -12.74 12.18 -27.26
N LEU M 164 -12.58 12.83 -28.41
CA LEU M 164 -11.67 13.98 -28.49
C LEU M 164 -12.11 15.09 -27.55
N GLY M 165 -13.42 15.35 -27.46
CA GLY M 165 -13.90 16.35 -26.53
C GLY M 165 -13.71 15.92 -25.09
N GLU M 166 -13.88 14.63 -24.81
CA GLU M 166 -13.62 14.13 -23.46
C GLU M 166 -12.13 14.10 -23.16
N ALA M 167 -11.29 13.97 -24.20
CA ALA M 167 -9.85 14.08 -24.00
C ALA M 167 -9.45 15.53 -23.75
N TRP M 168 -10.10 16.46 -24.44
CA TRP M 168 -9.83 17.88 -24.24
C TRP M 168 -10.24 18.33 -22.85
N ARG M 169 -11.26 17.69 -22.27
CA ARG M 169 -11.73 18.08 -20.94
C ARG M 169 -10.78 17.66 -19.84
N VAL M 170 -10.21 16.45 -19.94
CA VAL M 170 -9.34 15.94 -18.89
C VAL M 170 -7.89 16.39 -19.05
N LEU M 171 -7.58 17.13 -20.13
CA LEU M 171 -6.23 17.64 -20.34
C LEU M 171 -6.07 19.00 -19.68
N LYS M 172 -4.95 19.18 -18.99
CA LYS M 172 -4.59 20.51 -18.52
C LYS M 172 -4.33 21.44 -19.70
N PRO M 173 -4.71 22.71 -19.61
CA PRO M 173 -4.43 23.64 -20.71
C PRO M 173 -2.94 23.72 -20.98
N GLY M 174 -2.58 23.63 -22.25
CA GLY M 174 -1.19 23.62 -22.67
C GLY M 174 -0.64 22.24 -22.95
N GLY M 175 -1.40 21.18 -22.66
CA GLY M 175 -0.93 19.84 -22.89
C GLY M 175 -1.30 19.31 -24.26
N ASP M 176 -0.70 18.18 -24.60
CA ASP M 176 -0.80 17.63 -25.94
C ASP M 176 -1.47 16.26 -25.93
N LEU M 177 -2.16 15.97 -27.02
CA LEU M 177 -2.78 14.67 -27.28
C LEU M 177 -2.14 14.08 -28.52
N LEU M 178 -1.51 12.91 -28.37
CA LEU M 178 -0.94 12.21 -29.50
C LEU M 178 -2.00 11.27 -30.07
N VAL M 179 -2.25 11.39 -31.36
CA VAL M 179 -3.32 10.66 -32.02
C VAL M 179 -2.73 9.88 -33.18
N LEU M 180 -3.02 8.58 -33.22
CA LEU M 180 -2.73 7.74 -34.37
C LEU M 180 -4.08 7.31 -34.94
N GLU M 181 -4.47 7.92 -36.05
CA GLU M 181 -5.81 7.76 -36.62
C GLU M 181 -5.70 7.44 -38.11
N SER M 182 -6.71 6.75 -38.62
CA SER M 182 -6.85 6.51 -40.05
C SER M 182 -7.87 7.47 -40.66
N VAL M 183 -7.71 7.72 -41.95
CA VAL M 183 -8.55 8.65 -42.69
C VAL M 183 -8.78 8.11 -44.09
N VAL M 184 -10.02 8.21 -44.58
CA VAL M 184 -10.34 7.74 -45.92
C VAL M 184 -9.94 8.78 -46.95
N THR M 185 -9.48 8.31 -48.11
CA THR M 185 -9.25 9.18 -49.26
C THR M 185 -10.28 9.00 -50.36
N GLU M 186 -11.04 7.89 -50.35
CA GLU M 186 -12.10 7.62 -51.30
C GLU M 186 -13.45 7.76 -50.59
N GLU M 187 -14.43 6.96 -51.01
CA GLU M 187 -15.77 7.04 -50.48
C GLU M 187 -16.24 5.80 -49.74
N LEU M 188 -15.60 4.65 -49.98
CA LEU M 188 -15.92 3.37 -49.34
C LEU M 188 -17.28 2.82 -49.76
N THR M 189 -17.27 1.67 -50.41
CA THR M 189 -18.51 0.99 -50.73
C THR M 189 -19.17 0.44 -49.46
N GLU M 190 -20.45 0.11 -49.57
CA GLU M 190 -21.18 -0.42 -48.42
C GLU M 190 -20.62 -1.74 -47.91
N PRO M 191 -20.21 -2.70 -48.76
CA PRO M 191 -19.53 -3.89 -48.20
C PRO M 191 -18.22 -3.56 -47.51
N GLU M 192 -17.49 -2.55 -48.00
CA GLU M 192 -16.24 -2.17 -47.35
C GLU M 192 -16.48 -1.63 -45.94
N THR M 193 -17.55 -0.84 -45.78
CA THR M 193 -17.87 -0.32 -44.46
C THR M 193 -18.29 -1.42 -43.50
N ALA M 194 -18.94 -2.47 -44.01
CA ALA M 194 -19.37 -3.57 -43.16
C ALA M 194 -18.18 -4.41 -42.69
N LEU M 195 -17.11 -4.45 -43.47
CA LEU M 195 -15.94 -5.22 -43.07
C LEU M 195 -15.26 -4.61 -41.85
N PHE M 196 -15.37 -3.30 -41.67
CA PHE M 196 -14.79 -2.68 -40.47
C PHE M 196 -15.47 -3.20 -39.21
N GLU M 197 -16.79 -3.33 -39.23
CA GLU M 197 -17.50 -3.83 -38.06
C GLU M 197 -17.27 -5.32 -37.87
N THR M 198 -17.34 -6.10 -38.94
CA THR M 198 -17.30 -7.56 -38.79
C THR M 198 -15.89 -8.09 -38.52
N LEU M 199 -14.87 -7.48 -39.10
CA LEU M 199 -13.49 -7.93 -38.87
C LEU M 199 -12.87 -7.31 -37.63
N TYR M 200 -12.93 -5.98 -37.52
CA TYR M 200 -12.23 -5.25 -36.47
C TYR M 200 -13.13 -4.69 -35.39
N ALA M 201 -14.45 -4.70 -35.59
CA ALA M 201 -15.39 -4.10 -34.64
C ALA M 201 -15.04 -2.64 -34.39
N ALA M 202 -14.95 -1.89 -35.49
CA ALA M 202 -14.62 -0.47 -35.46
C ALA M 202 -15.51 0.29 -36.42
N ASN M 203 -15.52 1.60 -36.28
CA ASN M 203 -16.25 2.48 -37.18
C ASN M 203 -15.39 2.81 -38.40
N VAL M 204 -16.06 3.21 -39.48
CA VAL M 204 -15.32 3.59 -40.70
C VAL M 204 -14.54 4.86 -40.42
N PRO M 205 -13.31 4.99 -40.93
CA PRO M 205 -12.54 6.20 -40.66
C PRO M 205 -13.14 7.40 -41.36
N PRO M 206 -13.05 8.59 -40.76
CA PRO M 206 -13.66 9.77 -41.35
C PRO M 206 -12.74 10.33 -42.45
N ARG M 207 -13.21 11.42 -43.07
CA ARG M 207 -12.37 12.10 -44.05
C ARG M 207 -11.40 13.05 -43.36
N LEU M 208 -10.34 13.39 -44.08
CA LEU M 208 -9.27 14.22 -43.52
C LEU M 208 -9.82 15.56 -43.03
N GLY M 209 -10.43 16.33 -43.93
CA GLY M 209 -11.03 17.58 -43.52
C GLY M 209 -12.13 17.37 -42.50
N GLU M 210 -12.87 16.28 -42.62
CA GLU M 210 -13.89 15.96 -41.64
C GLU M 210 -13.27 15.65 -40.28
N PHE M 211 -12.15 14.93 -40.27
CA PHE M 211 -11.50 14.61 -39.00
C PHE M 211 -11.03 15.87 -38.28
N PHE M 212 -10.44 16.81 -39.01
CA PHE M 212 -9.92 18.01 -38.37
C PHE M 212 -11.03 19.00 -38.02
N ASP M 213 -12.16 18.96 -38.72
CA ASP M 213 -13.33 19.70 -38.25
C ASP M 213 -13.74 19.22 -36.87
N ILE M 214 -13.58 17.91 -36.62
CA ILE M 214 -13.86 17.37 -35.29
C ILE M 214 -12.77 17.78 -34.30
N VAL M 215 -11.50 17.78 -34.75
CA VAL M 215 -10.40 18.19 -33.88
C VAL M 215 -10.53 19.67 -33.49
N SER M 216 -10.80 20.54 -34.47
CA SER M 216 -11.05 21.94 -34.15
C SER M 216 -12.29 22.10 -33.29
N GLY M 217 -13.36 21.35 -33.60
CA GLY M 217 -14.56 21.42 -32.80
C GLY M 217 -14.35 21.02 -31.36
N ALA M 218 -13.41 20.11 -31.11
CA ALA M 218 -13.08 19.70 -29.75
C ALA M 218 -12.22 20.72 -29.02
N GLY M 219 -11.76 21.76 -29.70
CA GLY M 219 -10.94 22.78 -29.07
C GLY M 219 -9.44 22.58 -29.21
N PHE M 220 -9.01 21.62 -30.02
CA PHE M 220 -7.59 21.35 -30.20
C PHE M 220 -7.00 22.16 -31.35
N HIS M 221 -5.74 22.56 -31.18
CA HIS M 221 -4.92 23.04 -32.28
C HIS M 221 -4.08 21.89 -32.80
N THR M 222 -3.83 21.91 -34.11
CA THR M 222 -3.05 20.87 -34.76
C THR M 222 -1.63 21.37 -34.94
N LEU M 223 -0.68 20.70 -34.28
CA LEU M 223 0.71 21.09 -34.34
C LEU M 223 1.51 20.29 -35.34
N SER M 224 1.13 19.04 -35.61
CA SER M 224 1.90 18.24 -36.53
C SER M 224 1.05 17.09 -37.03
N LEU M 225 1.36 16.63 -38.23
CA LEU M 225 0.84 15.39 -38.78
C LEU M 225 1.96 14.72 -39.55
N LYS M 226 2.06 13.39 -39.43
CA LYS M 226 3.07 12.64 -40.14
C LYS M 226 2.47 11.33 -40.63
N ASP M 227 2.68 11.01 -41.90
CA ASP M 227 2.04 9.85 -42.50
C ASP M 227 2.79 8.58 -42.13
N LEU M 228 2.07 7.56 -41.66
CA LEU M 228 2.66 6.28 -41.32
C LEU M 228 1.94 5.13 -42.00
N SER M 229 1.25 5.41 -43.12
CA SER M 229 0.42 4.41 -43.77
C SER M 229 1.23 3.18 -44.18
N ALA M 230 2.50 3.36 -44.56
CA ALA M 230 3.32 2.22 -44.91
C ALA M 230 3.50 1.28 -43.72
N ASN M 231 3.59 1.84 -42.51
CA ASN M 231 3.74 1.01 -41.32
C ASN M 231 2.47 0.22 -41.03
N LEU M 232 1.30 0.84 -41.23
CA LEU M 232 0.05 0.12 -41.03
C LEU M 232 -0.14 -0.97 -42.07
N ALA M 233 0.27 -0.72 -43.32
CA ALA M 233 0.11 -1.74 -44.35
C ALA M 233 1.02 -2.93 -44.09
N MET M 234 2.26 -2.68 -43.67
CA MET M 234 3.16 -3.78 -43.35
C MET M 234 2.67 -4.54 -42.13
N THR M 235 2.16 -3.84 -41.12
CA THR M 235 1.57 -4.53 -39.98
C THR M 235 0.41 -5.43 -40.41
N MET M 236 -0.46 -4.92 -41.30
CA MET M 236 -1.57 -5.72 -41.78
C MET M 236 -1.10 -6.98 -42.50
N ASN M 237 -0.05 -6.86 -43.33
CA ASN M 237 0.49 -8.01 -44.01
C ASN M 237 1.04 -9.05 -43.02
N VAL M 238 1.74 -8.58 -41.98
CA VAL M 238 2.21 -9.50 -40.94
C VAL M 238 1.04 -10.19 -40.27
N PHE M 239 -0.05 -9.47 -40.03
CA PHE M 239 -1.22 -10.06 -39.40
C PHE M 239 -1.87 -11.10 -40.31
N ALA M 240 -2.06 -10.76 -41.58
CA ALA M 240 -2.69 -11.68 -42.50
C ALA M 240 -1.86 -12.95 -42.69
N LEU M 241 -0.54 -12.79 -42.79
CA LEU M 241 0.33 -13.95 -42.97
C LEU M 241 0.27 -14.87 -41.76
N GLY M 242 0.22 -14.29 -40.56
CA GLY M 242 0.11 -15.11 -39.36
C GLY M 242 -1.20 -15.88 -39.30
N VAL M 243 -2.31 -15.24 -39.68
CA VAL M 243 -3.60 -15.92 -39.69
C VAL M 243 -3.62 -17.00 -40.77
N TYR M 244 -3.12 -16.68 -41.97
CA TYR M 244 -3.07 -17.67 -43.05
C TYR M 244 -2.32 -18.92 -42.60
N SER M 245 -1.06 -18.74 -42.19
CA SER M 245 -0.20 -19.87 -41.89
C SER M 245 -0.58 -20.61 -40.62
N ARG M 246 -1.54 -20.11 -39.85
CA ARG M 246 -1.87 -20.70 -38.55
C ARG M 246 -3.39 -20.80 -38.38
N ARG M 247 -4.08 -21.32 -39.40
CA ARG M 247 -5.53 -21.43 -39.34
C ARG M 247 -5.97 -22.41 -38.25
N ALA M 248 -5.34 -23.58 -38.21
CA ALA M 248 -5.78 -24.62 -37.27
C ALA M 248 -5.59 -24.16 -35.82
N GLU M 249 -4.42 -23.58 -35.51
CA GLU M 249 -4.18 -23.12 -34.15
C GLU M 249 -5.20 -22.08 -33.72
N PHE M 250 -5.52 -21.13 -34.61
CA PHE M 250 -6.44 -20.07 -34.25
C PHE M 250 -7.89 -20.54 -34.23
N THR M 251 -8.25 -21.53 -35.06
CA THR M 251 -9.60 -22.10 -34.97
C THR M 251 -9.81 -22.81 -33.65
N GLU M 252 -8.79 -23.56 -33.18
CA GLU M 252 -8.87 -24.20 -31.87
C GLU M 252 -8.82 -23.19 -30.74
N ARG M 253 -8.36 -21.97 -31.02
CA ARG M 253 -8.20 -20.93 -30.00
C ARG M 253 -9.41 -20.01 -29.91
N PHE M 254 -9.90 -19.54 -31.06
CA PHE M 254 -10.99 -18.57 -31.11
C PHE M 254 -12.24 -19.09 -31.81
N GLY M 255 -12.27 -20.34 -32.22
CA GLY M 255 -13.42 -20.85 -32.95
C GLY M 255 -13.26 -20.71 -34.45
N ALA M 256 -13.93 -21.61 -35.18
CA ALA M 256 -13.81 -21.61 -36.63
C ALA M 256 -14.54 -20.43 -37.27
N GLU M 257 -15.62 -19.96 -36.63
CA GLU M 257 -16.37 -18.83 -37.19
C GLU M 257 -15.51 -17.56 -37.21
N PHE M 258 -14.76 -17.30 -36.14
CA PHE M 258 -13.92 -16.12 -36.08
C PHE M 258 -12.80 -16.19 -37.12
N VAL M 259 -12.15 -17.35 -37.25
CA VAL M 259 -11.00 -17.47 -38.14
C VAL M 259 -11.44 -17.40 -39.59
N ASP M 260 -12.49 -18.15 -39.94
CA ASP M 260 -12.97 -18.12 -41.32
C ASP M 260 -13.42 -16.73 -41.74
N GLY M 261 -13.94 -15.94 -40.80
CA GLY M 261 -14.28 -14.57 -41.12
C GLY M 261 -13.06 -13.73 -41.47
N LEU M 262 -11.99 -13.87 -40.69
CA LEU M 262 -10.73 -13.24 -41.06
C LEU M 262 -10.23 -13.76 -42.40
N LEU M 263 -10.18 -15.08 -42.56
CA LEU M 263 -9.71 -15.68 -43.81
C LEU M 263 -10.50 -15.20 -45.01
N ALA M 264 -11.77 -14.87 -44.82
CA ALA M 264 -12.62 -14.41 -45.91
C ALA M 264 -12.62 -12.90 -46.08
N GLY M 265 -12.07 -12.14 -45.12
CA GLY M 265 -12.16 -10.70 -45.19
C GLY M 265 -10.85 -9.95 -45.21
N LEU M 266 -9.74 -10.63 -44.90
CA LEU M 266 -8.45 -9.94 -44.81
C LEU M 266 -7.96 -9.47 -46.18
N GLY M 267 -8.25 -10.22 -47.24
CA GLY M 267 -7.79 -9.80 -48.56
C GLY M 267 -8.46 -8.51 -49.01
N SER M 268 -9.78 -8.46 -48.92
CA SER M 268 -10.49 -7.25 -49.33
C SER M 268 -10.16 -6.08 -48.41
N ALA M 269 -10.04 -6.34 -47.11
CA ALA M 269 -9.68 -5.27 -46.18
C ALA M 269 -8.32 -4.68 -46.50
N GLN M 270 -7.37 -5.53 -46.92
N GLN M 270 -7.37 -5.53 -46.92
CA GLN M 270 -6.04 -5.04 -47.28
CA GLN M 270 -6.05 -5.04 -47.28
C GLN M 270 -6.12 -4.12 -48.50
C GLN M 270 -6.11 -4.12 -48.50
N GLU M 271 -6.87 -4.52 -49.52
CA GLU M 271 -6.97 -3.70 -50.73
C GLU M 271 -7.64 -2.37 -50.43
N THR M 272 -8.68 -2.38 -49.58
CA THR M 272 -9.31 -1.14 -49.17
C THR M 272 -8.33 -0.26 -48.41
N LEU M 273 -7.54 -0.86 -47.53
CA LEU M 273 -6.53 -0.11 -46.79
C LEU M 273 -5.49 0.49 -47.72
N ILE M 274 -5.00 -0.30 -48.67
CA ILE M 274 -3.96 0.15 -49.59
C ILE M 274 -4.47 1.30 -50.45
N ARG M 275 -5.71 1.21 -50.94
CA ARG M 275 -6.16 2.10 -52.00
C ARG M 275 -7.02 3.26 -51.51
N LYS M 276 -7.68 3.14 -50.36
CA LYS M 276 -8.65 4.15 -49.95
C LYS M 276 -8.34 4.85 -48.63
N THR M 277 -7.42 4.34 -47.82
CA THR M 277 -7.19 4.90 -46.49
C THR M 277 -5.75 5.35 -46.32
N ARG M 278 -5.55 6.30 -45.42
CA ARG M 278 -4.24 6.73 -44.97
C ARG M 278 -4.20 6.75 -43.45
N PHE M 279 -3.01 6.54 -42.91
CA PHE M 279 -2.80 6.41 -41.46
C PHE M 279 -1.68 7.35 -41.04
N PHE M 280 -1.93 8.16 -40.02
CA PHE M 280 -0.99 9.21 -39.65
C PHE M 280 -0.89 9.36 -38.14
N MET M 281 0.16 10.06 -37.72
CA MET M 281 0.36 10.46 -36.34
C MET M 281 0.17 11.97 -36.25
N ALA M 282 -0.65 12.43 -35.31
CA ALA M 282 -0.97 13.84 -35.18
C ALA M 282 -0.81 14.29 -33.73
N THR M 283 -0.23 15.47 -33.55
CA THR M 283 -0.05 16.09 -32.23
C THR M 283 -1.04 17.23 -32.09
N LEU M 284 -2.01 17.07 -31.20
CA LEU M 284 -3.02 18.08 -30.93
C LEU M 284 -2.72 18.75 -29.60
N ARG M 285 -2.79 20.08 -29.56
CA ARG M 285 -2.54 20.82 -28.33
C ARG M 285 -3.83 21.44 -27.83
N LYS M 286 -4.08 21.30 -26.54
CA LYS M 286 -5.11 22.10 -25.88
C LYS M 286 -4.51 23.47 -25.57
N PRO M 287 -5.06 24.55 -26.12
CA PRO M 287 -4.42 25.86 -25.96
C PRO M 287 -4.24 26.24 -24.49
N ALA M 288 -3.13 26.90 -24.22
CA ALA M 288 -2.77 27.31 -22.86
C ALA M 288 -3.59 28.54 -22.44
N VAL M 289 -3.17 29.16 -21.34
CA VAL M 289 -3.81 30.35 -20.79
C VAL M 289 -5.28 30.09 -20.46
N GLN N 9 -23.88 6.54 -37.70
CA GLN N 9 -22.75 6.90 -36.85
C GLN N 9 -22.56 5.88 -35.74
N GLN N 10 -21.29 5.55 -35.45
CA GLN N 10 -20.91 4.61 -34.41
C GLN N 10 -21.54 3.23 -34.63
N GLN N 11 -20.80 2.35 -35.31
CA GLN N 11 -21.30 1.00 -35.58
C GLN N 11 -21.22 0.07 -34.38
N VAL N 12 -20.49 0.45 -33.33
CA VAL N 12 -20.29 -0.39 -32.17
C VAL N 12 -20.50 0.44 -30.91
N THR N 13 -20.70 -0.24 -29.80
CA THR N 13 -20.78 0.39 -28.49
C THR N 13 -19.51 0.11 -27.70
N ALA N 14 -19.42 0.74 -26.53
CA ALA N 14 -18.29 0.49 -25.64
C ALA N 14 -18.30 -0.94 -25.12
N ASP N 15 -19.48 -1.43 -24.71
CA ASP N 15 -19.57 -2.80 -24.21
C ASP N 15 -19.25 -3.82 -25.29
N GLU N 16 -19.62 -3.53 -26.55
CA GLU N 16 -19.40 -4.49 -27.63
C GLU N 16 -17.92 -4.64 -27.95
N VAL N 17 -17.21 -3.52 -28.07
CA VAL N 17 -15.77 -3.57 -28.29
C VAL N 17 -15.08 -4.28 -27.13
N GLY N 18 -15.48 -3.98 -25.90
CA GLY N 18 -14.87 -4.62 -24.76
C GLY N 18 -15.06 -6.13 -24.77
N ASP N 19 -16.28 -6.58 -25.07
CA ASP N 19 -16.51 -8.02 -25.22
C ASP N 19 -15.69 -8.59 -26.36
N TRP N 20 -15.42 -7.79 -27.39
CA TRP N 20 -14.62 -8.25 -28.52
C TRP N 20 -13.19 -8.57 -28.10
N TYR N 21 -12.51 -7.62 -27.47
CA TYR N 21 -11.13 -7.82 -27.06
C TYR N 21 -11.02 -8.85 -25.94
N ASP N 22 -12.05 -8.98 -25.10
CA ASP N 22 -12.03 -10.00 -24.07
C ASP N 22 -11.92 -11.39 -24.68
N LYS N 23 -12.45 -11.57 -25.89
CA LYS N 23 -12.49 -12.86 -26.56
C LYS N 23 -11.41 -13.05 -27.60
N PHE N 24 -11.05 -11.99 -28.34
CA PHE N 24 -10.10 -12.11 -29.44
C PHE N 24 -8.90 -11.18 -29.31
N GLY N 25 -8.76 -10.46 -28.19
CA GLY N 25 -7.65 -9.55 -28.05
C GLY N 25 -6.30 -10.23 -28.18
N GLU N 26 -6.21 -11.51 -27.82
CA GLU N 26 -4.94 -12.20 -27.85
C GLU N 26 -4.53 -12.64 -29.25
N VAL N 27 -5.42 -12.54 -30.25
CA VAL N 27 -5.00 -12.87 -31.61
C VAL N 27 -4.01 -11.82 -32.11
N TYR N 28 -4.11 -10.57 -31.61
CA TYR N 28 -3.12 -9.56 -31.96
C TYR N 28 -1.77 -9.87 -31.32
N HIS N 29 -1.77 -10.31 -30.06
CA HIS N 29 -0.52 -10.63 -29.39
C HIS N 29 0.12 -11.88 -29.98
N LEU N 30 -0.68 -12.77 -30.57
CA LEU N 30 -0.12 -13.97 -31.18
C LEU N 30 0.53 -13.68 -32.53
N THR N 31 0.07 -12.64 -33.23
CA THR N 31 0.59 -12.33 -34.55
C THR N 31 1.48 -11.11 -34.59
N LEU N 32 1.25 -10.11 -33.74
CA LEU N 32 1.94 -8.84 -33.82
C LEU N 32 2.96 -8.60 -32.72
N GLY N 33 2.75 -9.13 -31.52
CA GLY N 33 3.74 -9.05 -30.47
C GLY N 33 3.11 -8.65 -29.15
N GLU N 34 3.96 -8.16 -28.25
CA GLU N 34 3.51 -7.88 -26.89
C GLU N 34 2.65 -6.64 -26.79
N SER N 35 2.37 -5.95 -27.90
CA SER N 35 1.52 -4.77 -27.90
C SER N 35 0.41 -4.96 -28.93
N VAL N 36 -0.52 -4.01 -28.96
CA VAL N 36 -1.64 -4.09 -29.87
C VAL N 36 -1.65 -2.86 -30.78
N HIS N 37 -0.51 -2.58 -31.40
CA HIS N 37 -0.43 -1.47 -32.34
C HIS N 37 0.55 -1.82 -33.44
N CYS N 38 0.78 -0.85 -34.33
CA CYS N 38 1.60 -1.09 -35.51
C CYS N 38 3.06 -1.33 -35.14
N GLY N 39 3.79 -1.83 -36.12
CA GLY N 39 5.24 -1.88 -36.06
C GLY N 39 5.82 -0.72 -36.84
N LEU N 40 6.98 -0.25 -36.41
CA LEU N 40 7.70 0.80 -37.13
C LEU N 40 8.63 0.12 -38.13
N TRP N 41 8.02 -0.37 -39.22
CA TRP N 41 8.78 -1.07 -40.24
C TRP N 41 9.55 -0.12 -41.15
N PHE N 42 9.18 1.15 -41.18
CA PHE N 42 9.87 2.15 -41.96
C PHE N 42 10.39 3.24 -41.03
N PRO N 43 11.65 3.62 -41.15
CA PRO N 43 12.19 4.66 -40.27
C PRO N 43 11.48 5.99 -40.52
N PRO N 44 11.46 6.87 -39.52
CA PRO N 44 10.69 8.13 -39.68
C PRO N 44 11.18 9.02 -40.79
N ASP N 45 12.48 9.01 -41.08
CA ASP N 45 13.03 9.83 -42.15
C ASP N 45 12.74 9.27 -43.54
N ALA N 46 12.17 8.07 -43.64
CA ALA N 46 11.86 7.50 -44.94
C ALA N 46 10.73 8.27 -45.61
N PRO N 47 10.76 8.39 -46.93
CA PRO N 47 9.66 9.02 -47.65
C PRO N 47 8.46 8.10 -47.72
N VAL N 48 7.30 8.70 -47.96
CA VAL N 48 6.08 7.92 -48.18
C VAL N 48 6.18 7.23 -49.55
N PRO N 49 5.93 5.93 -49.64
CA PRO N 49 5.97 5.27 -50.94
C PRO N 49 4.86 5.77 -51.86
N GLN N 50 5.03 5.45 -53.15
CA GLN N 50 4.01 5.80 -54.13
C GLN N 50 2.78 4.92 -53.98
N ASP N 51 2.99 3.65 -53.65
CA ASP N 51 1.91 2.68 -53.48
C ASP N 51 2.06 2.01 -52.12
N MET N 52 0.98 1.41 -51.64
N MET N 52 0.97 1.41 -51.66
CA MET N 52 1.02 0.60 -50.44
CA MET N 52 0.95 0.60 -50.45
C MET N 52 1.02 -0.89 -50.75
C MET N 52 0.98 -0.89 -50.76
N GLU N 53 1.18 -1.26 -52.02
CA GLU N 53 1.27 -2.66 -52.38
C GLU N 53 2.50 -3.28 -51.73
N LEU N 54 2.39 -4.56 -51.38
CA LEU N 54 3.48 -5.22 -50.67
C LEU N 54 4.77 -5.17 -51.46
N VAL N 55 4.70 -5.26 -52.78
CA VAL N 55 5.91 -5.19 -53.59
C VAL N 55 6.49 -3.77 -53.56
N THR N 56 5.62 -2.76 -53.55
CA THR N 56 6.10 -1.37 -53.50
C THR N 56 6.86 -1.10 -52.21
N MET N 57 6.23 -1.42 -51.07
CA MET N 57 6.89 -1.20 -49.77
C MET N 57 8.16 -2.04 -49.65
N SER N 58 8.11 -3.31 -50.04
CA SER N 58 9.30 -4.15 -50.00
C SER N 58 10.39 -3.65 -50.94
N SER N 59 10.01 -2.96 -52.02
CA SER N 59 11.01 -2.42 -52.93
C SER N 59 11.76 -1.26 -52.28
N GLN N 60 11.06 -0.41 -51.53
CA GLN N 60 11.73 0.69 -50.85
C GLN N 60 12.71 0.16 -49.80
N ALA N 61 12.31 -0.88 -49.06
CA ALA N 61 13.22 -1.49 -48.10
C ALA N 61 14.45 -2.07 -48.80
N GLN N 62 14.28 -2.60 -50.02
CA GLN N 62 15.42 -3.07 -50.79
C GLN N 62 16.36 -1.92 -51.15
N ASP N 63 15.81 -0.78 -51.57
CA ASP N 63 16.67 0.35 -51.90
C ASP N 63 17.37 0.87 -50.66
N ARG N 64 16.66 0.95 -49.54
CA ARG N 64 17.29 1.23 -48.26
C ARG N 64 18.13 0.06 -47.78
N TYR N 65 18.00 -1.11 -48.39
CA TYR N 65 18.96 -2.17 -48.15
C TYR N 65 20.24 -1.92 -48.93
N THR N 66 20.15 -1.20 -50.05
CA THR N 66 21.30 -0.98 -50.91
C THR N 66 22.17 0.17 -50.41
N ASP N 67 21.56 1.31 -50.06
CA ASP N 67 22.33 2.46 -49.60
C ASP N 67 23.12 2.16 -48.33
N TYR N 68 22.76 1.12 -47.59
CA TYR N 68 23.54 0.70 -46.44
C TYR N 68 24.71 -0.20 -46.83
N LEU N 69 24.55 -1.00 -47.88
CA LEU N 69 25.69 -1.70 -48.44
C LEU N 69 26.67 -0.72 -49.09
N ILE N 70 26.14 0.30 -49.77
CA ILE N 70 26.96 1.38 -50.30
C ILE N 70 27.65 2.12 -49.16
N GLU N 71 26.91 2.38 -48.08
CA GLU N 71 27.47 3.10 -46.94
C GLU N 71 28.56 2.29 -46.24
N THR N 72 28.39 0.96 -46.20
CA THR N 72 29.36 0.11 -45.51
C THR N 72 30.64 -0.02 -46.32
N LEU N 73 30.54 -0.57 -47.54
CA LEU N 73 31.71 -0.75 -48.38
C LEU N 73 32.41 0.56 -48.68
N ASP N 74 31.65 1.66 -48.75
CA ASP N 74 32.15 3.01 -48.95
C ASP N 74 33.06 3.12 -50.18
N PRO N 75 32.55 2.94 -51.39
CA PRO N 75 33.39 3.15 -52.57
C PRO N 75 33.59 4.64 -52.84
N LYS N 76 34.82 5.00 -53.18
CA LYS N 76 35.17 6.37 -53.47
C LYS N 76 35.01 6.64 -54.96
N ALA N 77 34.76 7.91 -55.30
CA ALA N 77 34.52 8.28 -56.68
C ALA N 77 35.73 7.97 -57.55
N GLY N 78 35.47 7.43 -58.74
CA GLY N 78 36.53 7.07 -59.66
C GLY N 78 37.02 5.64 -59.53
N GLN N 79 36.51 4.87 -58.57
CA GLN N 79 36.89 3.48 -58.42
C GLN N 79 36.03 2.60 -59.32
N HIS N 80 36.40 1.32 -59.40
CA HIS N 80 35.68 0.35 -60.21
C HIS N 80 35.25 -0.80 -59.31
N LEU N 81 33.95 -1.03 -59.22
CA LEU N 81 33.37 -2.05 -58.37
C LEU N 81 32.96 -3.25 -59.21
N LEU N 82 33.15 -4.44 -58.67
CA LEU N 82 32.76 -5.69 -59.34
C LEU N 82 31.54 -6.25 -58.64
N ASP N 83 30.41 -6.25 -59.34
CA ASP N 83 29.15 -6.76 -58.78
C ASP N 83 29.06 -8.24 -59.12
N ILE N 84 29.60 -9.07 -58.22
CA ILE N 84 29.62 -10.52 -58.39
C ILE N 84 28.21 -11.05 -58.12
N GLY N 85 27.51 -11.44 -59.19
CA GLY N 85 26.12 -11.82 -59.06
C GLY N 85 25.23 -10.61 -58.94
N CYS N 86 25.16 -9.81 -60.01
CA CYS N 86 24.54 -8.49 -59.99
C CYS N 86 23.06 -8.50 -60.34
N GLY N 87 22.49 -9.66 -60.65
CA GLY N 87 21.06 -9.72 -60.93
C GLY N 87 20.67 -8.89 -62.13
N THR N 88 19.81 -7.89 -61.90
CA THR N 88 19.35 -6.99 -62.95
C THR N 88 19.94 -5.59 -62.83
N GLY N 89 20.96 -5.40 -61.99
CA GLY N 89 21.79 -4.23 -62.04
C GLY N 89 21.31 -3.01 -61.27
N ARG N 90 20.17 -3.08 -60.57
CA ARG N 90 19.71 -1.88 -59.86
C ARG N 90 20.67 -1.50 -58.74
N THR N 91 21.21 -2.49 -58.03
CA THR N 91 22.20 -2.20 -57.00
C THR N 91 23.42 -1.51 -57.59
N ALA N 92 23.90 -2.01 -58.73
CA ALA N 92 25.00 -1.36 -59.42
C ALA N 92 24.62 0.03 -59.88
N LEU N 93 23.37 0.21 -60.33
CA LEU N 93 22.91 1.52 -60.78
C LEU N 93 22.97 2.54 -59.64
N LYS N 94 22.41 2.19 -58.49
CA LYS N 94 22.41 3.12 -57.36
C LYS N 94 23.82 3.42 -56.88
N ALA N 95 24.68 2.39 -56.84
CA ALA N 95 26.06 2.61 -56.44
C ALA N 95 26.77 3.58 -57.38
N ALA N 96 26.52 3.44 -58.68
CA ALA N 96 27.17 4.32 -59.66
C ALA N 96 26.70 5.76 -59.50
N ARG N 97 25.39 5.98 -59.48
CA ARG N 97 24.85 7.34 -59.41
C ARG N 97 25.25 8.03 -58.12
N GLN N 98 25.26 7.29 -57.01
CA GLN N 98 25.44 7.92 -55.71
C GLN N 98 26.90 8.26 -55.44
N ARG N 99 27.83 7.40 -55.84
CA ARG N 99 29.24 7.58 -55.53
C ARG N 99 30.07 7.97 -56.75
N GLY N 100 29.47 8.03 -57.93
CA GLY N 100 30.21 8.37 -59.13
C GLY N 100 31.33 7.38 -59.41
N ILE N 101 30.97 6.10 -59.52
CA ILE N 101 31.95 5.03 -59.73
C ILE N 101 31.53 4.20 -60.94
N ALA N 102 32.48 3.44 -61.45
CA ALA N 102 32.19 2.45 -62.49
C ALA N 102 31.92 1.12 -61.83
N VAL N 103 30.95 0.38 -62.36
CA VAL N 103 30.58 -0.92 -61.82
C VAL N 103 30.52 -1.92 -62.97
N THR N 104 31.20 -3.05 -62.80
CA THR N 104 31.14 -4.16 -63.75
C THR N 104 30.44 -5.32 -63.04
N GLY N 105 29.26 -5.66 -63.53
CA GLY N 105 28.49 -6.75 -62.97
C GLY N 105 28.59 -8.00 -63.83
N VAL N 106 28.63 -9.16 -63.16
CA VAL N 106 28.63 -10.45 -63.84
C VAL N 106 27.51 -11.30 -63.27
N ALA N 107 26.86 -12.07 -64.13
CA ALA N 107 25.86 -13.03 -63.71
C ALA N 107 25.89 -14.18 -64.71
N VAL N 108 25.24 -15.30 -64.33
CA VAL N 108 25.13 -16.45 -65.21
C VAL N 108 23.83 -16.46 -66.00
N SER N 109 22.89 -15.57 -65.70
CA SER N 109 21.60 -15.54 -66.36
C SER N 109 21.65 -14.56 -67.54
N LYS N 110 21.23 -15.03 -68.72
CA LYS N 110 21.21 -14.18 -69.89
C LYS N 110 20.12 -13.11 -69.80
N GLU N 111 18.93 -13.49 -69.33
CA GLU N 111 17.83 -12.54 -69.22
C GLU N 111 18.17 -11.42 -68.24
N GLN N 112 18.90 -11.74 -67.16
CA GLN N 112 19.23 -10.73 -66.16
C GLN N 112 20.26 -9.74 -66.68
N ILE N 113 21.29 -10.24 -67.38
CA ILE N 113 22.29 -9.36 -67.97
C ILE N 113 21.65 -8.48 -69.04
N ALA N 114 20.66 -9.00 -69.76
CA ALA N 114 19.97 -8.20 -70.77
C ALA N 114 19.18 -7.07 -70.13
N ALA N 115 18.43 -7.37 -69.07
CA ALA N 115 17.65 -6.34 -68.39
C ALA N 115 18.53 -5.33 -67.67
N ALA N 116 19.73 -5.74 -67.26
CA ALA N 116 20.65 -4.80 -66.62
C ALA N 116 21.31 -3.87 -67.63
N ASN N 117 21.50 -4.33 -68.86
CA ASN N 117 22.00 -3.45 -69.91
C ASN N 117 20.94 -2.48 -70.39
N ARG N 118 19.68 -2.91 -70.42
CA ARG N 118 18.59 -1.97 -70.70
C ARG N 118 18.49 -0.91 -69.62
N LEU N 119 18.71 -1.31 -68.37
CA LEU N 119 18.66 -0.37 -67.25
C LEU N 119 19.75 0.69 -67.39
N ALA N 120 20.98 0.27 -67.66
CA ALA N 120 22.07 1.22 -67.84
C ALA N 120 21.81 2.14 -69.03
N ALA N 121 21.27 1.58 -70.12
CA ALA N 121 20.89 2.39 -71.26
C ALA N 121 19.74 3.33 -70.91
N GLY N 122 18.78 2.85 -70.10
CA GLY N 122 17.64 3.68 -69.76
C GLY N 122 18.00 4.90 -68.95
N HIS N 123 19.11 4.85 -68.21
CA HIS N 123 19.58 5.97 -67.41
C HIS N 123 20.79 6.65 -68.02
N GLY N 124 21.18 6.26 -69.23
CA GLY N 124 22.34 6.86 -69.89
C GLY N 124 23.63 6.65 -69.13
N LEU N 125 23.86 5.45 -68.63
CA LEU N 125 25.05 5.15 -67.83
C LEU N 125 25.76 3.90 -68.33
N THR N 126 25.67 3.62 -69.63
CA THR N 126 26.35 2.46 -70.18
C THR N 126 27.87 2.63 -70.18
N GLU N 127 28.36 3.87 -70.05
CA GLU N 127 29.80 4.08 -69.95
C GLU N 127 30.34 3.59 -68.61
N ARG N 128 29.57 3.74 -67.53
CA ARG N 128 30.01 3.37 -66.20
C ARG N 128 29.33 2.12 -65.67
N LEU N 129 28.51 1.46 -66.48
CA LEU N 129 27.84 0.22 -66.09
C LEU N 129 28.02 -0.82 -67.20
N THR N 130 28.73 -1.90 -66.89
CA THR N 130 28.96 -3.00 -67.82
C THR N 130 28.42 -4.28 -67.22
N PHE N 131 27.52 -4.94 -67.94
CA PHE N 131 26.90 -6.19 -67.50
C PHE N 131 27.14 -7.25 -68.58
N GLU N 132 27.83 -8.33 -68.23
CA GLU N 132 28.02 -9.46 -69.14
C GLU N 132 27.72 -10.76 -68.41
N VAL N 133 27.53 -11.82 -69.21
CA VAL N 133 27.27 -13.16 -68.72
C VAL N 133 28.62 -13.83 -68.47
N ALA N 134 28.98 -13.98 -67.19
CA ALA N 134 30.26 -14.58 -66.83
C ALA N 134 30.11 -15.34 -65.52
N ASP N 135 31.00 -16.31 -65.33
CA ASP N 135 31.01 -17.13 -64.11
C ASP N 135 31.92 -16.48 -63.07
N ALA N 136 31.44 -16.45 -61.82
CA ALA N 136 32.27 -15.93 -60.73
C ALA N 136 33.35 -16.91 -60.33
N MET N 137 33.09 -18.21 -60.48
CA MET N 137 34.11 -19.23 -60.20
C MET N 137 35.17 -19.27 -61.28
N ARG N 138 34.96 -18.58 -62.41
CA ARG N 138 35.95 -18.42 -63.49
C ARG N 138 35.74 -17.03 -64.10
N LEU N 139 36.23 -16.00 -63.41
CA LEU N 139 36.06 -14.64 -63.92
C LEU N 139 37.02 -14.39 -65.08
N PRO N 140 36.57 -13.78 -66.17
CA PRO N 140 37.44 -13.56 -67.33
C PRO N 140 38.34 -12.33 -67.22
N TYR N 141 38.31 -11.61 -66.10
CA TYR N 141 39.06 -10.36 -65.99
C TYR N 141 40.48 -10.63 -65.49
N GLU N 142 41.32 -9.60 -65.59
CA GLU N 142 42.72 -9.73 -65.22
C GLU N 142 42.88 -9.64 -63.70
N ASP N 143 44.12 -9.76 -63.26
CA ASP N 143 44.43 -9.66 -61.84
C ASP N 143 44.52 -8.20 -61.42
N GLU N 144 43.97 -7.90 -60.24
CA GLU N 144 44.00 -6.56 -59.65
C GLU N 144 43.37 -5.53 -60.58
N SER N 145 42.17 -5.85 -61.06
CA SER N 145 41.46 -5.00 -62.01
C SER N 145 40.44 -4.07 -61.36
N PHE N 146 39.90 -4.45 -60.20
CA PHE N 146 38.87 -3.66 -59.55
C PHE N 146 39.37 -3.15 -58.20
N ASP N 147 38.78 -2.03 -57.75
CA ASP N 147 39.12 -1.47 -56.46
C ASP N 147 38.30 -2.07 -55.33
N CYS N 148 37.07 -2.48 -55.61
CA CYS N 148 36.21 -3.09 -54.60
C CYS N 148 35.20 -3.98 -55.30
N ALA N 149 34.45 -4.73 -54.51
CA ALA N 149 33.48 -5.67 -55.05
C ALA N 149 32.51 -6.07 -53.96
N TRP N 150 31.42 -6.72 -54.37
CA TRP N 150 30.49 -7.30 -53.42
C TRP N 150 29.76 -8.47 -54.06
N ALA N 151 29.46 -9.48 -53.24
CA ALA N 151 28.70 -10.65 -53.64
C ALA N 151 27.42 -10.63 -52.82
N ILE N 152 26.42 -9.91 -53.31
CA ILE N 152 25.19 -9.66 -52.56
C ILE N 152 24.26 -10.84 -52.78
N GLU N 153 24.18 -11.73 -51.79
CA GLU N 153 23.25 -12.87 -51.78
C GLU N 153 23.44 -13.72 -53.04
N SER N 154 24.69 -13.88 -53.46
CA SER N 154 25.02 -14.60 -54.67
C SER N 154 25.89 -15.83 -54.45
N LEU N 155 26.65 -15.88 -53.36
CA LEU N 155 27.59 -16.98 -53.16
C LEU N 155 26.89 -18.31 -52.86
N CYS N 156 25.61 -18.28 -52.49
CA CYS N 156 24.91 -19.53 -52.16
C CYS N 156 24.69 -20.41 -53.39
N HIS N 157 24.72 -19.85 -54.59
CA HIS N 157 24.62 -20.63 -55.81
C HIS N 157 25.95 -21.20 -56.27
N MET N 158 27.07 -20.73 -55.73
CA MET N 158 28.39 -21.02 -56.27
C MET N 158 29.16 -21.97 -55.35
N ASP N 159 30.38 -22.26 -55.78
CA ASP N 159 31.41 -22.83 -54.91
C ASP N 159 32.14 -21.68 -54.24
N ARG N 160 31.92 -21.49 -52.95
CA ARG N 160 32.46 -20.33 -52.25
C ARG N 160 33.98 -20.30 -52.30
N ALA N 161 34.63 -21.47 -52.35
CA ALA N 161 36.09 -21.50 -52.40
C ALA N 161 36.60 -20.91 -53.72
N LYS N 162 36.10 -21.41 -54.84
CA LYS N 162 36.51 -20.88 -56.14
C LYS N 162 36.10 -19.41 -56.28
N ALA N 163 34.86 -19.09 -55.91
CA ALA N 163 34.38 -17.73 -56.08
C ALA N 163 35.21 -16.74 -55.28
N LEU N 164 35.46 -17.04 -54.00
CA LEU N 164 36.28 -16.14 -53.18
C LEU N 164 37.71 -16.08 -53.69
N GLY N 165 38.30 -17.22 -54.04
CA GLY N 165 39.65 -17.21 -54.57
C GLY N 165 39.77 -16.38 -55.84
N GLU N 166 38.77 -16.47 -56.72
CA GLU N 166 38.78 -15.66 -57.93
C GLU N 166 38.58 -14.19 -57.59
N ALA N 167 37.63 -13.89 -56.68
CA ALA N 167 37.41 -12.50 -56.29
C ALA N 167 38.65 -11.89 -55.67
N TRP N 168 39.38 -12.68 -54.88
CA TRP N 168 40.67 -12.21 -54.36
C TRP N 168 41.62 -11.87 -55.49
N ARG N 169 41.62 -12.68 -56.55
CA ARG N 169 42.55 -12.47 -57.65
C ARG N 169 42.27 -11.14 -58.36
N VAL N 170 41.01 -10.93 -58.77
CA VAL N 170 40.67 -9.72 -59.52
C VAL N 170 40.74 -8.46 -58.68
N LEU N 171 40.86 -8.59 -57.36
CA LEU N 171 40.90 -7.42 -56.49
C LEU N 171 42.30 -6.84 -56.42
N LYS N 172 42.39 -5.51 -56.44
CA LYS N 172 43.66 -4.84 -56.24
C LYS N 172 44.09 -5.00 -54.79
N PRO N 173 45.40 -5.04 -54.54
CA PRO N 173 45.86 -5.04 -53.14
C PRO N 173 45.42 -3.77 -52.43
N GLY N 174 44.46 -3.90 -51.51
CA GLY N 174 43.86 -2.74 -50.86
C GLY N 174 42.36 -2.87 -50.78
N GLY N 175 41.82 -3.56 -51.77
CA GLY N 175 40.39 -3.56 -51.97
C GLY N 175 39.68 -4.39 -50.93
N ASP N 176 38.40 -4.08 -50.77
CA ASP N 176 37.53 -4.81 -49.88
C ASP N 176 36.43 -5.49 -50.68
N LEU N 177 35.93 -6.60 -50.14
CA LEU N 177 34.86 -7.37 -50.76
C LEU N 177 33.74 -7.52 -49.75
N LEU N 178 32.59 -6.89 -50.03
CA LEU N 178 31.43 -7.01 -49.17
C LEU N 178 30.68 -8.30 -49.48
N VAL N 179 30.51 -9.15 -48.48
CA VAL N 179 29.88 -10.45 -48.65
C VAL N 179 28.61 -10.49 -47.81
N LEU N 180 27.51 -10.89 -48.45
CA LEU N 180 26.24 -11.11 -47.76
C LEU N 180 25.94 -12.61 -47.91
N GLU N 181 26.32 -13.39 -46.90
CA GLU N 181 26.29 -14.84 -46.97
C GLU N 181 25.50 -15.40 -45.79
N SER N 182 24.86 -16.55 -46.03
CA SER N 182 24.19 -17.29 -44.97
C SER N 182 25.13 -18.34 -44.38
N VAL N 183 24.81 -18.78 -43.17
CA VAL N 183 25.61 -19.77 -42.47
C VAL N 183 24.67 -20.60 -41.60
N VAL N 184 24.93 -21.91 -41.53
CA VAL N 184 24.12 -22.80 -40.70
C VAL N 184 24.64 -22.77 -39.27
N THR N 185 23.70 -22.97 -38.34
CA THR N 185 24.03 -23.17 -36.93
C THR N 185 23.76 -24.58 -36.44
N GLU N 186 22.86 -25.32 -37.10
CA GLU N 186 22.62 -26.72 -36.78
C GLU N 186 23.31 -27.61 -37.80
N GLU N 187 22.69 -28.75 -38.12
CA GLU N 187 23.31 -29.72 -39.01
C GLU N 187 22.57 -29.93 -40.32
N LEU N 188 21.31 -29.50 -40.42
CA LEU N 188 20.49 -29.67 -41.62
C LEU N 188 20.21 -31.12 -41.94
N THR N 189 18.95 -31.54 -41.83
CA THR N 189 18.57 -32.86 -42.30
C THR N 189 18.69 -32.94 -43.82
N GLU N 190 18.61 -34.16 -44.34
CA GLU N 190 18.71 -34.36 -45.78
C GLU N 190 17.53 -33.73 -46.52
N PRO N 191 16.28 -33.83 -46.02
CA PRO N 191 15.20 -33.09 -46.71
C PRO N 191 15.40 -31.59 -46.72
N GLU N 192 15.98 -31.03 -45.66
CA GLU N 192 16.25 -29.59 -45.64
C GLU N 192 17.30 -29.20 -46.67
N THR N 193 18.36 -30.01 -46.81
CA THR N 193 19.36 -29.73 -47.81
C THR N 193 18.80 -29.80 -49.21
N ALA N 194 17.79 -30.65 -49.42
CA ALA N 194 17.20 -30.79 -50.75
C ALA N 194 16.34 -29.59 -51.10
N LEU N 195 15.72 -28.94 -50.10
CA LEU N 195 14.90 -27.76 -50.38
C LEU N 195 15.73 -26.58 -50.85
N PHE N 196 17.04 -26.59 -50.61
CA PHE N 196 17.89 -25.51 -51.12
C PHE N 196 18.08 -25.61 -52.63
N GLU N 197 18.02 -26.82 -53.19
CA GLU N 197 18.20 -27.00 -54.63
C GLU N 197 16.88 -26.97 -55.39
N THR N 198 15.79 -27.48 -54.80
CA THR N 198 14.52 -27.53 -55.51
C THR N 198 13.77 -26.21 -55.49
N LEU N 199 13.93 -25.41 -54.43
CA LEU N 199 13.24 -24.13 -54.31
C LEU N 199 14.07 -22.96 -54.80
N TYR N 200 15.35 -22.92 -54.40
CA TYR N 200 16.21 -21.78 -54.69
C TYR N 200 17.33 -22.09 -55.67
N ALA N 201 17.50 -23.36 -56.05
CA ALA N 201 18.59 -23.78 -56.94
C ALA N 201 19.94 -23.31 -56.41
N ALA N 202 20.18 -23.58 -55.13
CA ALA N 202 21.38 -23.13 -54.44
C ALA N 202 21.95 -24.26 -53.60
N ASN N 203 23.18 -24.07 -53.15
CA ASN N 203 23.87 -25.04 -52.31
C ASN N 203 23.57 -24.75 -50.84
N VAL N 204 23.87 -25.73 -50.00
CA VAL N 204 23.68 -25.56 -48.55
C VAL N 204 24.74 -24.60 -48.03
N PRO N 205 24.38 -23.66 -47.16
CA PRO N 205 25.39 -22.75 -46.61
C PRO N 205 26.34 -23.49 -45.70
N PRO N 206 27.59 -23.06 -45.61
CA PRO N 206 28.56 -23.73 -44.74
C PRO N 206 28.42 -23.26 -43.29
N ARG N 207 29.24 -23.85 -42.42
CA ARG N 207 29.30 -23.41 -41.03
C ARG N 207 30.11 -22.13 -40.92
N LEU N 208 29.91 -21.42 -39.81
CA LEU N 208 30.57 -20.12 -39.62
C LEU N 208 32.08 -20.28 -39.63
N GLY N 209 32.61 -21.21 -38.83
CA GLY N 209 34.04 -21.44 -38.84
C GLY N 209 34.51 -22.05 -40.16
N GLU N 210 33.68 -22.91 -40.76
CA GLU N 210 34.00 -23.46 -42.07
C GLU N 210 34.04 -22.35 -43.12
N PHE N 211 33.13 -21.37 -43.02
CA PHE N 211 33.09 -20.28 -43.98
C PHE N 211 34.33 -19.39 -43.86
N PHE N 212 34.67 -18.99 -42.64
CA PHE N 212 35.87 -18.18 -42.46
C PHE N 212 37.14 -18.98 -42.63
N ASP N 213 37.06 -20.31 -42.70
CA ASP N 213 38.22 -21.08 -43.15
C ASP N 213 38.38 -20.99 -44.66
N ILE N 214 37.28 -20.82 -45.39
CA ILE N 214 37.37 -20.59 -46.83
C ILE N 214 37.80 -19.16 -47.11
N VAL N 215 37.36 -18.21 -46.28
CA VAL N 215 37.72 -16.81 -46.48
C VAL N 215 39.20 -16.60 -46.26
N SER N 216 39.73 -17.13 -45.16
CA SER N 216 41.18 -17.04 -44.93
C SER N 216 41.95 -17.86 -45.94
N GLY N 217 41.35 -18.96 -46.43
CA GLY N 217 42.00 -19.79 -47.41
C GLY N 217 42.15 -19.15 -48.77
N ALA N 218 41.33 -18.13 -49.06
CA ALA N 218 41.44 -17.38 -50.30
C ALA N 218 42.38 -16.18 -50.17
N GLY N 219 42.90 -15.92 -48.97
CA GLY N 219 43.80 -14.80 -48.75
C GLY N 219 43.17 -13.57 -48.16
N PHE N 220 41.92 -13.63 -47.73
CA PHE N 220 41.22 -12.46 -47.23
C PHE N 220 41.44 -12.28 -45.73
N HIS N 221 41.43 -11.02 -45.30
CA HIS N 221 41.28 -10.66 -43.90
C HIS N 221 39.83 -10.30 -43.63
N THR N 222 39.42 -10.44 -42.37
CA THR N 222 38.06 -10.13 -41.95
C THR N 222 38.08 -8.86 -41.13
N LEU N 223 37.41 -7.82 -41.63
CA LEU N 223 37.36 -6.54 -40.93
C LEU N 223 36.08 -6.31 -40.16
N SER N 224 34.96 -6.91 -40.59
CA SER N 224 33.70 -6.71 -39.88
C SER N 224 32.73 -7.81 -40.24
N LEU N 225 31.79 -8.06 -39.33
CA LEU N 225 30.64 -8.91 -39.56
C LEU N 225 29.44 -8.28 -38.88
N LYS N 226 28.26 -8.44 -39.48
CA LYS N 226 27.04 -7.91 -38.87
C LYS N 226 25.87 -8.81 -39.22
N ASP N 227 25.24 -9.37 -38.19
CA ASP N 227 24.10 -10.24 -38.39
C ASP N 227 22.95 -9.45 -39.01
N LEU N 228 22.38 -9.99 -40.08
CA LEU N 228 21.19 -9.41 -40.70
C LEU N 228 20.09 -10.45 -40.85
N SER N 229 20.15 -11.51 -40.04
CA SER N 229 19.16 -12.58 -40.12
C SER N 229 17.74 -12.06 -39.97
N ALA N 230 17.55 -11.05 -39.12
CA ALA N 230 16.23 -10.45 -38.96
C ALA N 230 15.69 -9.94 -40.30
N ASN N 231 16.57 -9.37 -41.14
CA ASN N 231 16.11 -8.86 -42.43
C ASN N 231 15.73 -9.98 -43.38
N LEU N 232 16.44 -11.11 -43.33
CA LEU N 232 16.14 -12.20 -44.25
C LEU N 232 14.84 -12.89 -43.87
N ALA N 233 14.59 -13.08 -42.57
CA ALA N 233 13.36 -13.74 -42.13
C ALA N 233 12.14 -12.93 -42.55
N MET N 234 12.22 -11.61 -42.44
CA MET N 234 11.11 -10.76 -42.87
C MET N 234 10.96 -10.76 -44.39
N THR N 235 12.09 -10.69 -45.11
CA THR N 235 12.02 -10.78 -46.56
C THR N 235 11.37 -12.09 -47.00
N MET N 236 11.77 -13.20 -46.37
CA MET N 236 11.20 -14.49 -46.72
C MET N 236 9.72 -14.55 -46.39
N ASN N 237 9.30 -13.89 -45.31
CA ASN N 237 7.86 -13.82 -45.02
C ASN N 237 7.13 -12.94 -46.02
N VAL N 238 7.79 -11.91 -46.56
CA VAL N 238 7.19 -11.09 -47.60
C VAL N 238 7.02 -11.90 -48.87
N PHE N 239 8.06 -12.61 -49.27
CA PHE N 239 7.99 -13.49 -50.44
C PHE N 239 6.91 -14.54 -50.27
N ALA N 240 6.88 -15.20 -49.11
CA ALA N 240 5.91 -16.27 -48.88
C ALA N 240 4.47 -15.74 -48.94
N LEU N 241 4.22 -14.57 -48.34
CA LEU N 241 2.87 -14.01 -48.37
C LEU N 241 2.42 -13.69 -49.78
N GLY N 242 3.33 -13.22 -50.63
CA GLY N 242 2.97 -12.94 -52.01
C GLY N 242 2.70 -14.20 -52.80
N VAL N 243 3.45 -15.27 -52.52
CA VAL N 243 3.23 -16.54 -53.20
C VAL N 243 1.88 -17.13 -52.79
N TYR N 244 1.54 -17.02 -51.51
CA TYR N 244 0.28 -17.59 -51.04
C TYR N 244 -0.92 -16.83 -51.61
N SER N 245 -0.89 -15.50 -51.54
CA SER N 245 -2.04 -14.70 -51.96
C SER N 245 -2.15 -14.58 -53.47
N ARG N 246 -1.08 -14.86 -54.21
CA ARG N 246 -1.11 -14.70 -55.66
C ARG N 246 -0.75 -15.99 -56.37
N ARG N 247 -1.39 -17.10 -55.99
CA ARG N 247 -1.12 -18.38 -56.65
C ARG N 247 -1.58 -18.36 -58.11
N ALA N 248 -2.78 -17.84 -58.36
CA ALA N 248 -3.34 -17.87 -59.71
C ALA N 248 -2.47 -17.09 -60.69
N GLU N 249 -1.98 -15.92 -60.27
CA GLU N 249 -1.14 -15.11 -61.15
C GLU N 249 0.18 -15.80 -61.44
N PHE N 250 0.76 -16.47 -60.45
CA PHE N 250 2.09 -17.04 -60.62
C PHE N 250 2.06 -18.41 -61.30
N THR N 251 0.99 -19.18 -61.12
CA THR N 251 0.83 -20.39 -61.90
C THR N 251 0.63 -20.06 -63.37
N GLU N 252 -0.16 -19.02 -63.68
CA GLU N 252 -0.32 -18.57 -65.04
C GLU N 252 0.94 -17.92 -65.59
N ARG N 253 1.84 -17.48 -64.72
CA ARG N 253 3.07 -16.83 -65.13
C ARG N 253 4.22 -17.82 -65.30
N PHE N 254 4.44 -18.68 -64.29
CA PHE N 254 5.60 -19.56 -64.27
C PHE N 254 5.25 -21.04 -64.33
N GLY N 255 3.98 -21.38 -64.37
CA GLY N 255 3.58 -22.77 -64.41
C GLY N 255 3.11 -23.28 -63.06
N ALA N 256 2.25 -24.29 -63.08
CA ALA N 256 1.72 -24.86 -61.85
C ALA N 256 2.72 -25.73 -61.11
N GLU N 257 3.77 -26.20 -61.79
CA GLU N 257 4.77 -27.03 -61.12
C GLU N 257 5.70 -26.18 -60.26
N PHE N 258 6.12 -25.02 -60.76
CA PHE N 258 7.03 -24.16 -60.01
C PHE N 258 6.35 -23.51 -58.82
N VAL N 259 5.06 -23.20 -58.93
CA VAL N 259 4.36 -22.52 -57.85
C VAL N 259 3.93 -23.52 -56.78
N ASP N 260 3.45 -24.69 -57.17
CA ASP N 260 3.09 -25.71 -56.19
C ASP N 260 4.29 -26.15 -55.38
N GLY N 261 5.48 -26.11 -55.96
CA GLY N 261 6.67 -26.43 -55.19
C GLY N 261 6.97 -25.41 -54.11
N LEU N 262 6.79 -24.12 -54.43
CA LEU N 262 6.96 -23.09 -53.42
C LEU N 262 5.91 -23.23 -52.31
N LEU N 263 4.65 -23.41 -52.70
CA LEU N 263 3.57 -23.52 -51.71
C LEU N 263 3.78 -24.71 -50.78
N ALA N 264 4.51 -25.73 -51.23
CA ALA N 264 4.74 -26.91 -50.41
C ALA N 264 6.03 -26.83 -49.60
N GLY N 265 7.01 -26.05 -50.06
CA GLY N 265 8.30 -26.03 -49.40
C GLY N 265 8.61 -24.77 -48.63
N LEU N 266 7.90 -23.67 -48.93
CA LEU N 266 8.19 -22.41 -48.26
C LEU N 266 7.96 -22.50 -46.75
N GLY N 267 6.99 -23.31 -46.32
CA GLY N 267 6.74 -23.45 -44.90
C GLY N 267 7.90 -24.08 -44.15
N SER N 268 8.42 -25.19 -44.69
CA SER N 268 9.54 -25.86 -44.03
C SER N 268 10.82 -25.06 -44.17
N ALA N 269 11.01 -24.39 -45.30
CA ALA N 269 12.23 -23.60 -45.49
C ALA N 269 12.29 -22.45 -44.50
N GLN N 270 11.15 -21.83 -44.21
N GLN N 270 11.15 -21.82 -44.22
CA GLN N 270 11.13 -20.74 -43.23
CA GLN N 270 11.12 -20.75 -43.23
C GLN N 270 11.53 -21.25 -41.86
C GLN N 270 11.54 -21.26 -41.86
N GLU N 271 11.00 -22.40 -41.44
CA GLU N 271 11.33 -22.94 -40.14
C GLU N 271 12.80 -23.34 -40.07
N THR N 272 13.34 -23.86 -41.17
CA THR N 272 14.77 -24.13 -41.23
C THR N 272 15.58 -22.85 -41.22
N LEU N 273 15.11 -21.83 -41.97
CA LEU N 273 15.78 -20.53 -41.94
C LEU N 273 15.75 -19.92 -40.53
N ILE N 274 14.62 -20.05 -39.84
CA ILE N 274 14.46 -19.43 -38.53
C ILE N 274 15.35 -20.12 -37.49
N ARG N 275 15.37 -21.45 -37.50
CA ARG N 275 15.97 -22.20 -36.40
C ARG N 275 17.40 -22.66 -36.66
N LYS N 276 17.83 -22.75 -37.93
CA LYS N 276 19.11 -23.38 -38.22
C LYS N 276 20.10 -22.51 -38.99
N THR N 277 19.71 -21.31 -39.43
CA THR N 277 20.59 -20.50 -40.26
C THR N 277 20.71 -19.10 -39.70
N ARG N 278 21.80 -18.43 -40.06
CA ARG N 278 22.01 -17.02 -39.77
C ARG N 278 22.58 -16.31 -41.00
N PHE N 279 22.13 -15.09 -41.21
CA PHE N 279 22.53 -14.29 -42.38
C PHE N 279 23.26 -13.05 -41.90
N PHE N 280 24.44 -12.79 -42.48
CA PHE N 280 25.25 -11.67 -42.05
C PHE N 280 25.85 -10.95 -43.26
N MET N 281 26.42 -9.78 -42.99
CA MET N 281 27.13 -8.97 -43.97
C MET N 281 28.57 -8.84 -43.50
N ALA N 282 29.50 -9.36 -44.29
CA ALA N 282 30.91 -9.40 -43.91
C ALA N 282 31.74 -8.56 -44.87
N THR N 283 32.74 -7.87 -44.31
CA THR N 283 33.68 -7.06 -45.09
C THR N 283 35.04 -7.74 -45.09
N LEU N 284 35.42 -8.29 -46.24
CA LEU N 284 36.67 -9.01 -46.40
C LEU N 284 37.67 -8.13 -47.15
N ARG N 285 38.89 -8.02 -46.62
CA ARG N 285 39.92 -7.21 -47.25
C ARG N 285 41.03 -8.06 -47.84
N LYS N 286 41.51 -7.66 -49.01
CA LYS N 286 42.76 -8.15 -49.58
C LYS N 286 43.94 -7.36 -49.00
N PRO N 287 44.94 -8.02 -48.42
CA PRO N 287 45.97 -7.29 -47.65
C PRO N 287 46.89 -6.43 -48.51
N ALA N 288 47.42 -5.37 -47.89
CA ALA N 288 48.16 -4.33 -48.61
C ALA N 288 49.55 -4.79 -49.01
N VAL N 289 50.26 -3.90 -49.71
CA VAL N 289 51.63 -4.16 -50.16
C VAL N 289 51.68 -5.41 -51.06
N GLN O 10 -11.37 36.69 -51.65
CA GLN O 10 -11.90 37.58 -52.67
C GLN O 10 -11.40 39.02 -52.49
N GLN O 11 -10.79 39.28 -51.34
CA GLN O 11 -10.45 40.65 -50.95
C GLN O 11 -9.47 41.29 -51.93
N VAL O 12 -8.64 40.49 -52.61
CA VAL O 12 -7.60 41.03 -53.48
C VAL O 12 -7.65 40.33 -54.83
N THR O 13 -7.13 41.03 -55.84
CA THR O 13 -6.96 40.49 -57.18
C THR O 13 -5.46 40.37 -57.47
N ALA O 14 -5.15 39.60 -58.53
CA ALA O 14 -3.76 39.36 -58.88
C ALA O 14 -3.06 40.64 -59.30
N ASP O 15 -3.79 41.59 -59.90
CA ASP O 15 -3.18 42.85 -60.31
C ASP O 15 -2.93 43.78 -59.12
N GLU O 16 -3.80 43.75 -58.11
CA GLU O 16 -3.55 44.54 -56.91
C GLU O 16 -2.34 44.03 -56.16
N VAL O 17 -2.20 42.71 -56.03
CA VAL O 17 -1.05 42.14 -55.34
C VAL O 17 0.24 42.44 -56.09
N GLY O 18 0.18 42.38 -57.42
CA GLY O 18 1.38 42.68 -58.20
C GLY O 18 1.83 44.11 -58.05
N ASP O 19 0.89 45.05 -58.03
CA ASP O 19 1.24 46.46 -57.88
C ASP O 19 1.68 46.78 -56.46
N TRP O 20 1.16 46.03 -55.48
CA TRP O 20 1.57 46.24 -54.10
C TRP O 20 3.05 45.90 -53.91
N TYR O 21 3.49 44.77 -54.46
CA TYR O 21 4.90 44.41 -54.34
C TYR O 21 5.78 45.26 -55.24
N ASP O 22 5.23 45.76 -56.34
CA ASP O 22 5.98 46.70 -57.17
C ASP O 22 6.28 47.99 -56.42
N LYS O 23 5.39 48.40 -55.51
CA LYS O 23 5.54 49.64 -54.76
C LYS O 23 6.18 49.44 -53.40
N PHE O 24 5.79 48.41 -52.65
CA PHE O 24 6.26 48.23 -51.29
C PHE O 24 7.02 46.94 -51.07
N GLY O 25 7.17 46.10 -52.09
CA GLY O 25 7.80 44.80 -51.92
C GLY O 25 9.19 44.85 -51.33
N GLU O 26 9.90 45.97 -51.49
CA GLU O 26 11.25 46.08 -50.97
C GLU O 26 11.28 46.44 -49.49
N VAL O 27 10.14 46.65 -48.84
CA VAL O 27 10.14 46.91 -47.41
C VAL O 27 10.46 45.64 -46.62
N TYR O 28 10.23 44.47 -47.22
CA TYR O 28 10.59 43.22 -46.58
C TYR O 28 12.10 42.96 -46.69
N HIS O 29 12.70 43.36 -47.81
CA HIS O 29 14.14 43.21 -47.95
C HIS O 29 14.91 44.19 -47.07
N LEU O 30 14.27 45.28 -46.66
CA LEU O 30 14.89 46.25 -45.76
C LEU O 30 14.80 45.83 -44.29
N THR O 31 13.91 44.92 -43.95
CA THR O 31 13.70 44.51 -42.57
C THR O 31 13.96 43.04 -42.31
N LEU O 32 13.73 42.17 -43.30
CA LEU O 32 13.77 40.73 -43.09
C LEU O 32 14.94 40.03 -43.77
N GLY O 33 15.46 40.58 -44.88
CA GLY O 33 16.63 40.04 -45.53
C GLY O 33 16.42 39.85 -47.01
N GLU O 34 17.39 39.20 -47.66
CA GLU O 34 17.41 39.00 -49.10
C GLU O 34 16.31 38.10 -49.61
N SER O 35 15.45 37.59 -48.75
CA SER O 35 14.30 36.78 -49.14
C SER O 35 13.03 37.50 -48.70
N VAL O 36 11.89 36.90 -48.99
CA VAL O 36 10.62 37.46 -48.54
C VAL O 36 9.79 36.39 -47.84
N HIS O 37 10.31 35.84 -46.75
CA HIS O 37 9.60 34.85 -45.96
C HIS O 37 10.08 34.92 -44.53
N CYS O 38 9.57 34.01 -43.69
CA CYS O 38 9.94 33.98 -42.29
C CYS O 38 11.38 33.49 -42.12
N GLY O 39 11.96 33.83 -40.97
CA GLY O 39 13.25 33.30 -40.56
C GLY O 39 13.07 32.10 -39.66
N LEU O 40 14.04 31.17 -39.72
CA LEU O 40 14.02 29.99 -38.86
C LEU O 40 14.63 30.37 -37.51
N TRP O 41 13.83 31.08 -36.72
CA TRP O 41 14.29 31.52 -35.40
C TRP O 41 14.28 30.40 -34.38
N PHE O 42 13.37 29.44 -34.52
CA PHE O 42 13.31 28.28 -33.65
C PHE O 42 13.67 27.03 -34.42
N PRO O 43 14.63 26.24 -33.95
CA PRO O 43 15.01 25.03 -34.68
C PRO O 43 13.84 24.09 -34.81
N PRO O 44 13.78 23.31 -35.89
CA PRO O 44 12.60 22.47 -36.13
C PRO O 44 12.32 21.43 -35.05
N ASP O 45 13.33 21.03 -34.27
CA ASP O 45 13.09 20.09 -33.18
C ASP O 45 12.60 20.76 -31.90
N ALA O 46 12.57 22.08 -31.84
CA ALA O 46 12.10 22.75 -30.63
C ALA O 46 10.59 22.56 -30.47
N PRO O 47 10.08 22.62 -29.26
CA PRO O 47 8.64 22.48 -29.06
C PRO O 47 7.89 23.75 -29.45
N VAL O 48 6.62 23.57 -29.79
CA VAL O 48 5.72 24.68 -30.03
C VAL O 48 5.53 25.39 -28.70
N PRO O 49 5.77 26.69 -28.61
CA PRO O 49 5.62 27.41 -27.34
C PRO O 49 4.19 27.36 -26.83
N GLN O 50 4.04 27.64 -25.53
CA GLN O 50 2.72 27.75 -24.94
C GLN O 50 1.97 28.97 -25.46
N ASP O 51 2.65 30.12 -25.51
CA ASP O 51 2.09 31.35 -26.05
C ASP O 51 2.97 31.81 -27.21
N MET O 52 2.39 32.67 -28.05
CA MET O 52 3.13 33.39 -29.06
C MET O 52 3.57 34.76 -28.59
N GLU O 53 3.29 35.11 -27.32
CA GLU O 53 3.79 36.34 -26.74
C GLU O 53 5.30 36.41 -26.86
N LEU O 54 5.81 37.63 -27.07
CA LEU O 54 7.24 37.80 -27.31
C LEU O 54 8.06 37.27 -26.14
N VAL O 55 7.57 37.48 -24.91
CA VAL O 55 8.31 37.01 -23.74
C VAL O 55 8.28 35.49 -23.67
N THR O 56 7.15 34.87 -24.02
CA THR O 56 7.08 33.41 -24.00
C THR O 56 8.09 32.81 -24.95
N MET O 57 8.16 33.36 -26.17
CA MET O 57 9.10 32.83 -27.16
C MET O 57 10.54 33.13 -26.78
N SER O 58 10.79 34.28 -26.15
CA SER O 58 12.15 34.60 -25.73
C SER O 58 12.61 33.66 -24.61
N SER O 59 11.68 33.28 -23.73
CA SER O 59 12.06 32.42 -22.60
C SER O 59 12.51 31.05 -23.07
N GLN O 60 11.83 30.50 -24.09
CA GLN O 60 12.26 29.21 -24.63
C GLN O 60 13.65 29.31 -25.22
N ALA O 61 13.96 30.43 -25.87
CA ALA O 61 15.33 30.65 -26.35
C ALA O 61 16.30 30.80 -25.19
N GLN O 62 15.87 31.37 -24.06
CA GLN O 62 16.71 31.40 -22.87
C GLN O 62 16.98 30.00 -22.35
N ASP O 63 15.93 29.18 -22.25
CA ASP O 63 16.09 27.81 -21.75
C ASP O 63 16.98 26.99 -22.68
N ARG O 64 16.80 27.14 -24.00
CA ARG O 64 17.67 26.45 -24.94
C ARG O 64 19.09 26.95 -24.84
N TYR O 65 19.26 28.23 -24.54
CA TYR O 65 20.57 28.79 -24.24
C TYR O 65 21.18 28.13 -23.01
N THR O 66 20.39 27.97 -21.95
CA THR O 66 20.87 27.31 -20.74
C THR O 66 21.27 25.87 -21.02
N ASP O 67 20.46 25.16 -21.81
CA ASP O 67 20.80 23.79 -22.18
C ASP O 67 22.15 23.72 -22.88
N TYR O 68 22.47 24.74 -23.67
CA TYR O 68 23.74 24.75 -24.38
C TYR O 68 24.90 24.93 -23.42
N LEU O 69 24.78 25.86 -22.48
CA LEU O 69 25.83 26.06 -21.49
C LEU O 69 26.07 24.79 -20.67
N ILE O 70 24.99 24.21 -20.16
CA ILE O 70 25.11 22.95 -19.41
C ILE O 70 25.86 21.92 -20.23
N GLU O 71 25.50 21.79 -21.50
CA GLU O 71 26.19 20.87 -22.39
C GLU O 71 27.65 21.24 -22.57
N THR O 72 27.97 22.54 -22.54
CA THR O 72 29.33 22.99 -22.77
C THR O 72 30.21 22.75 -21.54
N LEU O 73 29.78 23.27 -20.40
CA LEU O 73 30.53 23.05 -19.16
C LEU O 73 30.54 21.58 -18.78
N ASP O 74 29.47 20.86 -19.09
CA ASP O 74 29.32 19.41 -18.89
C ASP O 74 29.55 19.01 -17.43
N PRO O 75 28.76 19.52 -16.48
CA PRO O 75 28.93 19.11 -15.08
C PRO O 75 28.48 17.66 -14.88
N LYS O 76 29.31 16.89 -14.19
CA LYS O 76 29.04 15.48 -13.97
C LYS O 76 28.22 15.28 -12.69
N ALA O 77 27.46 14.20 -12.67
CA ALA O 77 26.59 13.91 -11.53
C ALA O 77 27.40 13.80 -10.25
N GLY O 78 26.88 14.38 -9.17
CA GLY O 78 27.56 14.39 -7.89
C GLY O 78 28.46 15.58 -7.66
N GLN O 79 28.74 16.37 -8.70
CA GLN O 79 29.63 17.51 -8.55
C GLN O 79 28.90 18.69 -7.90
N HIS O 80 29.68 19.71 -7.55
CA HIS O 80 29.16 20.91 -6.92
C HIS O 80 29.54 22.10 -7.78
N LEU O 81 28.53 22.84 -8.24
CA LEU O 81 28.72 23.95 -9.16
C LEU O 81 28.41 25.27 -8.46
N LEU O 82 29.28 26.26 -8.67
CA LEU O 82 29.09 27.61 -8.16
C LEU O 82 28.52 28.49 -9.27
N ASP O 83 27.45 29.21 -8.98
CA ASP O 83 26.84 30.13 -9.92
C ASP O 83 27.19 31.55 -9.49
N ILE O 84 28.08 32.18 -10.24
CA ILE O 84 28.61 33.50 -9.92
C ILE O 84 27.70 34.52 -10.57
N GLY O 85 26.80 35.11 -9.79
CA GLY O 85 25.80 36.00 -10.35
C GLY O 85 24.66 35.19 -10.92
N CYS O 86 23.85 34.63 -10.03
CA CYS O 86 22.90 33.59 -10.36
C CYS O 86 21.50 34.10 -10.70
N GLY O 87 21.26 35.40 -10.57
CA GLY O 87 19.95 35.92 -10.92
C GLY O 87 18.88 35.31 -10.04
N THR O 88 17.80 34.82 -10.67
CA THR O 88 16.66 34.25 -9.96
C THR O 88 16.66 32.72 -9.95
N GLY O 89 17.77 32.10 -10.35
CA GLY O 89 18.01 30.71 -10.06
C GLY O 89 17.60 29.71 -11.14
N ARG O 90 16.88 30.13 -12.18
CA ARG O 90 16.38 29.15 -13.13
C ARG O 90 17.51 28.41 -13.83
N THR O 91 18.62 29.09 -14.08
CA THR O 91 19.75 28.41 -14.69
C THR O 91 20.28 27.32 -13.78
N ALA O 92 20.31 27.57 -12.46
CA ALA O 92 20.76 26.56 -11.51
C ALA O 92 19.75 25.42 -11.40
N LEU O 93 18.46 25.74 -11.47
CA LEU O 93 17.44 24.69 -11.40
C LEU O 93 17.60 23.68 -12.53
N LYS O 94 17.77 24.17 -13.77
CA LYS O 94 17.89 23.27 -14.91
C LYS O 94 19.18 22.45 -14.85
N ALA O 95 20.28 23.06 -14.43
CA ALA O 95 21.53 22.29 -14.34
C ALA O 95 21.42 21.22 -13.26
N ALA O 96 20.73 21.51 -12.16
CA ALA O 96 20.55 20.51 -11.11
C ALA O 96 19.68 19.35 -11.59
N ARG O 97 18.57 19.67 -12.27
CA ARG O 97 17.66 18.62 -12.74
C ARG O 97 18.26 17.79 -13.87
N GLN O 98 19.06 18.40 -14.73
CA GLN O 98 19.53 17.70 -15.91
C GLN O 98 20.77 16.86 -15.63
N ARG O 99 21.62 17.28 -14.70
CA ARG O 99 22.88 16.60 -14.48
C ARG O 99 22.99 15.92 -13.12
N GLY O 100 22.08 16.18 -12.20
CA GLY O 100 22.17 15.60 -10.87
C GLY O 100 23.34 16.16 -10.08
N ILE O 101 23.45 17.48 -10.02
CA ILE O 101 24.52 18.13 -9.30
C ILE O 101 23.90 18.95 -8.18
N ALA O 102 24.77 19.47 -7.31
CA ALA O 102 24.38 20.54 -6.40
C ALA O 102 24.89 21.87 -6.96
N VAL O 103 24.12 22.92 -6.71
CA VAL O 103 24.49 24.28 -7.13
C VAL O 103 24.29 25.22 -5.95
N THR O 104 25.27 26.09 -5.71
CA THR O 104 25.08 27.27 -4.87
C THR O 104 25.37 28.50 -5.71
N GLY O 105 24.44 29.44 -5.71
CA GLY O 105 24.56 30.66 -6.49
C GLY O 105 24.60 31.87 -5.59
N VAL O 106 25.29 32.91 -6.04
CA VAL O 106 25.47 34.13 -5.28
C VAL O 106 25.07 35.32 -6.15
N ALA O 107 24.40 36.29 -5.55
CA ALA O 107 24.03 37.52 -6.23
C ALA O 107 23.95 38.63 -5.19
N VAL O 108 24.19 39.87 -5.64
CA VAL O 108 24.13 41.00 -4.74
C VAL O 108 22.71 41.51 -4.51
N SER O 109 21.74 40.97 -5.23
CA SER O 109 20.36 41.42 -5.11
C SER O 109 19.63 40.56 -4.08
N LYS O 110 19.17 41.19 -2.99
CA LYS O 110 18.35 40.49 -2.02
C LYS O 110 17.10 39.92 -2.66
N GLU O 111 16.45 40.71 -3.52
CA GLU O 111 15.20 40.26 -4.13
C GLU O 111 15.43 39.08 -5.07
N GLN O 112 16.60 39.00 -5.70
CA GLN O 112 16.86 37.89 -6.62
C GLN O 112 17.13 36.60 -5.86
N ILE O 113 17.73 36.69 -4.68
CA ILE O 113 18.03 35.49 -3.90
C ILE O 113 16.78 34.93 -3.26
N ALA O 114 15.90 35.82 -2.77
CA ALA O 114 14.63 35.36 -2.21
C ALA O 114 13.80 34.64 -3.28
N ALA O 115 13.77 35.19 -4.50
CA ALA O 115 13.00 34.54 -5.57
C ALA O 115 13.64 33.23 -5.99
N ALA O 116 14.98 33.18 -5.99
CA ALA O 116 15.66 31.91 -6.30
C ALA O 116 15.35 30.86 -5.24
N ASN O 117 15.32 31.27 -3.96
CA ASN O 117 14.98 30.32 -2.91
C ASN O 117 13.54 29.83 -3.04
N ARG O 118 12.61 30.73 -3.35
CA ARG O 118 11.25 30.30 -3.65
C ARG O 118 11.23 29.28 -4.77
N LEU O 119 12.04 29.50 -5.81
CA LEU O 119 12.10 28.56 -6.92
C LEU O 119 12.58 27.19 -6.44
N ALA O 120 13.71 27.15 -5.74
CA ALA O 120 14.22 25.88 -5.23
C ALA O 120 13.21 25.20 -4.32
N ALA O 121 12.54 25.97 -3.46
CA ALA O 121 11.52 25.39 -2.59
C ALA O 121 10.35 24.83 -3.40
N GLY O 122 9.95 25.55 -4.45
CA GLY O 122 8.80 25.11 -5.23
C GLY O 122 9.04 23.82 -5.97
N HIS O 123 10.28 23.57 -6.41
CA HIS O 123 10.63 22.36 -7.12
C HIS O 123 11.24 21.30 -6.20
N GLY O 124 11.06 21.45 -4.89
CA GLY O 124 11.56 20.49 -3.92
C GLY O 124 13.04 20.26 -3.99
N LEU O 125 13.83 21.33 -4.18
CA LEU O 125 15.26 21.21 -4.43
C LEU O 125 16.08 22.12 -3.52
N THR O 126 15.59 22.38 -2.31
CA THR O 126 16.38 23.15 -1.36
C THR O 126 17.59 22.38 -0.87
N GLU O 127 17.57 21.04 -0.96
CA GLU O 127 18.72 20.24 -0.53
C GLU O 127 19.88 20.34 -1.52
N ARG O 128 19.58 20.60 -2.79
CA ARG O 128 20.62 20.67 -3.81
C ARG O 128 20.83 22.07 -4.37
N LEU O 129 19.91 22.99 -4.16
CA LEU O 129 20.04 24.38 -4.60
C LEU O 129 20.16 25.28 -3.38
N THR O 130 21.28 25.96 -3.26
CA THR O 130 21.52 26.93 -2.20
C THR O 130 21.74 28.30 -2.84
N PHE O 131 20.97 29.29 -2.40
CA PHE O 131 21.08 30.64 -2.93
C PHE O 131 21.35 31.61 -1.79
N GLU O 132 22.42 32.39 -1.94
CA GLU O 132 22.85 33.31 -0.89
C GLU O 132 23.19 34.66 -1.50
N VAL O 133 23.01 35.71 -0.70
CA VAL O 133 23.46 37.05 -1.07
C VAL O 133 24.95 37.15 -0.74
N ALA O 134 25.78 37.28 -1.77
CA ALA O 134 27.22 37.38 -1.56
C ALA O 134 27.84 38.09 -2.76
N ASP O 135 29.08 38.54 -2.57
CA ASP O 135 29.84 39.25 -3.59
C ASP O 135 30.88 38.31 -4.20
N ALA O 136 30.90 38.24 -5.53
CA ALA O 136 31.84 37.38 -6.24
C ALA O 136 33.28 37.88 -6.14
N MET O 137 33.47 39.14 -5.76
CA MET O 137 34.82 39.66 -5.54
C MET O 137 35.37 39.30 -4.15
N ARG O 138 34.49 38.83 -3.24
CA ARG O 138 34.88 38.33 -1.91
C ARG O 138 33.95 37.16 -1.59
N LEU O 139 34.22 36.02 -2.20
CA LEU O 139 33.35 34.87 -2.01
C LEU O 139 33.57 34.28 -0.62
N PRO O 140 32.52 34.12 0.19
CA PRO O 140 32.69 33.66 1.57
C PRO O 140 33.03 32.18 1.67
N TYR O 141 33.18 31.50 0.54
CA TYR O 141 33.45 30.08 0.58
C TYR O 141 34.94 29.82 0.64
N GLU O 142 35.27 28.61 1.07
CA GLU O 142 36.65 28.18 1.26
C GLU O 142 37.28 27.83 -0.08
N ASP O 143 38.61 27.72 -0.08
CA ASP O 143 39.36 27.36 -1.29
C ASP O 143 39.07 25.94 -1.76
N GLU O 144 39.05 25.73 -3.08
CA GLU O 144 38.85 24.38 -3.65
C GLU O 144 37.58 23.74 -3.11
N SER O 145 36.48 24.50 -3.13
CA SER O 145 35.20 24.01 -2.64
C SER O 145 34.26 23.53 -3.73
N PHE O 146 34.48 23.94 -4.98
CA PHE O 146 33.57 23.64 -6.08
C PHE O 146 34.28 22.90 -7.20
N ASP O 147 33.58 21.96 -7.84
CA ASP O 147 34.16 21.19 -8.93
C ASP O 147 34.20 22.01 -10.23
N CYS O 148 33.28 22.95 -10.37
CA CYS O 148 33.21 23.80 -11.55
C CYS O 148 32.33 25.00 -11.21
N ALA O 149 32.28 25.94 -12.14
CA ALA O 149 31.52 27.17 -11.93
C ALA O 149 31.18 27.78 -13.28
N TRP O 150 30.26 28.74 -13.26
CA TRP O 150 30.02 29.55 -14.45
C TRP O 150 29.57 30.95 -14.03
N ALA O 151 29.85 31.92 -14.89
CA ALA O 151 29.51 33.33 -14.67
C ALA O 151 28.77 33.79 -15.92
N ILE O 152 27.45 33.65 -15.90
CA ILE O 152 26.63 33.84 -17.09
C ILE O 152 26.19 35.30 -17.11
N GLU O 153 26.90 36.11 -17.89
CA GLU O 153 26.53 37.51 -18.12
C GLU O 153 26.42 38.27 -16.79
N SER O 154 27.49 38.20 -16.00
CA SER O 154 27.55 38.89 -14.72
C SER O 154 28.88 39.57 -14.44
N LEU O 155 29.97 39.21 -15.11
CA LEU O 155 31.26 39.83 -14.87
C LEU O 155 31.27 41.31 -15.24
N CYS O 156 30.34 41.77 -16.07
CA CYS O 156 30.32 43.19 -16.42
C CYS O 156 30.00 44.06 -15.22
N HIS O 157 29.30 43.52 -14.22
CA HIS O 157 28.94 44.27 -13.03
C HIS O 157 30.07 44.33 -12.02
N MET O 158 31.20 43.68 -12.27
CA MET O 158 32.23 43.49 -11.27
C MET O 158 33.58 43.94 -11.80
N ASP O 159 34.52 44.05 -10.86
CA ASP O 159 35.94 44.11 -11.18
C ASP O 159 36.39 42.73 -11.64
N ARG O 160 36.78 42.62 -12.92
CA ARG O 160 36.98 41.29 -13.50
C ARG O 160 38.22 40.61 -12.95
N ALA O 161 39.20 41.36 -12.46
CA ALA O 161 40.38 40.74 -11.87
C ALA O 161 40.02 40.10 -10.53
N LYS O 162 39.26 40.81 -9.69
CA LYS O 162 38.90 40.26 -8.39
C LYS O 162 37.97 39.05 -8.54
N ALA O 163 37.01 39.12 -9.46
CA ALA O 163 36.05 38.03 -9.61
C ALA O 163 36.72 36.78 -10.17
N LEU O 164 37.54 36.93 -11.21
CA LEU O 164 38.18 35.76 -11.81
C LEU O 164 39.15 35.11 -10.83
N GLY O 165 39.85 35.91 -10.02
CA GLY O 165 40.79 35.34 -9.06
C GLY O 165 40.08 34.68 -7.88
N GLU O 166 38.96 35.26 -7.46
CA GLU O 166 38.20 34.67 -6.36
C GLU O 166 37.54 33.37 -6.79
N ALA O 167 37.09 33.30 -8.05
CA ALA O 167 36.57 32.05 -8.60
C ALA O 167 37.68 31.01 -8.71
N TRP O 168 38.87 31.43 -9.12
CA TRP O 168 40.01 30.52 -9.19
C TRP O 168 40.32 29.94 -7.82
N ARG O 169 40.12 30.72 -6.76
CA ARG O 169 40.43 30.24 -5.42
C ARG O 169 39.44 29.19 -4.96
N VAL O 170 38.14 29.44 -5.17
CA VAL O 170 37.12 28.49 -4.72
C VAL O 170 37.02 27.26 -5.61
N LEU O 171 37.68 27.26 -6.76
CA LEU O 171 37.66 26.11 -7.65
C LEU O 171 38.66 25.04 -7.18
N LYS O 172 38.29 23.79 -7.41
CA LYS O 172 39.24 22.72 -7.17
C LYS O 172 40.25 22.65 -8.32
N PRO O 173 41.50 22.31 -8.03
CA PRO O 173 42.49 22.17 -9.11
C PRO O 173 42.02 21.18 -10.15
N GLY O 174 41.83 21.69 -11.37
CA GLY O 174 41.29 20.90 -12.46
C GLY O 174 39.88 21.27 -12.84
N GLY O 175 39.21 22.10 -12.06
CA GLY O 175 37.85 22.49 -12.37
C GLY O 175 37.79 23.62 -13.37
N ASP O 176 36.69 23.65 -14.12
CA ASP O 176 36.49 24.64 -15.17
C ASP O 176 35.55 25.74 -14.69
N LEU O 177 35.69 26.90 -15.33
CA LEU O 177 34.82 28.04 -15.11
C LEU O 177 34.31 28.51 -16.46
N LEU O 178 32.99 28.50 -16.65
CA LEU O 178 32.36 28.91 -17.90
C LEU O 178 32.02 30.40 -17.80
N VAL O 179 32.56 31.19 -18.72
CA VAL O 179 32.43 32.64 -18.68
C VAL O 179 31.71 33.10 -19.94
N LEU O 180 30.67 33.91 -19.76
CA LEU O 180 29.96 34.54 -20.86
C LEU O 180 30.20 36.04 -20.73
N GLU O 181 31.10 36.58 -21.56
CA GLU O 181 31.63 37.91 -21.38
C GLU O 181 31.56 38.72 -22.67
N SER O 182 31.42 40.04 -22.52
CA SER O 182 31.48 40.99 -23.62
C SER O 182 32.84 41.67 -23.65
N VAL O 183 33.23 42.14 -24.83
CA VAL O 183 34.55 42.71 -25.06
C VAL O 183 34.42 43.85 -26.07
N VAL O 184 35.17 44.94 -25.87
CA VAL O 184 35.20 46.05 -26.82
C VAL O 184 36.18 45.74 -27.95
N THR O 185 35.76 46.07 -29.17
CA THR O 185 36.66 46.00 -30.32
C THR O 185 37.13 47.37 -30.77
N GLU O 186 36.46 48.45 -30.34
CA GLU O 186 36.83 49.83 -30.64
C GLU O 186 37.42 50.46 -29.37
N GLU O 187 37.21 51.77 -29.21
CA GLU O 187 37.71 52.47 -28.03
C GLU O 187 36.60 52.96 -27.11
N LEU O 188 35.36 53.02 -27.60
CA LEU O 188 34.21 53.53 -26.84
C LEU O 188 34.38 54.98 -26.43
N THR O 189 33.55 55.86 -26.97
CA THR O 189 33.55 57.25 -26.54
C THR O 189 33.11 57.35 -25.09
N GLU O 190 33.38 58.50 -24.49
CA GLU O 190 32.97 58.73 -23.11
C GLU O 190 31.46 58.63 -22.90
N PRO O 191 30.59 59.16 -23.77
CA PRO O 191 29.15 58.95 -23.57
C PRO O 191 28.72 57.50 -23.72
N GLU O 192 29.35 56.75 -24.63
CA GLU O 192 29.03 55.33 -24.76
C GLU O 192 29.35 54.58 -23.47
N THR O 193 30.49 54.92 -22.85
CA THR O 193 30.86 54.29 -21.58
C THR O 193 29.88 54.66 -20.46
N ALA O 194 29.35 55.89 -20.48
CA ALA O 194 28.40 56.30 -19.46
C ALA O 194 27.08 55.56 -19.58
N LEU O 195 26.69 55.18 -20.80
CA LEU O 195 25.46 54.42 -20.98
C LEU O 195 25.51 53.08 -20.26
N PHE O 196 26.70 52.51 -20.10
CA PHE O 196 26.81 51.24 -19.39
C PHE O 196 26.36 51.38 -17.94
N GLU O 197 26.64 52.53 -17.32
CA GLU O 197 26.22 52.74 -15.94
C GLU O 197 24.77 53.19 -15.86
N THR O 198 24.35 54.09 -16.75
CA THR O 198 23.00 54.64 -16.67
C THR O 198 21.96 53.59 -17.01
N LEU O 199 22.14 52.88 -18.12
CA LEU O 199 21.20 51.85 -18.53
C LEU O 199 21.45 50.54 -17.81
N TYR O 200 22.48 49.82 -18.26
CA TYR O 200 22.74 48.45 -17.84
C TYR O 200 23.36 48.34 -16.45
N ALA O 201 23.70 49.48 -15.82
CA ALA O 201 24.17 49.51 -14.44
C ALA O 201 25.41 48.64 -14.24
N ALA O 202 26.38 48.79 -15.16
CA ALA O 202 27.56 47.95 -15.11
C ALA O 202 28.75 48.71 -15.68
N ASN O 203 29.92 48.10 -15.55
CA ASN O 203 31.17 48.66 -16.02
C ASN O 203 31.35 48.38 -17.52
N VAL O 204 32.34 49.03 -18.12
CA VAL O 204 32.62 48.88 -19.54
C VAL O 204 33.38 47.58 -19.75
N PRO O 205 33.21 46.91 -20.89
CA PRO O 205 33.95 45.67 -21.15
C PRO O 205 35.38 45.98 -21.54
N PRO O 206 36.31 45.08 -21.24
CA PRO O 206 37.72 45.30 -21.59
C PRO O 206 37.99 44.83 -23.00
N ARG O 207 39.24 45.00 -23.43
CA ARG O 207 39.65 44.53 -24.73
C ARG O 207 39.88 43.01 -24.70
N LEU O 208 40.06 42.43 -25.89
CA LEU O 208 40.20 40.99 -26.00
C LEU O 208 41.50 40.50 -25.40
N GLY O 209 42.54 41.32 -25.42
CA GLY O 209 43.82 40.93 -24.84
C GLY O 209 43.91 41.31 -23.37
N GLU O 210 43.32 42.46 -23.03
CA GLU O 210 43.28 42.89 -21.63
C GLU O 210 42.46 41.92 -20.79
N PHE O 211 41.31 41.47 -21.30
CA PHE O 211 40.53 40.46 -20.60
C PHE O 211 41.36 39.19 -20.40
N PHE O 212 42.02 38.72 -21.46
CA PHE O 212 42.83 37.51 -21.34
C PHE O 212 44.08 37.73 -20.51
N ASP O 213 44.57 38.97 -20.42
CA ASP O 213 45.61 39.27 -19.43
C ASP O 213 45.07 39.11 -18.01
N ILE O 214 43.83 39.55 -17.78
CA ILE O 214 43.21 39.38 -16.47
C ILE O 214 43.06 37.89 -16.16
N VAL O 215 42.59 37.11 -17.14
CA VAL O 215 42.44 35.67 -16.96
C VAL O 215 43.79 35.04 -16.58
N SER O 216 44.88 35.54 -17.16
CA SER O 216 46.21 35.02 -16.82
C SER O 216 46.58 35.36 -15.39
N GLY O 217 46.31 36.59 -14.96
CA GLY O 217 46.64 36.99 -13.61
C GLY O 217 45.93 36.17 -12.56
N ALA O 218 44.68 35.77 -12.84
CA ALA O 218 43.95 34.91 -11.92
C ALA O 218 44.55 33.51 -11.86
N GLY O 219 45.28 33.09 -12.88
CA GLY O 219 45.85 31.76 -12.93
C GLY O 219 45.11 30.77 -13.78
N PHE O 220 44.31 31.22 -14.75
CA PHE O 220 43.44 30.39 -15.57
C PHE O 220 44.08 30.08 -16.92
N HIS O 221 43.79 28.89 -17.43
CA HIS O 221 44.26 28.43 -18.73
C HIS O 221 43.08 28.40 -19.69
N THR O 222 43.13 29.23 -20.73
CA THR O 222 41.95 29.42 -21.58
C THR O 222 41.78 28.22 -22.50
N LEU O 223 40.64 27.52 -22.36
CA LEU O 223 40.42 26.28 -23.08
C LEU O 223 39.62 26.46 -24.36
N SER O 224 38.71 27.41 -24.41
CA SER O 224 37.88 27.59 -25.60
C SER O 224 37.24 28.96 -25.57
N LEU O 225 36.80 29.39 -26.76
CA LEU O 225 36.04 30.63 -26.92
C LEU O 225 35.11 30.43 -28.11
N LYS O 226 33.92 31.01 -28.03
CA LYS O 226 32.96 30.92 -29.12
C LYS O 226 32.09 32.16 -29.16
N ASP O 227 32.03 32.80 -30.32
CA ASP O 227 31.28 34.05 -30.46
C ASP O 227 29.78 33.78 -30.45
N LEU O 228 29.05 34.58 -29.66
CA LEU O 228 27.60 34.54 -29.61
C LEU O 228 27.03 35.95 -29.67
N SER O 229 27.70 36.84 -30.42
CA SER O 229 27.29 38.24 -30.46
C SER O 229 25.91 38.41 -31.10
N ALA O 230 25.61 37.59 -32.11
CA ALA O 230 24.30 37.66 -32.76
C ALA O 230 23.19 37.33 -31.78
N ASN O 231 23.43 36.38 -30.87
CA ASN O 231 22.45 36.07 -29.82
C ASN O 231 22.24 37.25 -28.90
N LEU O 232 23.31 37.99 -28.58
CA LEU O 232 23.16 39.17 -27.74
C LEU O 232 22.51 40.32 -28.50
N ALA O 233 22.81 40.43 -29.80
CA ALA O 233 22.15 41.46 -30.60
C ALA O 233 20.66 41.20 -30.73
N MET O 234 20.29 39.93 -30.94
CA MET O 234 18.87 39.60 -31.06
C MET O 234 18.15 39.80 -29.73
N THR O 235 18.75 39.35 -28.64
CA THR O 235 18.11 39.52 -27.33
C THR O 235 17.95 40.99 -27.00
N MET O 236 18.94 41.81 -27.32
CA MET O 236 18.82 43.26 -27.10
C MET O 236 17.75 43.88 -28.00
N ASN O 237 17.54 43.32 -29.19
CA ASN O 237 16.41 43.73 -30.02
C ASN O 237 15.09 43.34 -29.39
N VAL O 238 15.00 42.13 -28.83
CA VAL O 238 13.79 41.70 -28.15
C VAL O 238 13.51 42.59 -26.95
N PHE O 239 14.55 42.93 -26.20
CA PHE O 239 14.39 43.81 -25.04
C PHE O 239 13.91 45.19 -25.46
N ALA O 240 14.56 45.79 -26.45
CA ALA O 240 14.15 47.12 -26.92
C ALA O 240 12.71 47.12 -27.40
N LEU O 241 12.35 46.19 -28.29
CA LEU O 241 11.00 46.15 -28.84
C LEU O 241 9.95 46.06 -27.75
N GLY O 242 10.16 45.18 -26.77
CA GLY O 242 9.22 45.08 -25.66
C GLY O 242 9.12 46.33 -24.81
N VAL O 243 10.25 47.03 -24.63
CA VAL O 243 10.22 48.30 -23.91
C VAL O 243 9.48 49.36 -24.71
N TYR O 244 9.71 49.41 -26.02
CA TYR O 244 9.03 50.38 -26.87
C TYR O 244 7.52 50.20 -26.81
N SER O 245 7.05 48.95 -27.00
CA SER O 245 5.64 48.68 -27.13
C SER O 245 4.90 48.71 -25.80
N ARG O 246 5.62 48.63 -24.67
CA ARG O 246 4.99 48.57 -23.36
C ARG O 246 5.53 49.68 -22.46
N ARG O 247 5.58 50.89 -23.00
CA ARG O 247 6.03 52.04 -22.20
C ARG O 247 5.08 52.29 -21.04
N ALA O 248 3.78 52.35 -21.32
CA ALA O 248 2.80 52.65 -20.27
C ALA O 248 2.89 51.65 -19.12
N GLU O 249 2.93 50.36 -19.45
CA GLU O 249 3.02 49.34 -18.41
C GLU O 249 4.31 49.52 -17.61
N PHE O 250 5.45 49.66 -18.29
CA PHE O 250 6.72 49.72 -17.58
C PHE O 250 6.89 51.02 -16.81
N THR O 251 6.22 52.09 -17.24
CA THR O 251 6.26 53.32 -16.47
C THR O 251 5.45 53.19 -15.18
N GLU O 252 4.26 52.61 -15.27
CA GLU O 252 3.41 52.44 -14.09
C GLU O 252 4.03 51.49 -13.07
N ARG O 253 5.02 50.68 -13.46
CA ARG O 253 5.63 49.71 -12.56
C ARG O 253 7.04 50.07 -12.13
N PHE O 254 7.86 50.64 -13.01
CA PHE O 254 9.22 51.02 -12.66
C PHE O 254 9.43 52.53 -12.63
N GLY O 255 8.36 53.31 -12.67
CA GLY O 255 8.47 54.76 -12.71
C GLY O 255 8.62 55.26 -14.14
N ALA O 256 8.59 56.58 -14.28
CA ALA O 256 8.80 57.19 -15.59
C ALA O 256 10.25 57.56 -15.84
N GLU O 257 11.07 57.63 -14.80
CA GLU O 257 12.47 58.02 -14.95
C GLU O 257 13.31 56.90 -15.56
N PHE O 258 13.10 55.66 -15.11
CA PHE O 258 13.90 54.53 -15.58
C PHE O 258 13.53 54.13 -17.00
N VAL O 259 12.23 54.16 -17.33
CA VAL O 259 11.78 53.84 -18.68
C VAL O 259 12.26 54.89 -19.67
N ASP O 260 12.11 56.18 -19.32
CA ASP O 260 12.59 57.24 -20.20
C ASP O 260 14.09 57.13 -20.43
N GLY O 261 14.84 56.68 -19.43
CA GLY O 261 16.26 56.41 -19.64
C GLY O 261 16.49 55.37 -20.72
N LEU O 262 15.79 54.24 -20.60
CA LEU O 262 15.90 53.18 -21.61
C LEU O 262 15.46 53.68 -22.98
N LEU O 263 14.27 54.26 -23.05
CA LEU O 263 13.73 54.71 -24.34
C LEU O 263 14.69 55.66 -25.04
N ALA O 264 15.33 56.54 -24.28
CA ALA O 264 16.25 57.51 -24.87
C ALA O 264 17.65 56.96 -25.09
N GLY O 265 17.95 55.76 -24.59
CA GLY O 265 19.31 55.25 -24.67
C GLY O 265 19.46 53.94 -25.42
N LEU O 266 18.38 53.16 -25.51
CA LEU O 266 18.46 51.82 -26.10
C LEU O 266 18.90 51.87 -27.56
N GLY O 267 18.51 52.93 -28.29
CA GLY O 267 18.89 53.01 -29.70
C GLY O 267 20.38 53.14 -29.89
N SER O 268 21.00 54.07 -29.17
CA SER O 268 22.45 54.25 -29.29
C SER O 268 23.20 53.08 -28.67
N ALA O 269 22.67 52.50 -27.59
CA ALA O 269 23.30 51.34 -26.99
C ALA O 269 23.32 50.15 -27.95
N GLN O 270 22.24 49.97 -28.71
CA GLN O 270 22.22 48.90 -29.70
C GLN O 270 23.29 49.13 -30.77
N GLU O 271 23.45 50.38 -31.22
CA GLU O 271 24.47 50.67 -32.22
C GLU O 271 25.87 50.40 -31.66
N THR O 272 26.13 50.85 -30.42
CA THR O 272 27.40 50.59 -29.78
C THR O 272 27.65 49.08 -29.67
N LEU O 273 26.60 48.31 -29.38
CA LEU O 273 26.72 46.86 -29.35
C LEU O 273 27.04 46.30 -30.73
N ILE O 274 26.31 46.77 -31.75
CA ILE O 274 26.48 46.27 -33.10
C ILE O 274 27.91 46.49 -33.59
N ARG O 275 28.44 47.70 -33.38
CA ARG O 275 29.64 48.13 -34.09
C ARG O 275 30.93 48.01 -33.28
N LYS O 276 30.85 48.00 -31.96
CA LYS O 276 32.07 48.11 -31.15
C LYS O 276 32.32 46.94 -30.21
N THR O 277 31.36 46.06 -29.97
CA THR O 277 31.52 45.03 -28.96
C THR O 277 31.24 43.64 -29.53
N ARG O 278 31.76 42.63 -28.83
CA ARG O 278 31.51 41.23 -29.16
C ARG O 278 31.27 40.46 -27.86
N PHE O 279 30.54 39.36 -27.99
CA PHE O 279 30.07 38.57 -26.85
C PHE O 279 30.35 37.11 -27.11
N PHE O 280 31.00 36.44 -26.15
CA PHE O 280 31.47 35.07 -26.40
C PHE O 280 31.30 34.20 -25.16
N MET O 281 31.47 32.90 -25.38
CA MET O 281 31.43 31.87 -24.34
C MET O 281 32.84 31.28 -24.23
N ALA O 282 33.43 31.37 -23.04
CA ALA O 282 34.81 30.93 -22.84
C ALA O 282 34.90 29.92 -21.71
N THR O 283 35.60 28.81 -21.97
CA THR O 283 35.89 27.80 -20.95
C THR O 283 37.28 28.03 -20.39
N LEU O 284 37.36 28.24 -19.08
CA LEU O 284 38.62 28.53 -18.39
C LEU O 284 38.86 27.46 -17.34
N ARG O 285 40.08 26.93 -17.30
CA ARG O 285 40.42 25.85 -16.38
C ARG O 285 41.40 26.31 -15.31
N LYS O 286 41.10 26.00 -14.06
CA LYS O 286 42.10 26.09 -13.00
C LYS O 286 43.04 24.90 -13.12
N PRO O 287 44.34 25.11 -13.36
CA PRO O 287 45.23 23.98 -13.59
C PRO O 287 45.28 23.06 -12.38
N ALA O 288 45.50 21.78 -12.65
CA ALA O 288 45.59 20.78 -11.59
C ALA O 288 47.02 20.64 -11.09
N VAL O 289 47.34 19.48 -10.54
CA VAL O 289 48.70 19.19 -10.10
C VAL O 289 49.05 17.75 -10.44
N GLN P 10 34.61 49.32 -12.98
CA GLN P 10 35.01 50.12 -11.82
C GLN P 10 34.00 51.25 -11.58
N GLN P 11 33.02 51.37 -12.49
CA GLN P 11 32.11 52.50 -12.46
C GLN P 11 31.01 52.34 -11.43
N VAL P 12 30.67 51.09 -11.07
CA VAL P 12 29.59 50.83 -10.13
C VAL P 12 30.09 49.92 -9.02
N THR P 13 29.41 49.98 -7.89
CA THR P 13 29.71 49.17 -6.72
C THR P 13 28.71 48.02 -6.60
N ALA P 14 29.02 47.08 -5.71
CA ALA P 14 28.15 45.93 -5.51
C ALA P 14 26.78 46.35 -4.99
N ASP P 15 26.75 47.33 -4.08
CA ASP P 15 25.48 47.85 -3.58
C ASP P 15 24.66 48.47 -4.70
N GLU P 16 25.32 49.24 -5.58
CA GLU P 16 24.62 49.91 -6.67
C GLU P 16 24.07 48.91 -7.69
N VAL P 17 24.63 47.71 -7.76
CA VAL P 17 24.07 46.69 -8.64
C VAL P 17 22.91 45.95 -7.96
N GLY P 18 23.03 45.70 -6.66
CA GLY P 18 21.98 44.95 -5.99
C GLY P 18 20.67 45.72 -5.90
N ASP P 19 20.74 46.99 -5.53
CA ASP P 19 19.52 47.80 -5.44
C ASP P 19 18.91 48.04 -6.82
N TRP P 20 19.74 48.11 -7.86
CA TRP P 20 19.21 48.20 -9.22
C TRP P 20 18.37 46.97 -9.56
N TYR P 21 18.92 45.78 -9.32
CA TYR P 21 18.16 44.56 -9.59
C TYR P 21 16.98 44.39 -8.64
N ASP P 22 17.09 44.91 -7.41
CA ASP P 22 15.95 44.88 -6.51
C ASP P 22 14.81 45.72 -7.05
N LYS P 23 15.13 46.85 -7.67
CA LYS P 23 14.14 47.76 -8.24
C LYS P 23 13.73 47.36 -9.65
N PHE P 24 14.69 47.17 -10.55
CA PHE P 24 14.41 47.02 -11.97
C PHE P 24 14.73 45.62 -12.49
N GLY P 25 15.13 44.70 -11.62
CA GLY P 25 15.54 43.38 -12.10
C GLY P 25 14.46 42.66 -12.87
N GLU P 26 13.20 42.88 -12.52
CA GLU P 26 12.12 42.15 -13.15
C GLU P 26 11.78 42.67 -14.54
N VAL P 27 12.42 43.75 -15.01
CA VAL P 27 12.17 44.17 -16.39
C VAL P 27 12.72 43.15 -17.37
N TYR P 28 13.75 42.38 -16.96
CA TYR P 28 14.25 41.32 -17.81
C TYR P 28 13.31 40.14 -17.85
N HIS P 29 12.57 39.90 -16.77
CA HIS P 29 11.61 38.80 -16.77
C HIS P 29 10.34 39.13 -17.53
N LEU P 30 10.01 40.43 -17.66
CA LEU P 30 8.83 40.83 -18.41
C LEU P 30 9.08 40.82 -19.90
N THR P 31 10.31 41.07 -20.34
CA THR P 31 10.65 41.14 -21.75
C THR P 31 11.38 39.92 -22.27
N LEU P 32 12.27 39.31 -21.48
CA LEU P 32 13.17 38.28 -21.97
C LEU P 32 12.80 36.86 -21.55
N GLY P 33 12.10 36.68 -20.43
CA GLY P 33 11.62 35.38 -20.04
C GLY P 33 11.98 35.04 -18.61
N GLU P 34 11.93 33.74 -18.29
CA GLU P 34 12.10 33.29 -16.92
C GLU P 34 13.56 33.27 -16.48
N SER P 35 14.48 33.73 -17.31
CA SER P 35 15.88 33.86 -16.96
C SER P 35 16.32 35.31 -17.19
N VAL P 36 17.58 35.58 -16.89
CA VAL P 36 18.14 36.91 -17.09
C VAL P 36 19.39 36.82 -17.97
N HIS P 37 19.25 36.21 -19.14
CA HIS P 37 20.37 36.06 -20.06
C HIS P 37 19.85 35.99 -21.50
N CYS P 38 20.79 35.85 -22.43
CA CYS P 38 20.45 35.90 -23.85
C CYS P 38 19.64 34.67 -24.26
N GLY P 39 18.82 34.85 -25.29
CA GLY P 39 18.24 33.72 -25.98
C GLY P 39 19.20 33.15 -27.01
N LEU P 40 19.08 31.84 -27.25
CA LEU P 40 19.87 31.17 -28.27
C LEU P 40 19.14 31.25 -29.60
N TRP P 41 19.11 32.46 -30.15
CA TRP P 41 18.36 32.69 -31.37
C TRP P 41 19.04 32.09 -32.58
N PHE P 42 20.35 31.85 -32.51
CA PHE P 42 21.07 31.25 -33.61
C PHE P 42 21.70 29.93 -33.14
N PRO P 43 21.48 28.84 -33.86
CA PRO P 43 22.08 27.57 -33.46
C PRO P 43 23.58 27.68 -33.36
N PRO P 44 24.20 26.92 -32.45
CA PRO P 44 25.65 27.05 -32.26
C PRO P 44 26.47 26.73 -33.52
N ASP P 45 25.99 25.84 -34.39
CA ASP P 45 26.76 25.48 -35.57
C ASP P 45 26.57 26.49 -36.71
N ALA P 46 25.72 27.50 -36.54
CA ALA P 46 25.53 28.52 -37.55
C ALA P 46 26.71 29.48 -37.59
N PRO P 47 27.01 30.05 -38.75
CA PRO P 47 28.14 30.97 -38.85
C PRO P 47 27.84 32.33 -38.22
N VAL P 48 28.89 32.95 -37.72
CA VAL P 48 28.78 34.32 -37.21
C VAL P 48 28.40 35.25 -38.35
N PRO P 49 27.42 36.14 -38.17
CA PRO P 49 27.00 37.02 -39.28
C PRO P 49 28.08 38.05 -39.63
N GLN P 50 27.90 38.63 -40.83
CA GLN P 50 28.83 39.65 -41.30
C GLN P 50 28.67 40.95 -40.51
N ASP P 51 27.46 41.24 -40.06
CA ASP P 51 27.22 42.40 -39.21
C ASP P 51 26.07 42.06 -38.26
N MET P 52 25.95 42.88 -37.22
CA MET P 52 24.92 42.67 -36.21
C MET P 52 23.61 43.38 -36.55
N GLU P 53 23.50 44.02 -37.70
CA GLU P 53 22.27 44.70 -38.08
C GLU P 53 21.12 43.70 -38.16
N LEU P 54 19.93 44.19 -37.79
CA LEU P 54 18.76 43.31 -37.67
C LEU P 54 18.43 42.64 -39.00
N VAL P 55 18.53 43.38 -40.11
CA VAL P 55 18.18 42.81 -41.40
C VAL P 55 19.17 41.71 -41.79
N THR P 56 20.43 41.82 -41.39
CA THR P 56 21.40 40.77 -41.68
C THR P 56 21.07 39.51 -40.91
N MET P 57 20.80 39.65 -39.61
CA MET P 57 20.52 38.48 -38.78
C MET P 57 19.23 37.79 -39.22
N SER P 58 18.20 38.57 -39.53
CA SER P 58 16.99 37.98 -40.08
C SER P 58 17.23 37.33 -41.43
N SER P 59 18.17 37.87 -42.22
CA SER P 59 18.48 37.28 -43.52
C SER P 59 19.10 35.88 -43.37
N GLN P 60 20.01 35.72 -42.41
CA GLN P 60 20.57 34.39 -42.17
C GLN P 60 19.50 33.43 -41.65
N ALA P 61 18.54 33.95 -40.89
CA ALA P 61 17.42 33.12 -40.46
C ALA P 61 16.53 32.75 -41.64
N GLN P 62 16.37 33.68 -42.58
CA GLN P 62 15.64 33.38 -43.81
C GLN P 62 16.33 32.29 -44.61
N ASP P 63 17.65 32.37 -44.74
CA ASP P 63 18.39 31.38 -45.50
C ASP P 63 18.34 30.01 -44.84
N ARG P 64 18.51 29.97 -43.51
CA ARG P 64 18.37 28.69 -42.81
C ARG P 64 16.95 28.15 -42.91
N TYR P 65 15.96 29.05 -42.93
CA TYR P 65 14.60 28.65 -43.22
C TYR P 65 14.49 27.99 -44.60
N THR P 66 15.14 28.57 -45.62
CA THR P 66 15.11 27.98 -46.96
C THR P 66 15.80 26.62 -46.99
N ASP P 67 16.96 26.51 -46.35
CA ASP P 67 17.65 25.23 -46.29
C ASP P 67 16.75 24.15 -45.70
N TYR P 68 15.98 24.51 -44.66
CA TYR P 68 15.03 23.57 -44.08
C TYR P 68 13.93 23.21 -45.07
N LEU P 69 13.43 24.20 -45.82
CA LEU P 69 12.44 23.93 -46.85
C LEU P 69 13.00 23.01 -47.93
N ILE P 70 14.25 23.26 -48.36
CA ILE P 70 14.90 22.38 -49.32
C ILE P 70 15.04 20.97 -48.75
N GLU P 71 15.50 20.89 -47.50
CA GLU P 71 15.69 19.59 -46.86
C GLU P 71 14.38 18.83 -46.73
N THR P 72 13.27 19.55 -46.52
CA THR P 72 11.98 18.89 -46.32
C THR P 72 11.42 18.35 -47.63
N LEU P 73 11.32 19.20 -48.65
CA LEU P 73 10.78 18.76 -49.95
C LEU P 73 11.71 17.74 -50.60
N ASP P 74 13.02 17.92 -50.43
CA ASP P 74 14.06 17.02 -50.94
C ASP P 74 14.00 16.86 -52.45
N PRO P 75 14.14 17.94 -53.23
CA PRO P 75 14.14 17.78 -54.68
C PRO P 75 15.40 17.05 -55.13
N LYS P 76 15.22 16.13 -56.07
CA LYS P 76 16.30 15.27 -56.53
C LYS P 76 17.01 15.91 -57.72
N ALA P 77 18.30 15.58 -57.85
CA ALA P 77 19.12 16.16 -58.90
C ALA P 77 18.55 15.85 -60.27
N GLY P 78 18.49 16.86 -61.13
CA GLY P 78 17.95 16.70 -62.46
C GLY P 78 16.45 16.91 -62.56
N GLN P 79 15.79 17.33 -61.49
CA GLN P 79 14.35 17.56 -61.50
C GLN P 79 14.06 19.03 -61.81
N HIS P 80 12.79 19.32 -62.08
CA HIS P 80 12.35 20.68 -62.37
C HIS P 80 11.27 21.06 -61.36
N LEU P 81 11.51 22.15 -60.64
CA LEU P 81 10.66 22.60 -59.55
C LEU P 81 9.98 23.91 -59.93
N LEU P 82 8.73 24.08 -59.48
CA LEU P 82 7.93 25.26 -59.80
C LEU P 82 7.72 26.08 -58.52
N ASP P 83 8.35 27.26 -58.47
CA ASP P 83 8.21 28.15 -57.31
C ASP P 83 6.99 29.03 -57.53
N ILE P 84 5.87 28.64 -56.94
CA ILE P 84 4.62 29.38 -57.05
C ILE P 84 4.71 30.61 -56.14
N GLY P 85 4.74 31.80 -56.74
CA GLY P 85 4.95 33.02 -55.98
C GLY P 85 6.38 33.15 -55.53
N CYS P 86 7.28 33.32 -56.48
CA CYS P 86 8.72 33.15 -56.24
C CYS P 86 9.41 34.40 -55.71
N GLY P 87 8.73 35.54 -55.66
CA GLY P 87 9.37 36.75 -55.13
C GLY P 87 10.55 37.18 -55.98
N THR P 88 11.66 37.51 -55.33
CA THR P 88 12.88 37.91 -56.02
C THR P 88 13.84 36.74 -56.27
N GLY P 89 13.39 35.50 -56.04
CA GLY P 89 14.06 34.32 -56.53
C GLY P 89 15.24 33.79 -55.74
N ARG P 90 15.56 34.37 -54.58
CA ARG P 90 16.68 33.84 -53.82
C ARG P 90 16.41 32.41 -53.35
N THR P 91 15.16 32.09 -53.02
CA THR P 91 14.82 30.72 -52.63
C THR P 91 15.05 29.76 -53.79
N ALA P 92 14.66 30.18 -55.01
CA ALA P 92 14.92 29.36 -56.18
C ALA P 92 16.43 29.24 -56.44
N LEU P 93 17.18 30.30 -56.13
CA LEU P 93 18.62 30.27 -56.35
C LEU P 93 19.30 29.24 -55.44
N LYS P 94 19.04 29.33 -54.14
CA LYS P 94 19.66 28.39 -53.20
C LYS P 94 19.23 26.95 -53.49
N ALA P 95 17.97 26.76 -53.89
CA ALA P 95 17.52 25.43 -54.28
C ALA P 95 18.22 24.95 -55.54
N ALA P 96 18.57 25.87 -56.45
CA ALA P 96 19.26 25.49 -57.68
C ALA P 96 20.68 25.02 -57.38
N ARG P 97 21.40 25.78 -56.54
CA ARG P 97 22.81 25.47 -56.30
C ARG P 97 23.00 24.22 -55.45
N GLN P 98 22.06 23.94 -54.55
CA GLN P 98 22.24 22.85 -53.59
C GLN P 98 21.83 21.49 -54.13
N ARG P 99 20.85 21.42 -55.01
CA ARG P 99 20.29 20.15 -55.44
C ARG P 99 20.49 19.84 -56.91
N GLY P 100 21.11 20.73 -57.67
CA GLY P 100 21.32 20.46 -59.09
C GLY P 100 20.03 20.30 -59.86
N ILE P 101 19.06 21.19 -59.61
CA ILE P 101 17.76 21.11 -60.25
C ILE P 101 17.51 22.42 -61.00
N ALA P 102 16.48 22.40 -61.85
CA ALA P 102 15.99 23.60 -62.51
C ALA P 102 14.75 24.09 -61.80
N VAL P 103 14.64 25.41 -61.63
CA VAL P 103 13.51 26.02 -60.94
C VAL P 103 12.86 27.03 -61.87
N THR P 104 11.54 26.95 -61.97
CA THR P 104 10.73 27.90 -62.73
C THR P 104 9.82 28.62 -61.74
N GLY P 105 10.05 29.90 -61.55
CA GLY P 105 9.29 30.72 -60.61
C GLY P 105 8.35 31.66 -61.32
N VAL P 106 7.16 31.85 -60.74
CA VAL P 106 6.16 32.77 -61.28
C VAL P 106 5.76 33.74 -60.18
N ALA P 107 5.36 34.94 -60.59
CA ALA P 107 4.90 35.97 -59.68
C ALA P 107 4.16 37.03 -60.48
N VAL P 108 3.21 37.70 -59.83
CA VAL P 108 2.37 38.67 -60.50
C VAL P 108 2.98 40.06 -60.41
N SER P 109 4.23 40.15 -59.98
CA SER P 109 4.93 41.42 -59.86
C SER P 109 6.02 41.50 -60.92
N LYS P 110 5.97 42.56 -61.74
CA LYS P 110 6.99 42.77 -62.76
C LYS P 110 8.33 43.13 -62.13
N GLU P 111 8.32 43.98 -61.09
CA GLU P 111 9.57 44.37 -60.44
C GLU P 111 10.26 43.19 -59.77
N GLN P 112 9.49 42.24 -59.23
CA GLN P 112 10.10 41.10 -58.56
C GLN P 112 10.69 40.11 -59.56
N ILE P 113 9.95 39.79 -60.63
CA ILE P 113 10.49 38.93 -61.67
C ILE P 113 11.69 39.58 -62.33
N ALA P 114 11.70 40.91 -62.44
CA ALA P 114 12.87 41.60 -62.97
C ALA P 114 14.07 41.42 -62.04
N ALA P 115 13.84 41.53 -60.74
CA ALA P 115 14.92 41.31 -59.78
C ALA P 115 15.36 39.86 -59.77
N ALA P 116 14.42 38.94 -59.96
CA ALA P 116 14.76 37.51 -59.97
C ALA P 116 15.65 37.16 -61.15
N ASN P 117 15.36 37.73 -62.33
CA ASN P 117 16.18 37.46 -63.49
C ASN P 117 17.53 38.15 -63.40
N ARG P 118 17.59 39.33 -62.77
CA ARG P 118 18.89 39.95 -62.49
C ARG P 118 19.73 39.07 -61.58
N LEU P 119 19.11 38.44 -60.58
CA LEU P 119 19.83 37.54 -59.70
C LEU P 119 20.36 36.33 -60.47
N ALA P 120 19.51 35.71 -61.29
CA ALA P 120 19.91 34.52 -62.02
C ALA P 120 21.03 34.81 -63.01
N ALA P 121 21.15 36.05 -63.46
CA ALA P 121 22.23 36.41 -64.38
C ALA P 121 23.53 36.66 -63.63
N GLY P 122 23.46 37.31 -62.46
CA GLY P 122 24.65 37.55 -61.68
C GLY P 122 25.34 36.28 -61.23
N HIS P 123 24.56 35.21 -61.01
CA HIS P 123 25.12 33.91 -60.65
C HIS P 123 25.29 32.99 -61.84
N GLY P 124 24.92 33.43 -63.04
CA GLY P 124 25.08 32.63 -64.24
C GLY P 124 24.33 31.33 -64.20
N LEU P 125 23.05 31.38 -63.83
CA LEU P 125 22.20 30.20 -63.77
C LEU P 125 20.93 30.40 -64.58
N THR P 126 21.02 31.21 -65.63
CA THR P 126 19.86 31.52 -66.46
C THR P 126 19.36 30.32 -67.24
N GLU P 127 20.15 29.24 -67.36
CA GLU P 127 19.66 28.01 -67.95
C GLU P 127 18.81 27.21 -66.98
N ARG P 128 19.12 27.27 -65.68
CA ARG P 128 18.42 26.50 -64.67
C ARG P 128 17.47 27.34 -63.83
N LEU P 129 17.38 28.65 -64.07
CA LEU P 129 16.48 29.53 -63.34
C LEU P 129 15.67 30.34 -64.35
N THR P 130 14.36 30.07 -64.41
CA THR P 130 13.45 30.77 -65.31
C THR P 130 12.35 31.43 -64.49
N PHE P 131 12.31 32.76 -64.53
CA PHE P 131 11.32 33.53 -63.79
C PHE P 131 10.42 34.27 -64.78
N GLU P 132 9.10 34.13 -64.58
CA GLU P 132 8.13 34.71 -65.50
C GLU P 132 6.99 35.33 -64.68
N VAL P 133 6.29 36.27 -65.31
CA VAL P 133 5.12 36.91 -64.70
C VAL P 133 3.89 36.10 -65.11
N ALA P 134 3.33 35.35 -64.15
CA ALA P 134 2.20 34.49 -64.45
C ALA P 134 1.33 34.37 -63.21
N ASP P 135 0.03 34.20 -63.43
CA ASP P 135 -0.90 33.97 -62.34
C ASP P 135 -0.88 32.50 -61.96
N ALA P 136 -0.75 32.23 -60.65
CA ALA P 136 -0.77 30.84 -60.18
C ALA P 136 -2.13 30.20 -60.40
N MET P 137 -3.20 30.98 -60.34
CA MET P 137 -4.55 30.46 -60.56
C MET P 137 -4.81 30.16 -62.04
N ARG P 138 -3.95 30.62 -62.96
CA ARG P 138 -4.04 30.29 -64.39
C ARG P 138 -2.60 30.16 -64.91
N LEU P 139 -1.96 29.04 -64.59
CA LEU P 139 -0.57 28.86 -64.99
C LEU P 139 -0.48 28.60 -66.49
N PRO P 140 0.53 29.15 -67.16
CA PRO P 140 0.66 28.97 -68.61
C PRO P 140 1.36 27.68 -69.02
N TYR P 141 1.72 26.82 -68.08
CA TYR P 141 2.47 25.62 -68.38
C TYR P 141 1.54 24.43 -68.59
N GLU P 142 2.07 23.41 -69.27
CA GLU P 142 1.28 22.26 -69.65
C GLU P 142 1.02 21.34 -68.46
N ASP P 143 0.30 20.26 -68.73
CA ASP P 143 -0.02 19.28 -67.70
C ASP P 143 1.15 18.35 -67.46
N GLU P 144 1.37 18.00 -66.19
CA GLU P 144 2.42 17.07 -65.80
C GLU P 144 3.80 17.54 -66.27
N SER P 145 4.11 18.79 -65.97
CA SER P 145 5.35 19.42 -66.42
C SER P 145 6.45 19.40 -65.37
N PHE P 146 6.12 19.57 -64.10
CA PHE P 146 7.13 19.69 -63.05
C PHE P 146 7.14 18.46 -62.16
N ASP P 147 8.31 18.17 -61.59
CA ASP P 147 8.45 17.06 -60.66
C ASP P 147 7.96 17.42 -59.27
N CYS P 148 8.25 18.64 -58.83
CA CYS P 148 7.78 19.13 -57.54
C CYS P 148 7.54 20.63 -57.64
N ALA P 149 7.00 21.19 -56.56
CA ALA P 149 6.69 22.61 -56.52
C ALA P 149 6.47 23.02 -55.08
N TRP P 150 6.65 24.31 -54.81
CA TRP P 150 6.32 24.85 -53.50
C TRP P 150 5.73 26.25 -53.64
N ALA P 151 4.79 26.55 -52.76
CA ALA P 151 4.19 27.88 -52.66
C ALA P 151 4.56 28.39 -51.27
N ILE P 152 5.62 29.19 -51.20
CA ILE P 152 6.17 29.64 -49.93
C ILE P 152 5.53 30.98 -49.59
N GLU P 153 4.58 30.95 -48.64
CA GLU P 153 3.97 32.16 -48.08
C GLU P 153 3.35 33.03 -49.17
N SER P 154 2.79 32.38 -50.19
CA SER P 154 2.18 33.06 -51.32
C SER P 154 0.71 32.77 -51.52
N LEU P 155 0.17 31.71 -50.91
CA LEU P 155 -1.22 31.35 -51.10
C LEU P 155 -2.20 32.29 -50.42
N CYS P 156 -1.72 33.21 -49.59
CA CYS P 156 -2.61 34.17 -48.95
C CYS P 156 -3.04 35.28 -49.89
N HIS P 157 -2.39 35.43 -51.04
CA HIS P 157 -2.78 36.42 -52.03
C HIS P 157 -3.69 35.85 -53.12
N MET P 158 -3.93 34.55 -53.12
CA MET P 158 -4.59 33.87 -54.23
C MET P 158 -5.88 33.22 -53.74
N ASP P 159 -6.68 32.77 -54.71
CA ASP P 159 -7.80 31.89 -54.44
C ASP P 159 -7.25 30.48 -54.26
N ARG P 160 -7.30 29.97 -53.04
CA ARG P 160 -6.57 28.74 -52.71
C ARG P 160 -7.08 27.55 -53.51
N ALA P 161 -8.39 27.48 -53.76
CA ALA P 161 -8.92 26.35 -54.54
C ALA P 161 -8.37 26.37 -55.97
N LYS P 162 -8.32 27.56 -56.59
CA LYS P 162 -7.83 27.65 -57.96
C LYS P 162 -6.33 27.37 -58.04
N ALA P 163 -5.55 27.90 -57.09
CA ALA P 163 -4.11 27.70 -57.13
C ALA P 163 -3.75 26.24 -56.85
N LEU P 164 -4.46 25.59 -55.93
CA LEU P 164 -4.14 24.20 -55.61
C LEU P 164 -4.55 23.26 -56.75
N GLY P 165 -5.69 23.53 -57.38
CA GLY P 165 -6.06 22.76 -58.55
C GLY P 165 -5.13 22.96 -59.72
N GLU P 166 -4.58 24.17 -59.86
CA GLU P 166 -3.64 24.44 -60.93
C GLU P 166 -2.30 23.75 -60.67
N ALA P 167 -1.79 23.87 -59.45
CA ALA P 167 -0.54 23.21 -59.09
C ALA P 167 -0.65 21.70 -59.24
N TRP P 168 -1.82 21.15 -58.92
CA TRP P 168 -2.05 19.73 -59.15
C TRP P 168 -1.98 19.37 -60.62
N ARG P 169 -2.39 20.29 -61.51
CA ARG P 169 -2.41 19.98 -62.93
C ARG P 169 -0.99 19.97 -63.52
N VAL P 170 -0.17 20.96 -63.16
CA VAL P 170 1.18 21.05 -63.71
C VAL P 170 2.17 20.11 -63.02
N LEU P 171 1.72 19.37 -62.01
CA LEU P 171 2.60 18.44 -61.31
C LEU P 171 2.54 17.07 -61.98
N LYS P 172 3.71 16.48 -62.20
CA LYS P 172 3.77 15.11 -62.68
C LYS P 172 3.08 14.18 -61.67
N PRO P 173 2.53 13.07 -62.13
CA PRO P 173 2.04 12.05 -61.16
C PRO P 173 3.19 11.47 -60.35
N GLY P 174 3.10 11.65 -59.05
CA GLY P 174 4.11 11.19 -58.11
C GLY P 174 4.79 12.30 -57.34
N GLY P 175 4.63 13.55 -57.76
CA GLY P 175 5.36 14.65 -57.17
C GLY P 175 4.64 15.25 -55.97
N ASP P 176 5.34 16.13 -55.29
CA ASP P 176 4.87 16.70 -54.04
C ASP P 176 4.88 18.21 -54.11
N LEU P 177 3.95 18.82 -53.37
CA LEU P 177 3.81 20.28 -53.31
C LEU P 177 3.99 20.71 -51.87
N LEU P 178 5.03 21.52 -51.63
CA LEU P 178 5.30 22.05 -50.29
C LEU P 178 4.56 23.36 -50.10
N VAL P 179 3.63 23.39 -49.14
CA VAL P 179 2.79 24.54 -48.89
C VAL P 179 3.11 25.11 -47.52
N LEU P 180 3.29 26.42 -47.46
CA LEU P 180 3.51 27.15 -46.21
C LEU P 180 2.34 28.10 -46.04
N GLU P 181 1.35 27.72 -45.23
CA GLU P 181 0.06 28.39 -45.21
C GLU P 181 -0.34 28.75 -43.77
N SER P 182 -1.12 29.83 -43.65
CA SER P 182 -1.72 30.25 -42.40
C SER P 182 -3.17 29.79 -42.31
N VAL P 183 -3.66 29.63 -41.09
CA VAL P 183 -5.00 29.13 -40.84
C VAL P 183 -5.54 29.82 -39.58
N VAL P 184 -6.83 30.15 -39.62
CA VAL P 184 -7.48 30.75 -38.44
C VAL P 184 -7.92 29.65 -37.49
N THR P 185 -7.75 29.90 -36.19
CA THR P 185 -8.35 29.05 -35.18
C THR P 185 -9.57 29.68 -34.52
N GLU P 186 -9.73 31.00 -34.65
CA GLU P 186 -10.88 31.74 -34.18
C GLU P 186 -11.75 32.14 -35.38
N GLU P 187 -12.54 33.20 -35.22
CA GLU P 187 -13.46 33.61 -36.26
C GLU P 187 -13.06 34.89 -36.98
N LEU P 188 -12.18 35.70 -36.40
CA LEU P 188 -11.73 36.99 -36.95
C LEU P 188 -12.88 38.00 -37.01
N THR P 189 -12.65 39.18 -36.42
CA THR P 189 -13.63 40.26 -36.53
C THR P 189 -13.47 40.97 -37.87
N GLU P 190 -14.44 41.82 -38.18
CA GLU P 190 -14.45 42.50 -39.47
C GLU P 190 -13.31 43.51 -39.60
N PRO P 191 -12.94 44.25 -38.54
CA PRO P 191 -11.70 45.03 -38.62
C PRO P 191 -10.47 44.18 -38.79
N GLU P 192 -10.43 42.99 -38.18
CA GLU P 192 -9.29 42.09 -38.35
C GLU P 192 -9.17 41.60 -39.80
N THR P 193 -10.30 41.22 -40.41
CA THR P 193 -10.27 40.82 -41.81
C THR P 193 -9.91 42.00 -42.72
N ALA P 194 -10.24 43.22 -42.29
CA ALA P 194 -9.88 44.39 -43.08
C ALA P 194 -8.38 44.65 -43.05
N LEU P 195 -7.75 44.39 -41.91
CA LEU P 195 -6.31 44.62 -41.79
C LEU P 195 -5.53 43.73 -42.75
N PHE P 196 -6.00 42.51 -43.00
CA PHE P 196 -5.31 41.62 -43.93
C PHE P 196 -5.20 42.24 -45.32
N GLU P 197 -6.20 43.03 -45.72
CA GLU P 197 -6.16 43.66 -47.02
C GLU P 197 -5.43 45.01 -47.00
N THR P 198 -5.60 45.78 -45.93
CA THR P 198 -4.97 47.10 -45.88
C THR P 198 -3.47 47.02 -45.62
N LEU P 199 -3.01 45.97 -44.93
CA LEU P 199 -1.61 45.88 -44.57
C LEU P 199 -0.80 45.05 -45.58
N TYR P 200 -1.28 43.85 -45.90
CA TYR P 200 -0.51 42.92 -46.73
C TYR P 200 -1.16 42.64 -48.07
N ALA P 201 -2.33 43.20 -48.35
CA ALA P 201 -3.07 42.93 -49.58
C ALA P 201 -3.24 41.42 -49.76
N ALA P 202 -3.85 40.80 -48.76
CA ALA P 202 -4.05 39.36 -48.75
C ALA P 202 -5.47 39.06 -48.32
N ASN P 203 -5.93 37.85 -48.66
CA ASN P 203 -7.21 37.37 -48.18
C ASN P 203 -7.06 36.79 -46.79
N VAL P 204 -8.19 36.61 -46.10
CA VAL P 204 -8.14 36.04 -44.76
C VAL P 204 -7.78 34.56 -44.86
N PRO P 205 -7.03 34.01 -43.91
CA PRO P 205 -6.72 32.58 -43.97
C PRO P 205 -7.95 31.75 -43.65
N PRO P 206 -8.08 30.58 -44.25
CA PRO P 206 -9.23 29.70 -43.97
C PRO P 206 -9.01 28.91 -42.69
N ARG P 207 -10.01 28.12 -42.33
CA ARG P 207 -9.90 27.23 -41.19
C ARG P 207 -9.11 25.98 -41.59
N LEU P 208 -8.73 25.19 -40.59
CA LEU P 208 -7.89 24.02 -40.85
C LEU P 208 -8.64 22.98 -41.67
N GLY P 209 -9.82 22.57 -41.21
CA GLY P 209 -10.62 21.64 -41.98
C GLY P 209 -11.06 22.21 -43.32
N GLU P 210 -11.28 23.53 -43.37
CA GLU P 210 -11.60 24.18 -44.63
C GLU P 210 -10.44 24.11 -45.61
N PHE P 211 -9.22 24.31 -45.12
CA PHE P 211 -8.06 24.28 -46.00
C PHE P 211 -7.81 22.89 -46.56
N PHE P 212 -8.09 21.85 -45.76
CA PHE P 212 -7.83 20.49 -46.20
C PHE P 212 -8.97 19.91 -47.02
N ASP P 213 -10.19 20.42 -46.87
CA ASP P 213 -11.21 20.13 -47.86
C ASP P 213 -10.81 20.67 -49.22
N ILE P 214 -10.18 21.84 -49.25
CA ILE P 214 -9.67 22.40 -50.50
C ILE P 214 -8.55 21.52 -51.05
N VAL P 215 -7.59 21.16 -50.19
CA VAL P 215 -6.49 20.28 -50.60
C VAL P 215 -7.04 18.97 -51.15
N SER P 216 -7.98 18.35 -50.42
CA SER P 216 -8.58 17.11 -50.88
C SER P 216 -9.39 17.32 -52.15
N GLY P 217 -10.07 18.47 -52.24
CA GLY P 217 -10.80 18.77 -53.47
C GLY P 217 -9.88 18.88 -54.68
N ALA P 218 -8.74 19.56 -54.51
CA ALA P 218 -7.75 19.64 -55.57
C ALA P 218 -7.14 18.30 -55.91
N GLY P 219 -7.39 17.27 -55.11
CA GLY P 219 -6.90 15.93 -55.39
C GLY P 219 -5.60 15.56 -54.70
N PHE P 220 -5.10 16.39 -53.79
CA PHE P 220 -3.85 16.08 -53.11
C PHE P 220 -4.09 15.16 -51.93
N HIS P 221 -3.06 14.36 -51.62
CA HIS P 221 -2.96 13.66 -50.36
C HIS P 221 -2.02 14.45 -49.44
N THR P 222 -2.29 14.38 -48.15
CA THR P 222 -1.51 15.13 -47.16
C THR P 222 -0.53 14.18 -46.48
N LEU P 223 0.76 14.40 -46.74
CA LEU P 223 1.81 13.55 -46.19
C LEU P 223 2.27 14.01 -44.82
N SER P 224 2.33 15.32 -44.59
CA SER P 224 2.86 15.83 -43.33
C SER P 224 2.36 17.24 -43.09
N LEU P 225 2.46 17.65 -41.83
CA LEU P 225 2.18 19.02 -41.41
C LEU P 225 3.04 19.31 -40.18
N LYS P 226 3.62 20.50 -40.12
CA LYS P 226 4.43 20.91 -38.98
C LYS P 226 4.18 22.37 -38.68
N ASP P 227 3.82 22.66 -37.44
CA ASP P 227 3.52 24.02 -37.04
C ASP P 227 4.80 24.86 -37.01
N LEU P 228 4.75 26.04 -37.61
CA LEU P 228 5.85 27.00 -37.56
C LEU P 228 5.37 28.35 -37.07
N SER P 229 4.31 28.35 -36.23
CA SER P 229 3.69 29.61 -35.84
C SER P 229 4.64 30.50 -35.07
N ALA P 230 5.55 29.92 -34.28
CA ALA P 230 6.49 30.74 -33.52
C ALA P 230 7.42 31.52 -34.44
N ASN P 231 7.88 30.88 -35.51
CA ASN P 231 8.76 31.56 -36.46
C ASN P 231 8.08 32.75 -37.10
N LEU P 232 6.82 32.60 -37.52
CA LEU P 232 6.08 33.73 -38.09
C LEU P 232 5.91 34.83 -37.06
N ALA P 233 5.55 34.47 -35.83
CA ALA P 233 5.40 35.47 -34.76
C ALA P 233 6.68 36.27 -34.56
N MET P 234 7.82 35.58 -34.51
CA MET P 234 9.10 36.28 -34.38
C MET P 234 9.42 37.13 -35.59
N THR P 235 9.17 36.61 -36.80
CA THR P 235 9.43 37.39 -38.02
C THR P 235 8.62 38.68 -38.01
N MET P 236 7.36 38.60 -37.59
CA MET P 236 6.52 39.79 -37.54
C MET P 236 7.01 40.77 -36.49
N ASN P 237 7.63 40.28 -35.41
CA ASN P 237 8.22 41.17 -34.41
C ASN P 237 9.46 41.87 -34.96
N VAL P 238 10.29 41.14 -35.71
CA VAL P 238 11.44 41.75 -36.37
C VAL P 238 10.98 42.80 -37.37
N PHE P 239 9.92 42.49 -38.11
CA PHE P 239 9.36 43.45 -39.06
C PHE P 239 8.82 44.69 -38.34
N ALA P 240 8.10 44.48 -37.23
CA ALA P 240 7.51 45.62 -36.53
C ALA P 240 8.60 46.52 -35.92
N LEU P 241 9.66 45.92 -35.38
CA LEU P 241 10.74 46.70 -34.81
C LEU P 241 11.47 47.50 -35.89
N GLY P 242 11.63 46.92 -37.07
CA GLY P 242 12.26 47.64 -38.16
C GLY P 242 11.43 48.82 -38.63
N VAL P 243 10.12 48.63 -38.76
CA VAL P 243 9.23 49.73 -39.17
C VAL P 243 9.16 50.79 -38.08
N TYR P 244 9.11 50.38 -36.82
CA TYR P 244 9.00 51.35 -35.73
C TYR P 244 10.26 52.22 -35.64
N SER P 245 11.44 51.61 -35.75
CA SER P 245 12.69 52.30 -35.52
C SER P 245 13.21 53.05 -36.76
N ARG P 246 12.63 52.80 -37.93
CA ARG P 246 13.09 53.46 -39.15
C ARG P 246 11.92 54.06 -39.91
N ARG P 247 11.06 54.79 -39.18
CA ARG P 247 9.92 55.45 -39.81
C ARG P 247 10.35 56.53 -40.78
N ALA P 248 11.32 57.36 -40.38
CA ALA P 248 11.77 58.44 -41.26
C ALA P 248 12.33 57.90 -42.57
N GLU P 249 13.16 56.86 -42.50
CA GLU P 249 13.68 56.25 -43.72
C GLU P 249 12.57 55.66 -44.56
N PHE P 250 11.63 54.95 -43.94
CA PHE P 250 10.59 54.27 -44.69
C PHE P 250 9.55 55.24 -45.23
N THR P 251 9.32 56.37 -44.55
CA THR P 251 8.41 57.37 -45.10
C THR P 251 9.00 58.04 -46.33
N GLU P 252 10.29 58.39 -46.28
CA GLU P 252 10.99 59.00 -47.41
C GLU P 252 11.40 57.94 -48.42
N ARG P 253 10.48 57.02 -48.74
CA ARG P 253 10.80 55.90 -49.62
C ARG P 253 9.52 55.28 -50.15
N PHE P 254 8.56 55.03 -49.25
CA PHE P 254 7.27 54.48 -49.65
C PHE P 254 6.13 55.44 -49.33
N GLY P 255 6.43 56.65 -48.86
CA GLY P 255 5.42 57.61 -48.52
C GLY P 255 4.92 57.46 -47.10
N ALA P 256 4.36 58.55 -46.57
CA ALA P 256 3.89 58.55 -45.20
C ALA P 256 2.59 57.76 -45.04
N GLU P 257 1.77 57.70 -46.08
CA GLU P 257 0.49 57.00 -45.98
C GLU P 257 0.70 55.50 -45.79
N PHE P 258 1.70 54.93 -46.45
CA PHE P 258 1.97 53.50 -46.30
C PHE P 258 2.58 53.19 -44.93
N VAL P 259 3.50 54.03 -44.47
CA VAL P 259 4.15 53.79 -43.18
C VAL P 259 3.16 54.02 -42.04
N ASP P 260 2.30 55.03 -42.17
CA ASP P 260 1.32 55.29 -41.12
C ASP P 260 0.34 54.14 -40.97
N GLY P 261 0.00 53.46 -42.06
CA GLY P 261 -0.84 52.28 -41.95
C GLY P 261 -0.15 51.16 -41.17
N LEU P 262 1.15 50.96 -41.43
CA LEU P 262 1.90 49.97 -40.66
C LEU P 262 1.93 50.33 -39.19
N LEU P 263 2.34 51.57 -38.88
CA LEU P 263 2.47 52.01 -37.49
C LEU P 263 1.15 51.93 -36.73
N ALA P 264 0.02 51.96 -37.44
CA ALA P 264 -1.28 51.92 -36.78
C ALA P 264 -1.86 50.51 -36.69
N GLY P 265 -1.38 49.58 -37.51
CA GLY P 265 -2.00 48.27 -37.57
C GLY P 265 -1.14 47.11 -37.13
N LEU P 266 0.19 47.26 -37.20
CA LEU P 266 1.07 46.15 -36.86
C LEU P 266 0.81 45.64 -35.46
N GLY P 267 0.49 46.53 -34.52
CA GLY P 267 0.17 46.08 -33.17
C GLY P 267 -1.10 45.24 -33.15
N SER P 268 -2.16 45.73 -33.79
CA SER P 268 -3.41 44.99 -33.84
C SER P 268 -3.24 43.68 -34.60
N ALA P 269 -2.48 43.70 -35.70
CA ALA P 269 -2.29 42.49 -36.49
C ALA P 269 -1.43 41.47 -35.74
N GLN P 270 -0.45 41.94 -34.98
CA GLN P 270 0.35 41.04 -34.17
C GLN P 270 -0.52 40.27 -33.18
N GLU P 271 -1.45 40.97 -32.52
CA GLU P 271 -2.32 40.30 -31.57
C GLU P 271 -3.22 39.30 -32.28
N THR P 272 -3.74 39.68 -33.46
CA THR P 272 -4.55 38.75 -34.24
C THR P 272 -3.74 37.51 -34.62
N LEU P 273 -2.47 37.70 -34.98
CA LEU P 273 -1.61 36.58 -35.32
C LEU P 273 -1.36 35.69 -34.11
N ILE P 274 -1.05 36.29 -32.96
CA ILE P 274 -0.76 35.52 -31.75
C ILE P 274 -1.97 34.73 -31.30
N ARG P 275 -3.15 35.37 -31.32
CA ARG P 275 -4.31 34.81 -30.63
C ARG P 275 -5.27 34.04 -31.53
N LYS P 276 -5.26 34.26 -32.84
CA LYS P 276 -6.31 33.73 -33.70
C LYS P 276 -5.83 32.86 -34.85
N THR P 277 -4.54 32.83 -35.16
CA THR P 277 -4.05 32.14 -36.34
C THR P 277 -2.91 31.20 -35.98
N ARG P 278 -2.66 30.26 -36.89
CA ARG P 278 -1.48 29.39 -36.84
C ARG P 278 -0.91 29.25 -38.24
N PHE P 279 0.39 28.95 -38.30
CA PHE P 279 1.15 28.93 -39.55
C PHE P 279 1.91 27.61 -39.62
N PHE P 280 1.79 26.90 -40.74
CA PHE P 280 2.38 25.57 -40.82
C PHE P 280 2.94 25.30 -42.20
N MET P 281 3.77 24.26 -42.25
CA MET P 281 4.34 23.73 -43.47
C MET P 281 3.73 22.35 -43.72
N ALA P 282 3.21 22.13 -44.92
CA ALA P 282 2.53 20.89 -45.24
C ALA P 282 3.07 20.33 -46.55
N THR P 283 3.26 19.01 -46.58
CA THR P 283 3.67 18.31 -47.78
C THR P 283 2.45 17.62 -48.39
N LEU P 284 2.09 18.04 -49.60
CA LEU P 284 0.93 17.51 -50.31
C LEU P 284 1.41 16.70 -51.52
N ARG P 285 0.92 15.47 -51.66
CA ARG P 285 1.34 14.59 -52.74
C ARG P 285 0.22 14.44 -53.77
N LYS P 286 0.62 14.41 -55.04
CA LYS P 286 -0.30 14.03 -56.10
C LYS P 286 -0.28 12.52 -56.25
N PRO P 287 -1.44 11.84 -56.13
CA PRO P 287 -1.44 10.36 -56.07
C PRO P 287 -1.00 9.73 -57.38
N ALA P 288 -0.09 8.75 -57.27
CA ALA P 288 0.58 8.18 -58.43
C ALA P 288 -0.29 7.15 -59.13
N VAL P 289 0.11 6.80 -60.35
CA VAL P 289 -0.60 5.83 -61.16
C VAL P 289 0.26 4.58 -61.39
N GLN Q 9 63.64 39.44 -29.71
CA GLN Q 9 62.54 39.14 -30.63
C GLN Q 9 63.05 38.59 -31.95
N GLN Q 10 62.29 37.65 -32.51
CA GLN Q 10 62.60 36.99 -33.78
C GLN Q 10 63.98 36.34 -33.74
N GLN Q 11 64.03 35.08 -33.30
CA GLN Q 11 65.28 34.37 -33.15
C GLN Q 11 65.78 33.77 -34.46
N VAL Q 12 64.97 33.76 -35.51
CA VAL Q 12 65.35 33.26 -36.82
C VAL Q 12 64.84 34.22 -37.87
N THR Q 13 65.28 33.99 -39.11
CA THR Q 13 64.87 34.79 -40.26
C THR Q 13 64.15 33.91 -41.27
N ALA Q 14 63.64 34.55 -42.32
CA ALA Q 14 62.92 33.81 -43.36
C ALA Q 14 63.81 32.79 -44.05
N ASP Q 15 65.01 33.22 -44.47
CA ASP Q 15 65.92 32.31 -45.17
C ASP Q 15 66.41 31.19 -44.26
N GLU Q 16 66.59 31.46 -42.97
CA GLU Q 16 67.05 30.44 -42.04
C GLU Q 16 66.00 29.34 -41.87
N VAL Q 17 64.76 29.72 -41.62
CA VAL Q 17 63.66 28.75 -41.60
C VAL Q 17 63.54 28.07 -42.96
N GLY Q 18 63.85 28.80 -44.03
CA GLY Q 18 63.80 28.18 -45.35
C GLY Q 18 64.83 27.08 -45.51
N ASP Q 19 66.09 27.38 -45.18
CA ASP Q 19 67.14 26.39 -45.32
C ASP Q 19 66.98 25.24 -44.33
N TRP Q 20 66.32 25.50 -43.19
CA TRP Q 20 66.10 24.43 -42.21
C TRP Q 20 65.17 23.37 -42.77
N TYR Q 21 63.98 23.79 -43.22
CA TYR Q 21 63.05 22.83 -43.80
C TYR Q 21 63.62 22.22 -45.07
N ASP Q 22 64.46 22.96 -45.80
CA ASP Q 22 65.11 22.42 -46.97
C ASP Q 22 65.92 21.17 -46.64
N LYS Q 23 66.51 21.13 -45.46
CA LYS Q 23 67.39 20.03 -45.10
C LYS Q 23 66.77 19.01 -44.15
N PHE Q 24 65.69 19.39 -43.45
CA PHE Q 24 65.11 18.52 -42.44
C PHE Q 24 63.58 18.45 -42.58
N GLY Q 25 63.06 18.82 -43.74
CA GLY Q 25 61.62 18.83 -43.91
C GLY Q 25 61.01 17.44 -43.93
N GLU Q 26 61.78 16.46 -44.37
CA GLU Q 26 61.23 15.12 -44.54
C GLU Q 26 61.25 14.29 -43.27
N VAL Q 27 61.95 14.74 -42.22
CA VAL Q 27 61.91 14.02 -40.96
C VAL Q 27 60.53 14.10 -40.33
N TYR Q 28 59.75 15.13 -40.68
CA TYR Q 28 58.35 15.19 -40.27
C TYR Q 28 57.50 14.25 -41.11
N HIS Q 29 57.82 14.12 -42.40
CA HIS Q 29 57.10 13.19 -43.25
C HIS Q 29 57.46 11.74 -42.96
N LEU Q 30 58.64 11.48 -42.41
CA LEU Q 30 59.07 10.13 -42.08
C LEU Q 30 58.57 9.65 -40.72
N THR Q 31 58.01 10.55 -39.90
CA THR Q 31 57.57 10.18 -38.57
C THR Q 31 56.13 10.58 -38.28
N LEU Q 32 55.70 11.76 -38.72
CA LEU Q 32 54.32 12.20 -38.49
C LEU Q 32 53.41 11.92 -39.66
N GLY Q 33 53.92 11.92 -40.90
CA GLY Q 33 53.13 11.49 -42.03
C GLY Q 33 53.13 12.50 -43.15
N GLU Q 34 52.17 12.34 -44.06
CA GLU Q 34 52.15 13.09 -45.32
C GLU Q 34 51.92 14.58 -45.14
N SER Q 35 51.65 15.05 -43.94
CA SER Q 35 51.51 16.47 -43.65
C SER Q 35 52.61 16.91 -42.68
N VAL Q 36 52.56 18.17 -42.26
CA VAL Q 36 53.55 18.71 -41.33
C VAL Q 36 52.83 19.44 -40.21
N HIS Q 37 51.97 18.75 -39.49
CA HIS Q 37 51.23 19.33 -38.37
C HIS Q 37 50.81 18.23 -37.42
N CYS Q 38 50.05 18.61 -36.40
CA CYS Q 38 49.66 17.68 -35.35
C CYS Q 38 48.69 16.63 -35.91
N GLY Q 39 48.47 15.59 -35.10
CA GLY Q 39 47.49 14.56 -35.39
C GLY Q 39 46.27 14.72 -34.52
N LEU Q 40 45.12 14.29 -35.05
CA LEU Q 40 43.87 14.33 -34.30
C LEU Q 40 43.76 13.07 -33.46
N TRP Q 41 44.45 13.09 -32.33
CA TRP Q 41 44.43 11.95 -31.41
C TRP Q 41 43.27 11.95 -30.42
N PHE Q 42 42.77 13.11 -30.04
CA PHE Q 42 41.65 13.24 -29.14
C PHE Q 42 40.50 13.93 -29.85
N PRO Q 43 39.33 13.38 -29.85
CA PRO Q 43 38.24 13.95 -30.61
C PRO Q 43 37.87 15.34 -30.13
N PRO Q 44 37.26 16.17 -30.98
CA PRO Q 44 36.99 17.55 -30.55
C PRO Q 44 36.02 17.62 -29.38
N ASP Q 45 35.16 16.62 -29.19
CA ASP Q 45 34.23 16.64 -28.07
C ASP Q 45 34.83 16.11 -26.78
N ALA Q 46 36.05 15.56 -26.83
CA ALA Q 46 36.70 15.07 -25.62
C ALA Q 46 37.17 16.24 -24.77
N PRO Q 47 37.17 16.09 -23.44
CA PRO Q 47 37.61 17.19 -22.57
C PRO Q 47 39.13 17.31 -22.52
N VAL Q 48 39.59 18.47 -22.06
CA VAL Q 48 41.02 18.75 -21.92
C VAL Q 48 41.55 18.02 -20.70
N PRO Q 49 42.51 17.10 -20.86
CA PRO Q 49 43.01 16.33 -19.73
C PRO Q 49 43.53 17.21 -18.60
N GLN Q 50 43.61 16.62 -17.40
CA GLN Q 50 44.12 17.34 -16.25
C GLN Q 50 45.61 17.62 -16.38
N ASP Q 51 46.37 16.62 -16.83
CA ASP Q 51 47.79 16.73 -17.11
C ASP Q 51 48.02 16.50 -18.59
N MET Q 52 49.25 16.74 -19.01
N MET Q 52 49.26 16.74 -19.00
CA MET Q 52 49.70 16.44 -20.37
CA MET Q 52 49.70 16.45 -20.37
C MET Q 52 50.69 15.28 -20.40
C MET Q 52 50.67 15.28 -20.41
N GLU Q 53 50.85 14.58 -19.29
CA GLU Q 53 51.73 13.42 -19.25
C GLU Q 53 51.19 12.34 -20.17
N LEU Q 54 52.10 11.53 -20.71
CA LEU Q 54 51.70 10.48 -21.63
C LEU Q 54 50.72 9.52 -20.97
N VAL Q 55 50.90 9.24 -19.67
CA VAL Q 55 50.00 8.33 -18.97
C VAL Q 55 48.63 8.96 -18.79
N THR Q 56 48.58 10.27 -18.50
CA THR Q 56 47.30 10.93 -18.29
C THR Q 56 46.49 11.01 -19.57
N MET Q 57 47.16 11.17 -20.71
CA MET Q 57 46.46 11.16 -21.99
C MET Q 57 46.11 9.75 -22.44
N SER Q 58 46.96 8.77 -22.11
CA SER Q 58 46.62 7.38 -22.41
C SER Q 58 45.43 6.92 -21.59
N SER Q 59 45.34 7.37 -20.33
CA SER Q 59 44.23 6.97 -19.47
C SER Q 59 42.90 7.47 -20.03
N GLN Q 60 42.86 8.73 -20.46
CA GLN Q 60 41.62 9.25 -21.06
C GLN Q 60 41.26 8.45 -22.30
N ALA Q 61 42.25 8.05 -23.09
CA ALA Q 61 41.98 7.18 -24.24
C ALA Q 61 41.49 5.82 -23.80
N GLN Q 62 41.90 5.35 -22.62
CA GLN Q 62 41.36 4.10 -22.09
C GLN Q 62 39.90 4.25 -21.71
N ASP Q 63 39.55 5.35 -21.03
CA ASP Q 63 38.18 5.52 -20.58
C ASP Q 63 37.22 5.67 -21.75
N ARG Q 64 37.67 6.33 -22.82
CA ARG Q 64 36.85 6.43 -24.02
C ARG Q 64 36.71 5.07 -24.70
N TYR Q 65 37.77 4.26 -24.64
CA TYR Q 65 37.69 2.85 -25.05
C TYR Q 65 36.64 2.11 -24.25
N THR Q 66 36.63 2.32 -22.93
CA THR Q 66 35.65 1.67 -22.07
C THR Q 66 34.23 2.12 -22.45
N ASP Q 67 34.04 3.42 -22.64
CA ASP Q 67 32.73 3.94 -22.99
C ASP Q 67 32.22 3.30 -24.27
N TYR Q 68 33.12 3.11 -25.25
CA TYR Q 68 32.71 2.49 -26.50
C TYR Q 68 32.31 1.03 -26.30
N LEU Q 69 33.04 0.31 -25.44
CA LEU Q 69 32.66 -1.06 -25.13
C LEU Q 69 31.31 -1.12 -24.43
N ILE Q 70 31.09 -0.22 -23.47
CA ILE Q 70 29.78 -0.13 -22.82
C ILE Q 70 28.71 0.12 -23.87
N GLU Q 71 28.99 1.04 -24.80
CA GLU Q 71 28.02 1.41 -25.83
C GLU Q 71 27.69 0.21 -26.73
N THR Q 72 28.69 -0.64 -27.01
CA THR Q 72 28.50 -1.77 -27.92
C THR Q 72 27.66 -2.87 -27.27
N LEU Q 73 28.14 -3.41 -26.15
CA LEU Q 73 27.43 -4.49 -25.47
C LEU Q 73 26.07 -4.04 -24.95
N ASP Q 74 25.92 -2.77 -24.64
CA ASP Q 74 24.66 -2.17 -24.20
C ASP Q 74 24.01 -2.92 -23.03
N PRO Q 75 24.67 -2.97 -21.86
CA PRO Q 75 24.02 -3.56 -20.69
C PRO Q 75 22.93 -2.64 -20.17
N LYS Q 76 21.84 -3.24 -19.71
CA LYS Q 76 20.66 -2.52 -19.28
C LYS Q 76 20.59 -2.41 -17.77
N ALA Q 77 19.96 -1.35 -17.29
CA ALA Q 77 19.84 -1.12 -15.85
C ALA Q 77 19.19 -2.32 -15.17
N GLY Q 78 19.79 -2.75 -14.05
CA GLY Q 78 19.32 -3.90 -13.31
C GLY Q 78 19.97 -5.22 -13.65
N GLN Q 79 20.60 -5.33 -14.82
CA GLN Q 79 21.26 -6.56 -15.18
C GLN Q 79 22.55 -6.76 -14.36
N HIS Q 80 23.12 -7.95 -14.48
CA HIS Q 80 24.35 -8.33 -13.79
C HIS Q 80 25.37 -8.78 -14.81
N LEU Q 81 26.49 -8.08 -14.88
CA LEU Q 81 27.53 -8.32 -15.87
C LEU Q 81 28.70 -9.07 -15.23
N LEU Q 82 29.31 -9.97 -15.99
CA LEU Q 82 30.48 -10.69 -15.55
C LEU Q 82 31.70 -10.18 -16.31
N ASP Q 83 32.73 -9.76 -15.58
CA ASP Q 83 33.95 -9.23 -16.17
C ASP Q 83 35.00 -10.33 -16.09
N ILE Q 84 35.27 -10.96 -17.23
CA ILE Q 84 36.18 -12.10 -17.30
C ILE Q 84 37.59 -11.56 -17.49
N GLY Q 85 38.40 -11.63 -16.44
CA GLY Q 85 39.71 -11.01 -16.43
C GLY Q 85 39.60 -9.51 -16.18
N CYS Q 86 39.06 -9.15 -15.01
CA CYS Q 86 38.58 -7.79 -14.75
C CYS Q 86 39.68 -6.80 -14.40
N GLY Q 87 40.94 -7.23 -14.33
CA GLY Q 87 41.99 -6.31 -13.97
C GLY Q 87 41.73 -5.67 -12.62
N THR Q 88 41.97 -4.36 -12.55
CA THR Q 88 41.81 -3.61 -11.31
C THR Q 88 40.46 -2.91 -11.21
N GLY Q 89 39.52 -3.22 -12.10
CA GLY Q 89 38.13 -2.92 -11.86
C GLY Q 89 37.59 -1.61 -12.42
N ARG Q 90 38.42 -0.78 -13.05
CA ARG Q 90 37.90 0.51 -13.52
C ARG Q 90 36.89 0.32 -14.64
N THR Q 91 37.12 -0.66 -15.51
CA THR Q 91 36.14 -0.96 -16.55
C THR Q 91 34.80 -1.32 -15.93
N ALA Q 92 34.81 -2.17 -14.91
CA ALA Q 92 33.58 -2.54 -14.23
C ALA Q 92 32.94 -1.33 -13.55
N LEU Q 93 33.76 -0.44 -12.99
CA LEU Q 93 33.24 0.73 -12.30
C LEU Q 93 32.43 1.61 -13.24
N LYS Q 94 33.03 2.03 -14.35
CA LYS Q 94 32.35 2.90 -15.29
C LYS Q 94 31.06 2.25 -15.83
N ALA Q 95 31.11 0.96 -16.15
CA ALA Q 95 29.92 0.26 -16.59
C ALA Q 95 28.82 0.30 -15.54
N ALA Q 96 29.20 0.09 -14.27
CA ALA Q 96 28.21 0.12 -13.20
C ALA Q 96 27.59 1.50 -13.04
N ARG Q 97 28.42 2.54 -13.09
CA ARG Q 97 27.91 3.89 -12.88
C ARG Q 97 27.11 4.40 -14.07
N GLN Q 98 27.48 4.00 -15.28
CA GLN Q 98 26.81 4.56 -16.45
C GLN Q 98 25.51 3.83 -16.79
N ARG Q 99 25.37 2.57 -16.42
CA ARG Q 99 24.18 1.80 -16.80
C ARG Q 99 23.34 1.34 -15.63
N GLY Q 100 23.80 1.50 -14.39
CA GLY Q 100 23.03 1.04 -13.26
C GLY Q 100 23.00 -0.48 -13.16
N ILE Q 101 24.12 -1.13 -13.43
CA ILE Q 101 24.19 -2.58 -13.45
C ILE Q 101 25.06 -3.04 -12.29
N ALA Q 102 24.89 -4.30 -11.93
CA ALA Q 102 25.84 -4.97 -11.06
C ALA Q 102 26.92 -5.61 -11.92
N VAL Q 103 28.14 -5.68 -11.38
CA VAL Q 103 29.26 -6.30 -12.09
C VAL Q 103 29.99 -7.22 -11.14
N THR Q 104 30.23 -8.45 -11.58
CA THR Q 104 31.13 -9.37 -10.91
C THR Q 104 32.36 -9.55 -11.79
N GLY Q 105 33.53 -9.19 -11.26
CA GLY Q 105 34.79 -9.33 -11.97
C GLY Q 105 35.62 -10.44 -11.38
N VAL Q 106 36.26 -11.23 -12.23
CA VAL Q 106 37.17 -12.29 -11.82
C VAL Q 106 38.54 -12.05 -12.44
N ALA Q 107 39.58 -12.37 -11.69
CA ALA Q 107 40.95 -12.32 -12.19
C ALA Q 107 41.77 -13.30 -11.37
N VAL Q 108 42.87 -13.75 -11.96
CA VAL Q 108 43.76 -14.70 -11.28
C VAL Q 108 44.78 -13.99 -10.40
N SER Q 109 44.77 -12.66 -10.34
CA SER Q 109 45.75 -11.89 -9.58
C SER Q 109 45.14 -11.44 -8.25
N LYS Q 110 45.78 -11.83 -7.15
CA LYS Q 110 45.31 -11.41 -5.84
C LYS Q 110 45.42 -9.90 -5.66
N GLU Q 111 46.54 -9.32 -6.10
CA GLU Q 111 46.74 -7.89 -5.94
C GLU Q 111 45.74 -7.09 -6.76
N GLN Q 112 45.44 -7.54 -7.97
CA GLN Q 112 44.48 -6.84 -8.80
C GLN Q 112 43.09 -6.87 -8.17
N ILE Q 113 42.64 -8.06 -7.76
CA ILE Q 113 41.34 -8.19 -7.10
C ILE Q 113 41.29 -7.33 -5.85
N ALA Q 114 42.37 -7.35 -5.05
CA ALA Q 114 42.46 -6.45 -3.91
C ALA Q 114 42.43 -5.00 -4.36
N ALA Q 115 43.13 -4.69 -5.45
CA ALA Q 115 43.12 -3.32 -5.96
C ALA Q 115 41.79 -2.93 -6.58
N ALA Q 116 40.95 -3.91 -6.94
CA ALA Q 116 39.63 -3.57 -7.46
C ALA Q 116 38.60 -3.36 -6.36
N ASN Q 117 38.82 -3.96 -5.19
CA ASN Q 117 37.82 -3.91 -4.13
C ASN Q 117 37.87 -2.59 -3.34
N ARG Q 118 39.08 -2.07 -3.07
CA ARG Q 118 39.15 -0.73 -2.47
C ARG Q 118 38.60 0.31 -3.42
N LEU Q 119 38.86 0.13 -4.72
CA LEU Q 119 38.28 0.99 -5.74
C LEU Q 119 36.76 1.01 -5.62
N ALA Q 120 36.15 -0.17 -5.59
CA ALA Q 120 34.70 -0.25 -5.41
C ALA Q 120 34.29 0.38 -4.09
N ALA Q 121 35.05 0.11 -3.02
CA ALA Q 121 34.73 0.66 -1.71
C ALA Q 121 34.93 2.17 -1.67
N GLY Q 122 35.95 2.66 -2.37
CA GLY Q 122 36.17 4.09 -2.39
C GLY Q 122 35.07 4.86 -3.09
N HIS Q 123 34.34 4.20 -3.99
CA HIS Q 123 33.21 4.83 -4.67
C HIS Q 123 31.87 4.50 -4.05
N GLY Q 124 31.85 3.68 -3.00
CA GLY Q 124 30.59 3.34 -2.35
C GLY Q 124 29.72 2.48 -3.23
N LEU Q 125 30.32 1.46 -3.84
CA LEU Q 125 29.62 0.55 -4.74
C LEU Q 125 29.94 -0.90 -4.42
N THR Q 126 30.16 -1.22 -3.15
CA THR Q 126 30.44 -2.61 -2.78
C THR Q 126 29.23 -3.51 -2.97
N GLU Q 127 28.01 -2.95 -2.96
CA GLU Q 127 26.82 -3.77 -3.21
C GLU Q 127 26.70 -4.14 -4.69
N ARG Q 128 27.21 -3.30 -5.59
CA ARG Q 128 27.05 -3.52 -7.01
C ARG Q 128 28.32 -4.01 -7.70
N LEU Q 129 29.47 -3.95 -7.04
CA LEU Q 129 30.74 -4.36 -7.62
C LEU Q 129 31.35 -5.46 -6.75
N THR Q 130 31.55 -6.63 -7.34
CA THR Q 130 32.07 -7.80 -6.64
C THR Q 130 33.27 -8.33 -7.40
N PHE Q 131 34.44 -8.30 -6.77
CA PHE Q 131 35.68 -8.73 -7.41
C PHE Q 131 36.25 -9.91 -6.63
N GLU Q 132 36.54 -10.99 -7.34
CA GLU Q 132 36.90 -12.26 -6.72
C GLU Q 132 38.04 -12.90 -7.49
N VAL Q 133 38.87 -13.64 -6.77
CA VAL Q 133 39.95 -14.40 -7.39
C VAL Q 133 39.38 -15.72 -7.90
N ALA Q 134 39.33 -15.88 -9.22
CA ALA Q 134 38.75 -17.06 -9.82
C ALA Q 134 39.36 -17.28 -11.21
N ASP Q 135 39.34 -18.54 -11.64
CA ASP Q 135 39.84 -18.90 -12.96
C ASP Q 135 38.68 -18.84 -13.96
N ALA Q 136 38.93 -18.18 -15.09
CA ALA Q 136 37.91 -18.10 -16.13
C ALA Q 136 37.69 -19.45 -16.80
N MET Q 137 38.69 -20.31 -16.77
CA MET Q 137 38.56 -21.64 -17.35
C MET Q 137 37.78 -22.60 -16.44
N ARG Q 138 37.38 -22.15 -15.23
CA ARG Q 138 36.58 -22.92 -14.26
C ARG Q 138 35.87 -21.93 -13.33
N LEU Q 139 34.89 -21.23 -13.87
CA LEU Q 139 34.15 -20.29 -13.05
C LEU Q 139 33.39 -21.02 -11.93
N PRO Q 140 33.31 -20.45 -10.74
CA PRO Q 140 32.55 -21.07 -9.64
C PRO Q 140 31.06 -20.74 -9.66
N TYR Q 141 30.61 -19.89 -10.58
CA TYR Q 141 29.25 -19.43 -10.59
C TYR Q 141 28.31 -20.48 -11.19
N GLU Q 142 27.04 -20.40 -10.80
CA GLU Q 142 26.04 -21.33 -11.26
C GLU Q 142 25.72 -21.10 -12.74
N ASP Q 143 25.01 -22.06 -13.31
CA ASP Q 143 24.56 -21.92 -14.69
C ASP Q 143 23.57 -20.76 -14.79
N GLU Q 144 23.63 -20.05 -15.92
CA GLU Q 144 22.66 -19.00 -16.24
C GLU Q 144 22.51 -17.99 -15.11
N SER Q 145 23.65 -17.39 -14.73
CA SER Q 145 23.68 -16.42 -13.64
C SER Q 145 23.80 -14.98 -14.12
N PHE Q 146 24.39 -14.74 -15.29
CA PHE Q 146 24.70 -13.40 -15.75
C PHE Q 146 23.93 -13.09 -17.03
N ASP Q 147 23.41 -11.86 -17.13
CA ASP Q 147 22.71 -11.42 -18.32
C ASP Q 147 23.66 -11.16 -19.48
N CYS Q 148 24.89 -10.74 -19.17
CA CYS Q 148 25.89 -10.45 -20.20
C CYS Q 148 27.26 -10.56 -19.56
N ALA Q 149 28.29 -10.49 -20.41
CA ALA Q 149 29.66 -10.63 -19.95
C ALA Q 149 30.59 -10.04 -21.00
N TRP Q 150 31.83 -9.77 -20.59
CA TRP Q 150 32.84 -9.37 -21.55
C TRP Q 150 34.21 -9.84 -21.07
N ALA Q 151 35.06 -10.19 -22.03
CA ALA Q 151 36.43 -10.63 -21.79
C ALA Q 151 37.33 -9.63 -22.49
N ILE Q 152 37.65 -8.54 -21.79
CA ILE Q 152 38.38 -7.42 -22.38
C ILE Q 152 39.88 -7.71 -22.28
N GLU Q 153 40.44 -8.22 -23.37
CA GLU Q 153 41.88 -8.41 -23.51
C GLU Q 153 42.43 -9.31 -22.41
N SER Q 154 41.77 -10.45 -22.22
CA SER Q 154 42.19 -11.44 -21.24
C SER Q 154 42.18 -12.87 -21.75
N LEU Q 155 41.51 -13.14 -22.87
CA LEU Q 155 41.48 -14.51 -23.40
C LEU Q 155 42.84 -14.98 -23.85
N CYS Q 156 43.78 -14.07 -24.08
CA CYS Q 156 45.12 -14.47 -24.52
C CYS Q 156 45.89 -15.18 -23.41
N HIS Q 157 45.52 -14.96 -22.16
CA HIS Q 157 46.16 -15.67 -21.05
C HIS Q 157 45.56 -17.06 -20.82
N MET Q 158 44.47 -17.40 -21.48
CA MET Q 158 43.65 -18.54 -21.11
C MET Q 158 43.58 -19.59 -22.21
N ASP Q 159 43.04 -20.74 -21.85
CA ASP Q 159 42.55 -21.72 -22.82
C ASP Q 159 41.23 -21.20 -23.35
N ARG Q 160 41.25 -20.64 -24.56
CA ARG Q 160 40.07 -20.00 -25.11
C ARG Q 160 38.91 -20.97 -25.24
N ALA Q 161 39.18 -22.24 -25.51
CA ALA Q 161 38.11 -23.23 -25.61
C ALA Q 161 37.40 -23.41 -24.27
N LYS Q 162 38.17 -23.60 -23.20
CA LYS Q 162 37.55 -23.81 -21.89
C LYS Q 162 36.91 -22.53 -21.38
N ALA Q 163 37.51 -21.38 -21.66
CA ALA Q 163 36.99 -20.12 -21.16
C ALA Q 163 35.65 -19.79 -21.81
N LEU Q 164 35.56 -19.92 -23.13
CA LEU Q 164 34.33 -19.57 -23.82
C LEU Q 164 33.19 -20.50 -23.45
N GLY Q 165 33.48 -21.80 -23.30
CA GLY Q 165 32.45 -22.72 -22.85
C GLY Q 165 32.00 -22.41 -21.43
N GLU Q 166 32.93 -21.96 -20.59
CA GLU Q 166 32.56 -21.62 -19.22
C GLU Q 166 31.72 -20.35 -19.18
N ALA Q 167 32.04 -19.36 -20.02
CA ALA Q 167 31.22 -18.16 -20.09
C ALA Q 167 29.85 -18.49 -20.66
N TRP Q 168 29.79 -19.38 -21.66
CA TRP Q 168 28.51 -19.82 -22.21
C TRP Q 168 27.63 -20.42 -21.12
N ARG Q 169 28.23 -21.26 -20.25
CA ARG Q 169 27.47 -21.89 -19.17
C ARG Q 169 26.87 -20.87 -18.21
N VAL Q 170 27.67 -19.90 -17.77
CA VAL Q 170 27.19 -18.96 -16.76
C VAL Q 170 26.30 -17.87 -17.33
N LEU Q 171 26.16 -17.80 -18.65
CA LEU Q 171 25.29 -16.82 -19.27
C LEU Q 171 23.85 -17.32 -19.32
N LYS Q 172 22.91 -16.39 -19.20
CA LYS Q 172 21.51 -16.71 -19.43
C LYS Q 172 21.26 -16.87 -20.93
N PRO Q 173 20.28 -17.70 -21.29
CA PRO Q 173 19.94 -17.85 -22.71
C PRO Q 173 19.45 -16.52 -23.29
N GLY Q 174 20.08 -16.10 -24.38
CA GLY Q 174 19.81 -14.81 -24.98
C GLY Q 174 20.79 -13.73 -24.60
N GLY Q 175 21.67 -13.99 -23.64
CA GLY Q 175 22.68 -13.01 -23.27
C GLY Q 175 23.85 -12.97 -24.24
N ASP Q 176 24.63 -11.91 -24.14
CA ASP Q 176 25.73 -11.66 -25.05
C ASP Q 176 27.07 -11.67 -24.31
N LEU Q 177 28.13 -11.92 -25.06
CA LEU Q 177 29.49 -11.91 -24.54
C LEU Q 177 30.35 -11.07 -25.47
N LEU Q 178 30.90 -9.97 -24.95
CA LEU Q 178 31.80 -9.12 -25.70
C LEU Q 178 33.23 -9.63 -25.53
N VAL Q 179 33.94 -9.77 -26.64
CA VAL Q 179 35.25 -10.39 -26.65
C VAL Q 179 36.22 -9.49 -27.42
N LEU Q 180 37.35 -9.17 -26.80
CA LEU Q 180 38.39 -8.34 -27.40
C LEU Q 180 39.63 -9.23 -27.55
N GLU Q 181 39.79 -9.82 -28.73
CA GLU Q 181 40.76 -10.88 -28.95
C GLU Q 181 41.71 -10.51 -30.09
N SER Q 182 42.93 -11.05 -30.02
CA SER Q 182 43.92 -10.94 -31.09
C SER Q 182 43.94 -12.23 -31.91
N VAL Q 183 44.34 -12.09 -33.17
CA VAL Q 183 44.36 -13.22 -34.10
C VAL Q 183 45.56 -13.05 -35.04
N VAL Q 184 46.22 -14.16 -35.36
CA VAL Q 184 47.38 -14.15 -36.25
C VAL Q 184 46.91 -14.19 -37.70
N THR Q 185 47.63 -13.46 -38.55
CA THR Q 185 47.44 -13.51 -39.99
C THR Q 185 48.54 -14.30 -40.71
N GLU Q 186 49.70 -14.46 -40.08
CA GLU Q 186 50.78 -15.24 -40.65
C GLU Q 186 50.88 -16.60 -39.95
N GLU Q 187 52.11 -17.07 -39.70
CA GLU Q 187 52.32 -18.35 -39.05
C GLU Q 187 53.10 -18.25 -37.74
N LEU Q 188 53.80 -17.14 -37.50
CA LEU Q 188 54.60 -16.90 -36.29
C LEU Q 188 55.79 -17.85 -36.20
N THR Q 189 56.99 -17.29 -36.14
CA THR Q 189 58.17 -18.09 -35.91
C THR Q 189 58.24 -18.51 -34.44
N GLU Q 190 59.06 -19.52 -34.16
CA GLU Q 190 59.21 -19.99 -32.80
C GLU Q 190 59.78 -18.94 -31.84
N PRO Q 191 60.75 -18.09 -32.23
CA PRO Q 191 61.13 -16.99 -31.33
C PRO Q 191 60.01 -16.00 -31.10
N GLU Q 192 59.11 -15.81 -32.07
CA GLU Q 192 57.98 -14.93 -31.87
C GLU Q 192 56.97 -15.53 -30.88
N THR Q 193 56.74 -16.84 -30.97
CA THR Q 193 55.83 -17.48 -30.04
C THR Q 193 56.38 -17.46 -28.61
N ALA Q 194 57.71 -17.46 -28.47
CA ALA Q 194 58.31 -17.43 -27.14
C ALA Q 194 58.17 -16.06 -26.48
N LEU Q 195 58.20 -14.99 -27.27
CA LEU Q 195 58.03 -13.65 -26.70
C LEU Q 195 56.65 -13.49 -26.07
N PHE Q 196 55.66 -14.24 -26.56
CA PHE Q 196 54.31 -14.13 -25.99
C PHE Q 196 54.27 -14.64 -24.55
N GLU Q 197 55.21 -15.51 -24.17
CA GLU Q 197 55.26 -16.00 -22.81
C GLU Q 197 56.22 -15.21 -21.94
N THR Q 198 57.29 -14.67 -22.52
CA THR Q 198 58.33 -14.04 -21.71
C THR Q 198 57.99 -12.60 -21.38
N LEU Q 199 57.43 -11.86 -22.33
CA LEU Q 199 57.09 -10.47 -22.09
C LEU Q 199 55.71 -10.29 -21.48
N TYR Q 200 54.71 -11.02 -21.99
CA TYR Q 200 53.33 -10.83 -21.61
C TYR Q 200 52.77 -11.96 -20.76
N ALA Q 201 53.44 -13.11 -20.68
CA ALA Q 201 52.93 -14.30 -20.00
C ALA Q 201 51.57 -14.70 -20.57
N ALA Q 202 51.54 -14.88 -21.89
CA ALA Q 202 50.31 -15.21 -22.59
C ALA Q 202 50.58 -16.31 -23.60
N ASN Q 203 49.49 -16.80 -24.21
CA ASN Q 203 49.57 -17.79 -25.27
C ASN Q 203 49.66 -17.10 -26.62
N VAL Q 204 49.91 -17.90 -27.65
CA VAL Q 204 49.90 -17.38 -29.01
C VAL Q 204 48.46 -17.21 -29.47
N PRO Q 205 48.10 -16.11 -30.11
CA PRO Q 205 46.74 -15.96 -30.61
C PRO Q 205 46.46 -16.98 -31.69
N PRO Q 206 45.20 -17.40 -31.82
CA PRO Q 206 44.87 -18.40 -32.86
C PRO Q 206 44.60 -17.74 -34.21
N ARG Q 207 44.30 -18.57 -35.22
CA ARG Q 207 43.87 -18.03 -36.50
C ARG Q 207 42.39 -17.66 -36.44
N LEU Q 208 41.98 -16.83 -37.41
CA LEU Q 208 40.62 -16.28 -37.39
C LEU Q 208 39.58 -17.39 -37.48
N GLY Q 209 39.65 -18.19 -38.56
CA GLY Q 209 38.75 -19.33 -38.67
C GLY Q 209 38.92 -20.30 -37.51
N GLU Q 210 40.15 -20.46 -37.02
CA GLU Q 210 40.38 -21.28 -35.85
C GLU Q 210 39.66 -20.72 -34.63
N PHE Q 211 39.79 -19.42 -34.40
CA PHE Q 211 39.16 -18.79 -33.24
C PHE Q 211 37.64 -18.95 -33.28
N PHE Q 212 37.03 -18.75 -34.45
CA PHE Q 212 35.58 -18.86 -34.54
C PHE Q 212 35.09 -20.29 -34.62
N ASP Q 213 35.98 -21.24 -34.95
CA ASP Q 213 35.65 -22.64 -34.71
C ASP Q 213 35.44 -22.91 -33.24
N ILE Q 214 36.28 -22.30 -32.40
CA ILE Q 214 36.14 -22.44 -30.94
C ILE Q 214 34.87 -21.73 -30.47
N VAL Q 215 34.57 -20.56 -31.05
CA VAL Q 215 33.37 -19.83 -30.68
C VAL Q 215 32.13 -20.65 -31.00
N SER Q 216 32.09 -21.24 -32.20
CA SER Q 216 30.98 -22.11 -32.56
C SER Q 216 30.95 -23.34 -31.68
N GLY Q 217 32.13 -23.92 -31.39
CA GLY Q 217 32.18 -25.10 -30.55
C GLY Q 217 31.61 -24.88 -29.16
N ALA Q 218 31.84 -23.68 -28.60
CA ALA Q 218 31.33 -23.39 -27.28
C ALA Q 218 29.82 -23.14 -27.29
N GLY Q 219 29.22 -22.91 -28.44
CA GLY Q 219 27.80 -22.69 -28.53
C GLY Q 219 27.37 -21.26 -28.79
N PHE Q 220 28.27 -20.40 -29.22
CA PHE Q 220 27.98 -18.99 -29.43
C PHE Q 220 27.72 -18.71 -30.91
N HIS Q 221 26.72 -17.86 -31.17
CA HIS Q 221 26.56 -17.22 -32.47
C HIS Q 221 27.40 -15.95 -32.49
N THR Q 222 27.97 -15.63 -33.64
CA THR Q 222 28.70 -14.39 -33.80
C THR Q 222 27.78 -13.33 -34.37
N LEU Q 223 27.63 -12.22 -33.67
CA LEU Q 223 26.78 -11.13 -34.12
C LEU Q 223 27.55 -10.00 -34.78
N SER Q 224 28.79 -9.74 -34.38
CA SER Q 224 29.53 -8.61 -34.92
C SER Q 224 31.02 -8.84 -34.74
N LEU Q 225 31.79 -8.11 -35.54
CA LEU Q 225 33.24 -8.04 -35.41
C LEU Q 225 33.69 -6.69 -35.94
N LYS Q 226 34.72 -6.11 -35.31
CA LYS Q 226 35.26 -4.85 -35.78
C LYS Q 226 36.74 -4.79 -35.44
N ASP Q 227 37.56 -4.53 -36.45
CA ASP Q 227 39.00 -4.46 -36.24
C ASP Q 227 39.36 -3.24 -35.39
N LEU Q 228 40.25 -3.46 -34.42
CA LEU Q 228 40.75 -2.39 -33.56
C LEU Q 228 42.28 -2.42 -33.48
N SER Q 229 42.92 -2.89 -34.55
CA SER Q 229 44.37 -3.11 -34.51
C SER Q 229 45.16 -1.82 -34.36
N ALA Q 230 44.67 -0.72 -34.96
CA ALA Q 230 45.41 0.53 -34.88
C ALA Q 230 45.51 1.03 -33.45
N ASN Q 231 44.45 0.85 -32.67
CA ASN Q 231 44.50 1.22 -31.26
C ASN Q 231 45.47 0.35 -30.47
N LEU Q 232 45.58 -0.93 -30.82
CA LEU Q 232 46.56 -1.79 -30.14
C LEU Q 232 47.99 -1.39 -30.51
N ALA Q 233 48.23 -1.10 -31.79
CA ALA Q 233 49.55 -0.61 -32.19
C ALA Q 233 49.85 0.74 -31.53
N MET Q 234 48.83 1.60 -31.42
CA MET Q 234 49.05 2.89 -30.78
C MET Q 234 49.29 2.72 -29.28
N THR Q 235 48.58 1.79 -28.64
CA THR Q 235 48.81 1.54 -27.23
C THR Q 235 50.17 0.91 -27.00
N MET Q 236 50.60 0.01 -27.89
CA MET Q 236 51.90 -0.61 -27.75
C MET Q 236 53.02 0.42 -27.87
N ASN Q 237 52.84 1.41 -28.75
CA ASN Q 237 53.82 2.47 -28.88
C ASN Q 237 53.87 3.35 -27.64
N VAL Q 238 52.71 3.64 -27.05
CA VAL Q 238 52.68 4.43 -25.82
C VAL Q 238 53.40 3.68 -24.70
N PHE Q 239 53.20 2.37 -24.62
CA PHE Q 239 53.84 1.56 -23.59
C PHE Q 239 55.34 1.43 -23.85
N ALA Q 240 55.72 1.18 -25.11
CA ALA Q 240 57.13 1.04 -25.42
C ALA Q 240 57.89 2.34 -25.17
N LEU Q 241 57.31 3.47 -25.57
CA LEU Q 241 57.93 4.76 -25.30
C LEU Q 241 58.05 5.01 -23.80
N GLY Q 242 57.07 4.56 -23.01
CA GLY Q 242 57.14 4.74 -21.57
C GLY Q 242 58.25 3.93 -20.94
N VAL Q 243 58.47 2.71 -21.43
CA VAL Q 243 59.54 1.88 -20.89
C VAL Q 243 60.90 2.42 -21.32
N TYR Q 244 61.01 2.85 -22.58
CA TYR Q 244 62.26 3.42 -23.07
C TYR Q 244 62.60 4.69 -22.29
N SER Q 245 61.73 5.69 -22.36
CA SER Q 245 62.00 6.98 -21.72
C SER Q 245 62.13 6.86 -20.21
N ARG Q 246 61.68 5.74 -19.62
CA ARG Q 246 61.75 5.55 -18.17
C ARG Q 246 62.23 4.13 -17.91
N ARG Q 247 63.56 3.97 -17.90
CA ARG Q 247 64.17 2.70 -17.53
C ARG Q 247 64.56 2.65 -16.06
N ALA Q 248 65.04 3.78 -15.51
CA ALA Q 248 65.60 3.78 -14.16
C ALA Q 248 64.53 3.58 -13.11
N GLU Q 249 63.50 4.42 -13.11
CA GLU Q 249 62.39 4.26 -12.17
C GLU Q 249 61.77 2.87 -12.26
N PHE Q 250 61.71 2.30 -13.47
CA PHE Q 250 61.12 0.98 -13.64
C PHE Q 250 62.04 -0.14 -13.13
N THR Q 251 63.34 -0.02 -13.38
CA THR Q 251 64.28 -1.01 -12.82
C THR Q 251 64.27 -0.97 -11.31
N GLU Q 252 64.19 0.23 -10.73
CA GLU Q 252 64.10 0.37 -9.28
C GLU Q 252 62.75 -0.10 -8.75
N ARG Q 253 61.75 -0.24 -9.62
CA ARG Q 253 60.40 -0.64 -9.24
C ARG Q 253 60.14 -2.12 -9.42
N PHE Q 254 60.60 -2.72 -10.51
CA PHE Q 254 60.28 -4.10 -10.84
C PHE Q 254 61.53 -4.97 -11.04
N GLY Q 255 62.71 -4.43 -10.80
CA GLY Q 255 63.93 -5.18 -11.02
C GLY Q 255 64.49 -4.97 -12.41
N ALA Q 256 65.81 -5.11 -12.52
CA ALA Q 256 66.48 -4.92 -13.81
C ALA Q 256 66.16 -6.05 -14.78
N GLU Q 257 65.90 -7.26 -14.26
CA GLU Q 257 65.62 -8.39 -15.14
C GLU Q 257 64.34 -8.17 -15.94
N PHE Q 258 63.28 -7.71 -15.29
CA PHE Q 258 62.01 -7.48 -15.97
C PHE Q 258 62.13 -6.38 -17.01
N VAL Q 259 62.74 -5.25 -16.64
CA VAL Q 259 62.81 -4.11 -17.54
C VAL Q 259 63.66 -4.43 -18.76
N ASP Q 260 64.88 -4.94 -18.53
CA ASP Q 260 65.75 -5.27 -19.65
C ASP Q 260 65.12 -6.32 -20.56
N GLY Q 261 64.30 -7.20 -20.00
CA GLY Q 261 63.52 -8.10 -20.84
C GLY Q 261 62.61 -7.35 -21.77
N LEU Q 262 62.00 -6.27 -21.29
CA LEU Q 262 61.12 -5.46 -22.13
C LEU Q 262 61.91 -4.71 -23.19
N LEU Q 263 62.99 -4.05 -22.78
CA LEU Q 263 63.79 -3.25 -23.72
C LEU Q 263 64.35 -4.10 -24.85
N ALA Q 264 64.53 -5.41 -24.63
CA ALA Q 264 65.10 -6.29 -25.64
C ALA Q 264 64.05 -6.98 -26.50
N GLY Q 265 62.79 -6.94 -26.11
CA GLY Q 265 61.77 -7.68 -26.82
C GLY Q 265 60.66 -6.84 -27.44
N LEU Q 266 60.44 -5.64 -26.90
CA LEU Q 266 59.36 -4.78 -27.40
C LEU Q 266 59.54 -4.46 -28.88
N GLY Q 267 60.77 -4.43 -29.37
CA GLY Q 267 61.02 -4.17 -30.77
C GLY Q 267 60.47 -5.25 -31.68
N SER Q 268 60.94 -6.48 -31.52
CA SER Q 268 60.42 -7.58 -32.33
C SER Q 268 58.95 -7.84 -32.03
N ALA Q 269 58.50 -7.52 -30.83
CA ALA Q 269 57.09 -7.70 -30.49
C ALA Q 269 56.21 -6.76 -31.30
N GLN Q 270 56.60 -5.48 -31.39
N GLN Q 270 56.60 -5.48 -31.38
CA GLN Q 270 55.83 -4.51 -32.15
CA GLN Q 270 55.83 -4.51 -32.15
C GLN Q 270 55.76 -4.91 -33.63
C GLN Q 270 55.75 -4.92 -33.62
N GLU Q 271 56.90 -5.27 -34.21
CA GLU Q 271 56.91 -5.67 -35.62
C GLU Q 271 56.05 -6.92 -35.84
N THR Q 272 56.12 -7.87 -34.91
CA THR Q 272 55.24 -9.04 -34.98
C THR Q 272 53.78 -8.61 -34.89
N LEU Q 273 53.47 -7.70 -33.97
CA LEU Q 273 52.11 -7.19 -33.85
C LEU Q 273 51.67 -6.47 -35.11
N ILE Q 274 52.57 -5.67 -35.69
CA ILE Q 274 52.25 -4.91 -36.90
C ILE Q 274 52.00 -5.86 -38.06
N ARG Q 275 52.94 -6.77 -38.30
CA ARG Q 275 52.97 -7.54 -39.53
C ARG Q 275 52.27 -8.89 -39.46
N LYS Q 276 51.92 -9.39 -38.28
CA LYS Q 276 51.40 -10.75 -38.17
C LYS Q 276 50.08 -10.88 -37.45
N THR Q 277 49.65 -9.91 -36.65
CA THR Q 277 48.45 -10.06 -35.84
C THR Q 277 47.42 -8.99 -36.14
N ARG Q 278 46.18 -9.27 -35.76
CA ARG Q 278 45.08 -8.33 -35.83
C ARG Q 278 44.25 -8.42 -34.56
N PHE Q 279 43.75 -7.26 -34.11
CA PHE Q 279 43.01 -7.14 -32.87
C PHE Q 279 41.62 -6.61 -33.18
N PHE Q 280 40.60 -7.26 -32.62
CA PHE Q 280 39.23 -6.92 -32.97
C PHE Q 280 38.31 -7.06 -31.75
N MET Q 281 37.15 -6.41 -31.84
CA MET Q 281 36.07 -6.55 -30.89
C MET Q 281 34.96 -7.38 -31.54
N ALA Q 282 34.51 -8.42 -30.85
CA ALA Q 282 33.47 -9.30 -31.36
C ALA Q 282 32.39 -9.48 -30.32
N THR Q 283 31.14 -9.57 -30.78
CA THR Q 283 29.98 -9.77 -29.92
C THR Q 283 29.38 -11.13 -30.19
N LEU Q 284 29.42 -12.01 -29.20
CA LEU Q 284 28.92 -13.38 -29.32
C LEU Q 284 27.65 -13.52 -28.51
N ARG Q 285 26.65 -14.20 -29.09
CA ARG Q 285 25.37 -14.39 -28.43
C ARG Q 285 25.17 -15.84 -28.03
N LYS Q 286 24.68 -16.05 -26.80
CA LYS Q 286 24.19 -17.35 -26.39
C LYS Q 286 22.73 -17.48 -26.81
N PRO Q 287 22.39 -18.42 -27.69
CA PRO Q 287 21.02 -18.48 -28.23
C PRO Q 287 19.97 -18.60 -27.13
N ALA Q 288 18.83 -17.95 -27.34
CA ALA Q 288 17.70 -18.02 -26.41
C ALA Q 288 16.93 -19.31 -26.66
N VAL Q 289 15.74 -19.40 -26.07
CA VAL Q 289 14.90 -20.60 -26.15
C VAL Q 289 15.66 -21.82 -25.63
N GLN R 9 48.75 -25.13 -27.21
CA GLN R 9 49.50 -26.01 -26.34
C GLN R 9 49.36 -25.59 -24.88
N GLN R 10 49.09 -24.29 -24.68
CA GLN R 10 49.10 -23.60 -23.39
C GLN R 10 50.55 -23.35 -22.95
N GLN R 11 51.08 -22.17 -23.27
CA GLN R 11 52.43 -21.81 -22.86
C GLN R 11 52.49 -21.32 -21.42
N VAL R 12 51.35 -20.88 -20.86
CA VAL R 12 51.29 -20.34 -19.51
C VAL R 12 50.18 -21.03 -18.74
N THR R 13 50.28 -20.94 -17.41
CA THR R 13 49.26 -21.41 -16.50
C THR R 13 48.60 -20.21 -15.83
N ALA R 14 47.43 -20.45 -15.25
CA ALA R 14 46.72 -19.37 -14.56
C ALA R 14 47.54 -18.83 -13.40
N ASP R 15 48.18 -19.71 -12.62
CA ASP R 15 48.98 -19.27 -11.48
C ASP R 15 50.14 -18.40 -11.94
N GLU R 16 50.80 -18.77 -13.03
CA GLU R 16 51.88 -17.95 -13.56
C GLU R 16 51.38 -16.57 -13.95
N VAL R 17 50.30 -16.51 -14.74
CA VAL R 17 49.69 -15.24 -15.11
C VAL R 17 49.31 -14.46 -13.86
N GLY R 18 48.71 -15.14 -12.89
CA GLY R 18 48.28 -14.45 -11.67
C GLY R 18 49.44 -13.85 -10.90
N ASP R 19 50.52 -14.62 -10.73
CA ASP R 19 51.70 -14.10 -10.06
C ASP R 19 52.29 -12.91 -10.80
N TRP R 20 52.19 -12.91 -12.13
CA TRP R 20 52.73 -11.83 -12.93
C TRP R 20 52.12 -10.48 -12.52
N TYR R 21 50.81 -10.38 -12.64
CA TYR R 21 50.14 -9.11 -12.38
C TYR R 21 50.29 -8.65 -10.94
N ASP R 22 50.50 -9.57 -10.00
CA ASP R 22 50.76 -9.16 -8.62
C ASP R 22 52.06 -8.38 -8.51
N LYS R 23 53.03 -8.68 -9.36
CA LYS R 23 54.35 -8.07 -9.29
C LYS R 23 54.53 -6.91 -10.27
N PHE R 24 53.98 -7.01 -11.47
CA PHE R 24 54.22 -6.00 -12.50
C PHE R 24 52.93 -5.41 -13.05
N GLY R 25 51.77 -5.74 -12.46
CA GLY R 25 50.51 -5.21 -12.96
C GLY R 25 50.40 -3.71 -12.93
N GLU R 26 51.22 -3.05 -12.10
CA GLU R 26 51.15 -1.59 -12.02
C GLU R 26 51.98 -0.90 -13.10
N VAL R 27 52.77 -1.66 -13.88
CA VAL R 27 53.54 -1.01 -14.94
C VAL R 27 52.62 -0.55 -16.06
N TYR R 28 51.45 -1.19 -16.21
CA TYR R 28 50.46 -0.68 -17.15
C TYR R 28 49.76 0.54 -16.60
N HIS R 29 49.56 0.61 -15.28
CA HIS R 29 48.95 1.79 -14.69
C HIS R 29 49.89 2.98 -14.71
N LEU R 30 51.21 2.75 -14.61
CA LEU R 30 52.18 3.83 -14.65
C LEU R 30 52.42 4.36 -16.07
N THR R 31 52.02 3.62 -17.09
CA THR R 31 52.27 4.02 -18.48
C THR R 31 51.00 4.22 -19.29
N LEU R 32 50.01 3.35 -19.16
CA LEU R 32 48.83 3.40 -20.01
C LEU R 32 47.62 4.05 -19.34
N GLY R 33 47.60 4.15 -18.02
CA GLY R 33 46.54 4.84 -17.31
C GLY R 33 45.86 3.94 -16.29
N GLU R 34 44.75 4.45 -15.74
CA GLU R 34 44.00 3.82 -14.65
C GLU R 34 43.33 2.49 -15.04
N SER R 35 43.57 1.95 -16.23
CA SER R 35 43.01 0.68 -16.67
C SER R 35 44.12 -0.15 -17.29
N VAL R 36 43.76 -1.33 -17.80
CA VAL R 36 44.72 -2.25 -18.39
C VAL R 36 44.24 -2.68 -19.77
N HIS R 37 43.86 -1.72 -20.61
CA HIS R 37 43.47 -2.04 -21.98
C HIS R 37 43.93 -0.95 -22.91
N CYS R 38 43.71 -1.18 -24.21
CA CYS R 38 44.09 -0.20 -25.22
C CYS R 38 43.32 1.09 -25.01
N GLY R 39 43.91 2.18 -25.47
CA GLY R 39 43.18 3.42 -25.59
C GLY R 39 42.47 3.51 -26.93
N LEU R 40 41.47 4.39 -27.00
CA LEU R 40 40.74 4.60 -28.25
C LEU R 40 41.40 5.77 -29.00
N TRP R 41 42.55 5.47 -29.61
CA TRP R 41 43.31 6.49 -30.30
C TRP R 41 42.75 6.80 -31.69
N PHE R 42 41.91 5.92 -32.24
CA PHE R 42 41.32 6.13 -33.55
C PHE R 42 39.80 5.99 -33.42
N PRO R 43 39.03 7.00 -33.81
CA PRO R 43 37.58 6.90 -33.69
C PRO R 43 37.05 5.69 -34.44
N PRO R 44 35.93 5.12 -33.98
CA PRO R 44 35.44 3.88 -34.60
C PRO R 44 34.99 4.03 -36.04
N ASP R 45 34.69 5.25 -36.50
CA ASP R 45 34.32 5.45 -37.90
C ASP R 45 35.54 5.61 -38.80
N ALA R 46 36.72 5.85 -38.23
CA ALA R 46 37.92 6.02 -39.03
C ALA R 46 38.29 4.70 -39.71
N PRO R 47 38.88 4.77 -40.91
CA PRO R 47 39.25 3.54 -41.61
C PRO R 47 40.47 2.88 -40.98
N VAL R 48 40.59 1.58 -41.24
CA VAL R 48 41.78 0.82 -40.86
C VAL R 48 42.94 1.31 -41.71
N PRO R 49 44.02 1.81 -41.10
CA PRO R 49 45.13 2.36 -41.90
C PRO R 49 45.80 1.29 -42.76
N GLN R 50 46.51 1.76 -43.78
CA GLN R 50 47.24 0.84 -44.67
C GLN R 50 48.29 0.06 -43.89
N ASP R 51 49.23 0.78 -43.26
CA ASP R 51 50.28 0.18 -42.48
C ASP R 51 50.06 0.46 -41.00
N MET R 52 50.65 -0.38 -40.16
CA MET R 52 50.62 -0.18 -38.72
C MET R 52 51.88 0.50 -38.20
N GLU R 53 52.62 1.18 -39.09
CA GLU R 53 53.80 1.93 -38.68
C GLU R 53 53.39 3.22 -38.00
N LEU R 54 54.23 3.67 -37.05
CA LEU R 54 53.92 4.87 -36.28
C LEU R 54 53.77 6.08 -37.19
N VAL R 55 54.48 6.11 -38.32
CA VAL R 55 54.35 7.24 -39.24
C VAL R 55 53.05 7.16 -40.03
N THR R 56 52.64 5.94 -40.42
CA THR R 56 51.39 5.79 -41.16
C THR R 56 50.19 6.18 -40.29
N MET R 57 50.18 5.74 -39.04
CA MET R 57 49.05 6.04 -38.15
C MET R 57 49.01 7.52 -37.79
N SER R 58 50.17 8.10 -37.46
CA SER R 58 50.19 9.53 -37.18
C SER R 58 49.76 10.34 -38.39
N SER R 59 49.94 9.78 -39.59
CA SER R 59 49.52 10.47 -40.80
C SER R 59 48.00 10.54 -40.91
N GLN R 60 47.31 9.45 -40.58
CA GLN R 60 45.86 9.49 -40.59
C GLN R 60 45.32 10.44 -39.52
N ALA R 61 46.02 10.52 -38.38
CA ALA R 61 45.64 11.51 -37.37
C ALA R 61 45.85 12.92 -37.88
N GLN R 62 46.85 13.14 -38.74
CA GLN R 62 47.07 14.46 -39.32
C GLN R 62 45.97 14.82 -40.31
N ASP R 63 45.58 13.88 -41.16
CA ASP R 63 44.58 14.18 -42.18
C ASP R 63 43.21 14.41 -41.56
N ARG R 64 42.86 13.63 -40.52
CA ARG R 64 41.66 13.93 -39.75
C ARG R 64 41.80 15.26 -39.02
N TYR R 65 43.04 15.65 -38.69
CA TYR R 65 43.30 16.97 -38.11
C TYR R 65 43.05 18.06 -39.13
N THR R 66 43.36 17.80 -40.41
CA THR R 66 43.08 18.77 -41.46
C THR R 66 41.59 18.88 -41.74
N ASP R 67 40.90 17.73 -41.82
CA ASP R 67 39.45 17.75 -42.03
C ASP R 67 38.74 18.57 -40.97
N TYR R 68 39.25 18.55 -39.75
CA TYR R 68 38.66 19.35 -38.68
C TYR R 68 39.02 20.83 -38.83
N LEU R 69 40.19 21.15 -39.36
CA LEU R 69 40.53 22.53 -39.66
C LEU R 69 39.70 23.08 -40.81
N ILE R 70 39.38 22.24 -41.79
CA ILE R 70 38.51 22.65 -42.88
C ILE R 70 37.09 22.85 -42.38
N GLU R 71 36.59 21.87 -41.63
CA GLU R 71 35.26 21.97 -41.03
C GLU R 71 35.13 23.23 -40.18
N THR R 72 36.19 23.58 -39.44
CA THR R 72 36.16 24.77 -38.60
C THR R 72 36.13 26.05 -39.43
N LEU R 73 37.19 26.30 -40.19
CA LEU R 73 37.26 27.53 -40.99
C LEU R 73 36.13 27.60 -42.01
N ASP R 74 35.83 26.47 -42.67
CA ASP R 74 34.67 26.33 -43.52
C ASP R 74 34.76 27.21 -44.76
N PRO R 75 35.59 26.85 -45.74
CA PRO R 75 35.68 27.65 -46.96
C PRO R 75 34.58 27.29 -47.94
N LYS R 76 34.01 28.32 -48.56
CA LYS R 76 32.90 28.15 -49.49
C LYS R 76 33.44 27.93 -50.90
N ALA R 77 32.68 27.16 -51.69
CA ALA R 77 33.09 26.85 -53.06
C ALA R 77 33.24 28.13 -53.87
N GLY R 78 34.38 28.26 -54.54
CA GLY R 78 34.66 29.43 -55.36
C GLY R 78 35.47 30.52 -54.68
N GLN R 79 35.89 30.32 -53.44
CA GLN R 79 36.69 31.31 -52.72
C GLN R 79 38.18 31.02 -52.92
N HIS R 80 39.01 31.94 -52.43
CA HIS R 80 40.45 31.83 -52.52
C HIS R 80 41.04 31.76 -51.12
N LEU R 81 41.84 30.72 -50.86
CA LEU R 81 42.43 30.49 -49.56
C LEU R 81 43.91 30.88 -49.55
N LEU R 82 44.36 31.39 -48.40
CA LEU R 82 45.76 31.76 -48.21
C LEU R 82 46.39 30.85 -47.16
N ASP R 83 47.27 29.97 -47.60
CA ASP R 83 47.98 29.08 -46.68
C ASP R 83 49.26 29.80 -46.25
N ILE R 84 49.13 30.61 -45.20
CA ILE R 84 50.28 31.25 -44.56
C ILE R 84 51.10 30.18 -43.86
N GLY R 85 52.29 29.89 -44.38
CA GLY R 85 53.08 28.78 -43.90
C GLY R 85 52.57 27.43 -44.40
N CYS R 86 52.57 27.24 -45.73
CA CYS R 86 51.93 26.06 -46.32
C CYS R 86 52.75 24.78 -46.18
N GLY R 87 54.01 24.87 -45.78
CA GLY R 87 54.84 23.69 -45.67
C GLY R 87 55.00 23.01 -47.02
N THR R 88 54.59 21.74 -47.09
CA THR R 88 54.65 20.97 -48.33
C THR R 88 53.28 20.75 -48.95
N GLY R 89 52.25 21.48 -48.48
CA GLY R 89 51.05 21.72 -49.25
C GLY R 89 49.93 20.71 -49.14
N ARG R 90 50.10 19.60 -48.41
CA ARG R 90 49.03 18.60 -48.36
C ARG R 90 47.75 19.16 -47.76
N THR R 91 47.89 20.04 -46.76
CA THR R 91 46.71 20.68 -46.20
C THR R 91 45.96 21.48 -47.27
N ALA R 92 46.69 22.17 -48.14
CA ALA R 92 46.07 22.89 -49.23
C ALA R 92 45.36 21.94 -50.19
N LEU R 93 45.97 20.77 -50.43
CA LEU R 93 45.38 19.80 -51.36
C LEU R 93 44.01 19.34 -50.88
N LYS R 94 43.96 18.80 -49.66
CA LYS R 94 42.70 18.32 -49.10
C LYS R 94 41.63 19.41 -49.11
N ALA R 95 41.99 20.61 -48.66
CA ALA R 95 41.03 21.71 -48.63
C ALA R 95 40.53 22.06 -50.04
N ALA R 96 41.40 21.96 -51.05
CA ALA R 96 40.99 22.30 -52.40
C ALA R 96 40.10 21.21 -53.00
N ARG R 97 40.37 19.95 -52.70
CA ARG R 97 39.55 18.86 -53.23
C ARG R 97 38.19 18.76 -52.54
N GLN R 98 38.13 19.08 -51.25
CA GLN R 98 36.89 18.87 -50.51
C GLN R 98 35.90 20.01 -50.69
N ARG R 99 36.38 21.25 -50.72
CA ARG R 99 35.50 22.41 -50.83
C ARG R 99 35.51 23.05 -52.21
N GLY R 100 36.31 22.53 -53.14
CA GLY R 100 36.38 23.08 -54.48
C GLY R 100 36.77 24.54 -54.47
N ILE R 101 37.91 24.84 -53.86
CA ILE R 101 38.38 26.21 -53.70
C ILE R 101 39.77 26.34 -54.33
N ALA R 102 40.24 27.58 -54.39
CA ALA R 102 41.61 27.89 -54.76
C ALA R 102 42.42 28.17 -53.51
N VAL R 103 43.67 27.71 -53.50
CA VAL R 103 44.56 27.91 -52.36
C VAL R 103 45.91 28.35 -52.90
N THR R 104 46.40 29.51 -52.43
CA THR R 104 47.76 29.95 -52.68
C THR R 104 48.51 29.89 -51.36
N GLY R 105 49.60 29.10 -51.33
CA GLY R 105 50.33 28.87 -50.11
C GLY R 105 51.75 29.38 -50.13
N VAL R 106 52.13 30.16 -49.12
CA VAL R 106 53.44 30.79 -49.04
C VAL R 106 54.26 30.10 -47.95
N ALA R 107 55.54 29.91 -48.22
CA ALA R 107 56.48 29.40 -47.23
C ALA R 107 57.87 29.84 -47.65
N VAL R 108 58.76 29.98 -46.66
CA VAL R 108 60.09 30.54 -46.91
C VAL R 108 61.10 29.49 -47.32
N SER R 109 60.68 28.24 -47.50
CA SER R 109 61.59 27.15 -47.80
C SER R 109 61.47 26.77 -49.28
N LYS R 110 62.60 26.83 -50.00
CA LYS R 110 62.59 26.55 -51.43
C LYS R 110 62.40 25.07 -51.71
N GLU R 111 63.02 24.20 -50.91
CA GLU R 111 62.80 22.77 -51.09
C GLU R 111 61.40 22.36 -50.64
N GLN R 112 60.85 23.03 -49.62
CA GLN R 112 59.47 22.75 -49.23
C GLN R 112 58.48 23.29 -50.25
N ILE R 113 58.69 24.53 -50.72
CA ILE R 113 57.81 25.08 -51.74
C ILE R 113 57.92 24.26 -53.02
N ALA R 114 59.11 23.78 -53.35
CA ALA R 114 59.25 22.83 -54.45
C ALA R 114 58.43 21.58 -54.18
N ALA R 115 58.56 21.03 -52.96
CA ALA R 115 57.78 19.84 -52.60
C ALA R 115 56.28 20.09 -52.74
N ALA R 116 55.80 21.21 -52.20
CA ALA R 116 54.38 21.54 -52.30
C ALA R 116 53.95 21.68 -53.74
N ASN R 117 54.87 22.04 -54.63
CA ASN R 117 54.54 22.17 -56.06
C ASN R 117 54.61 20.84 -56.79
N ARG R 118 55.59 19.98 -56.48
CA ARG R 118 55.52 18.61 -56.97
C ARG R 118 54.29 17.90 -56.44
N LEU R 119 53.89 18.20 -55.20
CA LEU R 119 52.69 17.62 -54.63
C LEU R 119 51.46 18.06 -55.43
N ALA R 120 51.23 19.37 -55.51
CA ALA R 120 50.12 19.88 -56.31
C ALA R 120 50.21 19.44 -57.76
N ALA R 121 51.38 18.98 -58.19
CA ALA R 121 51.54 18.45 -59.54
C ALA R 121 51.11 16.99 -59.62
N GLY R 122 51.50 16.18 -58.64
CA GLY R 122 51.15 14.78 -58.60
C GLY R 122 49.66 14.48 -58.45
N HIS R 123 48.81 15.51 -58.32
CA HIS R 123 47.37 15.31 -58.25
C HIS R 123 46.61 16.04 -59.35
N GLY R 124 47.27 16.88 -60.14
CA GLY R 124 46.61 17.59 -61.21
C GLY R 124 45.61 18.62 -60.72
N LEU R 125 46.10 19.60 -59.96
CA LEU R 125 45.21 20.58 -59.34
C LEU R 125 45.91 21.94 -59.20
N THR R 126 46.70 22.32 -60.20
CA THR R 126 47.46 23.56 -60.10
C THR R 126 46.71 24.77 -60.63
N GLU R 127 45.52 24.59 -61.21
CA GLU R 127 44.69 25.75 -61.51
C GLU R 127 44.22 26.43 -60.23
N ARG R 128 44.10 25.66 -59.15
CA ARG R 128 43.60 26.16 -57.88
C ARG R 128 44.57 25.91 -56.73
N LEU R 129 45.82 25.52 -57.03
CA LEU R 129 46.86 25.37 -56.02
C LEU R 129 48.10 26.10 -56.51
N THR R 130 48.43 27.21 -55.85
CA THR R 130 49.63 27.99 -56.13
C THR R 130 50.54 27.98 -54.91
N PHE R 131 51.84 27.84 -55.15
CA PHE R 131 52.82 27.84 -54.06
C PHE R 131 54.03 28.64 -54.48
N GLU R 132 54.44 29.58 -53.64
CA GLU R 132 55.51 30.52 -53.94
C GLU R 132 56.34 30.77 -52.69
N VAL R 133 57.61 31.09 -52.89
CA VAL R 133 58.52 31.42 -51.80
C VAL R 133 58.27 32.88 -51.43
N ALA R 134 57.57 33.10 -50.32
CA ALA R 134 57.26 34.45 -49.89
C ALA R 134 57.23 34.50 -48.37
N ASP R 135 57.57 35.66 -47.82
CA ASP R 135 57.52 35.89 -46.39
C ASP R 135 56.12 36.33 -46.00
N ALA R 136 55.64 35.80 -44.87
CA ALA R 136 54.32 36.17 -44.38
C ALA R 136 54.32 37.52 -43.67
N MET R 137 55.49 37.96 -43.21
CA MET R 137 55.61 39.30 -42.64
C MET R 137 55.77 40.36 -43.71
N ARG R 138 55.92 39.96 -44.98
CA ARG R 138 55.98 40.83 -46.15
C ARG R 138 55.39 40.05 -47.34
N LEU R 139 54.08 39.78 -47.27
CA LEU R 139 53.43 39.08 -48.36
C LEU R 139 53.42 39.93 -49.62
N PRO R 140 53.62 39.33 -50.79
CA PRO R 140 53.67 40.11 -52.04
C PRO R 140 52.31 40.39 -52.66
N TYR R 141 51.21 40.00 -52.01
CA TYR R 141 49.90 40.10 -52.63
C TYR R 141 49.20 41.40 -52.26
N GLU R 142 48.27 41.81 -53.11
CA GLU R 142 47.61 43.10 -52.97
C GLU R 142 46.64 43.09 -51.80
N ASP R 143 46.06 44.26 -51.55
CA ASP R 143 45.08 44.38 -50.47
C ASP R 143 43.77 43.71 -50.86
N GLU R 144 43.17 43.02 -49.89
CA GLU R 144 41.86 42.38 -50.05
C GLU R 144 41.85 41.40 -51.22
N SER R 145 42.77 40.45 -51.19
CA SER R 145 42.91 39.49 -52.27
C SER R 145 42.30 38.12 -51.96
N PHE R 146 42.27 37.73 -50.70
CA PHE R 146 41.80 36.40 -50.31
C PHE R 146 40.56 36.49 -49.45
N ASP R 147 39.67 35.51 -49.62
CA ASP R 147 38.43 35.47 -48.86
C ASP R 147 38.65 34.99 -47.43
N CYS R 148 39.52 34.00 -47.24
CA CYS R 148 39.91 33.58 -45.90
C CYS R 148 41.31 32.99 -45.98
N ALA R 149 41.84 32.58 -44.83
CA ALA R 149 43.21 32.12 -44.73
C ALA R 149 43.39 31.32 -43.45
N TRP R 150 44.56 30.71 -43.32
CA TRP R 150 44.92 30.02 -42.08
C TRP R 150 46.44 29.96 -41.96
N ALA R 151 46.92 29.98 -40.72
CA ALA R 151 48.34 29.89 -40.40
C ALA R 151 48.52 28.65 -39.52
N ILE R 152 48.64 27.49 -40.17
CA ILE R 152 48.65 26.20 -39.48
C ILE R 152 50.05 25.99 -38.93
N GLU R 153 50.23 26.31 -37.64
CA GLU R 153 51.50 26.14 -36.93
C GLU R 153 52.65 26.80 -37.69
N SER R 154 52.40 28.02 -38.17
CA SER R 154 53.41 28.79 -38.89
C SER R 154 53.85 30.05 -38.16
N LEU R 155 53.02 30.57 -37.25
CA LEU R 155 53.30 31.86 -36.63
C LEU R 155 54.44 31.81 -35.62
N CYS R 156 54.78 30.64 -35.09
CA CYS R 156 55.86 30.57 -34.11
C CYS R 156 57.22 30.87 -34.74
N HIS R 157 57.32 30.91 -36.06
CA HIS R 157 58.58 31.16 -36.74
C HIS R 157 58.79 32.63 -37.11
N MET R 158 57.77 33.47 -36.99
CA MET R 158 57.84 34.83 -37.48
C MET R 158 57.56 35.83 -36.37
N ASP R 159 57.54 37.11 -36.76
CA ASP R 159 57.07 38.19 -35.92
C ASP R 159 55.54 38.18 -35.97
N ARG R 160 54.92 37.79 -34.86
CA ARG R 160 53.46 37.62 -34.86
C ARG R 160 52.71 38.92 -35.12
N ALA R 161 53.35 40.07 -34.88
CA ALA R 161 52.69 41.34 -35.15
C ALA R 161 52.73 41.69 -36.64
N LYS R 162 53.83 41.35 -37.31
CA LYS R 162 53.94 41.61 -38.75
C LYS R 162 53.15 40.60 -39.57
N ALA R 163 53.19 39.32 -39.18
CA ALA R 163 52.43 38.30 -39.91
C ALA R 163 50.94 38.59 -39.85
N LEU R 164 50.41 38.82 -38.65
CA LEU R 164 48.99 39.13 -38.49
C LEU R 164 48.64 40.50 -39.05
N GLY R 165 49.60 41.44 -39.01
CA GLY R 165 49.44 42.70 -39.72
C GLY R 165 49.29 42.52 -41.21
N GLU R 166 49.99 41.54 -41.75
CA GLU R 166 50.01 41.32 -43.18
C GLU R 166 48.85 40.46 -43.64
N ALA R 167 48.46 39.48 -42.81
CA ALA R 167 47.30 38.66 -43.15
C ALA R 167 46.05 39.51 -43.22
N TRP R 168 45.90 40.46 -42.28
CA TRP R 168 44.73 41.33 -42.27
C TRP R 168 44.66 42.20 -43.51
N ARG R 169 45.82 42.57 -44.07
CA ARG R 169 45.82 43.49 -45.21
C ARG R 169 45.40 42.77 -46.50
N VAL R 170 45.87 41.54 -46.70
CA VAL R 170 45.52 40.80 -47.90
C VAL R 170 44.20 40.04 -47.75
N LEU R 171 43.53 40.18 -46.61
CA LEU R 171 42.21 39.59 -46.40
C LEU R 171 41.11 40.54 -46.88
N LYS R 172 40.00 39.96 -47.32
CA LYS R 172 38.81 40.74 -47.62
C LYS R 172 38.06 41.07 -46.32
N PRO R 173 37.36 42.20 -46.29
CA PRO R 173 36.54 42.52 -45.10
C PRO R 173 35.41 41.53 -44.94
N GLY R 174 35.28 40.97 -43.75
CA GLY R 174 34.34 39.90 -43.49
C GLY R 174 34.93 38.51 -43.57
N GLY R 175 36.22 38.39 -43.89
CA GLY R 175 36.86 37.09 -43.97
C GLY R 175 37.47 36.68 -42.65
N ASP R 176 37.79 35.38 -42.56
CA ASP R 176 38.25 34.78 -41.32
C ASP R 176 39.64 34.18 -41.48
N LEU R 177 40.41 34.20 -40.39
CA LEU R 177 41.76 33.67 -40.35
C LEU R 177 41.84 32.60 -39.26
N LEU R 178 42.20 31.37 -39.67
CA LEU R 178 42.29 30.24 -38.74
C LEU R 178 43.72 30.15 -38.21
N VAL R 179 43.92 30.61 -36.97
CA VAL R 179 45.23 30.68 -36.36
C VAL R 179 45.43 29.48 -35.44
N LEU R 180 46.55 28.79 -35.63
CA LEU R 180 46.97 27.70 -34.75
C LEU R 180 48.27 28.16 -34.08
N GLU R 181 48.17 28.64 -32.85
CA GLU R 181 49.28 29.30 -32.17
C GLU R 181 49.41 28.77 -30.75
N SER R 182 50.65 28.63 -30.29
CA SER R 182 50.96 28.23 -28.92
C SER R 182 51.12 29.48 -28.04
N VAL R 183 51.03 29.26 -26.73
CA VAL R 183 51.10 30.34 -25.76
C VAL R 183 51.68 29.79 -24.46
N VAL R 184 52.55 30.57 -23.83
CA VAL R 184 53.14 30.17 -22.56
C VAL R 184 52.17 30.49 -21.43
N THR R 185 52.17 29.64 -20.41
CA THR R 185 51.46 29.93 -19.17
C THR R 185 52.38 30.36 -18.05
N GLU R 186 53.67 30.04 -18.14
CA GLU R 186 54.67 30.42 -17.17
C GLU R 186 55.54 31.55 -17.74
N GLU R 187 56.77 31.67 -17.22
CA GLU R 187 57.65 32.77 -17.56
C GLU R 187 58.82 32.36 -18.46
N LEU R 188 59.20 31.08 -18.45
CA LEU R 188 60.06 30.42 -19.43
C LEU R 188 61.55 30.44 -19.09
N THR R 189 62.09 31.58 -18.65
CA THR R 189 63.52 31.77 -18.41
C THR R 189 64.33 31.69 -19.71
N GLU R 190 65.43 32.43 -19.77
CA GLU R 190 66.31 32.40 -20.94
C GLU R 190 66.75 30.99 -21.35
N PRO R 191 67.06 30.06 -20.44
CA PRO R 191 67.37 28.69 -20.90
C PRO R 191 66.29 28.04 -21.74
N GLU R 192 65.05 28.01 -21.26
CA GLU R 192 63.99 27.39 -22.06
C GLU R 192 63.70 28.19 -23.32
N THR R 193 63.86 29.51 -23.29
CA THR R 193 63.67 30.30 -24.51
C THR R 193 64.74 30.00 -25.54
N ALA R 194 66.00 29.89 -25.10
CA ALA R 194 67.05 29.46 -26.01
C ALA R 194 66.82 28.03 -26.48
N LEU R 195 66.27 27.18 -25.59
CA LEU R 195 65.90 25.83 -25.99
C LEU R 195 64.90 25.85 -27.14
N PHE R 196 64.05 26.88 -27.21
CA PHE R 196 63.09 27.00 -28.30
C PHE R 196 63.80 27.16 -29.64
N GLU R 197 64.61 28.22 -29.77
CA GLU R 197 65.32 28.47 -31.03
C GLU R 197 66.23 27.31 -31.39
N THR R 198 66.93 26.76 -30.40
CA THR R 198 67.91 25.72 -30.67
C THR R 198 67.26 24.51 -31.33
N LEU R 199 66.17 24.02 -30.75
CA LEU R 199 65.50 22.84 -31.29
C LEU R 199 64.62 23.19 -32.49
N TYR R 200 63.71 24.13 -32.30
CA TYR R 200 62.60 24.34 -33.23
C TYR R 200 62.83 25.50 -34.18
N ALA R 201 63.96 26.20 -34.09
CA ALA R 201 64.25 27.35 -34.95
C ALA R 201 63.06 28.30 -35.01
N ALA R 202 62.48 28.57 -33.84
CA ALA R 202 61.27 29.36 -33.73
C ALA R 202 61.37 30.29 -32.53
N ASN R 203 60.48 31.28 -32.50
CA ASN R 203 60.43 32.24 -31.41
C ASN R 203 59.65 31.66 -30.23
N VAL R 204 59.77 32.32 -29.09
CA VAL R 204 59.01 31.90 -27.91
C VAL R 204 57.56 32.34 -28.08
N PRO R 205 56.58 31.47 -27.79
CA PRO R 205 55.20 31.90 -27.86
C PRO R 205 54.93 32.98 -26.82
N PRO R 206 54.07 33.93 -27.15
CA PRO R 206 53.77 35.02 -26.22
C PRO R 206 52.76 34.55 -25.17
N ARG R 207 52.48 35.44 -24.22
CA ARG R 207 51.42 35.17 -23.26
C ARG R 207 50.06 35.32 -23.93
N LEU R 208 49.04 34.70 -23.32
CA LEU R 208 47.71 34.70 -23.93
C LEU R 208 47.18 36.11 -24.08
N GLY R 209 47.18 36.89 -22.99
CA GLY R 209 46.76 38.28 -23.08
C GLY R 209 47.69 39.11 -23.94
N GLU R 210 48.98 38.73 -23.98
CA GLU R 210 49.90 39.37 -24.92
C GLU R 210 49.61 38.94 -26.35
N PHE R 211 49.22 37.67 -26.54
CA PHE R 211 48.87 37.21 -27.89
C PHE R 211 47.67 37.96 -28.43
N PHE R 212 46.61 38.08 -27.63
CA PHE R 212 45.39 38.74 -28.09
C PHE R 212 45.43 40.26 -27.95
N ASP R 213 46.55 40.81 -27.46
CA ASP R 213 46.78 42.24 -27.62
C ASP R 213 47.32 42.53 -29.01
N ILE R 214 48.09 41.59 -29.57
CA ILE R 214 48.62 41.77 -30.91
C ILE R 214 47.54 41.57 -31.94
N VAL R 215 46.61 40.63 -31.71
CA VAL R 215 45.46 40.48 -32.61
C VAL R 215 44.47 41.64 -32.43
N SER R 216 44.43 42.24 -31.25
CA SER R 216 43.60 43.42 -31.09
C SER R 216 44.21 44.62 -31.80
N GLY R 217 45.44 44.98 -31.46
CA GLY R 217 46.18 45.86 -32.35
C GLY R 217 46.31 45.39 -33.78
N ALA R 218 45.95 44.13 -34.03
CA ALA R 218 45.94 43.61 -35.40
C ALA R 218 44.74 44.06 -36.18
N GLY R 219 43.65 44.48 -35.54
CA GLY R 219 42.44 44.76 -36.29
C GLY R 219 41.58 43.55 -36.60
N PHE R 220 41.78 42.46 -35.88
CA PHE R 220 40.96 41.26 -36.02
C PHE R 220 39.94 41.18 -34.89
N HIS R 221 38.86 40.45 -35.16
CA HIS R 221 37.89 40.09 -34.13
C HIS R 221 38.01 38.60 -33.87
N THR R 222 38.15 38.22 -32.60
CA THR R 222 38.31 36.83 -32.22
C THR R 222 36.93 36.17 -32.20
N LEU R 223 36.72 35.21 -33.11
CA LEU R 223 35.43 34.51 -33.16
C LEU R 223 35.42 33.23 -32.35
N SER R 224 36.54 32.52 -32.26
CA SER R 224 36.55 31.28 -31.51
C SER R 224 37.97 30.95 -31.07
N LEU R 225 38.07 29.99 -30.14
CA LEU R 225 39.31 29.42 -29.66
C LEU R 225 39.00 28.02 -29.14
N LYS R 226 39.97 27.12 -29.23
CA LYS R 226 39.75 25.76 -28.76
C LYS R 226 41.10 25.12 -28.44
N ASP R 227 41.28 24.71 -27.18
CA ASP R 227 42.53 24.09 -26.78
C ASP R 227 42.75 22.77 -27.50
N LEU R 228 43.95 22.60 -28.05
CA LEU R 228 44.36 21.33 -28.64
C LEU R 228 45.72 20.90 -28.10
N SER R 229 46.03 21.34 -26.87
CA SER R 229 47.33 21.06 -26.27
C SER R 229 47.58 19.57 -26.15
N ALA R 230 46.55 18.79 -25.79
CA ALA R 230 46.71 17.35 -25.69
C ALA R 230 47.12 16.73 -27.02
N ASN R 231 46.74 17.35 -28.13
CA ASN R 231 47.15 16.84 -29.43
C ASN R 231 48.59 17.23 -29.76
N LEU R 232 49.06 18.36 -29.25
CA LEU R 232 50.45 18.73 -29.43
C LEU R 232 51.37 17.89 -28.56
N ALA R 233 50.92 17.53 -27.35
CA ALA R 233 51.72 16.67 -26.50
C ALA R 233 51.86 15.28 -27.09
N MET R 234 50.79 14.76 -27.70
CA MET R 234 50.86 13.46 -28.33
C MET R 234 51.72 13.49 -29.59
N THR R 235 51.63 14.59 -30.34
CA THR R 235 52.48 14.75 -31.53
C THR R 235 53.95 14.73 -31.15
N MET R 236 54.33 15.51 -30.13
CA MET R 236 55.71 15.54 -29.68
C MET R 236 56.14 14.22 -29.06
N ASN R 237 55.20 13.49 -28.45
CA ASN R 237 55.51 12.14 -27.96
C ASN R 237 55.72 11.18 -29.13
N VAL R 238 54.88 11.27 -30.16
CA VAL R 238 55.11 10.47 -31.36
C VAL R 238 56.43 10.87 -32.02
N PHE R 239 56.68 12.17 -32.13
CA PHE R 239 57.93 12.64 -32.73
C PHE R 239 59.14 12.14 -31.94
N ALA R 240 59.11 12.29 -30.62
CA ALA R 240 60.24 11.87 -29.79
C ALA R 240 60.50 10.38 -29.91
N LEU R 241 59.44 9.57 -29.97
CA LEU R 241 59.63 8.13 -30.14
C LEU R 241 60.22 7.82 -31.52
N GLY R 242 59.97 8.66 -32.51
CA GLY R 242 60.59 8.45 -33.81
C GLY R 242 62.09 8.70 -33.78
N VAL R 243 62.53 9.74 -33.07
CA VAL R 243 63.94 10.08 -33.02
C VAL R 243 64.70 9.11 -32.11
N TYR R 244 64.05 8.60 -31.07
CA TYR R 244 64.72 7.67 -30.16
C TYR R 244 64.93 6.31 -30.81
N SER R 245 63.91 5.81 -31.51
CA SER R 245 63.96 4.46 -32.08
C SER R 245 64.64 4.41 -33.43
N ARG R 246 64.97 5.56 -34.03
CA ARG R 246 65.57 5.59 -35.36
C ARG R 246 66.73 6.60 -35.39
N ARG R 247 67.65 6.48 -34.43
CA ARG R 247 68.78 7.40 -34.41
C ARG R 247 69.74 7.12 -35.56
N ALA R 248 70.01 5.83 -35.83
CA ALA R 248 70.98 5.48 -36.86
C ALA R 248 70.51 5.94 -38.24
N GLU R 249 69.23 5.74 -38.55
CA GLU R 249 68.71 6.16 -39.84
C GLU R 249 68.73 7.68 -39.99
N PHE R 250 68.41 8.40 -38.91
CA PHE R 250 68.35 9.86 -38.97
C PHE R 250 69.72 10.50 -38.97
N THR R 251 70.70 9.89 -38.29
CA THR R 251 72.07 10.42 -38.34
C THR R 251 72.65 10.28 -39.74
N GLU R 252 72.41 9.15 -40.39
CA GLU R 252 72.82 8.95 -41.78
C GLU R 252 72.06 9.85 -42.74
N ARG R 253 70.96 10.46 -42.30
CA ARG R 253 70.10 11.29 -43.13
C ARG R 253 70.32 12.78 -42.93
N PHE R 254 70.48 13.24 -41.68
CA PHE R 254 70.55 14.66 -41.39
C PHE R 254 71.80 15.05 -40.60
N GLY R 255 72.80 14.17 -40.54
CA GLY R 255 74.01 14.48 -39.79
C GLY R 255 73.86 14.20 -38.31
N ALA R 256 74.94 13.73 -37.68
CA ALA R 256 74.87 13.39 -36.26
C ALA R 256 74.68 14.62 -35.39
N GLU R 257 75.09 15.80 -35.86
CA GLU R 257 74.95 17.00 -35.06
C GLU R 257 73.49 17.35 -34.83
N PHE R 258 72.63 17.10 -35.82
CA PHE R 258 71.22 17.44 -35.70
C PHE R 258 70.47 16.42 -34.84
N VAL R 259 70.72 15.13 -35.05
CA VAL R 259 70.01 14.10 -34.30
C VAL R 259 70.39 14.15 -32.82
N ASP R 260 71.69 14.30 -32.54
CA ASP R 260 72.13 14.42 -31.15
C ASP R 260 71.54 15.64 -30.47
N GLY R 261 71.32 16.72 -31.24
CA GLY R 261 70.66 17.88 -30.66
C GLY R 261 69.21 17.60 -30.29
N LEU R 262 68.54 16.75 -31.07
CA LEU R 262 67.18 16.35 -30.72
C LEU R 262 67.18 15.42 -29.52
N LEU R 263 68.06 14.41 -29.54
CA LEU R 263 68.09 13.44 -28.45
C LEU R 263 68.44 14.06 -27.10
N ALA R 264 68.97 15.28 -27.10
CA ALA R 264 69.39 15.94 -25.86
C ALA R 264 68.44 17.04 -25.41
N GLY R 265 67.52 17.48 -26.27
CA GLY R 265 66.63 18.55 -25.90
C GLY R 265 65.17 18.17 -25.87
N LEU R 266 64.81 17.06 -26.53
CA LEU R 266 63.41 16.66 -26.64
C LEU R 266 62.80 16.40 -25.25
N GLY R 267 63.59 15.83 -24.34
CA GLY R 267 63.07 15.58 -23.00
C GLY R 267 62.71 16.87 -22.28
N SER R 268 63.64 17.83 -22.27
CA SER R 268 63.38 19.09 -21.59
C SER R 268 62.29 19.88 -22.30
N ALA R 269 62.26 19.82 -23.64
CA ALA R 269 61.23 20.55 -24.39
C ALA R 269 59.84 19.98 -24.15
N GLN R 270 59.74 18.65 -23.99
N GLN R 270 59.74 18.65 -23.99
CA GLN R 270 58.46 18.04 -23.69
CA GLN R 270 58.45 18.05 -23.69
C GLN R 270 57.92 18.51 -22.36
C GLN R 270 57.92 18.53 -22.35
N GLU R 271 58.77 18.53 -21.33
CA GLU R 271 58.33 18.99 -20.01
C GLU R 271 58.05 20.49 -20.02
N THR R 272 58.71 21.25 -20.90
CA THR R 272 58.36 22.65 -21.11
C THR R 272 57.00 22.78 -21.77
N LEU R 273 56.79 22.02 -22.85
CA LEU R 273 55.49 22.01 -23.51
C LEU R 273 54.38 21.58 -22.56
N ILE R 274 54.63 20.55 -21.76
CA ILE R 274 53.60 20.02 -20.86
C ILE R 274 53.24 21.04 -19.79
N ARG R 275 54.26 21.61 -19.14
CA ARG R 275 54.05 22.35 -17.90
C ARG R 275 53.92 23.86 -18.08
N LYS R 276 54.35 24.41 -19.21
CA LYS R 276 54.43 25.85 -19.36
C LYS R 276 53.70 26.43 -20.56
N THR R 277 53.22 25.60 -21.48
CA THR R 277 52.65 26.09 -22.73
C THR R 277 51.28 25.46 -22.98
N ARG R 278 50.50 26.12 -23.83
CA ARG R 278 49.20 25.61 -24.26
C ARG R 278 49.00 25.90 -25.75
N PHE R 279 48.35 24.95 -26.43
CA PHE R 279 48.21 24.95 -27.89
C PHE R 279 46.73 25.01 -28.22
N PHE R 280 46.35 25.96 -29.09
CA PHE R 280 44.94 26.16 -29.40
C PHE R 280 44.76 26.50 -30.88
N MET R 281 43.52 26.34 -31.33
CA MET R 281 43.08 26.74 -32.66
C MET R 281 42.06 27.86 -32.50
N ALA R 282 42.36 29.02 -33.06
CA ALA R 282 41.47 30.18 -32.95
C ALA R 282 41.01 30.63 -34.33
N THR R 283 39.88 31.34 -34.36
CA THR R 283 39.33 31.90 -35.58
C THR R 283 39.16 33.40 -35.40
N LEU R 284 39.93 34.18 -36.17
CA LEU R 284 39.85 35.63 -36.16
C LEU R 284 39.18 36.11 -37.45
N ARG R 285 38.38 37.15 -37.34
CA ARG R 285 37.69 37.72 -38.49
C ARG R 285 38.15 39.14 -38.72
N LYS R 286 38.40 39.48 -39.98
CA LYS R 286 38.57 40.87 -40.38
C LYS R 286 37.19 41.49 -40.57
N PRO R 287 36.86 42.58 -39.87
CA PRO R 287 35.49 43.07 -39.87
C PRO R 287 35.03 43.48 -41.26
N ALA R 288 33.74 43.25 -41.52
CA ALA R 288 33.15 43.59 -42.83
C ALA R 288 32.88 45.08 -42.94
N VAL R 289 32.02 45.46 -43.89
CA VAL R 289 31.69 46.85 -44.18
C VAL R 289 32.95 47.70 -44.33
#